data_9C7H
#
_entry.id   9C7H
#
_cell.length_a   1.00
_cell.length_b   1.00
_cell.length_c   1.00
_cell.angle_alpha   90.00
_cell.angle_beta   90.00
_cell.angle_gamma   90.00
#
_symmetry.space_group_name_H-M   'P 1'
#
loop_
_entity.id
_entity.type
_entity.pdbx_description
1 polymer 'Cytochrome b-c1 complex subunit 6, mitochondrial'
2 polymer 'Ubiquinol-cytochrome c reductase complex 7.2 kDa protein'
3 polymer 'Ubiquinol-cytochrome c reductase, Rieske iron-sulfur polypeptide 1'
4 polymer 'Cytochrome b-c1 complex subunit 10'
5 polymer 'Cytochrome b-c1 complex subunit 1, mitochondrial'
6 polymer 'Cytochrome b-c1 complex subunit 2, mitochondrial'
7 polymer 'Cytochrome b'
8 polymer 'Cytochrome c1'
9 polymer 'Cytochrome b-c1 complex subunit 7'
10 polymer 'Cytochrome b-c1 complex subunit 8'
11 non-polymer 'FE2/S2 (INORGANIC) CLUSTER'
12 non-polymer 'PROTOPORPHYRIN IX CONTAINING FE'
13 non-polymer 'HEME C'
#
loop_
_entity_poly.entity_id
_entity_poly.type
_entity_poly.pdbx_seq_one_letter_code
_entity_poly.pdbx_strand_id
1 'polypeptide(L)'
;MGLEDEQRMLTGSGDPKEEEEEEEELVDPLTTVREQCEQIEKCIKARERLELCDQRVSSRSQTEEDCTEELFDFLHARDH
CVAHKLFNSLK
;
0,Ab
2 'polypeptide(L)' MAAPTLTARLYSLLFRRTSTFALTIAVGALFFERAFDQGADAIYEHINQGKLWKHIKHKYENKE 1,Ac
3 'polypeptide(L)'
;SSAGALTSRIPRLSPLYAPAPLAEGRPGDPPGFQSCCRHVVCRFPLGPFCAGVVGHAALPATSESPVLDAKRSFLCRESL
SGQAAGRPLVASVGLNVPASVRYSHTDIRVPDFSDYRRAEVLDSTKSSKESSDARKGFSYLITATTTVGVAYAAKNAVSQ
FVSSMSASADVLAMSKIEIKLSDIPEGKNMAFKWRGKPLFVRHRTKKEIDQEAAVEVSQLRDPQHDLERVKKPEWVILIG
VCTHLGCVPIANAGDFGGYYCPCHGSHYDASGRIRKGPAPLNLEVPTYEFTSDDLVIVG
;
2,4,Af,Ae
4 'polypeptide(L)' MLSRFLGPRYRELARNWIPTASMWGAVGAVGLVWATDWRLILDWVPYINGKFKKED 3,Ad
5 'polypeptide(L)'
;MAASAVCRVAGTGSRVLLRTCRSPALLRSPALRGTATYAQALQSVPETQVSQLDNGLRVASEQSSQPTCTVGVWIDAGSR
YENEKNNGAGYFVEHLAFKGTKNRPGSALEKEVESMGAHLNAYSTREHTAYYIKALSKDLPKAVELLADIVQNCSLEDSQ
IEKERDVILQELQENDSSMRDVVFDYLHATAFQGTPLAQSVEGPSENVRKLSRADLTEYVSQHYKAPRMVLAAAGGVEHR
QLLDLAQKHFSSLSGTYVEDAVPAFTPCRFTGSEIRHRDDALPLAHVAIAVEGPGWANPDNVPLQVANAIIGHYDSTYGG
GTHMSSTLASVAATRKLCQSFQTFNICYAETGLLGAHFVCDNMSIDDMMFFLQGQWMRLCTSATESEVVRGKNILRNALV
SHLDGTTPVCEDIGRSLLTYGRRIPLAEWESRIAEVDASVVREVCSKYFYDQCPAVAGLGPIEQLPDYNRIRSGMFWLRF
;
5,u
6 'polypeptide(L)'
;MKLITRAGSFSRFYSLKVAPKALASAAPAGVPLQPQDLEFTRLPNGLVIASLENYAPASRIGLFIKAGSRYEDSNNLGTS
HLLRLASSLTTKGASSFKITRGIEAVGGKLSVTSTRESMAYTVECLRDDIEILMEFLLNVTAAPEFRRWEVAALQSQLRI
DKAVAFQNPQAQVLENLHAAAYRNALANSLYCPDYRIGKVTPDQLHYYVQNHFTSARMALIGLGVSHPVLKQVAERFLNM
RGGLGLSGAKAKYRGGEIRDQNGDSLVHAALVAESAATGSAEANAFSVLQHVLGAGPHVKRGSNATSSLYQAVAKGVHQP
FDVSAFNASYSDSGLFGIYTISQAASAGDVIKSAYDQVKTIAQGNLSNTDVQAAKNKLKAGYLMSVESSEGFLDEVGSQA
LVAGSYVQPSTVLQQIDSVADADVINAAKKFVSGRKSMAASGNLGHTPFVDEL
;
6,v
7 'polypeptide(L)'
;MTNIRKSHPLMKIINNAFIDLPAPSNISSWWNFGSLLGICLILQILTGLFLAMHYTSDTTTAFSSVTHICRDVNYGWVIR
YLHANGASMFFICLFIHVGRGLYYGSYMFLETWNIGVVLLFTVMATAFMGYVLPWGQMSFWGATVITNLLSAIPYIGTDL
VEWIWGGFSVDKATLTRFFAFHFILPFIITALAAVHLLFLHETGSNNPTGISSDMDKIPFHPYYTIKDILGALFMMLILL
ILVLFSPDLLGDPDNYTPANPLNTPPHIKPEWYFLFAYAILRSIPNKLGGVLALVASILILILMPMLHTSKQRSMMFRPL
SQCLFWMLVADLITLTWIGGQPVEHPFIIIGQLASILYFLIILVLMPITSIIENNLLKW
;
7,w
8 'polypeptide(L)'
;MSAAAAASLRGAVLGPRGAGLPGARARGLLCGPRPGQLPLRTPQALSLSSKSGLSRGRKVILSALGMLAAGGAGLAVALH
SAVSATDLELHAPSYPWSHRGLLSSLDHTSIRRGFQVYKQVCSSCHSMDYVAYRHLVGVCYTEEEAKALAEEVEVQDGPN
EDGEMFMRPGKLSDYFPKPYPNPEAARAANNGALPPDLSYIVRARHGGEDYVFSLLTGYCEPPTGVSLREGLYFNPYFPG
QAIAMAPPIYNEVLEFDDGTPATMSQVAKDVCTFLRWASEPEHDHRKRMGLKMLMMMGLLLPLVYAMKRHKWSVLKSRKL
AYRPPK
;
8,x
9 'polypeptide(L)'
;MASRPAVAASSKWLEGIRKWYYNAAGFNKLGLMRDDTIYEDDDVKEAIRRLPENLYNDRVFRIKRALDLTMRQQILPKEQ
WTKYEEDKFYLEPYLKEVIRERKEREEWAKK
;
9,y
10 'polypeptide(L)'
;MGREFGHLTRMRHVITYSLSPFEQRAFPHYFTKGIPNVLRRTRACILRVAPPFVVFYLVYTWGTQEFEKSKRKNPAAYEN
DK
;
z,Aa
#
# COMPACT_ATOMS: atom_id res chain seq x y z
N GLU A 24 -86.53 -27.94 0.67
CA GLU A 24 -85.26 -27.64 0.03
C GLU A 24 -85.05 -26.12 -0.05
N GLU A 25 -84.08 -25.63 0.73
CA GLU A 25 -83.74 -24.22 0.70
C GLU A 25 -82.25 -23.96 0.75
N LEU A 26 -81.41 -24.98 0.54
CA LEU A 26 -79.95 -24.84 0.52
C LEU A 26 -79.43 -24.27 1.85
N VAL A 27 -79.61 -25.06 2.89
CA VAL A 27 -79.13 -24.69 4.22
C VAL A 27 -77.61 -24.72 4.23
N ASP A 28 -76.99 -23.57 4.49
CA ASP A 28 -75.54 -23.50 4.50
C ASP A 28 -74.98 -24.10 5.78
N PRO A 29 -73.79 -24.71 5.71
CA PRO A 29 -73.19 -25.30 6.92
C PRO A 29 -72.87 -24.28 7.99
N LEU A 30 -72.77 -23.00 7.65
CA LEU A 30 -72.38 -21.98 8.63
C LEU A 30 -73.38 -21.92 9.78
N THR A 31 -74.68 -21.92 9.46
CA THR A 31 -75.69 -21.89 10.52
C THR A 31 -75.57 -23.12 11.42
N THR A 32 -75.37 -24.29 10.81
CA THR A 32 -75.24 -25.51 11.59
C THR A 32 -74.05 -25.43 12.55
N VAL A 33 -72.91 -24.97 12.05
CA VAL A 33 -71.70 -24.93 12.89
C VAL A 33 -71.84 -23.88 13.99
N ARG A 34 -72.41 -22.72 13.65
CA ARG A 34 -72.62 -21.70 14.68
C ARG A 34 -73.55 -22.21 15.76
N GLU A 35 -74.63 -22.88 15.37
CA GLU A 35 -75.51 -23.50 16.36
C GLU A 35 -74.77 -24.55 17.18
N GLN A 36 -73.88 -25.30 16.53
CA GLN A 36 -73.11 -26.32 17.24
C GLN A 36 -72.23 -25.72 18.33
N CYS A 37 -71.58 -24.58 18.04
CA CYS A 37 -70.85 -23.91 19.12
C CYS A 37 -71.80 -23.42 20.19
N GLU A 38 -72.86 -22.73 19.77
CA GLU A 38 -73.75 -22.08 20.74
C GLU A 38 -74.17 -23.03 21.87
N GLN A 39 -74.05 -24.34 21.67
CA GLN A 39 -74.13 -25.31 22.75
C GLN A 39 -72.74 -25.81 23.11
N ILE A 40 -71.93 -24.88 23.64
CA ILE A 40 -70.60 -25.19 24.15
C ILE A 40 -70.32 -24.26 25.34
N GLU A 41 -69.59 -24.78 26.33
CA GLU A 41 -69.44 -24.09 27.60
C GLU A 41 -68.98 -22.64 27.42
N LYS A 42 -67.97 -22.42 26.56
CA LYS A 42 -67.53 -21.06 26.28
C LYS A 42 -68.63 -20.27 25.59
N CYS A 43 -69.20 -20.84 24.51
CA CYS A 43 -70.29 -20.17 23.80
C CYS A 43 -71.45 -19.87 24.73
N ILE A 44 -71.82 -20.85 25.58
CA ILE A 44 -72.99 -20.69 26.44
C ILE A 44 -72.75 -19.63 27.51
N LYS A 45 -71.59 -19.68 28.18
CA LYS A 45 -71.31 -18.70 29.23
C LYS A 45 -71.21 -17.29 28.66
N ALA A 46 -70.58 -17.15 27.49
CA ALA A 46 -70.52 -15.85 26.85
C ALA A 46 -71.91 -15.37 26.46
N ARG A 47 -72.76 -16.27 25.98
CA ARG A 47 -74.11 -15.88 25.59
C ARG A 47 -74.92 -15.42 26.79
N GLU A 48 -74.81 -16.13 27.93
CA GLU A 48 -75.58 -15.72 29.09
C GLU A 48 -75.08 -14.39 29.65
N ARG A 49 -73.76 -14.17 29.64
CA ARG A 49 -73.26 -12.86 30.04
C ARG A 49 -73.73 -11.76 29.10
N LEU A 50 -73.83 -12.07 27.80
CA LEU A 50 -74.37 -11.12 26.84
C LEU A 50 -75.83 -10.82 27.13
N GLU A 51 -76.61 -11.84 27.49
CA GLU A 51 -78.00 -11.62 27.86
C GLU A 51 -78.10 -10.71 29.08
N LEU A 52 -77.24 -10.94 30.08
CA LEU A 52 -77.23 -10.07 31.25
C LEU A 52 -76.93 -8.62 30.87
N CYS A 53 -75.92 -8.43 30.01
CA CYS A 53 -75.59 -7.07 29.56
C CYS A 53 -76.74 -6.44 28.80
N ASP A 54 -77.42 -7.22 27.95
CA ASP A 54 -78.57 -6.71 27.21
C ASP A 54 -79.66 -6.25 28.16
N GLN A 55 -79.95 -7.06 29.18
CA GLN A 55 -80.96 -6.68 30.17
C GLN A 55 -80.56 -5.39 30.88
N ARG A 56 -79.29 -5.29 31.28
CA ARG A 56 -78.82 -4.07 31.93
C ARG A 56 -79.03 -2.85 31.05
N VAL A 57 -78.56 -2.91 29.80
CA VAL A 57 -78.64 -1.76 28.91
C VAL A 57 -80.10 -1.39 28.63
N SER A 58 -80.94 -2.39 28.36
CA SER A 58 -82.34 -2.12 28.05
C SER A 58 -83.06 -1.51 29.25
N SER A 59 -82.75 -1.98 30.45
CA SER A 59 -83.46 -1.53 31.65
C SER A 59 -83.32 -0.02 31.85
N ARG A 60 -82.10 0.50 31.68
CA ARG A 60 -81.86 1.92 31.88
C ARG A 60 -82.53 2.73 30.77
N SER A 61 -82.45 4.06 30.90
CA SER A 61 -83.12 4.98 29.99
C SER A 61 -82.15 5.71 29.07
N GLN A 62 -81.06 6.25 29.61
CA GLN A 62 -80.10 7.02 28.83
C GLN A 62 -78.67 6.57 29.10
N THR A 63 -78.49 5.32 29.51
CA THR A 63 -77.16 4.81 29.79
C THR A 63 -76.30 4.80 28.52
N GLU A 64 -74.99 4.90 28.71
CA GLU A 64 -74.05 4.95 27.60
C GLU A 64 -73.34 3.63 27.37
N GLU A 65 -73.44 2.68 28.29
CA GLU A 65 -72.74 1.41 28.14
C GLU A 65 -73.28 0.65 26.94
N ASP A 66 -72.41 -0.17 26.36
CA ASP A 66 -72.73 -0.94 25.17
C ASP A 66 -72.41 -2.41 25.41
N CYS A 67 -73.07 -3.27 24.65
CA CYS A 67 -72.86 -4.71 24.74
C CYS A 67 -71.87 -5.20 23.69
N THR A 68 -71.12 -4.28 23.09
CA THR A 68 -70.15 -4.66 22.06
C THR A 68 -69.06 -5.58 22.63
N GLU A 69 -68.59 -5.29 23.83
CA GLU A 69 -67.51 -6.08 24.43
C GLU A 69 -67.93 -7.53 24.67
N GLU A 70 -69.07 -7.72 25.33
CA GLU A 70 -69.51 -9.08 25.63
C GLU A 70 -69.90 -9.83 24.36
N LEU A 71 -70.52 -9.13 23.41
CA LEU A 71 -70.77 -9.71 22.10
C LEU A 71 -69.45 -10.14 21.46
N PHE A 72 -68.41 -9.33 21.61
CA PHE A 72 -67.11 -9.68 21.04
C PHE A 72 -66.55 -10.95 21.68
N ASP A 73 -66.69 -11.08 23.00
CA ASP A 73 -66.26 -12.32 23.66
C ASP A 73 -67.01 -13.52 23.08
N PHE A 74 -68.34 -13.41 22.96
CA PHE A 74 -69.13 -14.52 22.44
C PHE A 74 -68.75 -14.85 21.01
N LEU A 75 -68.67 -13.84 20.16
CA LEU A 75 -68.32 -14.05 18.76
C LEU A 75 -66.91 -14.62 18.63
N HIS A 76 -65.99 -14.18 19.48
CA HIS A 76 -64.64 -14.74 19.45
C HIS A 76 -64.67 -16.23 19.71
N ALA A 77 -65.32 -16.66 20.79
CA ALA A 77 -65.37 -18.09 21.09
C ALA A 77 -66.09 -18.87 19.98
N ARG A 78 -67.26 -18.36 19.55
CA ARG A 78 -68.05 -19.08 18.56
C ARG A 78 -67.31 -19.19 17.24
N ASP A 79 -66.70 -18.09 16.79
CA ASP A 79 -65.99 -18.10 15.52
C ASP A 79 -64.72 -18.91 15.60
N HIS A 80 -64.09 -19.01 16.77
CA HIS A 80 -62.98 -19.94 16.93
C HIS A 80 -63.46 -21.38 16.68
N CYS A 81 -64.57 -21.76 17.32
CA CYS A 81 -65.11 -23.10 17.09
C CYS A 81 -65.51 -23.29 15.63
N VAL A 82 -66.14 -22.28 15.03
CA VAL A 82 -66.58 -22.39 13.65
C VAL A 82 -65.38 -22.51 12.71
N ALA A 83 -64.31 -21.77 12.99
CA ALA A 83 -63.10 -21.92 12.20
C ALA A 83 -62.57 -23.34 12.29
N HIS A 84 -62.61 -23.94 13.48
CA HIS A 84 -62.12 -25.30 13.62
C HIS A 84 -63.02 -26.32 12.92
N LYS A 85 -64.32 -26.02 12.77
CA LYS A 85 -65.25 -27.04 12.30
C LYS A 85 -65.70 -26.88 10.85
N LEU A 86 -65.80 -25.66 10.32
CA LEU A 86 -66.64 -25.39 9.16
C LEU A 86 -66.07 -25.96 7.87
N PHE A 87 -64.76 -25.75 7.63
CA PHE A 87 -64.21 -25.99 6.30
C PHE A 87 -64.34 -27.45 5.85
N ASN A 88 -64.56 -28.37 6.77
CA ASN A 88 -64.78 -29.76 6.38
C ASN A 88 -66.04 -29.89 5.53
N SER A 89 -67.09 -29.14 5.86
CA SER A 89 -68.35 -29.23 5.13
C SER A 89 -68.29 -28.52 3.78
N LEU A 90 -67.54 -27.43 3.68
CA LEU A 90 -67.47 -26.68 2.44
C LEU A 90 -66.74 -27.48 1.37
N LYS A 91 -67.24 -27.39 0.15
CA LYS A 91 -66.62 -28.07 -0.99
C LYS A 91 -65.52 -27.22 -1.59
N ALA B 3 -7.82 -54.50 -5.76
CA ALA B 3 -9.26 -54.27 -5.85
C ALA B 3 -9.62 -52.86 -5.40
N PRO B 4 -9.39 -51.88 -6.28
CA PRO B 4 -9.73 -50.49 -5.92
C PRO B 4 -11.20 -50.32 -5.64
N THR B 5 -11.52 -49.47 -4.68
CA THR B 5 -12.91 -49.18 -4.35
C THR B 5 -13.50 -48.21 -5.37
N LEU B 6 -14.80 -47.94 -5.20
CA LEU B 6 -15.49 -47.04 -6.11
C LEU B 6 -14.89 -45.63 -6.06
N THR B 7 -14.63 -45.13 -4.85
CA THR B 7 -14.07 -43.79 -4.72
C THR B 7 -12.66 -43.72 -5.29
N ALA B 8 -11.87 -44.79 -5.12
CA ALA B 8 -10.54 -44.82 -5.72
C ALA B 8 -10.63 -44.77 -7.24
N ARG B 9 -11.57 -45.51 -7.82
CA ARG B 9 -11.77 -45.46 -9.27
C ARG B 9 -12.19 -44.07 -9.71
N LEU B 10 -13.10 -43.44 -8.96
CA LEU B 10 -13.53 -42.09 -9.29
C LEU B 10 -12.36 -41.12 -9.28
N TYR B 11 -11.52 -41.18 -8.24
CA TYR B 11 -10.38 -40.28 -8.17
C TYR B 11 -9.42 -40.52 -9.32
N SER B 12 -9.08 -41.79 -9.58
CA SER B 12 -8.11 -42.09 -10.62
C SER B 12 -8.61 -41.65 -11.99
N LEU B 13 -9.90 -41.85 -12.27
CA LEU B 13 -10.41 -41.55 -13.61
C LEU B 13 -10.69 -40.06 -13.78
N LEU B 14 -11.38 -39.44 -12.82
CA LEU B 14 -11.95 -38.11 -13.00
C LEU B 14 -11.34 -37.05 -12.10
N PHE B 15 -11.21 -37.32 -10.81
CA PHE B 15 -10.88 -36.26 -9.86
C PHE B 15 -9.40 -35.92 -9.82
N ARG B 16 -8.53 -36.78 -10.35
CA ARG B 16 -7.09 -36.54 -10.23
C ARG B 16 -6.69 -35.29 -11.01
N ARG B 17 -7.11 -35.19 -12.26
CA ARG B 17 -6.80 -34.04 -13.09
C ARG B 17 -7.91 -33.00 -13.00
N THR B 18 -7.52 -31.74 -12.80
CA THR B 18 -8.49 -30.69 -12.53
C THR B 18 -9.40 -30.44 -13.73
N SER B 19 -8.89 -30.58 -14.95
CA SER B 19 -9.73 -30.39 -16.13
C SER B 19 -10.82 -31.46 -16.20
N THR B 20 -10.44 -32.72 -15.98
CA THR B 20 -11.44 -33.79 -15.94
C THR B 20 -12.37 -33.62 -14.74
N PHE B 21 -11.84 -33.11 -13.63
CA PHE B 21 -12.68 -32.78 -12.48
C PHE B 21 -13.76 -31.78 -12.85
N ALA B 22 -13.38 -30.72 -13.57
CA ALA B 22 -14.35 -29.70 -13.97
C ALA B 22 -15.33 -30.23 -15.01
N LEU B 23 -14.87 -31.08 -15.94
CA LEU B 23 -15.80 -31.66 -16.90
C LEU B 23 -16.81 -32.56 -16.22
N THR B 24 -16.37 -33.36 -15.25
CA THR B 24 -17.29 -34.17 -14.46
C THR B 24 -18.28 -33.29 -13.72
N ILE B 25 -17.80 -32.19 -13.15
CA ILE B 25 -18.69 -31.27 -12.44
C ILE B 25 -19.73 -30.69 -13.37
N ALA B 26 -19.33 -30.31 -14.59
CA ALA B 26 -20.27 -29.71 -15.53
C ALA B 26 -21.33 -30.71 -15.99
N VAL B 27 -20.90 -31.92 -16.37
CA VAL B 27 -21.86 -32.94 -16.80
C VAL B 27 -22.80 -33.31 -15.66
N GLY B 28 -22.24 -33.47 -14.45
CA GLY B 28 -23.07 -33.74 -13.29
C GLY B 28 -24.04 -32.62 -13.00
N ALA B 29 -23.61 -31.38 -13.21
CA ALA B 29 -24.52 -30.25 -13.01
C ALA B 29 -25.69 -30.32 -13.98
N LEU B 30 -25.41 -30.63 -15.25
CA LEU B 30 -26.48 -30.74 -16.24
C LEU B 30 -27.48 -31.83 -15.84
N PHE B 31 -26.97 -33.04 -15.58
CA PHE B 31 -27.87 -34.16 -15.31
C PHE B 31 -28.57 -34.00 -13.96
N PHE B 32 -27.87 -33.45 -12.97
CA PHE B 32 -28.48 -33.19 -11.67
C PHE B 32 -29.57 -32.14 -11.78
N GLU B 33 -29.35 -31.09 -12.57
CA GLU B 33 -30.41 -30.10 -12.77
C GLU B 33 -31.65 -30.77 -13.34
N ARG B 34 -31.48 -31.57 -14.39
CA ARG B 34 -32.63 -32.24 -14.99
C ARG B 34 -33.35 -33.13 -13.97
N ALA B 35 -32.60 -34.01 -13.31
CA ALA B 35 -33.21 -34.97 -12.40
C ALA B 35 -33.84 -34.29 -11.19
N PHE B 36 -33.14 -33.32 -10.61
CA PHE B 36 -33.66 -32.62 -9.43
C PHE B 36 -34.90 -31.82 -9.76
N ASP B 37 -34.92 -31.13 -10.90
CA ASP B 37 -36.13 -30.42 -11.30
C ASP B 37 -37.29 -31.38 -11.48
N GLN B 38 -37.05 -32.51 -12.15
CA GLN B 38 -38.13 -33.47 -12.36
C GLN B 38 -38.66 -34.00 -11.04
N GLY B 39 -37.75 -34.38 -10.13
CA GLY B 39 -38.19 -34.93 -8.85
C GLY B 39 -38.90 -33.92 -7.98
N ALA B 40 -38.39 -32.69 -7.91
CA ALA B 40 -39.03 -31.65 -7.12
C ALA B 40 -40.40 -31.30 -7.67
N ASP B 41 -40.54 -31.23 -9.00
CA ASP B 41 -41.84 -30.99 -9.59
C ASP B 41 -42.81 -32.13 -9.28
N ALA B 42 -42.33 -33.37 -9.34
CA ALA B 42 -43.18 -34.51 -9.00
C ALA B 42 -43.66 -34.41 -7.55
N ILE B 43 -42.74 -34.09 -6.62
CA ILE B 43 -43.11 -33.99 -5.21
C ILE B 43 -44.15 -32.89 -5.01
N TYR B 44 -43.89 -31.71 -5.59
CA TYR B 44 -44.79 -30.58 -5.40
C TYR B 44 -46.17 -30.87 -5.98
N GLU B 45 -46.21 -31.49 -7.17
CA GLU B 45 -47.49 -31.80 -7.78
C GLU B 45 -48.24 -32.90 -7.04
N HIS B 46 -47.51 -33.85 -6.43
CA HIS B 46 -48.18 -34.86 -5.62
C HIS B 46 -48.77 -34.24 -4.36
N ILE B 47 -48.03 -33.35 -3.70
CA ILE B 47 -48.56 -32.68 -2.51
C ILE B 47 -49.84 -31.93 -2.85
N ASN B 48 -49.79 -31.11 -3.91
CA ASN B 48 -50.96 -30.39 -4.36
C ASN B 48 -51.68 -31.13 -5.48
N GLN B 49 -52.08 -32.37 -5.23
CA GLN B 49 -52.77 -33.15 -6.25
C GLN B 49 -54.24 -32.78 -6.29
N GLY B 50 -54.74 -32.49 -7.48
CA GLY B 50 -56.12 -32.09 -7.66
C GLY B 50 -56.39 -30.61 -7.51
N LYS B 51 -55.39 -29.83 -7.11
CA LYS B 51 -55.55 -28.39 -6.94
C LYS B 51 -54.96 -27.57 -8.07
N LEU B 52 -53.88 -28.02 -8.67
CA LEU B 52 -53.20 -27.26 -9.70
C LEU B 52 -54.02 -27.19 -10.99
N TRP B 53 -53.71 -26.19 -11.81
CA TRP B 53 -54.43 -26.03 -13.07
C TRP B 53 -54.19 -27.20 -14.01
N LYS B 54 -52.96 -27.72 -14.05
CA LYS B 54 -52.65 -28.85 -14.91
C LYS B 54 -53.43 -30.10 -14.53
N HIS B 55 -53.99 -30.14 -13.32
CA HIS B 55 -54.82 -31.26 -12.90
C HIS B 55 -56.29 -31.07 -13.22
N ILE B 56 -56.70 -29.88 -13.66
CA ILE B 56 -58.11 -29.60 -13.90
C ILE B 56 -58.31 -29.01 -15.28
N LYS B 57 -57.20 -28.71 -15.97
CA LYS B 57 -57.30 -28.09 -17.30
C LYS B 57 -58.04 -28.98 -18.29
N HIS B 58 -57.97 -30.31 -18.11
CA HIS B 58 -58.58 -31.21 -19.07
C HIS B 58 -60.09 -31.02 -19.13
N LYS B 59 -60.72 -30.69 -18.00
CA LYS B 59 -62.16 -30.47 -17.97
C LYS B 59 -62.58 -29.24 -18.76
N TYR B 60 -61.65 -28.37 -19.14
CA TYR B 60 -61.97 -27.17 -19.89
C TYR B 60 -61.30 -27.09 -21.25
N GLU B 61 -60.35 -27.97 -21.55
CA GLU B 61 -59.64 -27.96 -22.83
C GLU B 61 -60.58 -28.47 -23.91
N ASN B 62 -61.19 -27.54 -24.66
CA ASN B 62 -62.10 -27.87 -25.75
C ASN B 62 -63.30 -28.65 -25.26
N SER C 104 16.14 -33.13 23.57
CA SER C 104 17.35 -33.34 22.78
C SER C 104 17.00 -33.51 21.30
N HIS C 105 15.76 -33.17 20.96
CA HIS C 105 15.21 -33.23 19.60
C HIS C 105 15.00 -34.67 19.15
N THR C 106 15.51 -35.63 19.93
CA THR C 106 15.27 -37.04 19.67
C THR C 106 14.34 -37.69 20.67
N ASP C 107 14.17 -37.09 21.84
CA ASP C 107 13.22 -37.57 22.83
C ASP C 107 11.81 -37.04 22.59
N ILE C 108 11.62 -36.20 21.57
CA ILE C 108 10.30 -35.73 21.19
C ILE C 108 9.70 -36.74 20.22
N ARG C 109 8.48 -37.17 20.51
CA ARG C 109 7.78 -38.15 19.68
C ARG C 109 6.45 -37.57 19.26
N VAL C 110 6.09 -37.78 18.00
CA VAL C 110 4.81 -37.24 17.51
C VAL C 110 3.67 -37.86 18.31
N PRO C 111 2.80 -37.07 18.91
CA PRO C 111 1.70 -37.63 19.70
C PRO C 111 0.75 -38.43 18.82
N ASP C 112 0.10 -39.42 19.42
CA ASP C 112 -0.76 -40.31 18.68
C ASP C 112 -1.96 -39.55 18.10
N PHE C 113 -2.22 -39.76 16.81
CA PHE C 113 -3.37 -39.18 16.14
C PHE C 113 -4.43 -40.22 15.79
N SER C 114 -4.33 -41.42 16.38
CA SER C 114 -5.21 -42.51 16.00
C SER C 114 -6.69 -42.16 16.20
N ASP C 115 -6.99 -41.33 17.19
CA ASP C 115 -8.38 -40.94 17.40
C ASP C 115 -8.89 -39.96 16.34
N TYR C 116 -8.10 -39.65 15.32
CA TYR C 116 -8.53 -38.77 14.25
C TYR C 116 -8.36 -39.45 12.90
N ARG C 117 -7.40 -40.38 12.81
CA ARG C 117 -7.08 -41.01 11.54
C ARG C 117 -8.27 -41.75 10.97
N ARG C 118 -8.42 -41.69 9.64
CA ARG C 118 -9.46 -42.45 8.97
C ARG C 118 -9.24 -43.95 9.17
N ALA C 119 -10.27 -44.72 8.88
CA ALA C 119 -10.25 -46.15 9.20
C ALA C 119 -9.12 -46.88 8.48
N GLU C 120 -8.92 -46.58 7.20
CA GLU C 120 -7.93 -47.33 6.42
C GLU C 120 -6.51 -47.10 6.93
N VAL C 121 -6.19 -45.87 7.33
CA VAL C 121 -4.82 -45.53 7.68
C VAL C 121 -4.57 -45.73 9.16
N LEU C 122 -5.50 -46.40 9.85
CA LEU C 122 -5.32 -46.66 11.27
C LEU C 122 -4.16 -47.62 11.52
N ASP C 123 -4.05 -48.67 10.70
CA ASP C 123 -3.00 -49.66 10.90
C ASP C 123 -1.63 -49.06 10.56
N SER C 124 -0.69 -49.19 11.49
CA SER C 124 0.64 -48.61 11.31
C SER C 124 1.53 -49.43 10.40
N THR C 125 1.21 -50.71 10.18
CA THR C 125 2.02 -51.59 9.35
C THR C 125 1.52 -51.67 7.91
N LYS C 126 0.50 -50.90 7.55
CA LYS C 126 -0.10 -50.94 6.23
C LYS C 126 0.16 -49.62 5.52
N SER C 127 0.60 -49.70 4.27
CA SER C 127 1.02 -48.51 3.53
C SER C 127 -0.17 -47.59 3.24
N SER C 128 0.12 -46.29 3.22
CA SER C 128 -0.90 -45.29 2.90
C SER C 128 -1.20 -45.23 1.42
N LYS C 129 -0.22 -45.54 0.57
CA LYS C 129 -0.44 -45.51 -0.88
C LYS C 129 -1.49 -46.51 -1.31
N GLU C 130 -1.78 -47.52 -0.49
CA GLU C 130 -2.83 -48.48 -0.81
C GLU C 130 -4.19 -47.80 -0.90
N SER C 131 -4.47 -46.88 0.03
CA SER C 131 -5.78 -46.25 0.12
C SER C 131 -5.74 -44.75 -0.10
N SER C 132 -4.65 -44.21 -0.65
CA SER C 132 -4.60 -42.77 -0.92
C SER C 132 -5.68 -42.37 -1.92
N ASP C 133 -5.83 -43.16 -2.98
CA ASP C 133 -6.84 -42.86 -3.98
C ASP C 133 -8.24 -42.86 -3.40
N ALA C 134 -8.53 -43.81 -2.51
CA ALA C 134 -9.86 -43.91 -1.93
C ALA C 134 -10.19 -42.67 -1.09
N ARG C 135 -9.27 -42.28 -0.21
CA ARG C 135 -9.52 -41.13 0.66
C ARG C 135 -9.62 -39.84 -0.14
N LYS C 136 -8.69 -39.63 -1.07
CA LYS C 136 -8.75 -38.44 -1.91
C LYS C 136 -10.01 -38.41 -2.74
N GLY C 137 -10.44 -39.57 -3.26
CA GLY C 137 -11.66 -39.63 -4.03
C GLY C 137 -12.89 -39.33 -3.21
N PHE C 138 -12.92 -39.80 -1.96
CA PHE C 138 -14.05 -39.48 -1.10
C PHE C 138 -14.15 -37.98 -0.86
N SER C 139 -13.03 -37.36 -0.45
CA SER C 139 -13.07 -35.92 -0.18
C SER C 139 -13.41 -35.12 -1.44
N TYR C 140 -12.80 -35.49 -2.57
CA TYR C 140 -13.07 -34.78 -3.81
C TYR C 140 -14.46 -35.07 -4.35
N LEU C 141 -15.06 -36.21 -4.02
CA LEU C 141 -16.45 -36.45 -4.38
C LEU C 141 -17.37 -35.54 -3.59
N ILE C 142 -17.08 -35.36 -2.30
CA ILE C 142 -17.82 -34.37 -1.52
C ILE C 142 -17.71 -32.99 -2.17
N THR C 143 -16.48 -32.62 -2.53
CA THR C 143 -16.26 -31.31 -3.17
C THR C 143 -17.01 -31.20 -4.50
N ALA C 144 -16.98 -32.24 -5.32
CA ALA C 144 -17.61 -32.20 -6.63
C ALA C 144 -19.13 -32.12 -6.52
N THR C 145 -19.72 -32.88 -5.60
CA THR C 145 -21.15 -32.78 -5.38
C THR C 145 -21.54 -31.40 -4.88
N THR C 146 -20.73 -30.84 -3.98
CA THR C 146 -20.98 -29.47 -3.52
C THR C 146 -20.95 -28.50 -4.69
N THR C 147 -19.95 -28.63 -5.56
CA THR C 147 -19.83 -27.72 -6.69
C THR C 147 -20.99 -27.89 -7.67
N VAL C 148 -21.48 -29.13 -7.84
CA VAL C 148 -22.62 -29.36 -8.71
C VAL C 148 -23.86 -28.65 -8.16
N GLY C 149 -24.10 -28.80 -6.85
CA GLY C 149 -25.24 -28.11 -6.25
C GLY C 149 -25.11 -26.60 -6.35
N VAL C 150 -23.91 -26.07 -6.11
CA VAL C 150 -23.68 -24.63 -6.21
C VAL C 150 -23.90 -24.16 -7.64
N ALA C 151 -23.47 -24.96 -8.61
CA ALA C 151 -23.68 -24.60 -10.01
C ALA C 151 -25.16 -24.55 -10.35
N TYR C 152 -25.93 -25.52 -9.86
CA TYR C 152 -27.37 -25.50 -10.08
C TYR C 152 -28.00 -24.23 -9.50
N ALA C 153 -27.68 -23.93 -8.24
CA ALA C 153 -28.26 -22.76 -7.59
C ALA C 153 -27.85 -21.47 -8.29
N ALA C 154 -26.57 -21.36 -8.66
CA ALA C 154 -26.08 -20.16 -9.32
C ALA C 154 -26.72 -19.99 -10.69
N LYS C 155 -26.88 -21.09 -11.44
CA LYS C 155 -27.56 -20.99 -12.73
C LYS C 155 -28.98 -20.52 -12.55
N ASN C 156 -29.70 -21.05 -11.56
CA ASN C 156 -31.08 -20.61 -11.35
C ASN C 156 -31.13 -19.12 -11.02
N ALA C 157 -30.26 -18.67 -10.11
CA ALA C 157 -30.27 -17.27 -9.71
C ALA C 157 -29.94 -16.35 -10.89
N VAL C 158 -28.87 -16.67 -11.63
CA VAL C 158 -28.46 -15.83 -12.75
C VAL C 158 -29.53 -15.84 -13.84
N SER C 159 -30.13 -17.01 -14.10
CA SER C 159 -31.17 -17.09 -15.12
C SER C 159 -32.38 -16.26 -14.73
N GLN C 160 -32.76 -16.28 -13.45
CA GLN C 160 -33.89 -15.45 -13.02
C GLN C 160 -33.56 -13.96 -13.18
N PHE C 161 -32.36 -13.56 -12.77
CA PHE C 161 -31.99 -12.14 -12.90
C PHE C 161 -31.95 -11.71 -14.36
N VAL C 162 -31.43 -12.56 -15.24
CA VAL C 162 -31.40 -12.25 -16.67
C VAL C 162 -32.81 -12.18 -17.23
N SER C 163 -33.67 -13.13 -16.84
CA SER C 163 -35.03 -13.17 -17.35
C SER C 163 -35.83 -11.96 -16.91
N SER C 164 -35.50 -11.39 -15.75
CA SER C 164 -36.18 -10.17 -15.31
C SER C 164 -35.98 -9.03 -16.31
N MET C 165 -34.87 -9.05 -17.05
CA MET C 165 -34.58 -8.00 -18.02
C MET C 165 -35.24 -8.23 -19.38
N SER C 166 -35.78 -9.41 -19.64
CA SER C 166 -36.41 -9.69 -20.91
C SER C 166 -37.79 -9.06 -20.93
N ALA C 167 -38.58 -9.35 -21.97
CA ALA C 167 -39.90 -8.75 -22.10
C ALA C 167 -40.80 -9.16 -20.94
N SER C 168 -41.55 -8.20 -20.42
CA SER C 168 -42.45 -8.46 -19.30
C SER C 168 -43.73 -9.13 -19.80
N ALA C 169 -44.62 -9.43 -18.85
CA ALA C 169 -45.88 -10.08 -19.20
C ALA C 169 -46.74 -9.18 -20.08
N ASP C 170 -46.82 -7.88 -19.75
CA ASP C 170 -47.66 -6.98 -20.51
C ASP C 170 -47.09 -6.73 -21.91
N VAL C 171 -45.77 -6.60 -22.02
CA VAL C 171 -45.16 -6.40 -23.33
C VAL C 171 -45.45 -7.58 -24.24
N LEU C 172 -45.31 -8.80 -23.72
CA LEU C 172 -45.67 -9.98 -24.50
C LEU C 172 -47.16 -10.01 -24.80
N ALA C 173 -47.98 -9.51 -23.87
CA ALA C 173 -49.41 -9.42 -24.12
C ALA C 173 -49.72 -8.52 -25.31
N MET C 174 -48.91 -7.47 -25.51
CA MET C 174 -49.08 -6.57 -26.63
C MET C 174 -48.25 -6.97 -27.84
N SER C 175 -47.93 -8.27 -27.99
CA SER C 175 -47.09 -8.71 -29.10
C SER C 175 -47.83 -8.61 -30.42
N LYS C 176 -49.07 -9.09 -30.48
CA LYS C 176 -49.87 -9.06 -31.69
C LYS C 176 -51.17 -8.32 -31.42
N ILE C 177 -51.60 -7.51 -32.38
CA ILE C 177 -52.70 -6.59 -32.21
C ILE C 177 -53.82 -6.96 -33.18
N GLU C 178 -54.99 -6.35 -32.95
CA GLU C 178 -56.17 -6.56 -33.77
C GLU C 178 -56.50 -5.25 -34.48
N ILE C 179 -56.72 -5.33 -35.79
CA ILE C 179 -57.06 -4.16 -36.60
C ILE C 179 -58.41 -4.42 -37.26
N LYS C 180 -59.33 -3.48 -37.07
CA LYS C 180 -60.66 -3.57 -37.65
C LYS C 180 -60.63 -2.92 -39.03
N LEU C 181 -60.72 -3.74 -40.09
CA LEU C 181 -60.58 -3.23 -41.44
C LEU C 181 -61.68 -2.24 -41.80
N SER C 182 -62.84 -2.33 -41.15
CA SER C 182 -63.94 -1.43 -41.46
C SER C 182 -63.63 0.02 -41.10
N ASP C 183 -62.60 0.26 -40.28
CA ASP C 183 -62.22 1.61 -39.88
C ASP C 183 -61.19 2.23 -40.81
N ILE C 184 -60.81 1.54 -41.88
CA ILE C 184 -59.84 2.06 -42.84
C ILE C 184 -60.56 2.31 -44.17
N PRO C 185 -60.89 3.56 -44.51
CA PRO C 185 -61.54 3.83 -45.79
C PRO C 185 -60.62 3.48 -46.97
N GLU C 186 -61.21 3.48 -48.15
CA GLU C 186 -60.49 3.08 -49.35
C GLU C 186 -59.36 4.06 -49.65
N GLY C 187 -58.26 3.52 -50.17
CA GLY C 187 -57.12 4.36 -50.52
C GLY C 187 -56.57 5.17 -49.37
N LYS C 188 -56.52 4.57 -48.18
CA LYS C 188 -55.97 5.24 -46.99
C LYS C 188 -55.01 4.29 -46.31
N ASN C 189 -53.79 4.76 -46.06
CA ASN C 189 -52.78 3.97 -45.37
C ASN C 189 -52.75 4.39 -43.91
N MET C 190 -53.31 3.55 -43.03
CA MET C 190 -53.36 3.83 -41.61
C MET C 190 -52.11 3.28 -40.93
N ALA C 191 -51.56 4.06 -40.01
CA ALA C 191 -50.38 3.69 -39.24
C ALA C 191 -50.77 3.34 -37.82
N PHE C 192 -50.33 2.17 -37.36
CA PHE C 192 -50.62 1.69 -36.02
C PHE C 192 -49.33 1.43 -35.26
N LYS C 193 -49.39 1.58 -33.94
CA LYS C 193 -48.25 1.27 -33.08
C LYS C 193 -48.27 -0.22 -32.79
N TRP C 194 -47.43 -0.99 -33.49
CA TRP C 194 -47.34 -2.42 -33.28
C TRP C 194 -45.88 -2.79 -33.04
N ARG C 195 -45.64 -3.54 -31.96
CA ARG C 195 -44.30 -3.94 -31.56
C ARG C 195 -43.39 -2.74 -31.33
N GLY C 196 -43.97 -1.59 -31.00
CA GLY C 196 -43.21 -0.38 -30.83
C GLY C 196 -42.80 0.31 -32.11
N LYS C 197 -43.23 -0.18 -33.26
CA LYS C 197 -42.87 0.36 -34.56
C LYS C 197 -44.14 0.68 -35.34
N PRO C 198 -44.05 1.56 -36.34
CA PRO C 198 -45.22 1.83 -37.18
C PRO C 198 -45.54 0.65 -38.08
N LEU C 199 -46.83 0.34 -38.18
CA LEU C 199 -47.33 -0.70 -39.07
C LEU C 199 -48.32 -0.05 -40.03
N PHE C 200 -48.07 -0.19 -41.31
CA PHE C 200 -48.89 0.43 -42.35
C PHE C 200 -49.89 -0.59 -42.87
N VAL C 201 -51.17 -0.27 -42.75
CA VAL C 201 -52.24 -1.07 -43.34
C VAL C 201 -52.97 -0.16 -44.33
N ARG C 202 -52.82 -0.45 -45.61
CA ARG C 202 -53.42 0.37 -46.66
C ARG C 202 -54.53 -0.41 -47.36
N HIS C 203 -55.71 0.22 -47.46
CA HIS C 203 -56.83 -0.31 -48.22
C HIS C 203 -56.64 0.09 -49.68
N ARG C 204 -55.81 -0.69 -50.36
CA ARG C 204 -55.45 -0.40 -51.74
C ARG C 204 -56.69 -0.39 -52.64
N THR C 205 -56.81 0.64 -53.47
CA THR C 205 -57.96 0.77 -54.35
C THR C 205 -57.83 -0.18 -55.54
N LYS C 206 -58.91 -0.27 -56.31
CA LYS C 206 -58.90 -1.12 -57.50
C LYS C 206 -57.87 -0.64 -58.52
N LYS C 207 -57.80 0.68 -58.73
CA LYS C 207 -56.79 1.22 -59.63
C LYS C 207 -55.38 0.95 -59.13
N GLU C 208 -55.16 1.13 -57.82
CA GLU C 208 -53.85 0.85 -57.26
C GLU C 208 -53.54 -0.64 -57.33
N ILE C 209 -54.54 -1.50 -57.11
CA ILE C 209 -54.33 -2.94 -57.23
C ILE C 209 -53.93 -3.29 -58.67
N ASP C 210 -54.60 -2.65 -59.65
CA ASP C 210 -54.28 -2.94 -61.04
C ASP C 210 -52.88 -2.49 -61.40
N GLN C 211 -52.49 -1.28 -60.97
CA GLN C 211 -51.16 -0.80 -61.31
C GLN C 211 -50.08 -1.62 -60.61
N GLU C 212 -50.31 -2.03 -59.36
CA GLU C 212 -49.34 -2.89 -58.69
C GLU C 212 -49.25 -4.25 -59.36
N ALA C 213 -50.38 -4.79 -59.83
CA ALA C 213 -50.35 -6.05 -60.56
C ALA C 213 -49.64 -5.91 -61.90
N ALA C 214 -49.53 -4.70 -62.44
CA ALA C 214 -48.90 -4.45 -63.72
C ALA C 214 -47.41 -4.14 -63.61
N VAL C 215 -46.84 -4.17 -62.41
CA VAL C 215 -45.43 -3.85 -62.22
C VAL C 215 -44.58 -4.97 -62.81
N GLU C 216 -43.55 -4.59 -63.57
CA GLU C 216 -42.62 -5.55 -64.14
C GLU C 216 -41.79 -6.16 -63.02
N VAL C 217 -41.98 -7.45 -62.77
CA VAL C 217 -41.34 -8.10 -61.62
C VAL C 217 -39.83 -8.10 -61.76
N SER C 218 -39.32 -8.45 -62.95
CA SER C 218 -37.88 -8.58 -63.13
C SER C 218 -37.16 -7.25 -63.03
N GLN C 219 -37.88 -6.14 -63.24
CA GLN C 219 -37.26 -4.82 -63.24
C GLN C 219 -37.26 -4.22 -61.83
N LEU C 220 -37.31 -5.07 -60.82
CA LEU C 220 -37.33 -4.63 -59.42
C LEU C 220 -36.04 -5.05 -58.74
N ARG C 221 -35.50 -4.16 -57.91
CA ARG C 221 -34.30 -4.48 -57.15
C ARG C 221 -34.46 -5.76 -56.35
N ASP C 222 -35.62 -5.96 -55.76
CA ASP C 222 -35.96 -7.23 -55.09
C ASP C 222 -37.16 -7.84 -55.79
N PRO C 223 -37.00 -8.94 -56.52
CA PRO C 223 -38.12 -9.50 -57.28
C PRO C 223 -39.24 -10.02 -56.39
N GLN C 224 -40.39 -9.33 -56.45
CA GLN C 224 -41.56 -9.72 -55.69
C GLN C 224 -42.80 -9.44 -56.54
N HIS C 225 -43.85 -10.21 -56.29
CA HIS C 225 -45.13 -10.02 -56.96
C HIS C 225 -46.17 -9.55 -55.95
N ASP C 226 -47.02 -8.61 -56.38
CA ASP C 226 -48.06 -8.11 -55.49
C ASP C 226 -48.95 -9.23 -54.98
N LEU C 227 -49.32 -10.17 -55.86
CA LEU C 227 -50.18 -11.28 -55.45
C LEU C 227 -49.50 -12.14 -54.40
N GLU C 228 -48.19 -12.34 -54.52
CA GLU C 228 -47.45 -13.06 -53.48
C GLU C 228 -47.04 -12.17 -52.33
N ARG C 229 -47.09 -10.85 -52.51
CA ARG C 229 -46.74 -9.93 -51.43
C ARG C 229 -47.86 -9.86 -50.39
N VAL C 230 -49.11 -9.77 -50.83
CA VAL C 230 -50.25 -9.62 -49.94
C VAL C 230 -51.22 -10.76 -50.17
N LYS C 231 -52.04 -11.04 -49.14
CA LYS C 231 -53.05 -12.09 -49.25
C LYS C 231 -54.30 -11.57 -49.95
N LYS C 232 -54.97 -10.60 -49.34
CA LYS C 232 -56.11 -9.94 -49.97
C LYS C 232 -55.58 -8.81 -50.86
N PRO C 233 -55.94 -8.78 -52.15
CA PRO C 233 -55.36 -7.74 -53.03
C PRO C 233 -55.63 -6.32 -52.55
N GLU C 234 -56.82 -6.05 -52.01
CA GLU C 234 -57.19 -4.69 -51.64
C GLU C 234 -56.60 -4.25 -50.30
N TRP C 235 -55.94 -5.14 -49.57
CA TRP C 235 -55.31 -4.79 -48.30
C TRP C 235 -53.83 -5.14 -48.35
N VAL C 236 -52.98 -4.16 -48.06
CA VAL C 236 -51.53 -4.40 -47.99
C VAL C 236 -51.06 -3.98 -46.61
N ILE C 237 -50.37 -4.89 -45.93
CA ILE C 237 -49.86 -4.67 -44.57
C ILE C 237 -48.34 -4.79 -44.61
N LEU C 238 -47.66 -3.75 -44.14
CA LEU C 238 -46.20 -3.68 -44.16
C LEU C 238 -45.71 -3.09 -42.85
N ILE C 239 -44.45 -3.37 -42.53
CA ILE C 239 -43.81 -2.74 -41.39
C ILE C 239 -43.17 -1.43 -41.85
N GLY C 240 -43.54 -0.33 -41.20
CA GLY C 240 -43.09 0.97 -41.62
C GLY C 240 -41.67 1.28 -41.21
N VAL C 241 -40.73 0.45 -41.63
CA VAL C 241 -39.31 0.64 -41.36
C VAL C 241 -38.56 0.48 -42.67
N CYS C 242 -37.98 1.57 -43.16
CA CYS C 242 -37.23 1.51 -44.42
C CYS C 242 -36.04 0.57 -44.26
N THR C 243 -35.79 -0.22 -45.30
CA THR C 243 -34.69 -1.18 -45.26
C THR C 243 -33.32 -0.50 -45.32
N HIS C 244 -33.27 0.76 -45.75
CA HIS C 244 -31.98 1.43 -45.95
C HIS C 244 -31.25 1.62 -44.63
N LEU C 245 -31.82 2.40 -43.72
CA LEU C 245 -31.29 2.54 -42.37
C LEU C 245 -32.29 2.18 -41.29
N GLY C 246 -33.59 2.43 -41.52
CA GLY C 246 -34.57 2.17 -40.50
C GLY C 246 -35.47 3.36 -40.20
N CYS C 247 -35.53 4.31 -41.12
CA CYS C 247 -36.45 5.44 -40.97
C CYS C 247 -37.87 5.01 -41.30
N VAL C 248 -38.83 5.88 -40.97
CA VAL C 248 -40.24 5.61 -41.18
C VAL C 248 -40.64 6.22 -42.52
N PRO C 249 -41.04 5.41 -43.50
CA PRO C 249 -41.51 5.97 -44.78
C PRO C 249 -42.82 6.72 -44.60
N ILE C 250 -43.01 7.72 -45.44
CA ILE C 250 -44.25 8.50 -45.47
C ILE C 250 -45.10 7.99 -46.63
N ALA C 251 -46.37 7.73 -46.35
CA ALA C 251 -47.27 7.17 -47.36
C ALA C 251 -47.62 8.23 -48.41
N ASN C 252 -47.81 7.75 -49.64
CA ASN C 252 -48.22 8.57 -50.79
C ASN C 252 -47.36 9.83 -50.91
N ALA C 253 -46.04 9.61 -51.00
CA ALA C 253 -45.12 10.73 -51.15
C ALA C 253 -44.12 10.48 -52.26
N GLY C 254 -43.86 9.22 -52.58
CA GLY C 254 -42.88 8.88 -53.59
C GLY C 254 -43.37 9.08 -55.00
N ASP C 255 -42.45 8.89 -55.95
CA ASP C 255 -42.79 9.00 -57.37
C ASP C 255 -43.69 7.87 -57.85
N PHE C 256 -43.87 6.82 -57.05
CA PHE C 256 -44.63 5.65 -57.45
C PHE C 256 -45.97 5.55 -56.73
N GLY C 257 -46.35 6.58 -55.98
CA GLY C 257 -47.64 6.59 -55.31
C GLY C 257 -47.72 5.72 -54.08
N GLY C 258 -46.61 5.18 -53.61
CA GLY C 258 -46.61 4.29 -52.47
C GLY C 258 -46.08 4.94 -51.21
N TYR C 259 -44.82 4.65 -50.87
CA TYR C 259 -44.20 5.20 -49.67
C TYR C 259 -42.90 5.90 -50.05
N TYR C 260 -42.48 6.83 -49.21
CA TYR C 260 -41.27 7.58 -49.47
C TYR C 260 -40.52 7.80 -48.17
N CYS C 261 -39.31 7.25 -48.08
CA CYS C 261 -38.45 7.51 -46.95
C CYS C 261 -37.68 8.79 -47.22
N PRO C 262 -37.93 9.87 -46.48
CA PRO C 262 -37.26 11.14 -46.79
C PRO C 262 -35.84 11.22 -46.27
N CYS C 263 -35.46 10.36 -45.33
CA CYS C 263 -34.13 10.44 -44.73
C CYS C 263 -33.04 10.44 -45.79
N HIS C 264 -33.21 9.63 -46.82
CA HIS C 264 -32.33 9.64 -47.99
C HIS C 264 -33.11 9.79 -49.28
N GLY C 265 -34.33 9.27 -49.37
CA GLY C 265 -35.11 9.38 -50.58
C GLY C 265 -35.61 8.09 -51.19
N SER C 266 -35.81 7.06 -50.37
CA SER C 266 -36.24 5.76 -50.91
C SER C 266 -37.69 5.85 -51.39
N HIS C 267 -37.97 5.23 -52.54
CA HIS C 267 -39.32 5.18 -53.10
C HIS C 267 -39.82 3.75 -53.13
N TYR C 268 -41.00 3.52 -52.55
CA TYR C 268 -41.67 2.23 -52.57
C TYR C 268 -43.03 2.38 -53.25
N ASP C 269 -43.51 1.28 -53.82
CA ASP C 269 -44.82 1.24 -54.44
C ASP C 269 -45.88 1.01 -53.37
N ALA C 270 -47.13 0.82 -53.79
CA ALA C 270 -48.19 0.52 -52.84
C ALA C 270 -48.11 -0.91 -52.30
N SER C 271 -47.22 -1.73 -52.84
CA SER C 271 -47.01 -3.09 -52.36
C SER C 271 -45.77 -3.22 -51.49
N GLY C 272 -45.07 -2.11 -51.21
CA GLY C 272 -43.89 -2.14 -50.40
C GLY C 272 -42.61 -2.49 -51.13
N ARG C 273 -42.69 -2.87 -52.40
CA ARG C 273 -41.50 -3.23 -53.16
C ARG C 273 -40.66 -1.98 -53.43
N ILE C 274 -39.34 -2.10 -53.24
CA ILE C 274 -38.46 -0.96 -53.49
C ILE C 274 -38.46 -0.66 -54.98
N ARG C 275 -38.67 0.60 -55.33
CA ARG C 275 -38.70 1.03 -56.71
C ARG C 275 -37.58 1.98 -57.07
N LYS C 276 -37.29 2.95 -56.21
CA LYS C 276 -36.20 3.89 -56.43
C LYS C 276 -35.60 4.27 -55.09
N GLY C 277 -34.37 4.74 -55.11
CA GLY C 277 -33.68 5.13 -53.91
C GLY C 277 -32.65 4.12 -53.46
N PRO C 278 -31.95 4.40 -52.36
CA PRO C 278 -30.86 3.54 -51.91
C PRO C 278 -31.28 2.34 -51.08
N ALA C 279 -32.58 2.17 -50.81
CA ALA C 279 -33.02 1.07 -49.97
C ALA C 279 -32.71 -0.27 -50.62
N PRO C 280 -32.06 -1.20 -49.91
CA PRO C 280 -31.67 -2.46 -50.56
C PRO C 280 -32.82 -3.44 -50.73
N LEU C 281 -33.80 -3.44 -49.83
CA LEU C 281 -34.87 -4.42 -49.88
C LEU C 281 -36.24 -3.76 -49.84
N ASN C 282 -37.30 -4.58 -49.77
CA ASN C 282 -38.67 -4.09 -49.69
C ASN C 282 -39.13 -4.08 -48.24
N LEU C 283 -40.14 -3.25 -47.97
CA LEU C 283 -40.73 -3.20 -46.65
C LEU C 283 -41.22 -4.58 -46.22
N GLU C 284 -40.88 -4.96 -44.99
CA GLU C 284 -41.19 -6.29 -44.50
C GLU C 284 -42.70 -6.46 -44.36
N VAL C 285 -43.19 -7.63 -44.74
CA VAL C 285 -44.60 -7.98 -44.58
C VAL C 285 -44.71 -8.89 -43.36
N PRO C 286 -45.32 -8.44 -42.27
CA PRO C 286 -45.45 -9.29 -41.08
C PRO C 286 -46.46 -10.41 -41.33
N THR C 287 -46.36 -11.45 -40.51
CA THR C 287 -47.29 -12.57 -40.60
C THR C 287 -48.63 -12.16 -40.03
N TYR C 288 -49.70 -12.41 -40.77
CA TYR C 288 -51.04 -12.01 -40.34
C TYR C 288 -52.07 -12.90 -41.02
N GLU C 289 -53.29 -12.86 -40.48
CA GLU C 289 -54.41 -13.59 -41.06
C GLU C 289 -55.69 -12.82 -40.81
N PHE C 290 -56.66 -12.99 -41.72
CA PHE C 290 -57.96 -12.33 -41.61
C PHE C 290 -58.89 -13.24 -40.82
N THR C 291 -59.13 -12.90 -39.55
CA THR C 291 -60.07 -13.66 -38.75
C THR C 291 -61.48 -13.57 -39.32
N SER C 292 -61.90 -12.39 -39.76
CA SER C 292 -63.19 -12.19 -40.37
C SER C 292 -63.02 -11.28 -41.57
N ASP C 293 -64.14 -10.81 -42.12
CA ASP C 293 -64.09 -9.94 -43.29
C ASP C 293 -63.41 -8.61 -42.98
N ASP C 294 -63.70 -8.04 -41.81
CA ASP C 294 -63.22 -6.71 -41.45
C ASP C 294 -62.34 -6.75 -40.20
N LEU C 295 -61.59 -7.82 -40.00
CA LEU C 295 -60.71 -7.97 -38.85
C LEU C 295 -59.44 -8.69 -39.28
N VAL C 296 -58.30 -8.22 -38.79
CA VAL C 296 -57.02 -8.83 -39.09
C VAL C 296 -56.15 -8.84 -37.83
N ILE C 297 -55.42 -9.94 -37.62
CA ILE C 297 -54.51 -10.08 -36.49
C ILE C 297 -53.10 -10.20 -37.03
N VAL C 298 -52.21 -9.33 -36.55
CA VAL C 298 -50.82 -9.35 -36.99
C VAL C 298 -49.93 -9.90 -35.89
N LEU D 2 7.54 -12.88 -31.98
CA LEU D 2 7.25 -14.08 -31.20
C LEU D 2 8.08 -15.26 -31.68
N SER D 3 9.15 -14.97 -32.43
CA SER D 3 10.05 -16.02 -32.88
C SER D 3 10.73 -16.72 -31.71
N ARG D 4 10.81 -16.04 -30.55
CA ARG D 4 11.36 -16.67 -29.36
C ARG D 4 10.64 -17.97 -29.01
N PHE D 5 9.33 -18.03 -29.28
CA PHE D 5 8.53 -19.19 -28.92
C PHE D 5 8.43 -20.21 -30.07
N LEU D 6 9.31 -20.13 -31.05
CA LEU D 6 9.36 -21.09 -32.14
C LEU D 6 10.60 -21.97 -31.94
N GLY D 7 10.39 -23.13 -31.31
CA GLY D 7 11.46 -24.06 -31.07
C GLY D 7 10.94 -25.42 -30.69
N PRO D 8 11.80 -26.44 -30.77
CA PRO D 8 11.37 -27.80 -30.43
C PRO D 8 10.80 -27.93 -29.03
N ARG D 9 11.39 -27.24 -28.05
CA ARG D 9 10.88 -27.30 -26.69
C ARG D 9 9.46 -26.77 -26.61
N TYR D 10 9.16 -25.70 -27.34
CA TYR D 10 7.81 -25.14 -27.31
C TYR D 10 6.82 -26.06 -28.00
N ARG D 11 7.24 -26.74 -29.07
CA ARG D 11 6.37 -27.73 -29.68
C ARG D 11 6.10 -28.89 -28.73
N GLU D 12 7.10 -29.30 -27.97
CA GLU D 12 6.90 -30.30 -26.92
C GLU D 12 5.92 -29.81 -25.87
N LEU D 13 6.05 -28.54 -25.48
CA LEU D 13 5.13 -27.94 -24.51
C LEU D 13 3.70 -27.95 -25.03
N ALA D 14 3.52 -27.59 -26.30
CA ALA D 14 2.20 -27.61 -26.91
C ALA D 14 1.64 -29.03 -26.94
N ARG D 15 2.48 -30.01 -27.27
CA ARG D 15 2.04 -31.40 -27.22
C ARG D 15 1.58 -31.78 -25.82
N ASN D 16 2.34 -31.36 -24.81
CA ASN D 16 2.00 -31.71 -23.43
C ASN D 16 0.68 -31.08 -23.00
N TRP D 17 0.45 -29.82 -23.37
CA TRP D 17 -0.70 -29.09 -22.87
C TRP D 17 -1.91 -29.14 -23.80
N ILE D 18 -1.81 -29.77 -24.97
CA ILE D 18 -2.97 -29.90 -25.84
C ILE D 18 -4.09 -30.73 -25.21
N PRO D 19 -3.83 -31.89 -24.59
CA PRO D 19 -4.93 -32.59 -23.92
C PRO D 19 -5.62 -31.76 -22.85
N THR D 20 -4.87 -31.00 -22.06
CA THR D 20 -5.47 -30.17 -21.03
C THR D 20 -6.29 -29.05 -21.65
N ALA D 21 -5.78 -28.42 -22.71
CA ALA D 21 -6.53 -27.37 -23.38
C ALA D 21 -7.82 -27.91 -23.98
N SER D 22 -7.76 -29.11 -24.57
CA SER D 22 -8.96 -29.73 -25.13
C SER D 22 -9.97 -30.05 -24.04
N MET D 23 -9.50 -30.54 -22.89
CA MET D 23 -10.41 -30.82 -21.79
C MET D 23 -11.07 -29.54 -21.29
N TRP D 24 -10.29 -28.46 -21.16
CA TRP D 24 -10.88 -27.20 -20.71
C TRP D 24 -11.85 -26.64 -21.74
N GLY D 25 -11.56 -26.82 -23.03
CA GLY D 25 -12.51 -26.42 -24.05
C GLY D 25 -13.79 -27.21 -23.99
N ALA D 26 -13.69 -28.51 -23.72
CA ALA D 26 -14.90 -29.31 -23.52
C ALA D 26 -15.68 -28.84 -22.31
N VAL D 27 -14.98 -28.50 -21.22
CA VAL D 27 -15.64 -27.97 -20.04
C VAL D 27 -16.39 -26.69 -20.39
N GLY D 28 -15.74 -25.79 -21.12
CA GLY D 28 -16.38 -24.55 -21.50
C GLY D 28 -17.60 -24.76 -22.39
N ALA D 29 -17.48 -25.67 -23.36
CA ALA D 29 -18.60 -25.95 -24.25
C ALA D 29 -19.78 -26.53 -23.50
N VAL D 30 -19.52 -27.50 -22.61
CA VAL D 30 -20.59 -28.11 -21.85
C VAL D 30 -21.23 -27.09 -20.91
N GLY D 31 -20.41 -26.24 -20.28
CA GLY D 31 -20.95 -25.21 -19.41
C GLY D 31 -21.81 -24.22 -20.16
N LEU D 32 -21.37 -23.80 -21.36
CA LEU D 32 -22.14 -22.87 -22.16
C LEU D 32 -23.47 -23.48 -22.58
N VAL D 33 -23.44 -24.74 -23.04
CA VAL D 33 -24.67 -25.39 -23.48
C VAL D 33 -25.64 -25.55 -22.32
N TRP D 34 -25.12 -25.96 -21.15
CA TRP D 34 -25.97 -26.14 -19.98
C TRP D 34 -26.54 -24.83 -19.49
N ALA D 35 -25.73 -23.77 -19.44
CA ALA D 35 -26.19 -22.50 -18.93
C ALA D 35 -27.22 -21.86 -19.84
N THR D 36 -26.97 -21.89 -21.16
CA THR D 36 -27.89 -21.25 -22.09
C THR D 36 -29.09 -22.13 -22.43
N ASP D 37 -29.06 -23.41 -22.08
CA ASP D 37 -30.09 -24.37 -22.49
C ASP D 37 -30.28 -24.28 -24.00
N TRP D 38 -29.17 -24.46 -24.73
CA TRP D 38 -29.14 -24.18 -26.16
C TRP D 38 -30.25 -24.93 -26.91
N ARG D 39 -30.43 -26.20 -26.58
CA ARG D 39 -31.49 -27.06 -27.13
C ARG D 39 -31.22 -27.39 -28.59
N LEU D 40 -30.24 -26.74 -29.20
CA LEU D 40 -29.71 -27.21 -30.47
C LEU D 40 -28.81 -28.42 -30.26
N ILE D 41 -28.05 -28.41 -29.17
CA ILE D 41 -27.22 -29.55 -28.79
C ILE D 41 -27.95 -30.46 -27.82
N LEU D 42 -28.71 -29.88 -26.89
CA LEU D 42 -29.38 -30.65 -25.84
C LEU D 42 -30.45 -31.58 -26.40
N ASP D 43 -30.96 -31.31 -27.60
CA ASP D 43 -31.90 -32.26 -28.21
C ASP D 43 -31.26 -33.62 -28.44
N TRP D 44 -29.96 -33.65 -28.68
CA TRP D 44 -29.28 -34.93 -28.92
C TRP D 44 -29.03 -35.70 -27.63
N VAL D 45 -28.83 -35.00 -26.51
CA VAL D 45 -28.53 -35.69 -25.25
C VAL D 45 -29.73 -36.53 -24.84
N PRO D 46 -29.57 -37.82 -24.55
CA PRO D 46 -30.74 -38.71 -24.39
C PRO D 46 -31.71 -38.31 -23.30
N TYR D 47 -31.25 -38.24 -22.05
CA TYR D 47 -32.15 -37.95 -20.94
C TYR D 47 -32.53 -36.48 -20.86
N ILE D 48 -31.61 -35.58 -21.24
CA ILE D 48 -31.88 -34.16 -21.12
C ILE D 48 -32.95 -33.71 -22.10
N ASN D 49 -32.96 -34.28 -23.31
CA ASN D 49 -33.93 -33.84 -24.31
C ASN D 49 -35.36 -34.20 -23.93
N GLY D 50 -35.54 -35.05 -22.93
CA GLY D 50 -36.89 -35.28 -22.42
C GLY D 50 -37.54 -34.00 -21.94
N LYS D 51 -36.76 -33.10 -21.36
CA LYS D 51 -37.20 -31.76 -21.02
C LYS D 51 -37.65 -31.05 -22.30
N PHE D 52 -38.52 -30.04 -22.17
CA PHE D 52 -39.11 -29.32 -23.30
C PHE D 52 -39.46 -30.22 -24.49
N SER E 104 37.76 22.47 -4.15
CA SER E 104 37.00 22.64 -5.38
C SER E 104 35.55 23.05 -5.08
N HIS E 105 35.25 23.27 -3.81
CA HIS E 105 33.98 23.86 -3.42
C HIS E 105 34.06 25.37 -3.29
N THR E 106 35.26 25.93 -3.30
CA THR E 106 35.45 27.37 -3.20
C THR E 106 35.46 28.07 -4.55
N ASP E 107 35.75 27.36 -5.64
CA ASP E 107 35.79 27.98 -6.95
C ASP E 107 34.42 28.12 -7.59
N ILE E 108 33.37 27.61 -6.95
CA ILE E 108 32.01 27.75 -7.44
C ILE E 108 31.40 29.00 -6.82
N ARG E 109 30.62 29.72 -7.62
CA ARG E 109 29.89 30.88 -7.15
C ARG E 109 28.47 30.81 -7.69
N VAL E 110 27.52 31.30 -6.91
CA VAL E 110 26.13 31.29 -7.36
C VAL E 110 26.01 32.14 -8.62
N PRO E 111 25.43 31.62 -9.70
CA PRO E 111 25.27 32.44 -10.92
C PRO E 111 24.44 33.68 -10.66
N ASP E 112 24.47 34.63 -11.59
CA ASP E 112 23.81 35.92 -11.39
C ASP E 112 22.32 35.76 -11.64
N PHE E 113 21.53 35.96 -10.59
CA PHE E 113 20.08 35.93 -10.68
C PHE E 113 19.47 37.32 -10.85
N SER E 114 20.31 38.33 -11.08
CA SER E 114 19.81 39.70 -11.20
C SER E 114 18.78 39.84 -12.31
N ASP E 115 18.86 39.01 -13.35
CA ASP E 115 17.89 39.04 -14.42
C ASP E 115 16.51 38.59 -13.98
N TYR E 116 16.39 37.95 -12.82
CA TYR E 116 15.11 37.48 -12.30
C TYR E 116 14.67 38.17 -11.02
N ARG E 117 15.58 38.85 -10.32
CA ARG E 117 15.23 39.44 -9.04
C ARG E 117 14.23 40.57 -9.18
N ARG E 118 13.42 40.74 -8.15
CA ARG E 118 12.51 41.88 -8.10
C ARG E 118 13.31 43.17 -7.98
N ALA E 119 12.71 44.27 -8.43
CA ALA E 119 13.40 45.56 -8.45
C ALA E 119 13.84 46.01 -7.06
N GLU E 120 13.20 45.49 -6.01
CA GLU E 120 13.54 45.90 -4.66
C GLU E 120 14.83 45.26 -4.16
N VAL E 121 15.18 44.08 -4.67
CA VAL E 121 16.33 43.35 -4.14
C VAL E 121 17.44 43.28 -5.18
N LEU E 122 17.48 44.24 -6.10
CA LEU E 122 18.51 44.21 -7.13
C LEU E 122 19.89 44.60 -6.59
N ASP E 123 19.94 45.55 -5.66
CA ASP E 123 21.21 46.01 -5.13
C ASP E 123 21.69 45.09 -4.01
N SER E 124 22.94 44.64 -4.12
CA SER E 124 23.50 43.72 -3.15
C SER E 124 23.99 44.41 -1.87
N THR E 125 24.18 45.73 -1.90
CA THR E 125 24.63 46.47 -0.74
C THR E 125 23.48 47.00 0.11
N LYS E 126 22.25 46.58 -0.19
CA LYS E 126 21.06 47.00 0.55
C LYS E 126 20.41 45.78 1.16
N SER E 127 20.04 45.89 2.43
CA SER E 127 19.43 44.76 3.14
C SER E 127 18.04 44.45 2.58
N SER E 128 17.66 43.17 2.70
CA SER E 128 16.35 42.72 2.24
C SER E 128 15.29 42.70 3.32
N LYS E 129 15.68 42.91 4.59
CA LYS E 129 14.70 42.89 5.67
C LYS E 129 13.64 43.98 5.50
N GLU E 130 14.01 45.10 4.85
CA GLU E 130 13.05 46.18 4.66
C GLU E 130 12.03 45.84 3.59
N SER E 131 12.46 45.19 2.51
CA SER E 131 11.58 44.88 1.39
C SER E 131 10.87 43.54 1.53
N SER E 132 11.21 42.75 2.55
CA SER E 132 10.57 41.46 2.72
C SER E 132 9.08 41.61 2.98
N ASP E 133 8.71 42.57 3.83
CA ASP E 133 7.30 42.81 4.11
C ASP E 133 6.55 43.20 2.85
N ALA E 134 7.13 44.09 2.03
CA ALA E 134 6.46 44.52 0.82
C ALA E 134 6.29 43.37 -0.17
N ARG E 135 7.34 42.55 -0.34
CA ARG E 135 7.26 41.46 -1.31
C ARG E 135 6.26 40.39 -0.87
N LYS E 136 6.32 40.00 0.40
CA LYS E 136 5.35 39.02 0.90
C LYS E 136 3.94 39.58 0.86
N GLY E 137 3.79 40.88 1.14
CA GLY E 137 2.47 41.49 1.05
C GLY E 137 1.92 41.47 -0.35
N PHE E 138 2.77 41.73 -1.36
CA PHE E 138 2.31 41.67 -2.74
C PHE E 138 1.86 40.26 -3.11
N SER E 139 2.70 39.26 -2.81
CA SER E 139 2.35 37.88 -3.18
C SER E 139 1.08 37.43 -2.46
N TYR E 140 1.00 37.70 -1.16
CA TYR E 140 -0.17 37.28 -0.40
C TYR E 140 -1.41 38.10 -0.72
N LEU E 141 -1.25 39.32 -1.23
CA LEU E 141 -2.40 40.06 -1.71
C LEU E 141 -2.95 39.45 -2.98
N ILE E 142 -2.06 39.01 -3.88
CA ILE E 142 -2.52 38.26 -5.05
C ILE E 142 -3.27 37.01 -4.61
N THR E 143 -2.70 36.28 -3.64
CA THR E 143 -3.35 35.07 -3.15
C THR E 143 -4.70 35.37 -2.51
N ALA E 144 -4.78 36.45 -1.73
CA ALA E 144 -6.02 36.79 -1.04
C ALA E 144 -7.11 37.20 -2.02
N THR E 145 -6.76 37.98 -3.04
CA THR E 145 -7.75 38.33 -4.05
C THR E 145 -8.22 37.09 -4.80
N THR E 146 -7.30 36.18 -5.11
CA THR E 146 -7.67 34.91 -5.72
C THR E 146 -8.66 34.16 -4.84
N THR E 147 -8.39 34.10 -3.54
CA THR E 147 -9.26 33.38 -2.62
C THR E 147 -10.62 34.05 -2.52
N VAL E 148 -10.66 35.38 -2.55
CA VAL E 148 -11.95 36.09 -2.49
C VAL E 148 -12.78 35.76 -3.73
N GLY E 149 -12.16 35.80 -4.90
CA GLY E 149 -12.90 35.45 -6.11
C GLY E 149 -13.38 34.01 -6.11
N VAL E 150 -12.53 33.08 -5.65
CA VAL E 150 -12.92 31.69 -5.57
C VAL E 150 -14.06 31.50 -4.57
N ALA E 151 -14.02 32.24 -3.47
CA ALA E 151 -15.10 32.16 -2.49
C ALA E 151 -16.41 32.64 -3.06
N TYR E 152 -16.38 33.74 -3.82
CA TYR E 152 -17.59 34.22 -4.47
C TYR E 152 -18.15 33.16 -5.42
N ALA E 153 -17.29 32.61 -6.29
CA ALA E 153 -17.76 31.62 -7.24
C ALA E 153 -18.30 30.37 -6.55
N ALA E 154 -17.60 29.90 -5.53
CA ALA E 154 -18.02 28.70 -4.83
C ALA E 154 -19.33 28.91 -4.09
N LYS E 155 -19.50 30.07 -3.45
CA LYS E 155 -20.76 30.36 -2.79
C LYS E 155 -21.91 30.38 -3.79
N ASN E 156 -21.70 31.01 -4.94
CA ASN E 156 -22.77 31.05 -5.93
C ASN E 156 -23.12 29.65 -6.44
N ALA E 157 -22.10 28.82 -6.71
CA ALA E 157 -22.36 27.47 -7.19
C ALA E 157 -23.11 26.64 -6.16
N VAL E 158 -22.63 26.65 -4.92
CA VAL E 158 -23.26 25.87 -3.86
C VAL E 158 -24.67 26.38 -3.59
N SER E 159 -24.86 27.70 -3.63
CA SER E 159 -26.19 28.27 -3.41
C SER E 159 -27.16 27.84 -4.49
N GLN E 160 -26.73 27.86 -5.75
CA GLN E 160 -27.60 27.41 -6.83
C GLN E 160 -27.95 25.93 -6.67
N PHE E 161 -26.95 25.09 -6.37
CA PHE E 161 -27.22 23.67 -6.22
C PHE E 161 -28.16 23.39 -5.04
N VAL E 162 -27.98 24.11 -3.93
CA VAL E 162 -28.86 23.92 -2.78
C VAL E 162 -30.27 24.44 -3.08
N SER E 163 -30.36 25.56 -3.78
CA SER E 163 -31.67 26.12 -4.12
C SER E 163 -32.44 25.23 -5.08
N SER E 164 -31.73 24.47 -5.90
CA SER E 164 -32.43 23.50 -6.75
C SER E 164 -33.22 22.50 -5.91
N MET E 165 -32.75 22.19 -4.70
CA MET E 165 -33.44 21.26 -3.82
C MET E 165 -34.59 21.89 -3.03
N SER E 166 -34.71 23.22 -3.06
CA SER E 166 -35.82 23.87 -2.37
C SER E 166 -37.09 23.72 -3.20
N ALA E 167 -38.20 24.22 -2.66
CA ALA E 167 -39.48 24.08 -3.34
C ALA E 167 -39.44 24.73 -4.72
N SER E 168 -39.92 24.00 -5.72
CA SER E 168 -39.87 24.46 -7.10
C SER E 168 -40.94 25.51 -7.34
N ALA E 169 -40.92 26.09 -8.55
CA ALA E 169 -41.90 27.12 -8.90
C ALA E 169 -43.31 26.57 -8.94
N ASP E 170 -43.49 25.39 -9.54
CA ASP E 170 -44.82 24.80 -9.63
C ASP E 170 -45.36 24.45 -8.24
N VAL E 171 -44.50 23.97 -7.35
CA VAL E 171 -44.92 23.68 -5.99
C VAL E 171 -45.34 24.96 -5.27
N LEU E 172 -44.55 26.02 -5.42
CA LEU E 172 -44.88 27.29 -4.78
C LEU E 172 -46.14 27.91 -5.40
N ALA E 173 -46.48 27.52 -6.62
CA ALA E 173 -47.71 28.04 -7.23
C ALA E 173 -48.94 27.62 -6.43
N MET E 174 -48.97 26.37 -5.97
CA MET E 174 -50.10 25.84 -5.21
C MET E 174 -50.00 26.17 -3.72
N SER E 175 -49.22 27.19 -3.35
CA SER E 175 -49.05 27.51 -1.94
C SER E 175 -50.36 27.96 -1.31
N LYS E 176 -51.14 28.77 -2.02
CA LYS E 176 -52.40 29.29 -1.50
C LYS E 176 -53.56 28.73 -2.31
N ILE E 177 -54.59 28.29 -1.61
CA ILE E 177 -55.75 27.67 -2.23
C ILE E 177 -56.94 28.61 -2.13
N GLU E 178 -57.88 28.45 -3.04
CA GLU E 178 -59.09 29.27 -3.11
C GLU E 178 -60.29 28.34 -2.92
N ILE E 179 -60.70 28.18 -1.67
CA ILE E 179 -61.82 27.28 -1.35
C ILE E 179 -63.13 27.97 -1.73
N LYS E 180 -63.94 27.26 -2.50
CA LYS E 180 -65.25 27.73 -2.91
C LYS E 180 -66.28 27.26 -1.88
N LEU E 181 -66.93 28.21 -1.23
CA LEU E 181 -67.89 27.88 -0.17
C LEU E 181 -69.28 27.56 -0.71
N SER E 182 -69.52 27.74 -2.02
CA SER E 182 -70.85 27.51 -2.56
C SER E 182 -71.23 26.04 -2.51
N ASP E 183 -70.26 25.13 -2.65
CA ASP E 183 -70.52 23.70 -2.68
C ASP E 183 -70.13 23.02 -1.37
N ILE E 184 -70.24 23.72 -0.26
CA ILE E 184 -70.04 23.14 1.06
C ILE E 184 -71.32 23.30 1.87
N PRO E 185 -72.22 22.31 1.85
CA PRO E 185 -73.48 22.45 2.60
C PRO E 185 -73.24 22.60 4.09
N GLU E 186 -74.16 23.29 4.75
CA GLU E 186 -74.04 23.52 6.18
C GLU E 186 -74.07 22.20 6.93
N GLY E 187 -73.23 22.10 7.96
CA GLY E 187 -73.11 20.89 8.74
C GLY E 187 -72.19 19.83 8.16
N LYS E 188 -71.54 20.11 7.04
CA LYS E 188 -70.64 19.16 6.39
C LYS E 188 -69.20 19.67 6.48
N ASN E 189 -68.27 18.75 6.65
CA ASN E 189 -66.84 19.05 6.69
C ASN E 189 -66.20 18.60 5.39
N MET E 190 -65.47 19.50 4.75
CA MET E 190 -64.81 19.23 3.48
C MET E 190 -63.31 19.22 3.69
N ALA E 191 -62.65 18.21 3.13
CA ALA E 191 -61.21 18.03 3.27
C ALA E 191 -60.54 18.29 1.93
N PHE E 192 -59.56 19.19 1.92
CA PHE E 192 -58.82 19.56 0.72
C PHE E 192 -57.35 19.24 0.90
N LYS E 193 -56.69 18.85 -0.19
CA LYS E 193 -55.25 18.59 -0.16
C LYS E 193 -54.53 19.92 -0.39
N TRP E 194 -54.40 20.69 0.69
CA TRP E 194 -53.79 22.00 0.63
C TRP E 194 -52.41 21.95 1.29
N ARG E 195 -51.40 22.48 0.59
CA ARG E 195 -50.02 22.39 1.04
C ARG E 195 -49.63 20.95 1.36
N GLY E 196 -50.15 20.03 0.55
CA GLY E 196 -49.88 18.61 0.74
C GLY E 196 -50.39 18.03 2.03
N LYS E 197 -51.33 18.71 2.69
CA LYS E 197 -51.87 18.26 3.96
C LYS E 197 -53.37 18.44 3.95
N PRO E 198 -54.10 17.68 4.76
CA PRO E 198 -55.54 17.89 4.86
C PRO E 198 -55.88 19.28 5.38
N LEU E 199 -56.92 19.86 4.80
CA LEU E 199 -57.45 21.16 5.23
C LEU E 199 -58.95 20.99 5.40
N PHE E 200 -59.44 21.23 6.61
CA PHE E 200 -60.84 21.04 6.95
C PHE E 200 -61.56 22.38 6.89
N VAL E 201 -62.61 22.44 6.07
CA VAL E 201 -63.51 23.59 6.03
C VAL E 201 -64.90 23.07 6.38
N ARG E 202 -65.44 23.55 7.49
CA ARG E 202 -66.74 23.09 7.96
C ARG E 202 -67.71 24.27 8.04
N HIS E 203 -68.89 24.09 7.45
CA HIS E 203 -69.96 25.08 7.50
C HIS E 203 -70.87 24.70 8.67
N ARG E 204 -70.52 25.21 9.85
CA ARG E 204 -71.24 24.84 11.06
C ARG E 204 -72.68 25.33 11.01
N THR E 205 -73.57 24.53 11.60
CA THR E 205 -74.95 24.95 11.81
C THR E 205 -75.03 25.91 12.99
N LYS E 206 -76.17 26.59 13.10
CA LYS E 206 -76.36 27.51 14.21
C LYS E 206 -76.30 26.79 15.55
N LYS E 207 -76.78 25.55 15.60
CA LYS E 207 -76.68 24.75 16.82
C LYS E 207 -75.22 24.51 17.19
N GLU E 208 -74.39 24.18 16.20
CA GLU E 208 -72.96 23.98 16.48
C GLU E 208 -72.29 25.26 16.94
N ILE E 209 -72.65 26.39 16.34
CA ILE E 209 -72.08 27.67 16.76
C ILE E 209 -72.47 27.98 18.20
N ASP E 210 -73.74 27.77 18.55
CA ASP E 210 -74.18 28.00 19.92
C ASP E 210 -73.48 27.07 20.89
N GLN E 211 -73.30 25.80 20.50
CA GLN E 211 -72.58 24.86 21.35
C GLN E 211 -71.15 25.32 21.59
N GLU E 212 -70.46 25.74 20.53
CA GLU E 212 -69.08 26.21 20.68
C GLU E 212 -69.02 27.46 21.56
N ALA E 213 -70.01 28.36 21.42
CA ALA E 213 -70.07 29.52 22.29
C ALA E 213 -70.28 29.11 23.74
N ALA E 214 -71.12 28.10 23.98
CA ALA E 214 -71.39 27.64 25.34
C ALA E 214 -70.21 26.91 25.98
N VAL E 215 -69.19 26.53 25.21
CA VAL E 215 -68.04 25.85 25.77
C VAL E 215 -67.27 26.80 26.67
N GLU E 216 -66.91 26.33 27.86
CA GLU E 216 -66.16 27.13 28.81
C GLU E 216 -64.69 27.15 28.42
N VAL E 217 -64.15 28.36 28.20
CA VAL E 217 -62.77 28.50 27.74
C VAL E 217 -61.78 28.07 28.81
N SER E 218 -62.09 28.35 30.08
CA SER E 218 -61.11 28.10 31.15
C SER E 218 -60.74 26.63 31.25
N GLN E 219 -61.71 25.74 31.12
CA GLN E 219 -61.45 24.32 31.24
C GLN E 219 -60.70 23.75 30.04
N LEU E 220 -60.68 24.47 28.93
CA LEU E 220 -60.02 23.97 27.72
C LEU E 220 -58.51 23.85 27.94
N ARG E 221 -57.94 22.80 27.33
CA ARG E 221 -56.49 22.62 27.41
C ARG E 221 -55.76 23.81 26.79
N ASP E 222 -56.23 24.28 25.64
CA ASP E 222 -55.75 25.52 25.07
C ASP E 222 -56.78 26.61 25.30
N PRO E 223 -56.52 27.61 26.15
CA PRO E 223 -57.54 28.60 26.53
C PRO E 223 -57.79 29.66 25.46
N GLN E 224 -58.48 29.27 24.39
CA GLN E 224 -58.91 30.20 23.36
C GLN E 224 -60.39 29.96 23.04
N HIS E 225 -61.12 31.06 22.84
CA HIS E 225 -62.53 30.99 22.52
C HIS E 225 -62.73 30.83 21.02
N ASP E 226 -63.94 30.37 20.65
CA ASP E 226 -64.25 30.16 19.24
C ASP E 226 -64.12 31.45 18.44
N LEU E 227 -64.49 32.59 19.05
CA LEU E 227 -64.35 33.87 18.36
C LEU E 227 -62.89 34.17 18.05
N GLU E 228 -61.99 33.89 18.99
CA GLU E 228 -60.56 34.02 18.74
C GLU E 228 -60.05 32.94 17.81
N ARG E 229 -60.85 31.92 17.50
CA ARG E 229 -60.43 30.80 16.66
C ARG E 229 -60.79 31.00 15.20
N VAL E 230 -61.96 31.59 14.91
CA VAL E 230 -62.44 31.79 13.55
C VAL E 230 -62.84 33.24 13.38
N LYS E 231 -62.93 33.66 12.12
CA LYS E 231 -63.37 35.00 11.78
C LYS E 231 -64.88 35.04 11.54
N LYS E 232 -65.37 34.24 10.59
CA LYS E 232 -66.80 34.06 10.42
C LYS E 232 -67.26 32.90 11.30
N PRO E 233 -68.22 33.11 12.20
CA PRO E 233 -68.65 32.01 13.08
C PRO E 233 -69.20 30.81 12.32
N GLU E 234 -69.82 31.02 11.16
CA GLU E 234 -70.46 29.93 10.44
C GLU E 234 -69.50 29.07 9.63
N TRP E 235 -68.23 29.50 9.49
CA TRP E 235 -67.22 28.71 8.79
C TRP E 235 -66.03 28.52 9.71
N VAL E 236 -65.55 27.28 9.82
CA VAL E 236 -64.34 26.98 10.57
C VAL E 236 -63.33 26.31 9.65
N ILE E 237 -62.10 26.82 9.64
CA ILE E 237 -61.03 26.33 8.78
C ILE E 237 -59.87 25.90 9.65
N LEU E 238 -59.39 24.68 9.44
CA LEU E 238 -58.32 24.11 10.24
C LEU E 238 -57.40 23.29 9.35
N ILE E 239 -56.20 23.02 9.83
CA ILE E 239 -55.26 22.13 9.17
C ILE E 239 -55.44 20.74 9.80
N GLY E 240 -55.66 19.74 8.96
CA GLY E 240 -55.97 18.41 9.45
C GLY E 240 -54.75 17.62 9.90
N VAL E 241 -54.17 18.03 11.02
CA VAL E 241 -53.03 17.36 11.62
C VAL E 241 -53.33 17.17 13.10
N CYS E 242 -53.43 15.91 13.53
CA CYS E 242 -53.55 15.62 14.97
C CYS E 242 -52.31 16.13 15.70
N THR E 243 -52.50 17.10 16.59
CA THR E 243 -51.40 17.67 17.35
C THR E 243 -50.72 16.65 18.26
N HIS E 244 -51.37 15.53 18.55
CA HIS E 244 -50.78 14.53 19.42
C HIS E 244 -49.50 13.95 18.80
N LEU E 245 -49.61 13.26 17.67
CA LEU E 245 -48.43 12.74 16.99
C LEU E 245 -48.34 13.15 15.53
N GLY E 246 -49.44 13.58 14.90
CA GLY E 246 -49.43 13.92 13.50
C GLY E 246 -50.32 13.06 12.62
N CYS E 247 -51.40 12.54 13.18
CA CYS E 247 -52.39 11.78 12.42
C CYS E 247 -53.41 12.72 11.80
N VAL E 248 -54.41 12.18 11.12
CA VAL E 248 -55.43 12.96 10.45
C VAL E 248 -56.76 12.76 11.19
N PRO E 249 -57.26 13.77 11.90
CA PRO E 249 -58.53 13.62 12.61
C PRO E 249 -59.69 13.31 11.66
N ILE E 250 -60.58 12.43 12.10
CA ILE E 250 -61.77 12.09 11.32
C ILE E 250 -62.90 13.04 11.70
N ALA E 251 -63.48 13.69 10.71
CA ALA E 251 -64.50 14.70 10.97
C ALA E 251 -65.81 14.07 11.40
N ASN E 252 -66.60 14.83 12.14
CA ASN E 252 -67.92 14.41 12.62
C ASN E 252 -67.83 13.08 13.37
N ALA E 253 -66.83 12.97 14.23
CA ALA E 253 -66.64 11.77 15.04
C ALA E 253 -66.22 12.18 16.44
N GLY E 254 -66.41 11.27 17.38
CA GLY E 254 -66.12 11.53 18.78
C GLY E 254 -67.37 11.92 19.55
N ASP E 255 -67.15 12.42 20.76
CA ASP E 255 -68.23 12.81 21.64
C ASP E 255 -68.55 14.30 21.57
N PHE E 256 -67.90 15.05 20.69
CA PHE E 256 -68.17 16.47 20.53
C PHE E 256 -68.66 16.84 19.13
N GLY E 257 -68.85 15.86 18.25
CA GLY E 257 -69.25 16.15 16.89
C GLY E 257 -68.22 16.90 16.08
N GLY E 258 -66.97 16.91 16.53
CA GLY E 258 -65.92 17.62 15.83
C GLY E 258 -65.01 16.69 15.06
N TYR E 259 -63.83 16.42 15.61
CA TYR E 259 -62.83 15.61 14.94
C TYR E 259 -62.24 14.61 15.92
N TYR E 260 -62.34 13.33 15.59
CA TYR E 260 -61.86 12.26 16.45
C TYR E 260 -60.71 11.55 15.75
N CYS E 261 -59.49 11.79 16.22
CA CYS E 261 -58.32 11.08 15.72
C CYS E 261 -58.32 9.68 16.30
N PRO E 262 -58.42 8.65 15.46
CA PRO E 262 -58.51 7.27 15.95
C PRO E 262 -57.16 6.65 16.32
N CYS E 263 -56.05 7.30 15.97
CA CYS E 263 -54.73 6.76 16.28
C CYS E 263 -54.55 6.52 17.78
N HIS E 264 -54.84 7.54 18.59
CA HIS E 264 -54.87 7.38 20.03
C HIS E 264 -56.08 8.07 20.66
N GLY E 265 -57.11 8.33 19.87
CA GLY E 265 -58.37 8.86 20.37
C GLY E 265 -58.34 10.29 20.86
N SER E 266 -58.08 11.23 19.97
CA SER E 266 -58.07 12.65 20.33
C SER E 266 -59.39 13.28 19.89
N HIS E 267 -60.07 13.95 20.83
CA HIS E 267 -61.37 14.54 20.55
C HIS E 267 -61.24 16.06 20.42
N TYR E 268 -61.81 16.59 19.34
CA TYR E 268 -61.87 18.02 19.10
C TYR E 268 -63.33 18.40 18.85
N ASP E 269 -63.71 19.58 19.31
CA ASP E 269 -65.05 20.09 19.05
C ASP E 269 -65.13 20.57 17.61
N ALA E 270 -66.28 21.14 17.23
CA ALA E 270 -66.41 21.71 15.89
C ALA E 270 -65.49 22.91 15.69
N SER E 271 -64.95 23.47 16.77
CA SER E 271 -64.02 24.58 16.70
C SER E 271 -62.57 24.13 16.69
N GLY E 272 -62.31 22.82 16.71
CA GLY E 272 -60.95 22.32 16.70
C GLY E 272 -60.23 22.38 18.03
N ARG E 273 -60.93 22.71 19.11
CA ARG E 273 -60.31 22.79 20.42
C ARG E 273 -60.20 21.40 21.03
N ILE E 274 -58.99 21.05 21.51
CA ILE E 274 -58.80 19.75 22.13
C ILE E 274 -59.55 19.70 23.45
N ARG E 275 -60.32 18.63 23.65
CA ARG E 275 -61.13 18.48 24.84
C ARG E 275 -60.69 17.30 25.70
N LYS E 276 -60.59 16.11 25.10
CA LYS E 276 -60.13 14.92 25.82
C LYS E 276 -59.22 14.11 24.90
N GLY E 277 -58.16 13.55 25.47
CA GLY E 277 -57.23 12.74 24.73
C GLY E 277 -55.80 13.17 24.94
N PRO E 278 -54.87 12.49 24.26
CA PRO E 278 -53.44 12.83 24.42
C PRO E 278 -52.99 14.04 23.60
N ALA E 279 -53.83 14.60 22.76
CA ALA E 279 -53.45 15.74 21.93
C ALA E 279 -53.15 16.96 22.80
N PRO E 280 -51.97 17.57 22.69
CA PRO E 280 -51.66 18.69 23.57
C PRO E 280 -52.31 20.00 23.18
N LEU E 281 -52.44 20.28 21.89
CA LEU E 281 -52.88 21.58 21.41
C LEU E 281 -54.10 21.45 20.52
N ASN E 282 -54.67 22.60 20.19
CA ASN E 282 -55.80 22.66 19.27
C ASN E 282 -55.32 22.56 17.83
N LEU E 283 -56.25 22.23 16.93
CA LEU E 283 -55.92 22.20 15.52
C LEU E 283 -55.60 23.61 15.03
N GLU E 284 -54.43 23.74 14.40
CA GLU E 284 -53.96 25.06 13.98
C GLU E 284 -54.88 25.67 12.93
N VAL E 285 -55.04 26.99 12.99
CA VAL E 285 -55.84 27.73 12.03
C VAL E 285 -54.89 28.43 11.07
N PRO E 286 -54.87 28.06 9.79
CA PRO E 286 -54.04 28.77 8.83
C PRO E 286 -54.54 30.18 8.61
N THR E 287 -53.64 31.04 8.15
CA THR E 287 -54.02 32.42 7.85
C THR E 287 -54.81 32.47 6.55
N TYR E 288 -56.03 32.98 6.62
CA TYR E 288 -56.91 33.05 5.46
C TYR E 288 -57.72 34.34 5.51
N GLU E 289 -58.52 34.55 4.47
CA GLU E 289 -59.41 35.70 4.40
C GLU E 289 -60.56 35.36 3.46
N PHE E 290 -61.66 36.10 3.61
CA PHE E 290 -62.84 35.93 2.77
C PHE E 290 -62.87 37.08 1.77
N THR E 291 -62.30 36.84 0.58
CA THR E 291 -62.37 37.85 -0.48
C THR E 291 -63.82 38.09 -0.91
N SER E 292 -64.60 37.03 -1.01
CA SER E 292 -66.03 37.10 -1.31
C SER E 292 -66.81 36.53 -0.14
N ASP E 293 -68.13 36.49 -0.30
CA ASP E 293 -69.00 35.84 0.68
C ASP E 293 -69.11 34.34 0.47
N ASP E 294 -68.50 33.81 -0.60
CA ASP E 294 -68.49 32.37 -0.84
C ASP E 294 -67.14 31.85 -1.30
N LEU E 295 -66.09 32.68 -1.29
CA LEU E 295 -64.73 32.24 -1.59
C LEU E 295 -63.83 32.63 -0.42
N VAL E 296 -62.93 31.72 -0.05
CA VAL E 296 -61.95 31.98 1.00
C VAL E 296 -60.57 31.60 0.48
N ILE E 297 -59.63 32.54 0.52
CA ILE E 297 -58.26 32.29 0.08
C ILE E 297 -57.45 31.91 1.30
N VAL E 298 -57.07 30.64 1.38
CA VAL E 298 -56.32 30.10 2.51
C VAL E 298 -54.86 30.00 2.12
N GLY E 299 -53.98 30.51 2.97
CA GLY E 299 -52.55 30.47 2.72
C GLY E 299 -51.86 31.76 3.07
N ALA F 36 29.70 31.87 48.47
CA ALA F 36 29.24 32.89 47.55
C ALA F 36 28.18 32.35 46.60
N THR F 37 27.25 33.20 46.20
CA THR F 37 26.22 32.82 45.25
C THR F 37 26.68 33.08 43.82
N TYR F 38 25.82 32.70 42.87
CA TYR F 38 26.14 32.89 41.46
C TYR F 38 26.29 34.37 41.11
N ALA F 39 25.40 35.22 41.63
CA ALA F 39 25.51 36.64 41.37
C ALA F 39 26.79 37.23 41.95
N GLN F 40 27.13 36.84 43.18
CA GLN F 40 28.36 37.32 43.80
C GLN F 40 29.58 36.87 43.01
N ALA F 41 29.57 35.62 42.53
CA ALA F 41 30.67 35.13 41.72
C ALA F 41 30.79 35.91 40.42
N LEU F 42 29.65 36.24 39.81
CA LEU F 42 29.67 37.06 38.60
C LEU F 42 30.27 38.44 38.87
N GLN F 43 29.87 39.07 39.97
CA GLN F 43 30.37 40.41 40.27
C GLN F 43 31.86 40.41 40.62
N SER F 44 32.41 39.28 41.04
CA SER F 44 33.81 39.19 41.41
C SER F 44 34.72 38.87 40.23
N VAL F 45 34.16 38.66 39.04
CA VAL F 45 35.00 38.38 37.87
C VAL F 45 35.87 39.60 37.57
N PRO F 46 37.18 39.45 37.41
CA PRO F 46 38.03 40.61 37.15
C PRO F 46 37.62 41.33 35.87
N GLU F 47 37.65 42.65 35.93
CA GLU F 47 37.21 43.45 34.80
C GLU F 47 38.30 43.54 33.74
N THR F 48 37.88 43.81 32.51
CA THR F 48 38.81 43.95 31.40
C THR F 48 39.21 45.41 31.27
N GLN F 49 40.51 45.67 31.40
CA GLN F 49 41.04 47.02 31.29
C GLN F 49 41.40 47.30 29.84
N VAL F 50 40.92 48.42 29.31
CA VAL F 50 41.12 48.80 27.92
C VAL F 50 41.76 50.18 27.89
N SER F 51 42.82 50.31 27.09
CA SER F 51 43.46 51.58 26.80
C SER F 51 43.64 51.67 25.29
N GLN F 52 44.06 52.83 24.81
CA GLN F 52 44.26 53.03 23.39
C GLN F 52 45.57 53.76 23.15
N LEU F 53 46.36 53.24 22.21
CA LEU F 53 47.58 53.94 21.82
C LEU F 53 47.22 55.22 21.05
N ASP F 54 48.26 56.01 20.77
CA ASP F 54 48.05 57.27 20.07
C ASP F 54 47.75 57.05 18.58
N ASN F 55 48.06 55.87 18.05
CA ASN F 55 47.78 55.55 16.66
C ASN F 55 46.45 54.80 16.49
N GLY F 56 45.70 54.59 17.57
CA GLY F 56 44.41 53.96 17.50
C GLY F 56 44.37 52.52 17.96
N LEU F 57 45.52 51.88 18.17
CA LEU F 57 45.54 50.50 18.63
C LEU F 57 44.90 50.40 20.02
N ARG F 58 44.03 49.42 20.20
CA ARG F 58 43.33 49.20 21.46
C ARG F 58 44.00 48.05 22.20
N VAL F 59 44.51 48.33 23.39
CA VAL F 59 45.22 47.36 24.21
C VAL F 59 44.32 46.98 25.37
N ALA F 60 43.91 45.72 25.42
CA ALA F 60 42.99 45.23 26.44
C ALA F 60 43.59 44.04 27.17
N SER F 61 43.32 43.96 28.47
CA SER F 61 43.88 42.89 29.28
C SER F 61 42.91 42.49 30.38
N GLU F 62 42.97 41.21 30.75
CA GLU F 62 42.25 40.67 31.90
C GLU F 62 43.22 39.88 32.76
N GLN F 63 43.69 40.49 33.84
CA GLN F 63 44.59 39.83 34.76
C GLN F 63 43.84 38.82 35.61
N SER F 64 44.44 37.64 35.80
CA SER F 64 43.82 36.60 36.61
C SER F 64 44.80 35.91 37.54
N SER F 65 46.03 36.41 37.65
CA SER F 65 47.03 35.87 38.58
C SER F 65 47.30 34.39 38.32
N GLN F 66 47.83 34.10 37.13
CA GLN F 66 48.19 32.76 36.73
C GLN F 66 49.62 32.75 36.20
N PRO F 67 50.32 31.62 36.33
CA PRO F 67 51.68 31.55 35.77
C PRO F 67 51.71 31.73 34.27
N THR F 68 50.68 31.26 33.56
CA THR F 68 50.61 31.38 32.12
C THR F 68 49.71 32.55 31.73
N CYS F 69 49.80 32.93 30.45
CA CYS F 69 49.01 34.00 29.91
C CYS F 69 48.96 33.84 28.40
N THR F 70 47.86 34.30 27.82
CA THR F 70 47.73 34.38 26.37
C THR F 70 47.78 35.83 25.96
N VAL F 71 48.50 36.11 24.88
CA VAL F 71 48.58 37.45 24.31
C VAL F 71 48.45 37.33 22.80
N GLY F 72 47.52 38.09 22.22
CA GLY F 72 47.27 37.98 20.79
C GLY F 72 46.86 39.30 20.18
N VAL F 73 46.85 39.30 18.86
CA VAL F 73 46.43 40.44 18.06
C VAL F 73 45.25 39.99 17.21
N TRP F 74 44.13 40.70 17.34
CA TRP F 74 42.92 40.46 16.56
C TRP F 74 42.73 41.63 15.60
N ILE F 75 42.73 41.32 14.31
CA ILE F 75 42.67 42.31 13.24
C ILE F 75 41.29 42.24 12.61
N ASP F 76 40.66 43.40 12.42
CA ASP F 76 39.34 43.47 11.81
C ASP F 76 39.47 43.35 10.29
N ALA F 77 40.13 42.31 9.83
CA ALA F 77 40.32 42.05 8.41
C ALA F 77 39.98 40.60 8.12
N GLY F 78 39.39 40.36 6.96
CA GLY F 78 39.00 39.02 6.61
C GLY F 78 38.51 38.93 5.18
N SER F 79 37.78 37.85 4.90
CA SER F 79 37.29 37.60 3.55
C SER F 79 36.31 38.68 3.10
N ARG F 80 35.46 39.16 4.01
CA ARG F 80 34.42 40.11 3.63
C ARG F 80 34.99 41.48 3.26
N TYR F 81 36.27 41.73 3.52
CA TYR F 81 36.93 42.95 3.10
C TYR F 81 37.70 42.77 1.79
N GLU F 82 37.49 41.65 1.11
CA GLU F 82 38.19 41.33 -0.12
C GLU F 82 37.20 41.23 -1.27
N ASN F 83 37.68 41.54 -2.47
CA ASN F 83 36.90 41.42 -3.69
C ASN F 83 37.34 40.18 -4.46
N GLU F 84 36.71 39.96 -5.62
CA GLU F 84 36.98 38.76 -6.40
C GLU F 84 38.40 38.70 -6.92
N LYS F 85 39.10 39.83 -6.98
CA LYS F 85 40.46 39.82 -7.52
C LYS F 85 41.47 39.25 -6.51
N ASN F 86 41.22 39.45 -5.21
CA ASN F 86 42.13 39.00 -4.16
C ASN F 86 41.35 38.29 -3.06
N ASN F 87 40.46 37.37 -3.45
CA ASN F 87 39.59 36.71 -2.49
C ASN F 87 40.36 35.80 -1.54
N GLY F 88 41.59 35.42 -1.87
CA GLY F 88 42.40 34.60 -1.00
C GLY F 88 43.54 35.31 -0.30
N ALA F 89 43.57 36.65 -0.31
CA ALA F 89 44.72 37.38 0.21
C ALA F 89 44.89 37.15 1.71
N GLY F 90 43.80 37.22 2.46
CA GLY F 90 43.90 37.12 3.91
C GLY F 90 44.40 35.76 4.36
N TYR F 91 43.82 34.69 3.79
CA TYR F 91 44.25 33.34 4.14
C TYR F 91 45.70 33.10 3.71
N PHE F 92 46.08 33.62 2.55
CA PHE F 92 47.46 33.48 2.09
C PHE F 92 48.42 34.18 3.04
N VAL F 93 48.08 35.39 3.48
CA VAL F 93 48.94 36.12 4.42
C VAL F 93 49.04 35.38 5.74
N GLU F 94 47.91 34.89 6.24
CA GLU F 94 47.93 34.11 7.48
C GLU F 94 48.81 32.88 7.34
N HIS F 95 48.81 32.26 6.16
CA HIS F 95 49.59 31.04 5.95
C HIS F 95 51.08 31.31 6.11
N LEU F 96 51.57 32.41 5.54
CA LEU F 96 52.98 32.74 5.60
C LEU F 96 53.28 33.85 6.61
N ALA F 97 52.47 33.97 7.66
CA ALA F 97 52.75 34.95 8.70
C ALA F 97 53.93 34.53 9.54
N PHE F 98 54.01 33.24 9.89
CA PHE F 98 55.04 32.74 10.78
C PHE F 98 56.28 32.22 10.06
N LYS F 99 56.26 32.18 8.72
CA LYS F 99 57.35 31.56 7.98
C LYS F 99 58.62 32.39 8.00
N GLY F 100 58.58 33.62 8.44
CA GLY F 100 59.76 34.47 8.52
C GLY F 100 59.40 35.94 8.47
N THR F 101 60.25 36.75 9.10
CA THR F 101 60.06 38.19 9.18
C THR F 101 61.34 38.89 8.75
N LYS F 102 61.28 40.21 8.65
CA LYS F 102 62.44 41.00 8.29
C LYS F 102 63.52 40.96 9.37
N ASN F 103 63.15 40.68 10.62
CA ASN F 103 64.10 40.62 11.72
C ASN F 103 64.47 39.20 12.13
N ARG F 104 63.60 38.22 11.86
CA ARG F 104 63.85 36.81 12.20
C ARG F 104 63.61 35.99 10.93
N PRO F 105 64.56 36.00 10.00
CA PRO F 105 64.34 35.33 8.71
C PRO F 105 64.14 33.83 8.87
N GLY F 106 63.31 33.28 7.99
CA GLY F 106 63.12 31.83 7.94
C GLY F 106 62.54 31.27 9.21
N SER F 107 63.09 30.12 9.63
CA SER F 107 62.55 29.37 10.75
C SER F 107 62.93 29.94 12.10
N ALA F 108 63.84 30.92 12.15
CA ALA F 108 64.35 31.42 13.43
C ALA F 108 63.22 31.79 14.38
N LEU F 109 62.26 32.59 13.89
CA LEU F 109 61.10 32.95 14.70
C LEU F 109 60.52 31.74 15.40
N GLU F 110 60.18 30.70 14.63
CA GLU F 110 59.59 29.50 15.21
C GLU F 110 60.44 28.98 16.34
N LYS F 111 61.75 28.83 16.09
CA LYS F 111 62.64 28.28 17.10
C LYS F 111 62.55 29.10 18.38
N GLU F 112 62.56 30.43 18.25
CA GLU F 112 62.47 31.27 19.42
C GLU F 112 61.23 30.94 20.23
N VAL F 113 60.07 30.88 19.57
CA VAL F 113 58.84 30.52 20.26
C VAL F 113 58.99 29.16 20.91
N GLU F 114 59.48 28.20 20.13
CA GLU F 114 59.63 26.84 20.65
C GLU F 114 60.63 26.79 21.79
N SER F 115 61.63 27.69 21.76
CA SER F 115 62.58 27.73 22.87
C SER F 115 61.89 28.11 24.17
N MET F 116 60.88 28.98 24.10
CA MET F 116 60.21 29.42 25.32
C MET F 116 59.15 28.44 25.81
N GLY F 117 58.82 27.42 25.02
CA GLY F 117 57.69 26.58 25.34
C GLY F 117 56.36 27.19 24.99
N ALA F 118 56.36 28.36 24.35
CA ALA F 118 55.14 29.04 23.97
C ALA F 118 54.52 28.37 22.75
N HIS F 119 53.20 28.47 22.64
CA HIS F 119 52.47 27.95 21.51
C HIS F 119 51.93 29.10 20.69
N LEU F 120 52.28 29.14 19.41
CA LEU F 120 51.88 30.21 18.50
C LEU F 120 50.81 29.67 17.57
N ASN F 121 49.66 30.34 17.53
CA ASN F 121 48.54 29.88 16.73
C ASN F 121 47.91 31.08 16.02
N ALA F 122 47.17 30.79 14.96
CA ALA F 122 46.53 31.84 14.18
C ALA F 122 45.29 31.27 13.51
N TYR F 123 44.38 32.17 13.17
CA TYR F 123 43.21 31.80 12.38
C TYR F 123 42.69 33.04 11.68
N SER F 124 41.81 32.82 10.71
CA SER F 124 41.17 33.93 10.00
C SER F 124 39.80 33.47 9.54
N THR F 125 38.76 34.13 10.04
CA THR F 125 37.40 33.84 9.64
C THR F 125 37.00 34.78 8.50
N ARG F 126 35.71 34.78 8.17
CA ARG F 126 35.20 35.67 7.13
C ARG F 126 35.23 37.13 7.54
N GLU F 127 35.48 37.42 8.81
CA GLU F 127 35.42 38.79 9.32
C GLU F 127 36.60 39.20 10.18
N HIS F 128 37.33 38.26 10.77
CA HIS F 128 38.41 38.58 11.68
C HIS F 128 39.64 37.75 11.37
N THR F 129 40.80 38.26 11.76
CA THR F 129 42.04 37.50 11.76
C THR F 129 42.64 37.58 13.15
N ALA F 130 43.40 36.56 13.53
CA ALA F 130 43.96 36.54 14.87
C ALA F 130 45.27 35.77 14.89
N TYR F 131 46.26 36.35 15.55
CA TYR F 131 47.54 35.69 15.83
C TYR F 131 47.81 35.78 17.31
N TYR F 132 47.83 34.65 18.01
CA TYR F 132 48.01 34.68 19.45
C TYR F 132 49.09 33.68 19.88
N ILE F 133 49.61 33.92 21.09
CA ILE F 133 50.66 33.12 21.70
C ILE F 133 50.24 32.79 23.12
N LYS F 134 50.34 31.52 23.49
CA LYS F 134 50.19 31.08 24.86
C LYS F 134 51.59 30.89 25.43
N ALA F 135 51.90 31.60 26.51
CA ALA F 135 53.25 31.56 27.05
C ALA F 135 53.21 31.87 28.53
N LEU F 136 54.27 31.49 29.23
CA LEU F 136 54.42 31.87 30.63
C LEU F 136 54.41 33.39 30.75
N SER F 137 53.77 33.89 31.81
CA SER F 137 53.65 35.33 32.00
C SER F 137 55.01 36.01 32.01
N LYS F 138 56.04 35.32 32.53
CA LYS F 138 57.39 35.87 32.50
C LYS F 138 57.86 36.11 31.07
N ASP F 139 57.31 35.38 30.11
CA ASP F 139 57.63 35.57 28.70
C ASP F 139 56.68 36.52 27.99
N LEU F 140 55.93 37.32 28.75
CA LEU F 140 55.02 38.28 28.12
C LEU F 140 55.73 39.26 27.20
N PRO F 141 56.86 39.91 27.58
CA PRO F 141 57.46 40.90 26.68
C PRO F 141 57.84 40.32 25.32
N LYS F 142 58.71 39.30 25.33
CA LYS F 142 59.17 38.71 24.08
C LYS F 142 58.01 38.34 23.18
N ALA F 143 57.02 37.63 23.73
CA ALA F 143 55.86 37.25 22.95
C ALA F 143 55.23 38.45 22.26
N VAL F 144 54.98 39.52 23.02
CA VAL F 144 54.40 40.72 22.43
C VAL F 144 55.29 41.20 21.29
N GLU F 145 56.60 41.28 21.54
CA GLU F 145 57.53 41.68 20.49
C GLU F 145 57.34 40.81 19.26
N LEU F 146 57.32 39.50 19.44
CA LEU F 146 57.14 38.59 18.32
C LEU F 146 55.87 38.94 17.56
N LEU F 147 54.77 39.14 18.29
CA LEU F 147 53.50 39.47 17.65
C LEU F 147 53.65 40.71 16.78
N ALA F 148 54.29 41.75 17.32
CA ALA F 148 54.52 42.95 16.54
C ALA F 148 55.27 42.62 15.26
N ASP F 149 56.37 41.85 15.39
CA ASP F 149 57.14 41.47 14.23
C ASP F 149 56.29 40.68 13.24
N ILE F 150 55.37 39.87 13.74
CA ILE F 150 54.51 39.10 12.85
C ILE F 150 53.54 40.03 12.13
N VAL F 151 53.06 41.06 12.82
CA VAL F 151 52.00 41.90 12.26
C VAL F 151 52.57 42.94 11.31
N GLN F 152 53.64 43.63 11.72
CA GLN F 152 54.17 44.75 10.95
C GLN F 152 55.25 44.33 9.97
N ASN F 153 56.35 43.79 10.48
CA ASN F 153 57.54 43.51 9.66
C ASN F 153 57.51 42.10 9.08
N CYS F 154 56.44 41.76 8.37
CA CYS F 154 56.33 40.44 7.76
C CYS F 154 57.07 40.45 6.42
N SER F 155 57.96 39.48 6.24
CA SER F 155 58.74 39.35 5.01
C SER F 155 58.15 38.24 4.16
N LEU F 156 57.71 38.59 2.95
CA LEU F 156 57.08 37.63 2.05
C LEU F 156 58.08 37.22 0.97
N GLU F 157 58.89 36.23 1.30
CA GLU F 157 59.85 35.71 0.33
C GLU F 157 59.12 35.02 -0.82
N ASP F 158 59.61 35.23 -2.03
CA ASP F 158 58.94 34.69 -3.21
C ASP F 158 58.94 33.17 -3.19
N SER F 159 60.06 32.55 -2.81
CA SER F 159 60.10 31.10 -2.69
C SER F 159 59.14 30.62 -1.62
N GLN F 160 59.09 31.33 -0.49
CA GLN F 160 58.14 31.01 0.56
C GLN F 160 56.70 31.18 0.06
N ILE F 161 56.47 32.21 -0.76
CA ILE F 161 55.13 32.43 -1.31
C ILE F 161 54.72 31.27 -2.21
N GLU F 162 55.64 30.78 -3.05
CA GLU F 162 55.31 29.66 -3.91
C GLU F 162 55.07 28.38 -3.11
N LYS F 163 55.90 28.15 -2.09
CA LYS F 163 55.69 27.00 -1.22
C LYS F 163 54.31 27.05 -0.58
N GLU F 164 53.95 28.22 -0.04
CA GLU F 164 52.65 28.36 0.60
C GLU F 164 51.52 28.26 -0.41
N ARG F 165 51.75 28.69 -1.66
CA ARG F 165 50.73 28.54 -2.69
C ARG F 165 50.42 27.07 -2.94
N ASP F 166 51.48 26.26 -3.08
CA ASP F 166 51.27 24.82 -3.25
C ASP F 166 50.58 24.22 -2.03
N VAL F 167 51.00 24.65 -0.83
CA VAL F 167 50.39 24.15 0.39
C VAL F 167 48.90 24.49 0.42
N ILE F 168 48.55 25.71 0.05
CA ILE F 168 47.16 26.15 0.10
C ILE F 168 46.31 25.41 -0.93
N LEU F 169 46.86 25.15 -2.11
CA LEU F 169 46.11 24.35 -3.09
C LEU F 169 45.82 22.96 -2.55
N GLN F 170 46.82 22.31 -1.96
CA GLN F 170 46.56 21.02 -1.35
C GLN F 170 45.59 21.14 -0.18
N GLU F 171 45.64 22.25 0.55
CA GLU F 171 44.70 22.48 1.65
C GLU F 171 43.28 22.57 1.13
N LEU F 172 43.07 23.20 -0.01
CA LEU F 172 41.74 23.24 -0.62
C LEU F 172 41.28 21.84 -0.99
N GLN F 173 42.17 21.07 -1.62
CA GLN F 173 41.79 19.71 -2.02
C GLN F 173 41.47 18.85 -0.79
N GLU F 174 42.09 19.14 0.36
CA GLU F 174 41.72 18.46 1.60
C GLU F 174 40.45 19.03 2.21
N ASN F 175 40.23 20.33 2.10
CA ASN F 175 39.02 20.96 2.64
C ASN F 175 37.78 20.38 2.00
N ASP F 176 37.88 20.01 0.72
CA ASP F 176 36.75 19.36 0.07
C ASP F 176 36.26 18.15 0.86
N SER F 177 37.19 17.39 1.46
CA SER F 177 36.81 16.19 2.21
C SER F 177 35.94 16.51 3.43
N SER F 178 36.08 17.70 4.00
CA SER F 178 35.34 18.06 5.21
C SER F 178 33.95 18.53 4.82
N MET F 179 32.95 17.71 5.13
CA MET F 179 31.60 17.96 4.61
C MET F 179 30.94 19.15 5.29
N ARG F 180 31.13 19.31 6.60
CA ARG F 180 30.50 20.41 7.31
C ARG F 180 31.00 21.75 6.80
N ASP F 181 32.31 21.87 6.60
CA ASP F 181 32.86 23.11 6.07
C ASP F 181 32.33 23.41 4.68
N VAL F 182 32.23 22.37 3.84
CA VAL F 182 31.70 22.56 2.49
C VAL F 182 30.26 23.04 2.55
N VAL F 183 29.44 22.42 3.39
CA VAL F 183 28.03 22.79 3.43
C VAL F 183 27.85 24.19 4.00
N PHE F 184 28.68 24.59 4.97
CA PHE F 184 28.57 25.95 5.49
C PHE F 184 29.06 26.98 4.49
N ASP F 185 30.10 26.64 3.71
CA ASP F 185 30.54 27.54 2.64
C ASP F 185 29.47 27.68 1.58
N TYR F 186 28.77 26.59 1.25
CA TYR F 186 27.65 26.67 0.32
C TYR F 186 26.55 27.55 0.88
N LEU F 187 26.25 27.40 2.17
CA LEU F 187 25.24 28.23 2.81
C LEU F 187 25.60 29.70 2.71
N HIS F 188 26.86 30.03 2.99
CA HIS F 188 27.30 31.43 2.89
C HIS F 188 27.22 31.92 1.45
N ALA F 189 27.60 31.07 0.50
CA ALA F 189 27.60 31.49 -0.90
C ALA F 189 26.18 31.78 -1.39
N THR F 190 25.22 30.91 -1.04
CA THR F 190 23.86 31.12 -1.52
C THR F 190 23.15 32.23 -0.73
N ALA F 191 23.37 32.31 0.58
CA ALA F 191 22.66 33.27 1.40
C ALA F 191 23.08 34.70 1.07
N PHE F 192 24.38 34.92 0.89
CA PHE F 192 24.93 36.25 0.68
C PHE F 192 25.47 36.40 -0.75
N GLN F 193 24.78 35.80 -1.72
CA GLN F 193 25.23 35.85 -3.09
C GLN F 193 25.28 37.28 -3.61
N GLY F 194 26.31 37.59 -4.38
CA GLY F 194 26.50 38.94 -4.89
C GLY F 194 27.13 39.89 -3.91
N THR F 195 27.53 39.42 -2.73
CA THR F 195 28.10 40.23 -1.68
C THR F 195 29.42 39.61 -1.24
N PRO F 196 30.29 40.38 -0.59
CA PRO F 196 31.56 39.82 -0.13
C PRO F 196 31.42 38.65 0.81
N LEU F 197 30.35 38.59 1.62
CA LEU F 197 30.18 37.48 2.56
C LEU F 197 30.03 36.14 1.85
N ALA F 198 29.61 36.13 0.58
CA ALA F 198 29.51 34.87 -0.13
C ALA F 198 30.87 34.24 -0.36
N GLN F 199 31.92 35.06 -0.42
CA GLN F 199 33.26 34.55 -0.71
C GLN F 199 33.78 33.71 0.45
N SER F 200 34.40 32.59 0.12
CA SER F 200 35.03 31.75 1.12
C SER F 200 36.29 32.41 1.65
N VAL F 201 36.70 31.98 2.84
CA VAL F 201 37.90 32.53 3.47
C VAL F 201 39.13 32.21 2.61
N GLU F 202 39.24 30.97 2.14
CA GLU F 202 40.41 30.56 1.39
C GLU F 202 40.43 31.17 -0.01
N GLY F 203 39.27 31.32 -0.63
CA GLY F 203 39.19 31.87 -1.95
C GLY F 203 39.33 30.81 -3.04
N PRO F 204 39.01 31.18 -4.28
CA PRO F 204 39.10 30.21 -5.38
C PRO F 204 40.54 29.80 -5.63
N SER F 205 40.70 28.58 -6.15
CA SER F 205 42.03 28.07 -6.47
C SER F 205 42.71 28.93 -7.54
N GLU F 206 41.94 29.41 -8.51
CA GLU F 206 42.49 30.33 -9.50
C GLU F 206 43.02 31.60 -8.84
N ASN F 207 42.27 32.13 -7.88
CA ASN F 207 42.72 33.31 -7.16
C ASN F 207 43.99 33.01 -6.37
N VAL F 208 44.09 31.81 -5.78
CA VAL F 208 45.30 31.43 -5.06
C VAL F 208 46.50 31.38 -6.00
N ARG F 209 46.30 30.81 -7.19
CA ARG F 209 47.40 30.73 -8.16
C ARG F 209 47.80 32.12 -8.65
N LYS F 210 46.83 33.02 -8.85
CA LYS F 210 47.14 34.33 -9.39
C LYS F 210 47.82 35.23 -8.35
N LEU F 211 47.50 35.06 -7.07
CA LEU F 211 47.99 35.96 -6.04
C LEU F 211 49.51 36.06 -6.06
N SER F 212 50.01 37.29 -6.10
CA SER F 212 51.44 37.58 -6.13
C SER F 212 51.83 38.34 -4.88
N ARG F 213 53.14 38.55 -4.73
CA ARG F 213 53.64 39.28 -3.57
C ARG F 213 53.07 40.69 -3.49
N ALA F 214 52.85 41.33 -4.64
CA ALA F 214 52.29 42.68 -4.63
C ALA F 214 50.89 42.70 -4.04
N ASP F 215 50.06 41.73 -4.41
CA ASP F 215 48.70 41.67 -3.89
C ASP F 215 48.70 41.47 -2.38
N LEU F 216 49.54 40.55 -1.89
CA LEU F 216 49.60 40.29 -0.45
C LEU F 216 50.11 41.51 0.31
N THR F 217 51.14 42.17 -0.23
CA THR F 217 51.67 43.36 0.42
C THR F 217 50.62 44.47 0.47
N GLU F 218 49.89 44.66 -0.63
CA GLU F 218 48.84 45.68 -0.64
C GLU F 218 47.75 45.33 0.36
N TYR F 219 47.35 44.06 0.44
CA TYR F 219 46.33 43.66 1.40
C TYR F 219 46.79 43.92 2.83
N VAL F 220 48.04 43.57 3.15
CA VAL F 220 48.55 43.80 4.49
C VAL F 220 48.61 45.29 4.80
N SER F 221 49.07 46.09 3.85
CA SER F 221 49.17 47.53 4.08
C SER F 221 47.80 48.17 4.27
N GLN F 222 46.80 47.70 3.52
CA GLN F 222 45.47 48.28 3.65
C GLN F 222 44.77 47.83 4.93
N HIS F 223 44.91 46.56 5.29
CA HIS F 223 44.11 45.98 6.35
C HIS F 223 44.81 45.89 7.70
N TYR F 224 46.11 45.63 7.73
CA TYR F 224 46.84 45.54 8.99
C TYR F 224 47.25 46.94 9.43
N LYS F 225 46.23 47.71 9.86
CA LYS F 225 46.42 49.09 10.31
C LYS F 225 46.03 49.19 11.78
N ALA F 226 46.72 50.06 12.50
CA ALA F 226 46.54 50.18 13.95
C ALA F 226 45.10 50.40 14.39
N PRO F 227 44.32 51.32 13.81
CA PRO F 227 42.94 51.50 14.29
C PRO F 227 42.06 50.28 14.10
N ARG F 228 42.44 49.34 13.25
CA ARG F 228 41.63 48.15 12.98
C ARG F 228 42.21 46.90 13.65
N MET F 229 43.06 47.06 14.65
CA MET F 229 43.66 45.95 15.36
C MET F 229 43.52 46.14 16.86
N VAL F 230 43.44 45.02 17.58
CA VAL F 230 43.33 45.01 19.03
C VAL F 230 44.39 44.06 19.59
N LEU F 231 45.18 44.55 20.53
CA LEU F 231 46.14 43.73 21.26
C LEU F 231 45.51 43.31 22.58
N ALA F 232 45.12 42.04 22.67
CA ALA F 232 44.43 41.52 23.84
C ALA F 232 45.34 40.56 24.60
N ALA F 233 45.15 40.50 25.92
CA ALA F 233 45.90 39.57 26.74
C ALA F 233 45.08 39.19 27.95
N ALA F 234 45.24 37.95 28.40
CA ALA F 234 44.59 37.49 29.61
C ALA F 234 45.50 36.54 30.36
N GLY F 235 45.30 36.48 31.68
CA GLY F 235 46.08 35.60 32.51
C GLY F 235 46.95 36.33 33.51
N GLY F 236 48.25 36.04 33.48
CA GLY F 236 49.19 36.68 34.38
C GLY F 236 49.63 38.07 33.96
N VAL F 237 49.12 38.57 32.84
CA VAL F 237 49.53 39.87 32.33
C VAL F 237 49.07 40.98 33.27
N GLU F 238 49.85 42.05 33.34
CA GLU F 238 49.48 43.28 34.02
C GLU F 238 49.22 44.35 32.97
N HIS F 239 48.13 45.11 33.14
CA HIS F 239 47.70 46.00 32.08
C HIS F 239 48.75 47.06 31.77
N ARG F 240 49.39 47.62 32.79
CA ARG F 240 50.41 48.63 32.56
C ARG F 240 51.60 48.05 31.79
N GLN F 241 52.02 46.84 32.14
CA GLN F 241 53.13 46.21 31.44
C GLN F 241 52.79 45.98 29.98
N LEU F 242 51.59 45.43 29.72
CA LEU F 242 51.17 45.20 28.34
C LEU F 242 51.06 46.50 27.57
N LEU F 243 50.54 47.55 28.21
CA LEU F 243 50.38 48.83 27.54
C LEU F 243 51.73 49.45 27.18
N ASP F 244 52.69 49.40 28.10
CA ASP F 244 54.00 49.97 27.77
C ASP F 244 54.72 49.13 26.72
N LEU F 245 54.54 47.80 26.75
CA LEU F 245 55.11 46.97 25.71
C LEU F 245 54.50 47.30 24.34
N ALA F 246 53.18 47.51 24.30
CA ALA F 246 52.53 47.90 23.05
C ALA F 246 53.04 49.24 22.57
N GLN F 247 53.19 50.21 23.48
CA GLN F 247 53.74 51.50 23.10
C GLN F 247 55.17 51.38 22.61
N LYS F 248 55.92 50.41 23.14
CA LYS F 248 57.29 50.20 22.67
C LYS F 248 57.32 49.62 21.26
N HIS F 249 56.51 48.59 21.01
CA HIS F 249 56.57 47.87 19.75
C HIS F 249 55.56 48.30 18.72
N PHE F 250 54.32 48.58 19.13
CA PHE F 250 53.26 48.90 18.18
C PHE F 250 53.11 50.39 17.91
N SER F 251 53.94 51.24 18.52
CA SER F 251 53.88 52.67 18.20
C SER F 251 54.30 52.93 16.77
N SER F 252 55.31 52.21 16.28
CA SER F 252 55.79 52.36 14.90
C SER F 252 54.83 51.67 13.93
N LEU F 253 53.60 52.14 13.94
CA LEU F 253 52.52 51.55 13.16
C LEU F 253 51.74 52.65 12.47
N SER F 254 51.11 52.30 11.34
CA SER F 254 50.35 53.27 10.57
C SER F 254 49.20 53.84 11.39
N GLY F 255 49.02 55.15 11.33
CA GLY F 255 47.99 55.83 12.07
C GLY F 255 46.57 55.53 11.60
N THR F 266 29.44 48.26 3.59
CA THR F 266 28.56 47.59 2.63
C THR F 266 27.66 46.57 3.30
N PRO F 267 26.49 47.04 3.76
CA PRO F 267 25.51 46.10 4.35
C PRO F 267 25.14 44.99 3.37
N CYS F 268 25.42 43.74 3.74
CA CYS F 268 25.22 42.64 2.83
C CYS F 268 23.74 42.27 2.75
N ARG F 269 23.35 41.75 1.59
CA ARG F 269 21.97 41.40 1.31
C ARG F 269 21.77 39.90 1.48
N PHE F 270 20.86 39.53 2.37
CA PHE F 270 20.51 38.12 2.56
C PHE F 270 19.47 37.72 1.52
N THR F 271 19.71 36.59 0.86
CA THR F 271 18.83 36.11 -0.19
C THR F 271 18.37 34.69 0.13
N GLY F 272 17.06 34.49 0.15
CA GLY F 272 16.52 33.16 0.30
C GLY F 272 16.72 32.35 -0.96
N SER F 273 17.60 31.34 -0.90
CA SER F 273 17.92 30.53 -2.06
C SER F 273 18.38 29.16 -1.58
N GLU F 274 18.84 28.34 -2.52
CA GLU F 274 19.33 27.01 -2.16
C GLU F 274 20.44 26.60 -3.12
N ILE F 275 21.42 25.86 -2.57
CA ILE F 275 22.44 25.19 -3.35
C ILE F 275 22.36 23.70 -3.01
N ARG F 276 22.08 22.88 -4.01
CA ARG F 276 22.00 21.43 -3.84
C ARG F 276 23.12 20.78 -4.64
N HIS F 277 24.11 20.23 -3.94
CA HIS F 277 25.18 19.48 -4.58
C HIS F 277 24.86 17.99 -4.45
N ARG F 278 24.03 17.52 -5.39
CA ARG F 278 23.61 16.12 -5.40
C ARG F 278 24.82 15.21 -5.67
N ASP F 279 25.12 14.34 -4.72
CA ASP F 279 26.22 13.38 -4.88
C ASP F 279 25.82 12.12 -4.11
N ASP F 280 25.25 11.15 -4.83
CA ASP F 280 24.74 9.95 -4.18
C ASP F 280 25.85 9.03 -3.66
N ALA F 281 27.09 9.24 -4.08
CA ALA F 281 28.17 8.40 -3.61
C ALA F 281 28.53 8.66 -2.16
N LEU F 282 28.20 9.84 -1.63
CA LEU F 282 28.52 10.15 -0.25
C LEU F 282 27.64 9.33 0.69
N PRO F 283 28.18 8.92 1.85
CA PRO F 283 27.41 8.04 2.74
C PRO F 283 26.23 8.75 3.38
N LEU F 284 26.40 9.99 3.80
CA LEU F 284 25.37 10.73 4.51
C LEU F 284 25.14 12.07 3.84
N ALA F 285 23.96 12.62 4.06
CA ALA F 285 23.57 13.91 3.50
C ALA F 285 23.70 15.00 4.55
N HIS F 286 24.41 16.07 4.20
CA HIS F 286 24.53 17.24 5.05
C HIS F 286 23.57 18.31 4.58
N VAL F 287 22.84 18.90 5.52
CA VAL F 287 21.92 19.99 5.22
C VAL F 287 22.17 21.11 6.21
N ALA F 288 22.17 22.35 5.71
CA ALA F 288 22.30 23.53 6.56
C ALA F 288 21.27 24.56 6.10
N ILE F 289 20.31 24.85 6.96
CA ILE F 289 19.24 25.78 6.63
C ILE F 289 19.28 26.93 7.62
N ALA F 290 19.26 28.16 7.10
CA ALA F 290 19.39 29.34 7.94
C ALA F 290 18.41 30.40 7.47
N VAL F 291 18.24 31.42 8.30
CA VAL F 291 17.48 32.61 7.96
C VAL F 291 18.34 33.82 8.33
N GLU F 292 17.97 34.97 7.79
CA GLU F 292 18.68 36.20 8.10
C GLU F 292 18.62 36.48 9.60
N GLY F 293 19.78 36.65 10.21
CA GLY F 293 19.86 36.92 11.62
C GLY F 293 20.21 38.36 11.89
N PRO F 294 20.42 38.69 13.16
CA PRO F 294 20.80 40.05 13.53
C PRO F 294 22.31 40.23 13.52
N GLY F 295 22.73 41.47 13.70
CA GLY F 295 24.13 41.79 13.80
C GLY F 295 24.68 41.52 15.20
N TRP F 296 25.96 41.84 15.37
CA TRP F 296 26.59 41.69 16.68
C TRP F 296 25.93 42.61 17.71
N ALA F 297 25.67 43.86 17.32
CA ALA F 297 25.18 44.86 18.26
C ALA F 297 23.69 44.72 18.56
N ASN F 298 22.97 43.89 17.81
CA ASN F 298 21.53 43.76 18.04
C ASN F 298 21.28 43.05 19.36
N PRO F 299 20.44 43.61 20.25
CA PRO F 299 20.11 42.88 21.49
C PRO F 299 19.44 41.55 21.25
N ASP F 300 18.66 41.41 20.16
CA ASP F 300 17.93 40.19 19.88
C ASP F 300 18.83 38.96 19.79
N ASN F 301 20.15 39.13 19.78
CA ASN F 301 21.03 37.98 19.82
C ASN F 301 20.85 37.18 21.11
N VAL F 302 20.57 37.84 22.21
CA VAL F 302 20.45 37.16 23.50
C VAL F 302 19.25 36.23 23.50
N PRO F 303 18.00 36.68 23.26
CA PRO F 303 16.89 35.73 23.25
C PRO F 303 17.03 34.65 22.18
N LEU F 304 17.54 35.01 21.00
CA LEU F 304 17.64 34.04 19.91
C LEU F 304 18.52 32.86 20.30
N GLN F 305 19.68 33.15 20.90
CA GLN F 305 20.51 32.06 21.42
C GLN F 305 19.71 31.20 22.38
N VAL F 306 18.94 31.83 23.28
CA VAL F 306 18.07 31.07 24.17
C VAL F 306 17.16 30.17 23.35
N ALA F 307 16.55 30.72 22.30
CA ALA F 307 15.71 29.93 21.43
C ALA F 307 16.47 28.73 20.88
N ASN F 308 17.69 28.96 20.39
CA ASN F 308 18.49 27.85 19.91
C ASN F 308 18.79 26.87 21.03
N ALA F 309 19.07 27.38 22.23
CA ALA F 309 19.28 26.50 23.37
C ALA F 309 18.06 25.63 23.62
N ILE F 310 16.86 26.12 23.31
CA ILE F 310 15.66 25.31 23.45
C ILE F 310 15.65 24.21 22.40
N ILE F 311 16.02 24.54 21.15
CA ILE F 311 16.10 23.52 20.12
C ILE F 311 17.20 22.53 20.43
N GLY F 312 18.35 23.02 20.90
CA GLY F 312 19.41 22.16 21.36
C GLY F 312 20.20 21.53 20.24
N HIS F 313 21.05 20.58 20.63
CA HIS F 313 21.88 19.84 19.70
C HIS F 313 21.82 18.36 20.06
N TYR F 314 22.10 17.51 19.08
CA TYR F 314 22.10 16.08 19.27
C TYR F 314 23.20 15.45 18.43
N ASP F 315 23.72 14.32 18.91
CA ASP F 315 24.67 13.52 18.15
C ASP F 315 24.43 12.06 18.51
N SER F 316 24.74 11.17 17.57
CA SER F 316 24.50 9.74 17.80
C SER F 316 25.27 9.21 19.00
N THR F 317 26.32 9.89 19.43
CA THR F 317 27.10 9.47 20.58
C THR F 317 26.60 10.08 21.88
N TYR F 318 25.57 10.90 21.85
CA TYR F 318 25.00 11.43 23.08
C TYR F 318 24.37 10.32 23.91
N GLY F 319 24.62 10.35 25.21
CA GLY F 319 24.00 9.37 26.09
C GLY F 319 22.62 9.73 26.58
N GLY F 320 22.17 10.95 26.31
CA GLY F 320 20.83 11.34 26.74
C GLY F 320 19.74 10.51 26.10
N GLY F 321 19.87 10.23 24.80
CA GLY F 321 18.93 9.37 24.13
C GLY F 321 17.55 9.99 24.02
N THR F 322 16.53 9.13 24.13
CA THR F 322 15.14 9.55 23.99
C THR F 322 14.67 10.47 25.11
N HIS F 323 15.43 10.58 26.20
CA HIS F 323 15.04 11.39 27.34
C HIS F 323 15.55 12.83 27.25
N MET F 324 16.17 13.19 26.13
CA MET F 324 16.68 14.55 25.96
C MET F 324 15.54 15.56 26.10
N SER F 325 15.83 16.67 26.77
CA SER F 325 14.81 17.70 26.99
C SER F 325 14.31 18.27 25.68
N SER F 326 15.22 18.52 24.74
CA SER F 326 14.83 19.04 23.43
C SER F 326 13.96 18.02 22.72
N THR F 327 12.75 18.44 22.33
CA THR F 327 11.83 17.53 21.65
C THR F 327 12.42 17.04 20.33
N LEU F 328 13.07 17.92 19.59
CA LEU F 328 13.72 17.51 18.35
C LEU F 328 14.83 16.50 18.62
N ALA F 329 15.63 16.73 19.65
CA ALA F 329 16.67 15.77 20.01
C ALA F 329 16.08 14.44 20.43
N SER F 330 15.00 14.47 21.20
CA SER F 330 14.34 13.23 21.60
C SER F 330 13.82 12.47 20.39
N VAL F 331 13.19 13.18 19.45
CA VAL F 331 12.67 12.53 18.25
C VAL F 331 13.80 11.95 17.41
N ALA F 332 14.88 12.70 17.26
CA ALA F 332 16.01 12.22 16.47
C ALA F 332 16.62 10.98 17.10
N ALA F 333 16.74 10.96 18.43
CA ALA F 333 17.28 9.78 19.10
C ALA F 333 16.33 8.59 19.00
N THR F 334 15.03 8.83 19.12
CA THR F 334 14.07 7.73 19.12
C THR F 334 13.92 7.11 17.74
N ARG F 335 13.79 7.94 16.71
CA ARG F 335 13.53 7.48 15.35
C ARG F 335 14.80 7.25 14.54
N LYS F 336 15.97 7.49 15.14
CA LYS F 336 17.24 7.39 14.42
C LYS F 336 17.25 8.29 13.19
N LEU F 337 16.64 9.47 13.31
CA LEU F 337 16.49 10.36 12.17
C LEU F 337 17.78 11.08 11.80
N CYS F 338 18.74 11.18 12.71
CA CYS F 338 19.87 12.06 12.49
C CYS F 338 21.09 11.53 13.23
N GLN F 339 22.23 11.51 12.54
CA GLN F 339 23.49 11.21 13.20
C GLN F 339 23.91 12.35 14.13
N SER F 340 23.76 13.59 13.68
CA SER F 340 24.09 14.75 14.50
C SER F 340 23.47 16.00 13.89
N PHE F 341 22.83 16.80 14.73
CA PHE F 341 22.28 18.08 14.33
C PHE F 341 22.63 19.12 15.39
N GLN F 342 22.70 20.37 14.97
CA GLN F 342 23.05 21.45 15.87
C GLN F 342 22.51 22.76 15.32
N THR F 343 22.00 23.60 16.22
CA THR F 343 21.56 24.94 15.86
C THR F 343 22.71 25.90 15.99
N PHE F 344 22.77 26.88 15.08
CA PHE F 344 23.85 27.85 15.06
C PHE F 344 23.31 29.26 14.88
N ASN F 345 24.07 30.21 15.41
CA ASN F 345 23.78 31.64 15.31
C ASN F 345 25.09 32.32 14.97
N ILE F 346 25.37 32.45 13.68
CA ILE F 346 26.63 33.01 13.19
C ILE F 346 26.37 34.47 12.87
N CYS F 347 26.83 35.36 13.75
CA CYS F 347 26.56 36.78 13.61
C CYS F 347 27.70 37.49 12.88
N TYR F 348 27.36 38.49 12.09
CA TYR F 348 28.31 39.36 11.43
C TYR F 348 28.04 40.80 11.85
N ALA F 349 28.73 41.75 11.19
CA ALA F 349 28.66 43.15 11.62
C ALA F 349 27.23 43.68 11.55
N GLU F 350 26.53 43.41 10.45
CA GLU F 350 25.20 43.92 10.25
C GLU F 350 24.19 42.85 9.86
N THR F 351 24.59 41.58 9.79
CA THR F 351 23.71 40.51 9.39
C THR F 351 24.16 39.23 10.10
N GLY F 352 23.58 38.10 9.71
CA GLY F 352 23.98 36.83 10.28
C GLY F 352 23.11 35.72 9.77
N LEU F 353 23.55 34.49 10.04
CA LEU F 353 22.85 33.28 9.68
C LEU F 353 22.34 32.62 10.96
N LEU F 354 21.04 32.41 11.05
CA LEU F 354 20.41 31.82 12.23
C LEU F 354 19.67 30.57 11.78
N GLY F 355 20.11 29.41 12.24
CA GLY F 355 19.46 28.20 11.77
C GLY F 355 20.00 26.91 12.33
N ALA F 356 20.08 25.87 11.50
CA ALA F 356 20.52 24.57 11.96
C ALA F 356 21.27 23.84 10.86
N HIS F 357 22.06 22.86 11.27
CA HIS F 357 22.80 22.00 10.36
C HIS F 357 22.70 20.57 10.89
N PHE F 358 22.38 19.63 10.00
CA PHE F 358 22.24 18.24 10.40
C PHE F 358 22.80 17.30 9.35
N VAL F 359 23.14 16.11 9.81
CA VAL F 359 23.63 15.02 8.97
C VAL F 359 22.65 13.87 9.09
N CYS F 360 22.13 13.41 7.95
CA CYS F 360 21.04 12.44 7.96
C CYS F 360 21.26 11.38 6.89
N ASP F 361 20.55 10.27 7.06
CA ASP F 361 20.54 9.21 6.06
C ASP F 361 19.80 9.68 4.81
N ASN F 362 19.85 8.85 3.76
CA ASN F 362 19.19 9.20 2.51
C ASN F 362 17.69 9.35 2.70
N MET F 363 17.09 8.45 3.48
CA MET F 363 15.64 8.36 3.60
C MET F 363 15.08 9.14 4.79
N SER F 364 15.90 9.92 5.48
CA SER F 364 15.46 10.61 6.68
C SER F 364 15.37 12.12 6.54
N ILE F 365 16.06 12.70 5.55
CA ILE F 365 16.20 14.15 5.46
C ILE F 365 14.87 14.85 5.65
N ASP F 366 13.90 14.51 4.79
CA ASP F 366 12.56 15.07 4.85
C ASP F 366 12.06 15.14 6.29
N ASP F 367 11.96 13.98 6.94
CA ASP F 367 11.42 13.92 8.29
C ASP F 367 12.15 14.91 9.19
N MET F 368 13.48 14.84 9.20
CA MET F 368 14.26 15.73 10.05
C MET F 368 13.88 17.18 9.79
N MET F 369 13.91 17.58 8.52
CA MET F 369 13.54 18.95 8.17
C MET F 369 12.20 19.30 8.78
N PHE F 370 11.20 18.44 8.53
CA PHE F 370 9.87 18.63 9.10
C PHE F 370 9.98 18.99 10.58
N PHE F 371 10.54 18.07 11.36
CA PHE F 371 10.60 18.28 12.80
C PHE F 371 11.34 19.56 13.12
N LEU F 372 12.48 19.78 12.46
CA LEU F 372 13.25 21.00 12.69
C LEU F 372 12.36 22.22 12.49
N GLN F 373 11.70 22.29 11.33
CA GLN F 373 10.85 23.45 11.08
C GLN F 373 9.75 23.54 12.11
N GLY F 374 9.15 22.40 12.46
CA GLY F 374 8.11 22.41 13.46
C GLY F 374 8.59 23.04 14.75
N GLN F 375 9.80 22.68 15.17
CA GLN F 375 10.37 23.27 16.37
C GLN F 375 10.38 24.79 16.28
N TRP F 376 10.93 25.31 15.17
CA TRP F 376 10.94 26.75 14.98
C TRP F 376 9.54 27.32 15.15
N MET F 377 8.56 26.69 14.48
CA MET F 377 7.21 27.22 14.53
C MET F 377 6.69 27.25 15.96
N ARG F 378 6.98 26.20 16.73
CA ARG F 378 6.57 26.20 18.13
C ARG F 378 7.10 27.42 18.84
N LEU F 379 8.40 27.70 18.70
CA LEU F 379 8.96 28.86 19.35
C LEU F 379 8.32 30.15 18.88
N CYS F 380 7.89 30.19 17.61
CA CYS F 380 7.25 31.38 17.10
C CYS F 380 5.83 31.55 17.62
N THR F 381 5.17 30.45 17.99
CA THR F 381 3.76 30.51 18.33
C THR F 381 3.48 30.13 19.77
N SER F 382 4.01 29.01 20.24
CA SER F 382 3.73 28.49 21.58
C SER F 382 5.04 28.12 22.26
N ALA F 383 5.65 29.08 22.95
CA ALA F 383 6.84 28.84 23.75
C ALA F 383 6.46 29.03 25.22
N THR F 384 6.75 28.02 26.03
CA THR F 384 6.35 28.01 27.44
C THR F 384 7.50 28.50 28.31
N GLU F 385 7.17 28.75 29.58
CA GLU F 385 8.13 29.37 30.50
C GLU F 385 9.21 28.39 30.94
N SER F 386 8.83 27.13 31.19
CA SER F 386 9.81 26.16 31.70
C SER F 386 10.93 25.90 30.71
N GLU F 387 10.57 25.71 29.43
CA GLU F 387 11.60 25.49 28.42
C GLU F 387 12.45 26.72 28.21
N VAL F 388 11.86 27.91 28.33
CA VAL F 388 12.65 29.14 28.24
C VAL F 388 13.63 29.25 29.40
N VAL F 389 13.21 28.86 30.59
CA VAL F 389 14.12 28.86 31.75
C VAL F 389 15.25 27.88 31.52
N ARG F 390 14.93 26.70 30.99
CA ARG F 390 15.98 25.72 30.68
C ARG F 390 16.95 26.27 29.65
N GLY F 391 16.44 26.92 28.61
CA GLY F 391 17.32 27.51 27.61
C GLY F 391 18.19 28.62 28.18
N LYS F 392 17.63 29.43 29.09
CA LYS F 392 18.42 30.46 29.73
C LYS F 392 19.54 29.86 30.57
N ASN F 393 19.23 28.78 31.30
CA ASN F 393 20.28 28.10 32.07
C ASN F 393 21.35 27.55 31.16
N ILE F 394 20.95 26.96 30.02
CA ILE F 394 21.92 26.45 29.06
C ILE F 394 22.81 27.57 28.54
N LEU F 395 22.22 28.72 28.22
CA LEU F 395 23.00 29.84 27.72
C LEU F 395 23.96 30.37 28.78
N ARG F 396 23.51 30.48 30.03
CA ARG F 396 24.39 30.91 31.11
C ARG F 396 25.57 29.97 31.25
N ASN F 397 25.29 28.66 31.22
CA ASN F 397 26.36 27.68 31.33
C ASN F 397 27.32 27.78 30.17
N ALA F 398 26.82 27.97 28.95
CA ALA F 398 27.69 28.11 27.80
C ALA F 398 28.57 29.34 27.93
N LEU F 399 28.00 30.46 28.36
CA LEU F 399 28.77 31.69 28.50
C LEU F 399 29.87 31.52 29.54
N VAL F 400 29.55 30.95 30.70
CA VAL F 400 30.56 30.84 31.75
C VAL F 400 31.59 29.78 31.39
N SER F 401 31.19 28.71 30.70
CA SER F 401 32.10 27.62 30.40
C SER F 401 33.06 27.98 29.28
N HIS F 402 32.57 28.71 28.26
CA HIS F 402 33.45 29.07 27.15
C HIS F 402 34.59 29.97 27.59
N LEU F 403 34.46 30.66 28.71
CA LEU F 403 35.48 31.60 29.19
C LEU F 403 36.38 30.98 30.24
N ASP F 404 36.67 29.68 30.12
CA ASP F 404 37.56 28.98 31.04
C ASP F 404 38.89 28.74 30.32
N GLY F 405 39.91 29.47 30.73
CA GLY F 405 41.20 29.38 30.10
C GLY F 405 41.68 30.72 29.59
N THR F 406 43.00 30.95 29.61
CA THR F 406 43.53 32.24 29.18
C THR F 406 43.26 32.48 27.70
N THR F 407 43.44 31.46 26.86
CA THR F 407 43.18 31.61 25.43
C THR F 407 41.72 31.94 25.13
N PRO F 408 40.72 31.24 25.69
CA PRO F 408 39.33 31.66 25.45
C PRO F 408 39.04 33.08 25.91
N VAL F 409 39.60 33.50 27.05
CA VAL F 409 39.36 34.85 27.53
C VAL F 409 39.97 35.88 26.58
N CYS F 410 41.18 35.62 26.09
CA CYS F 410 41.79 36.52 25.13
C CYS F 410 40.98 36.59 23.84
N GLU F 411 40.52 35.44 23.35
CA GLU F 411 39.71 35.44 22.14
C GLU F 411 38.43 36.23 22.36
N ASP F 412 37.80 36.07 23.51
CA ASP F 412 36.60 36.82 23.83
C ASP F 412 36.89 38.32 23.86
N ILE F 413 37.98 38.71 24.50
CA ILE F 413 38.32 40.13 24.59
C ILE F 413 38.53 40.72 23.20
N GLY F 414 39.34 40.06 22.38
CA GLY F 414 39.64 40.59 21.06
C GLY F 414 38.41 40.65 20.18
N ARG F 415 37.62 39.57 20.15
CA ARG F 415 36.43 39.54 19.32
C ARG F 415 35.40 40.55 19.79
N SER F 416 35.26 40.72 21.11
CA SER F 416 34.31 41.70 21.63
C SER F 416 34.72 43.11 21.27
N LEU F 417 36.00 43.44 21.39
CA LEU F 417 36.46 44.76 21.02
C LEU F 417 36.29 45.00 19.52
N LEU F 418 36.54 43.99 18.70
CA LEU F 418 36.35 44.15 17.26
C LEU F 418 34.88 44.35 16.92
N THR F 419 33.98 43.57 17.54
CA THR F 419 32.58 43.61 17.18
C THR F 419 31.79 44.61 18.01
N TYR F 420 31.74 44.41 19.32
CA TYR F 420 30.97 45.30 20.18
C TYR F 420 31.68 46.62 20.45
N GLY F 421 32.99 46.67 20.30
CA GLY F 421 33.76 47.82 20.73
C GLY F 421 34.03 47.87 22.20
N ARG F 422 33.57 46.87 22.96
CA ARG F 422 33.75 46.82 24.40
C ARG F 422 33.64 45.37 24.85
N ARG F 423 34.19 45.10 26.02
CA ARG F 423 34.10 43.77 26.62
C ARG F 423 32.85 43.72 27.49
N ILE F 424 31.90 42.89 27.12
CA ILE F 424 30.65 42.76 27.87
C ILE F 424 30.91 41.87 29.07
N PRO F 425 30.78 42.39 30.30
CA PRO F 425 30.99 41.54 31.48
C PRO F 425 29.90 40.49 31.61
N LEU F 426 30.24 39.39 32.28
CA LEU F 426 29.28 38.31 32.47
C LEU F 426 28.06 38.77 33.26
N ALA F 427 28.21 39.80 34.10
CA ALA F 427 27.05 40.33 34.81
C ALA F 427 26.04 40.94 33.85
N GLU F 428 26.52 41.68 32.84
CA GLU F 428 25.62 42.24 31.84
C GLU F 428 24.96 41.14 31.02
N TRP F 429 25.73 40.11 30.65
CA TRP F 429 25.14 38.98 29.95
C TRP F 429 24.05 38.33 30.77
N GLU F 430 24.28 38.15 32.06
CA GLU F 430 23.28 37.52 32.92
C GLU F 430 22.04 38.40 33.05
N SER F 431 22.22 39.71 33.13
CA SER F 431 21.07 40.61 33.18
C SER F 431 20.26 40.51 31.89
N ARG F 432 20.93 40.50 30.74
CA ARG F 432 20.23 40.39 29.47
C ARG F 432 19.49 39.05 29.38
N ILE F 433 20.12 37.97 29.84
CA ILE F 433 19.47 36.67 29.84
C ILE F 433 18.24 36.69 30.74
N ALA F 434 18.38 37.26 31.94
CA ALA F 434 17.27 37.31 32.89
C ALA F 434 16.11 38.12 32.33
N GLU F 435 16.40 39.11 31.48
CA GLU F 435 15.31 39.85 30.83
C GLU F 435 14.47 38.96 29.92
N VAL F 436 15.01 37.83 29.47
CA VAL F 436 14.32 36.97 28.52
C VAL F 436 13.25 36.16 29.23
N ASP F 437 12.06 36.09 28.65
CA ASP F 437 11.00 35.20 29.12
C ASP F 437 10.32 34.60 27.90
N ALA F 438 9.21 33.88 28.13
CA ALA F 438 8.54 33.19 27.04
C ALA F 438 8.00 34.16 26.00
N SER F 439 7.41 35.27 26.44
CA SER F 439 6.86 36.23 25.50
C SER F 439 7.94 36.84 24.62
N VAL F 440 9.09 37.17 25.21
CA VAL F 440 10.20 37.72 24.42
C VAL F 440 10.68 36.70 23.40
N VAL F 441 10.80 35.44 23.81
CA VAL F 441 11.26 34.40 22.89
C VAL F 441 10.28 34.26 21.73
N ARG F 442 8.99 34.22 22.03
CA ARG F 442 7.99 34.10 20.98
C ARG F 442 8.05 35.28 20.03
N GLU F 443 8.15 36.50 20.57
CA GLU F 443 8.18 37.69 19.71
C GLU F 443 9.41 37.70 18.82
N VAL F 444 10.59 37.40 19.37
CA VAL F 444 11.80 37.47 18.58
C VAL F 444 11.83 36.36 17.53
N CYS F 445 11.42 35.15 17.91
CA CYS F 445 11.36 34.06 16.94
C CYS F 445 10.37 34.38 15.82
N SER F 446 9.23 34.98 16.15
CA SER F 446 8.30 35.41 15.13
C SER F 446 8.93 36.45 14.21
N LYS F 447 9.71 37.36 14.79
CA LYS F 447 10.37 38.38 13.98
C LYS F 447 11.36 37.76 13.00
N TYR F 448 12.12 36.76 13.44
CA TYR F 448 13.22 36.25 12.63
C TYR F 448 12.93 34.93 11.94
N PHE F 449 11.97 34.14 12.41
CA PHE F 449 11.70 32.84 11.82
C PHE F 449 10.37 32.76 11.08
N TYR F 450 9.28 33.19 11.71
CA TYR F 450 7.95 32.93 11.17
C TYR F 450 7.78 33.59 9.81
N ASP F 451 7.48 32.77 8.80
CA ASP F 451 7.18 33.24 7.45
C ASP F 451 8.35 34.04 6.88
N GLN F 452 9.53 33.43 6.89
CA GLN F 452 10.74 34.03 6.36
C GLN F 452 11.34 33.12 5.31
N CYS F 453 11.93 33.72 4.28
CA CYS F 453 12.59 32.95 3.24
C CYS F 453 13.95 32.47 3.72
N PRO F 454 14.20 31.17 3.79
CA PRO F 454 15.48 30.68 4.28
C PRO F 454 16.47 30.43 3.14
N ALA F 455 17.73 30.26 3.53
CA ALA F 455 18.79 29.82 2.64
C ALA F 455 19.17 28.39 3.02
N VAL F 456 19.19 27.50 2.03
CA VAL F 456 19.39 26.08 2.25
C VAL F 456 20.62 25.64 1.47
N ALA F 457 21.45 24.80 2.11
CA ALA F 457 22.59 24.19 1.44
C ALA F 457 22.53 22.69 1.69
N GLY F 458 22.46 21.91 0.62
CA GLY F 458 22.44 20.46 0.71
C GLY F 458 23.66 19.86 0.04
N LEU F 459 24.05 18.69 0.53
CA LEU F 459 25.25 18.04 0.00
C LEU F 459 25.15 16.54 0.23
N GLY F 460 25.29 15.76 -0.83
CA GLY F 460 25.24 14.32 -0.73
C GLY F 460 23.97 13.74 -1.30
N PRO F 461 23.56 12.58 -0.78
CA PRO F 461 22.31 11.98 -1.24
C PRO F 461 21.10 12.75 -0.75
N ILE F 462 20.85 13.91 -1.36
CA ILE F 462 19.84 14.84 -0.87
C ILE F 462 18.61 14.80 -1.77
N GLU F 463 18.36 13.66 -2.40
CA GLU F 463 17.18 13.54 -3.25
C GLU F 463 15.89 13.77 -2.46
N GLN F 464 15.88 13.39 -1.18
CA GLN F 464 14.67 13.55 -0.37
C GLN F 464 14.55 14.94 0.24
N LEU F 465 15.60 15.75 0.18
CA LEU F 465 15.53 17.12 0.66
C LEU F 465 14.33 17.82 0.03
N PRO F 466 13.38 18.31 0.82
CA PRO F 466 12.16 18.86 0.25
C PRO F 466 12.44 20.04 -0.66
N ASP F 467 11.58 20.21 -1.66
CA ASP F 467 11.72 21.31 -2.61
C ASP F 467 11.59 22.64 -1.87
N TYR F 468 12.24 23.67 -2.43
CA TYR F 468 12.31 24.95 -1.73
C TYR F 468 10.93 25.52 -1.46
N ASN F 469 9.99 25.31 -2.39
CA ASN F 469 8.62 25.72 -2.13
C ASN F 469 8.05 25.01 -0.92
N ARG F 470 8.33 23.71 -0.79
CA ARG F 470 7.81 22.97 0.36
C ARG F 470 8.47 23.44 1.66
N ILE F 471 9.76 23.75 1.63
CA ILE F 471 10.44 24.25 2.83
C ILE F 471 9.89 25.62 3.21
N ARG F 472 9.70 26.49 2.23
CA ARG F 472 9.14 27.82 2.48
C ARG F 472 7.75 27.71 3.07
N SER F 473 6.92 26.81 2.52
CA SER F 473 5.62 26.55 3.11
C SER F 473 5.74 26.02 4.53
N GLY F 474 6.78 25.22 4.80
CA GLY F 474 7.03 24.76 6.14
C GLY F 474 7.47 25.86 7.08
N MET F 475 7.95 26.98 6.55
CA MET F 475 8.35 28.12 7.37
C MET F 475 7.18 28.91 7.93
N PHE F 476 5.94 28.42 7.79
CA PHE F 476 4.80 29.07 8.41
C PHE F 476 3.74 28.02 8.69
N TRP F 477 2.81 28.35 9.58
CA TRP F 477 1.77 27.44 10.04
C TRP F 477 0.41 27.95 9.59
N LEU F 478 -0.38 27.06 9.00
CA LEU F 478 -1.75 27.43 8.64
C LEU F 478 -2.64 27.55 9.87
N ARG F 479 -2.37 26.75 10.90
CA ARG F 479 -3.19 26.80 12.10
C ARG F 479 -3.04 28.13 12.83
N PHE F 480 -1.86 28.73 12.76
CA PHE F 480 -1.58 29.95 13.49
C PHE F 480 -2.24 31.15 12.80
N GLN G 36 41.49 30.92 47.78
CA GLN G 36 42.25 30.18 48.78
C GLN G 36 43.15 29.15 48.11
N ASP G 37 43.44 28.06 48.83
CA ASP G 37 44.25 26.96 48.35
C ASP G 37 43.43 25.68 48.38
N LEU G 38 44.05 24.59 47.95
CA LEU G 38 43.35 23.31 47.89
C LEU G 38 43.19 22.71 49.28
N GLU G 39 41.97 22.29 49.59
CA GLU G 39 41.65 21.63 50.85
C GLU G 39 41.62 20.12 50.58
N PHE G 40 42.76 19.50 50.82
CA PHE G 40 42.93 18.06 50.62
C PHE G 40 42.70 17.32 51.93
N THR G 41 41.98 16.20 51.86
CA THR G 41 41.67 15.47 53.08
C THR G 41 41.41 14.00 52.72
N ARG G 42 41.82 13.11 53.62
CA ARG G 42 41.60 11.68 53.49
C ARG G 42 40.60 11.24 54.55
N LEU G 43 39.53 10.59 54.11
CA LEU G 43 38.52 10.10 55.04
C LEU G 43 38.96 8.78 55.67
N PRO G 44 38.36 8.40 56.81
CA PRO G 44 38.77 7.15 57.47
C PRO G 44 38.63 5.92 56.59
N ASN G 45 37.59 5.86 55.75
CA ASN G 45 37.39 4.70 54.89
C ASN G 45 38.39 4.61 53.75
N GLY G 46 39.17 5.67 53.52
CA GLY G 46 40.10 5.72 52.41
C GLY G 46 39.72 6.69 51.33
N LEU G 47 38.49 7.21 51.35
CA LEU G 47 38.07 8.18 50.35
C LEU G 47 38.84 9.49 50.51
N VAL G 48 39.19 10.09 49.39
CA VAL G 48 40.01 11.31 49.35
C VAL G 48 39.16 12.41 48.75
N ILE G 49 38.91 13.47 49.52
CA ILE G 49 38.14 14.60 49.01
C ILE G 49 39.02 15.85 49.04
N ALA G 50 39.01 16.58 47.92
CA ALA G 50 39.77 17.81 47.79
C ALA G 50 38.87 18.88 47.20
N SER G 51 38.94 20.08 47.75
CA SER G 51 38.07 21.16 47.29
C SER G 51 38.84 22.46 47.17
N LEU G 52 38.59 23.18 46.07
CA LEU G 52 39.17 24.49 45.83
C LEU G 52 38.05 25.48 45.59
N GLU G 53 38.10 26.61 46.29
CA GLU G 53 37.11 27.67 46.17
C GLU G 53 37.76 28.83 45.42
N ASN G 54 37.64 28.82 44.09
CA ASN G 54 38.17 29.88 43.26
C ASN G 54 37.16 30.98 42.99
N TYR G 55 35.95 30.87 43.55
CA TYR G 55 34.89 31.86 43.41
C TYR G 55 34.48 32.06 41.95
N ALA G 56 34.71 31.07 41.11
CA ALA G 56 34.24 31.13 39.73
C ALA G 56 32.73 30.94 39.69
N PRO G 57 32.04 31.58 38.74
CA PRO G 57 30.59 31.39 38.63
C PRO G 57 30.19 29.95 38.36
N ALA G 58 31.04 29.17 37.72
CA ALA G 58 30.76 27.77 37.42
C ALA G 58 31.42 26.86 38.46
N SER G 59 30.73 25.77 38.77
CA SER G 59 31.18 24.77 39.72
C SER G 59 31.34 23.44 39.01
N ARG G 60 32.43 22.74 39.32
CA ARG G 60 32.80 21.52 38.62
C ARG G 60 33.24 20.47 39.64
N ILE G 61 32.52 19.36 39.71
CA ILE G 61 32.81 18.30 40.67
C ILE G 61 33.13 17.03 39.91
N GLY G 62 34.24 16.40 40.25
CA GLY G 62 34.62 15.14 39.65
C GLY G 62 34.81 14.06 40.69
N LEU G 63 34.44 12.84 40.31
CA LEU G 63 34.68 11.63 41.08
C LEU G 63 35.56 10.71 40.25
N PHE G 64 36.80 10.55 40.68
CA PHE G 64 37.79 9.74 39.99
C PHE G 64 37.89 8.39 40.68
N ILE G 65 37.77 7.32 39.91
CA ILE G 65 37.75 5.96 40.43
C ILE G 65 38.87 5.18 39.77
N LYS G 66 39.60 4.42 40.57
CA LYS G 66 40.67 3.59 40.04
C LYS G 66 40.08 2.36 39.36
N ALA G 67 39.33 2.58 38.29
CA ALA G 67 38.69 1.53 37.53
C ALA G 67 38.84 1.83 36.04
N GLY G 68 39.09 0.80 35.25
CA GLY G 68 39.29 1.01 33.83
C GLY G 68 39.52 -0.31 33.13
N SER G 69 39.99 -0.21 31.89
CA SER G 69 40.27 -1.40 31.11
C SER G 69 41.34 -2.27 31.78
N ARG G 70 42.27 -1.63 32.51
CA ARG G 70 43.30 -2.39 33.21
C ARG G 70 42.70 -3.38 34.19
N TYR G 71 41.57 -3.05 34.81
CA TYR G 71 40.95 -3.88 35.82
C TYR G 71 39.88 -4.81 35.25
N GLU G 72 39.98 -5.13 33.96
CA GLU G 72 39.13 -6.12 33.32
C GLU G 72 39.94 -7.39 33.06
N ASP G 73 39.26 -8.53 33.08
CA ASP G 73 39.87 -9.80 32.73
C ASP G 73 39.35 -10.25 31.37
N SER G 74 39.79 -11.44 30.94
CA SER G 74 39.40 -11.94 29.64
C SER G 74 37.91 -12.22 29.53
N ASN G 75 37.21 -12.36 30.66
CA ASN G 75 35.81 -12.74 30.64
C ASN G 75 34.87 -11.54 30.68
N ASN G 76 35.33 -10.37 31.12
CA ASN G 76 34.49 -9.18 31.18
C ASN G 76 35.01 -8.05 30.30
N LEU G 77 35.77 -8.38 29.25
CA LEU G 77 36.28 -7.36 28.35
C LEU G 77 35.14 -6.52 27.79
N GLY G 78 35.31 -5.21 27.83
CA GLY G 78 34.30 -4.28 27.37
C GLY G 78 33.38 -3.75 28.45
N THR G 79 33.46 -4.31 29.66
CA THR G 79 32.57 -3.88 30.74
C THR G 79 32.78 -2.41 31.07
N SER G 80 34.04 -1.96 31.13
CA SER G 80 34.33 -0.57 31.44
C SER G 80 33.76 0.36 30.37
N HIS G 81 33.79 -0.06 29.11
CA HIS G 81 33.24 0.74 28.03
C HIS G 81 31.74 0.98 28.22
N LEU G 82 30.99 -0.11 28.44
CA LEU G 82 29.55 0.02 28.66
C LEU G 82 29.27 0.82 29.92
N LEU G 83 30.06 0.61 30.97
CA LEU G 83 29.89 1.38 32.20
C LEU G 83 30.08 2.88 31.93
N ARG G 84 31.08 3.23 31.13
CA ARG G 84 31.29 4.62 30.75
C ARG G 84 30.12 5.15 29.95
N LEU G 85 29.58 4.35 29.04
CA LEU G 85 28.42 4.75 28.26
C LEU G 85 27.12 4.75 29.06
N ALA G 86 27.13 4.19 30.27
CA ALA G 86 25.91 3.98 31.05
C ALA G 86 25.80 4.96 32.21
N SER G 87 26.25 6.19 32.02
CA SER G 87 26.19 7.18 33.08
C SER G 87 24.80 7.79 33.25
N SER G 88 23.86 7.51 32.34
CA SER G 88 22.52 8.07 32.41
C SER G 88 21.45 6.99 32.49
N LEU G 89 21.79 5.81 32.99
CA LEU G 89 20.79 4.77 33.18
C LEU G 89 20.08 4.98 34.52
N THR G 90 18.97 4.26 34.68
CA THR G 90 18.19 4.36 35.91
C THR G 90 19.02 3.94 37.11
N THR G 91 18.87 4.67 38.21
CA THR G 91 19.58 4.38 39.45
C THR G 91 18.57 4.27 40.58
N LYS G 92 19.07 3.90 41.77
CA LYS G 92 18.19 3.73 42.91
C LYS G 92 17.51 5.04 43.29
N GLY G 93 18.25 6.14 43.25
CA GLY G 93 17.71 7.43 43.62
C GLY G 93 16.87 8.09 42.55
N ALA G 94 17.35 8.07 41.31
CA ALA G 94 16.68 8.73 40.21
C ALA G 94 16.64 7.82 38.99
N SER G 95 15.64 8.05 38.14
CA SER G 95 15.50 7.32 36.90
C SER G 95 16.29 7.99 35.79
N SER G 96 16.40 7.29 34.65
CA SER G 96 17.13 7.84 33.52
C SER G 96 16.50 9.13 33.03
N PHE G 97 15.17 9.15 32.92
CA PHE G 97 14.47 10.37 32.54
C PHE G 97 14.73 11.48 33.54
N LYS G 98 14.64 11.15 34.83
CA LYS G 98 14.86 12.18 35.85
C LYS G 98 16.28 12.71 35.80
N ILE G 99 17.26 11.82 35.65
CA ILE G 99 18.66 12.25 35.60
C ILE G 99 18.87 13.19 34.41
N THR G 100 18.44 12.75 33.22
CA THR G 100 18.66 13.55 32.02
C THR G 100 17.97 14.90 32.12
N ARG G 101 16.68 14.91 32.49
CA ARG G 101 15.93 16.15 32.53
C ARG G 101 16.43 17.08 33.63
N GLY G 102 16.82 16.53 34.79
CA GLY G 102 17.34 17.37 35.86
C GLY G 102 18.67 17.98 35.51
N ILE G 103 19.55 17.23 34.87
CA ILE G 103 20.85 17.78 34.49
C ILE G 103 20.68 18.83 33.39
N GLU G 104 19.80 18.57 32.42
CA GLU G 104 19.64 19.52 31.33
C GLU G 104 18.83 20.75 31.73
N ALA G 105 17.98 20.63 32.74
CA ALA G 105 17.16 21.77 33.16
C ALA G 105 18.01 22.91 33.69
N VAL G 106 19.02 22.60 34.49
CA VAL G 106 19.90 23.62 35.06
C VAL G 106 21.06 23.88 34.11
N GLY G 107 21.04 23.23 32.94
CA GLY G 107 22.08 23.42 31.97
C GLY G 107 23.39 22.75 32.27
N GLY G 108 23.44 21.87 33.26
CA GLY G 108 24.67 21.21 33.62
C GLY G 108 25.06 20.12 32.63
N LYS G 109 26.27 19.62 32.81
CA LYS G 109 26.83 18.57 31.95
C LYS G 109 27.48 17.51 32.81
N LEU G 110 27.18 16.24 32.50
CA LEU G 110 27.75 15.08 33.16
C LEU G 110 28.52 14.27 32.13
N SER G 111 29.82 14.10 32.36
CA SER G 111 30.68 13.40 31.41
C SER G 111 31.54 12.38 32.13
N VAL G 112 31.88 11.30 31.42
CA VAL G 112 32.74 10.25 31.93
C VAL G 112 33.96 10.17 31.02
N THR G 113 35.14 10.36 31.59
CA THR G 113 36.40 10.22 30.88
C THR G 113 37.10 8.99 31.44
N SER G 114 37.24 7.96 30.61
CA SER G 114 37.83 6.70 31.04
C SER G 114 39.17 6.52 30.35
N THR G 115 40.25 6.61 31.13
CA THR G 115 41.56 6.24 30.63
C THR G 115 41.80 4.76 30.93
N ARG G 116 43.02 4.30 30.67
CA ARG G 116 43.28 2.87 30.75
C ARG G 116 43.20 2.38 32.19
N GLU G 117 43.58 3.22 33.16
CA GLU G 117 43.60 2.78 34.55
C GLU G 117 42.85 3.75 35.47
N SER G 118 41.92 4.53 34.94
CA SER G 118 41.11 5.42 35.76
C SER G 118 39.83 5.78 35.01
N MET G 119 38.80 6.12 35.78
CA MET G 119 37.51 6.52 35.23
C MET G 119 37.00 7.69 36.03
N ALA G 120 36.81 8.84 35.38
CA ALA G 120 36.44 10.07 36.06
C ALA G 120 35.06 10.51 35.59
N TYR G 121 34.10 10.49 36.51
CA TYR G 121 32.83 11.15 36.29
C TYR G 121 32.97 12.61 36.69
N THR G 122 32.21 13.48 36.02
CA THR G 122 32.31 14.89 36.35
C THR G 122 31.05 15.62 35.93
N VAL G 123 30.51 16.42 36.84
CA VAL G 123 29.34 17.27 36.60
C VAL G 123 29.78 18.71 36.74
N GLU G 124 29.50 19.52 35.72
CA GLU G 124 29.80 20.95 35.74
C GLU G 124 28.52 21.72 35.46
N CYS G 125 28.27 22.74 36.27
CA CYS G 125 27.09 23.59 36.10
C CYS G 125 27.36 24.92 36.78
N LEU G 126 26.29 25.67 37.04
CA LEU G 126 26.43 26.94 37.74
C LEU G 126 26.61 26.71 39.24
N ARG G 127 27.10 27.73 39.92
CA ARG G 127 27.44 27.60 41.34
C ARG G 127 26.22 27.29 42.19
N ASP G 128 25.05 27.80 41.82
CA ASP G 128 23.86 27.62 42.65
C ASP G 128 23.30 26.20 42.54
N ASP G 129 23.31 25.62 41.34
CA ASP G 129 22.65 24.35 41.09
C ASP G 129 23.53 23.15 41.37
N ILE G 130 24.81 23.35 41.72
CA ILE G 130 25.76 22.25 41.76
C ILE G 130 25.28 21.14 42.68
N GLU G 131 24.74 21.52 43.85
CA GLU G 131 24.28 20.54 44.81
C GLU G 131 23.36 19.51 44.15
N ILE G 132 22.40 19.99 43.37
CA ILE G 132 21.48 19.08 42.66
C ILE G 132 22.29 18.05 41.89
N LEU G 133 23.15 18.51 40.98
CA LEU G 133 23.92 17.60 40.16
C LEU G 133 24.73 16.65 41.02
N MET G 134 25.24 17.14 42.16
CA MET G 134 26.02 16.30 43.05
C MET G 134 25.26 15.02 43.37
N GLU G 135 23.99 15.15 43.78
CA GLU G 135 23.20 13.98 44.07
C GLU G 135 23.17 13.03 42.89
N PHE G 136 22.82 13.56 41.70
CA PHE G 136 22.80 12.73 40.51
C PHE G 136 24.12 12.00 40.34
N LEU G 137 25.22 12.73 40.50
CA LEU G 137 26.53 12.12 40.33
C LEU G 137 26.68 10.92 41.25
N LEU G 138 26.38 11.12 42.53
CA LEU G 138 26.58 10.02 43.47
C LEU G 138 25.49 8.96 43.35
N ASN G 139 24.41 9.23 42.63
CA ASN G 139 23.50 8.16 42.28
C ASN G 139 24.03 7.34 41.11
N VAL G 140 24.80 7.97 40.21
CA VAL G 140 25.32 7.26 39.05
C VAL G 140 26.36 6.23 39.48
N THR G 141 27.20 6.58 40.45
CA THR G 141 28.34 5.74 40.84
C THR G 141 28.05 4.88 42.06
N ALA G 142 27.54 5.47 43.14
CA ALA G 142 27.39 4.72 44.38
C ALA G 142 26.26 3.69 44.27
N ALA G 143 25.16 4.05 43.63
CA ALA G 143 23.97 3.19 43.57
C ALA G 143 23.47 3.05 42.14
N PRO G 144 24.25 2.42 41.27
CA PRO G 144 23.74 2.14 39.93
C PRO G 144 22.71 1.01 39.96
N GLU G 145 21.85 0.99 38.94
CA GLU G 145 20.81 -0.03 38.82
C GLU G 145 20.71 -0.39 37.34
N PHE G 146 21.44 -1.41 36.93
CA PHE G 146 21.48 -1.82 35.53
C PHE G 146 20.30 -2.75 35.26
N ARG G 147 19.32 -2.25 34.53
CA ARG G 147 18.12 -3.01 34.18
C ARG G 147 18.31 -3.61 32.79
N ARG G 148 17.92 -4.88 32.64
CA ARG G 148 18.19 -5.64 31.42
C ARG G 148 17.81 -4.89 30.15
N TRP G 149 16.59 -4.32 30.13
CA TRP G 149 16.15 -3.63 28.92
C TRP G 149 17.02 -2.42 28.60
N GLU G 150 17.38 -1.65 29.63
CA GLU G 150 18.22 -0.47 29.40
C GLU G 150 19.60 -0.84 28.89
N VAL G 151 20.21 -1.86 29.49
CA VAL G 151 21.53 -2.30 29.06
C VAL G 151 21.47 -2.85 27.64
N ALA G 152 20.43 -3.64 27.33
CA ALA G 152 20.30 -4.19 25.99
C ALA G 152 20.13 -3.08 24.96
N ALA G 153 19.35 -2.04 25.29
CA ALA G 153 19.24 -0.90 24.40
C ALA G 153 20.59 -0.19 24.24
N LEU G 154 21.35 -0.09 25.33
CA LEU G 154 22.64 0.59 25.28
C LEU G 154 23.69 -0.18 24.51
N GLN G 155 23.51 -1.49 24.32
CA GLN G 155 24.56 -2.31 23.69
C GLN G 155 25.04 -1.73 22.37
N SER G 156 24.11 -1.31 21.50
CA SER G 156 24.50 -0.82 20.18
C SER G 156 25.33 0.47 20.28
N GLN G 157 25.14 1.22 21.37
CA GLN G 157 25.94 2.42 21.57
C GLN G 157 27.42 2.10 21.65
N LEU G 158 27.77 0.90 22.12
CA LEU G 158 29.17 0.47 22.11
C LEU G 158 29.74 0.48 20.70
N ARG G 159 29.01 -0.14 19.77
CA ARG G 159 29.47 -0.18 18.38
C ARG G 159 29.55 1.21 17.79
N ILE G 160 28.53 2.03 18.05
CA ILE G 160 28.51 3.39 17.49
C ILE G 160 29.71 4.19 18.01
N ASP G 161 29.94 4.14 19.31
CA ASP G 161 31.02 4.90 19.92
C ASP G 161 32.38 4.40 19.46
N LYS G 162 32.55 3.08 19.33
CA LYS G 162 33.83 2.56 18.86
C LYS G 162 34.10 2.96 17.42
N ALA G 163 33.07 2.94 16.58
CA ALA G 163 33.26 3.38 15.20
C ALA G 163 33.65 4.85 15.14
N VAL G 164 32.97 5.69 15.92
CA VAL G 164 33.29 7.12 15.95
C VAL G 164 34.73 7.32 16.43
N ALA G 165 35.13 6.59 17.46
CA ALA G 165 36.49 6.71 17.96
C ALA G 165 37.51 6.27 16.93
N PHE G 166 37.24 5.17 16.23
CA PHE G 166 38.17 4.62 15.25
C PHE G 166 38.10 5.34 13.91
N GLN G 167 37.25 6.35 13.77
CA GLN G 167 37.29 7.18 12.56
C GLN G 167 38.68 7.76 12.33
N ASN G 168 39.44 8.01 13.40
CA ASN G 168 40.81 8.48 13.26
C ASN G 168 41.78 7.35 13.56
N PRO G 169 42.77 7.13 12.70
CA PRO G 169 43.60 5.91 12.84
C PRO G 169 44.41 5.84 14.12
N GLN G 170 44.64 6.97 14.79
CA GLN G 170 45.49 6.96 15.98
C GLN G 170 44.92 6.06 17.06
N ALA G 171 43.60 6.06 17.22
CA ALA G 171 42.97 5.21 18.23
C ALA G 171 43.26 3.74 17.97
N GLN G 172 43.04 3.28 16.74
CA GLN G 172 43.30 1.88 16.40
C GLN G 172 44.77 1.53 16.60
N VAL G 173 45.66 2.42 16.16
CA VAL G 173 47.09 2.13 16.30
C VAL G 173 47.47 2.04 17.78
N LEU G 174 46.92 2.93 18.61
CA LEU G 174 47.24 2.88 20.03
C LEU G 174 46.68 1.64 20.71
N GLU G 175 45.46 1.22 20.34
CA GLU G 175 44.92 0.01 20.92
C GLU G 175 45.78 -1.19 20.56
N ASN G 176 46.21 -1.26 19.29
CA ASN G 176 47.11 -2.34 18.88
C ASN G 176 48.43 -2.26 19.61
N LEU G 177 48.94 -1.04 19.82
CA LEU G 177 50.22 -0.86 20.49
C LEU G 177 50.14 -1.34 21.94
N HIS G 178 49.05 -1.02 22.63
CA HIS G 178 48.93 -1.47 24.01
C HIS G 178 48.68 -2.97 24.09
N ALA G 179 47.95 -3.53 23.12
CA ALA G 179 47.79 -4.98 23.08
C ALA G 179 49.13 -5.68 22.85
N ALA G 180 49.97 -5.11 21.98
CA ALA G 180 51.25 -5.73 21.66
C ALA G 180 52.26 -5.57 22.80
N ALA G 181 52.26 -4.39 23.44
CA ALA G 181 53.29 -4.10 24.44
C ALA G 181 53.12 -4.95 25.70
N TYR G 182 51.89 -5.10 26.17
CA TYR G 182 51.62 -5.76 27.43
C TYR G 182 50.85 -7.06 27.23
N ARG G 183 51.08 -8.00 28.15
CA ARG G 183 50.40 -9.29 28.12
C ARG G 183 49.04 -9.25 28.79
N ASN G 184 48.85 -8.36 29.76
CA ASN G 184 47.61 -8.29 30.53
C ASN G 184 47.43 -6.86 31.03
N ALA G 185 46.35 -6.66 31.80
CA ALA G 185 46.07 -5.37 32.43
C ALA G 185 46.01 -4.25 31.40
N LEU G 186 47.11 -3.53 31.23
CA LEU G 186 47.16 -2.42 30.28
C LEU G 186 46.95 -2.87 28.84
N ALA G 187 47.01 -4.17 28.57
CA ALA G 187 46.74 -4.66 27.22
C ALA G 187 45.31 -4.39 26.81
N ASN G 188 44.37 -4.48 27.76
CA ASN G 188 42.96 -4.27 27.45
C ASN G 188 42.74 -2.88 26.85
N SER G 189 41.92 -2.83 25.81
CA SER G 189 41.66 -1.59 25.10
C SER G 189 40.58 -0.79 25.81
N LEU G 190 40.53 0.51 25.48
CA LEU G 190 39.51 1.40 26.04
C LEU G 190 38.11 1.11 25.49
N TYR G 191 38.00 0.28 24.47
CA TYR G 191 36.73 0.03 23.80
C TYR G 191 36.42 -1.45 23.79
N CYS G 192 35.12 -1.76 23.80
CA CYS G 192 34.67 -3.14 23.87
C CYS G 192 35.05 -3.90 22.60
N PRO G 193 35.53 -5.14 22.72
CA PRO G 193 35.80 -5.94 21.53
C PRO G 193 34.52 -6.20 20.75
N ASP G 194 34.67 -6.38 19.44
CA ASP G 194 33.51 -6.53 18.56
C ASP G 194 32.64 -7.71 18.97
N TYR G 195 33.25 -8.83 19.34
CA TYR G 195 32.47 -10.00 19.73
C TYR G 195 31.75 -9.82 21.05
N ARG G 196 32.10 -8.81 21.84
CA ARG G 196 31.49 -8.55 23.13
C ARG G 196 30.46 -7.43 23.09
N ILE G 197 30.09 -6.96 21.90
CA ILE G 197 29.23 -5.79 21.79
C ILE G 197 27.87 -6.05 22.43
N GLY G 198 27.27 -7.18 22.11
CA GLY G 198 25.96 -7.49 22.63
C GLY G 198 25.96 -8.51 23.76
N LYS G 199 27.12 -8.72 24.38
CA LYS G 199 27.27 -9.79 25.35
C LYS G 199 27.73 -9.28 26.72
N VAL G 200 27.61 -7.98 26.99
CA VAL G 200 27.95 -7.43 28.29
C VAL G 200 26.69 -7.47 29.14
N THR G 201 26.61 -8.46 30.03
CA THR G 201 25.44 -8.67 30.86
C THR G 201 25.38 -7.64 31.99
N PRO G 202 24.18 -7.36 32.49
CA PRO G 202 24.08 -6.48 33.68
C PRO G 202 24.82 -7.01 34.89
N ASP G 203 24.91 -8.33 35.04
CA ASP G 203 25.62 -8.90 36.17
C ASP G 203 27.09 -8.54 36.15
N GLN G 204 27.69 -8.53 34.96
CA GLN G 204 29.09 -8.13 34.85
C GLN G 204 29.28 -6.67 35.25
N LEU G 205 28.35 -5.80 34.85
CA LEU G 205 28.43 -4.40 35.27
C LEU G 205 28.30 -4.26 36.78
N HIS G 206 27.36 -4.98 37.38
CA HIS G 206 27.20 -4.94 38.84
C HIS G 206 28.46 -5.42 39.52
N TYR G 207 29.04 -6.52 39.04
CA TYR G 207 30.26 -7.05 39.64
C TYR G 207 31.41 -6.04 39.52
N TYR G 208 31.56 -5.43 38.35
CA TYR G 208 32.62 -4.44 38.15
C TYR G 208 32.45 -3.27 39.11
N VAL G 209 31.24 -2.72 39.19
CA VAL G 209 31.01 -1.58 40.07
C VAL G 209 31.29 -1.96 41.52
N GLN G 210 30.80 -3.13 41.95
CA GLN G 210 30.99 -3.54 43.34
C GLN G 210 32.46 -3.75 43.67
N ASN G 211 33.22 -4.33 42.74
CA ASN G 211 34.60 -4.68 43.02
C ASN G 211 35.61 -3.60 42.67
N HIS G 212 35.17 -2.50 42.06
CA HIS G 212 36.10 -1.43 41.72
C HIS G 212 35.64 -0.04 42.12
N PHE G 213 34.35 0.19 42.33
CA PHE G 213 33.85 1.49 42.77
C PHE G 213 33.76 1.50 44.29
N THR G 214 34.93 1.45 44.92
CA THR G 214 35.05 1.39 46.37
C THR G 214 35.66 2.67 46.89
N SER G 215 35.52 2.88 48.21
CA SER G 215 35.90 4.16 48.81
C SER G 215 37.40 4.42 48.66
N ALA G 216 38.23 3.43 48.94
CA ALA G 216 39.67 3.65 48.89
C ALA G 216 40.19 3.82 47.47
N ARG G 217 39.40 3.49 46.46
CA ARG G 217 39.78 3.67 45.06
C ARG G 217 39.19 4.93 44.47
N MET G 218 38.52 5.75 45.27
CA MET G 218 37.80 6.91 44.79
C MET G 218 38.46 8.20 45.28
N ALA G 219 38.12 9.29 44.60
CA ALA G 219 38.53 10.63 44.99
C ALA G 219 37.48 11.62 44.50
N LEU G 220 37.04 12.50 45.38
CA LEU G 220 36.02 13.50 45.08
C LEU G 220 36.68 14.87 45.10
N ILE G 221 36.83 15.48 43.93
CA ILE G 221 37.48 16.77 43.79
C ILE G 221 36.44 17.79 43.35
N GLY G 222 36.52 18.99 43.90
CA GLY G 222 35.56 20.02 43.58
C GLY G 222 36.18 21.38 43.35
N LEU G 223 35.66 22.12 42.37
CA LEU G 223 36.04 23.50 42.11
C LEU G 223 34.78 24.34 42.24
N GLY G 224 34.86 25.39 43.08
CA GLY G 224 33.69 26.18 43.41
C GLY G 224 32.79 25.55 44.45
N VAL G 225 33.28 24.58 45.20
CA VAL G 225 32.49 23.87 46.21
C VAL G 225 33.18 24.00 47.55
N SER G 226 32.42 24.29 48.59
CA SER G 226 32.96 24.34 49.94
C SER G 226 33.33 22.94 50.42
N HIS G 227 34.41 22.87 51.19
CA HIS G 227 34.88 21.57 51.69
C HIS G 227 33.87 20.84 52.56
N PRO G 228 33.21 21.47 53.54
CA PRO G 228 32.27 20.70 54.37
C PRO G 228 31.12 20.10 53.59
N VAL G 229 30.62 20.80 52.56
CA VAL G 229 29.53 20.25 51.75
C VAL G 229 29.99 18.99 51.02
N LEU G 230 31.20 19.03 50.46
CA LEU G 230 31.75 17.87 49.77
C LEU G 230 31.94 16.70 50.74
N LYS G 231 32.46 16.99 51.94
CA LYS G 231 32.61 15.94 52.94
C LYS G 231 31.25 15.34 53.31
N GLN G 232 30.24 16.19 53.48
CA GLN G 232 28.90 15.71 53.84
C GLN G 232 28.32 14.82 52.75
N VAL G 233 28.47 15.22 51.49
CA VAL G 233 27.93 14.41 50.40
C VAL G 233 28.68 13.08 50.29
N ALA G 234 30.00 13.12 50.50
CA ALA G 234 30.78 11.89 50.49
C ALA G 234 30.34 10.95 51.60
N GLU G 235 30.08 11.49 52.79
CA GLU G 235 29.58 10.65 53.88
C GLU G 235 28.20 10.10 53.56
N ARG G 236 27.34 10.92 52.95
CA ARG G 236 25.98 10.47 52.67
C ARG G 236 25.96 9.33 51.66
N PHE G 237 26.80 9.40 50.62
CA PHE G 237 26.77 8.38 49.58
C PHE G 237 27.98 7.45 49.60
N LEU G 238 29.19 8.00 49.54
CA LEU G 238 30.39 7.18 49.34
C LEU G 238 30.92 6.63 50.67
N ASN G 239 30.06 5.85 51.33
CA ASN G 239 30.44 5.16 52.56
C ASN G 239 30.01 3.70 52.60
N MET G 240 29.01 3.30 51.83
CA MET G 240 28.47 1.95 51.93
C MET G 240 29.52 0.90 51.51
N ARG G 241 30.27 1.18 50.45
CA ARG G 241 31.18 0.20 49.88
C ARG G 241 32.54 0.31 50.56
N GLY G 242 32.99 -0.79 51.16
CA GLY G 242 34.29 -0.80 51.81
C GLY G 242 35.42 -0.65 50.82
N GLY G 243 36.49 -0.01 51.27
CA GLY G 243 37.58 0.35 50.39
C GLY G 243 38.46 -0.82 50.01
N LEU G 244 39.43 -0.52 49.14
CA LEU G 244 40.41 -1.48 48.65
C LEU G 244 39.72 -2.67 47.99
N GLY G 245 39.04 -2.39 46.89
CA GLY G 245 38.31 -3.39 46.14
C GLY G 245 39.24 -4.38 45.46
N LEU G 246 38.67 -5.12 44.51
CA LEU G 246 39.43 -6.11 43.77
C LEU G 246 40.58 -5.44 43.03
N SER G 247 41.78 -5.99 43.19
CA SER G 247 42.99 -5.42 42.62
C SER G 247 43.50 -6.29 41.50
N GLY G 248 43.75 -5.68 40.35
CA GLY G 248 44.26 -6.42 39.20
C GLY G 248 45.72 -6.76 39.33
N ALA G 249 46.19 -7.60 38.41
CA ALA G 249 47.58 -8.02 38.41
C ALA G 249 48.46 -6.96 37.80
N LYS G 250 49.76 -7.07 38.05
CA LYS G 250 50.74 -6.16 37.46
C LYS G 250 50.90 -6.48 35.98
N ALA G 251 50.91 -5.43 35.15
CA ALA G 251 51.03 -5.60 33.71
C ALA G 251 52.40 -6.18 33.37
N LYS G 252 52.40 -7.26 32.59
CA LYS G 252 53.63 -7.92 32.17
C LYS G 252 53.96 -7.47 30.75
N TYR G 253 55.17 -6.94 30.57
CA TYR G 253 55.57 -6.47 29.25
C TYR G 253 55.72 -7.65 28.29
N ARG G 254 55.19 -7.47 27.08
CA ARG G 254 55.17 -8.52 26.07
C ARG G 254 56.19 -8.30 24.96
N GLY G 255 56.33 -7.07 24.48
CA GLY G 255 57.28 -6.79 23.41
C GLY G 255 56.95 -7.48 22.10
N GLY G 256 55.67 -7.55 21.76
CA GLY G 256 55.23 -8.19 20.53
C GLY G 256 55.07 -7.20 19.40
N GLU G 257 54.24 -7.58 18.43
CA GLU G 257 53.97 -6.70 17.30
C GLU G 257 52.58 -7.02 16.75
N ILE G 258 51.90 -5.97 16.29
CA ILE G 258 50.58 -6.09 15.69
C ILE G 258 50.57 -5.18 14.47
N ARG G 259 50.53 -5.77 13.28
CA ARG G 259 50.51 -5.03 12.03
C ARG G 259 49.13 -5.15 11.40
N ASP G 260 48.50 -4.01 11.14
CA ASP G 260 47.16 -3.96 10.57
C ASP G 260 47.26 -3.50 9.12
N GLN G 261 46.78 -4.32 8.20
CA GLN G 261 46.76 -4.01 6.78
C GLN G 261 45.35 -3.52 6.44
N ASN G 262 45.19 -2.20 6.30
CA ASN G 262 43.90 -1.61 5.96
C ASN G 262 43.96 -0.77 4.69
N GLY G 263 45.09 -0.76 3.99
CA GLY G 263 45.17 -0.15 2.68
C GLY G 263 45.12 1.36 2.65
N ASP G 264 45.13 2.01 3.81
CA ASP G 264 45.12 3.48 3.82
C ASP G 264 46.42 4.01 3.21
N SER G 265 46.31 5.19 2.58
CA SER G 265 47.46 5.79 1.92
C SER G 265 48.57 6.09 2.92
N LEU G 266 48.21 6.57 4.11
CA LEU G 266 49.16 6.93 5.15
C LEU G 266 49.32 5.78 6.13
N VAL G 267 50.57 5.44 6.44
CA VAL G 267 50.90 4.40 7.41
C VAL G 267 51.18 5.08 8.75
N HIS G 268 50.47 4.64 9.78
CA HIS G 268 50.71 5.05 11.15
C HIS G 268 51.47 3.93 11.86
N ALA G 269 52.63 4.25 12.41
CA ALA G 269 53.45 3.27 13.09
C ALA G 269 53.85 3.80 14.46
N ALA G 270 53.83 2.91 15.45
CA ALA G 270 54.24 3.24 16.80
C ALA G 270 55.22 2.19 17.27
N LEU G 271 56.47 2.60 17.53
CA LEU G 271 57.52 1.71 18.00
C LEU G 271 57.97 2.19 19.37
N VAL G 272 57.72 1.37 20.40
CA VAL G 272 57.95 1.78 21.78
C VAL G 272 58.69 0.69 22.53
N ALA G 273 59.16 1.03 23.72
CA ALA G 273 59.78 0.10 24.65
C ALA G 273 59.38 0.53 26.06
N GLU G 274 59.47 -0.43 26.99
CA GLU G 274 58.99 -0.18 28.35
C GLU G 274 59.83 0.90 29.03
N SER G 275 59.17 2.01 29.35
CA SER G 275 59.79 3.10 30.09
C SER G 275 59.51 2.92 31.58
N ALA G 276 59.72 3.98 32.36
CA ALA G 276 59.47 3.91 33.79
C ALA G 276 58.01 4.22 34.11
N ALA G 277 57.58 3.78 35.28
CA ALA G 277 56.25 4.05 35.75
C ALA G 277 56.12 5.51 36.19
N THR G 278 54.87 5.98 36.25
CA THR G 278 54.62 7.37 36.60
C THR G 278 55.01 7.64 38.05
N GLY G 279 55.41 8.89 38.31
CA GLY G 279 55.77 9.32 39.64
C GLY G 279 57.22 9.11 40.02
N SER G 280 58.01 8.46 39.18
CA SER G 280 59.42 8.22 39.46
C SER G 280 60.27 9.26 38.73
N ALA G 281 61.52 9.37 39.17
CA ALA G 281 62.45 10.32 38.54
C ALA G 281 62.72 9.94 37.09
N GLU G 282 62.85 8.64 36.81
CA GLU G 282 63.06 8.20 35.45
C GLU G 282 61.88 8.56 34.55
N ALA G 283 60.66 8.66 35.11
CA ALA G 283 59.53 9.14 34.34
C ALA G 283 59.72 10.59 33.92
N ASN G 284 60.22 11.42 34.84
CA ASN G 284 60.55 12.80 34.47
C ASN G 284 61.63 12.84 33.40
N ALA G 285 62.62 11.96 33.51
CA ALA G 285 63.66 11.89 32.48
C ALA G 285 63.06 11.52 31.13
N PHE G 286 62.13 10.58 31.10
CA PHE G 286 61.49 10.17 29.85
C PHE G 286 60.65 11.30 29.27
N SER G 287 59.94 12.05 30.12
CA SER G 287 59.16 13.19 29.62
C SER G 287 60.07 14.27 29.04
N VAL G 288 61.18 14.56 29.71
CA VAL G 288 62.15 15.52 29.18
C VAL G 288 62.72 15.02 27.86
N LEU G 289 62.98 13.71 27.76
CA LEU G 289 63.45 13.15 26.50
C LEU G 289 62.41 13.30 25.40
N GLN G 290 61.13 13.08 25.74
CA GLN G 290 60.07 13.26 24.75
C GLN G 290 60.05 14.69 24.23
N HIS G 291 60.16 15.67 25.13
CA HIS G 291 60.17 17.05 24.67
C HIS G 291 61.49 17.44 24.00
N VAL G 292 62.56 16.68 24.25
CA VAL G 292 63.78 16.86 23.46
C VAL G 292 63.53 16.43 22.02
N LEU G 293 62.95 15.25 21.83
CA LEU G 293 62.68 14.76 20.49
C LEU G 293 61.55 15.54 19.82
N GLY G 294 60.61 16.04 20.62
CA GLY G 294 59.50 16.81 20.08
C GLY G 294 58.17 16.10 20.27
N ALA G 295 57.35 16.61 21.19
CA ALA G 295 56.05 16.01 21.43
C ALA G 295 55.04 16.46 20.38
N GLY G 296 55.00 17.77 20.11
CA GLY G 296 54.06 18.30 19.15
C GLY G 296 54.46 19.70 18.71
N PRO G 297 53.82 20.20 17.66
CA PRO G 297 54.16 21.53 17.15
C PRO G 297 53.76 22.62 18.12
N HIS G 298 54.52 23.71 18.09
CA HIS G 298 54.22 24.91 18.85
C HIS G 298 53.83 26.08 17.97
N VAL G 299 53.95 25.94 16.66
CA VAL G 299 53.58 26.98 15.69
C VAL G 299 52.68 26.36 14.65
N LYS G 300 51.54 26.99 14.40
CA LYS G 300 50.62 26.48 13.39
C LYS G 300 51.31 26.43 12.03
N ARG G 301 51.23 25.26 11.38
CA ARG G 301 51.87 25.03 10.08
C ARG G 301 53.36 25.30 10.12
N GLY G 302 53.98 25.11 11.28
CA GLY G 302 55.41 25.31 11.42
C GLY G 302 56.20 24.09 11.01
N SER G 303 57.49 24.30 10.79
CA SER G 303 58.38 23.22 10.37
C SER G 303 58.89 22.39 11.54
N ASN G 304 58.53 22.73 12.77
CA ASN G 304 59.00 22.02 13.97
C ASN G 304 60.52 21.96 14.00
N ALA G 305 61.15 23.13 13.92
CA ALA G 305 62.60 23.20 13.82
C ALA G 305 63.28 22.61 15.05
N THR G 306 62.76 22.92 16.24
CA THR G 306 63.37 22.39 17.46
C THR G 306 63.07 20.92 17.68
N SER G 307 62.15 20.34 16.92
CA SER G 307 61.84 18.92 17.02
C SER G 307 62.97 18.14 16.35
N SER G 308 63.78 17.45 17.16
CA SER G 308 64.92 16.71 16.62
C SER G 308 64.46 15.59 15.68
N LEU G 309 63.40 14.88 16.06
CA LEU G 309 62.90 13.79 15.21
C LEU G 309 62.43 14.31 13.86
N TYR G 310 61.69 15.42 13.86
CA TYR G 310 61.17 15.96 12.61
C TYR G 310 62.30 16.35 11.67
N GLN G 311 63.31 17.05 12.19
CA GLN G 311 64.44 17.44 11.36
C GLN G 311 65.23 16.24 10.88
N ALA G 312 65.42 15.24 11.75
CA ALA G 312 66.15 14.05 11.36
C ALA G 312 65.45 13.30 10.24
N VAL G 313 64.12 13.21 10.31
CA VAL G 313 63.38 12.53 9.25
C VAL G 313 63.38 13.36 7.97
N ALA G 314 63.23 14.69 8.11
CA ALA G 314 63.09 15.56 6.94
C ALA G 314 64.33 15.52 6.06
N LYS G 315 65.51 15.29 6.64
CA LYS G 315 66.75 15.34 5.87
C LYS G 315 66.74 14.35 4.71
N GLY G 316 66.00 13.24 4.84
CA GLY G 316 66.01 12.23 3.81
C GLY G 316 64.64 11.92 3.23
N VAL G 317 63.60 12.49 3.81
CA VAL G 317 62.23 12.27 3.36
C VAL G 317 61.66 13.61 2.95
N HIS G 318 61.20 13.71 1.69
CA HIS G 318 60.68 14.95 1.14
C HIS G 318 59.18 14.86 0.84
N GLN G 319 58.49 13.91 1.45
CA GLN G 319 57.07 13.70 1.29
C GLN G 319 56.33 14.12 2.56
N PRO G 320 55.01 14.23 2.51
CA PRO G 320 54.24 14.51 3.74
C PRO G 320 54.51 13.47 4.81
N PHE G 321 54.93 13.94 5.98
CA PHE G 321 55.26 13.06 7.09
C PHE G 321 55.02 13.80 8.39
N ASP G 322 55.02 13.03 9.47
CA ASP G 322 54.88 13.58 10.81
C ASP G 322 55.46 12.57 11.80
N VAL G 323 56.30 13.03 12.72
CA VAL G 323 56.93 12.14 13.69
C VAL G 323 57.00 12.84 15.04
N SER G 324 56.61 12.13 16.10
CA SER G 324 56.73 12.65 17.45
C SER G 324 57.12 11.54 18.40
N ALA G 325 57.37 11.92 19.65
CA ALA G 325 57.73 10.97 20.69
C ALA G 325 56.50 10.61 21.52
N PHE G 326 56.13 9.35 21.49
CA PHE G 326 55.03 8.80 22.27
C PHE G 326 55.51 8.48 23.66
N ASN G 327 54.79 8.95 24.67
CA ASN G 327 55.16 8.73 26.06
C ASN G 327 53.91 8.47 26.87
N ALA G 328 53.72 7.22 27.27
CA ALA G 328 52.61 6.80 28.14
C ALA G 328 53.20 6.44 29.49
N SER G 329 52.68 7.07 30.54
CA SER G 329 53.11 6.80 31.90
C SER G 329 51.95 6.21 32.69
N TYR G 330 52.16 5.02 33.25
CA TYR G 330 51.13 4.32 34.01
C TYR G 330 51.65 3.98 35.39
N SER G 331 50.75 3.48 36.24
CA SER G 331 51.07 3.28 37.65
C SER G 331 52.19 2.26 37.83
N ASP G 332 52.12 1.14 37.11
CA ASP G 332 53.11 0.08 37.29
C ASP G 332 54.17 0.03 36.21
N SER G 333 53.93 0.65 35.05
CA SER G 333 54.85 0.56 33.94
C SER G 333 54.66 1.79 33.06
N GLY G 334 55.28 1.76 31.88
CA GLY G 334 55.16 2.85 30.94
C GLY G 334 55.77 2.47 29.61
N LEU G 335 55.42 3.25 28.59
CA LEU G 335 55.92 3.04 27.24
C LEU G 335 56.49 4.34 26.71
N PHE G 336 57.68 4.27 26.12
CA PHE G 336 58.25 5.41 25.43
C PHE G 336 58.71 4.96 24.05
N GLY G 337 58.46 5.79 23.05
CA GLY G 337 58.83 5.42 21.70
C GLY G 337 58.55 6.53 20.72
N ILE G 338 58.46 6.15 19.45
CA ILE G 338 58.25 7.08 18.35
C ILE G 338 56.95 6.72 17.65
N TYR G 339 56.16 7.74 17.34
CA TYR G 339 54.96 7.59 16.53
C TYR G 339 55.15 8.36 15.23
N THR G 340 54.99 7.68 14.10
CA THR G 340 55.24 8.27 12.79
C THR G 340 54.05 8.02 11.87
N ILE G 341 53.55 9.08 11.26
CA ILE G 341 52.62 9.00 10.14
C ILE G 341 53.41 9.33 8.88
N SER G 342 53.37 8.42 7.91
CA SER G 342 54.21 8.59 6.73
C SER G 342 53.50 8.04 5.51
N GLN G 343 54.13 8.22 4.36
CA GLN G 343 53.63 7.63 3.13
C GLN G 343 53.82 6.11 3.18
N ALA G 344 52.97 5.41 2.42
CA ALA G 344 53.04 3.94 2.42
C ALA G 344 54.39 3.44 1.92
N ALA G 345 54.90 4.05 0.85
CA ALA G 345 56.17 3.62 0.28
C ALA G 345 57.39 4.17 1.01
N SER G 346 57.19 5.14 1.90
CA SER G 346 58.30 5.77 2.62
C SER G 346 58.25 5.52 4.11
N ALA G 347 57.39 4.62 4.59
CA ALA G 347 57.25 4.40 6.02
C ALA G 347 58.55 3.88 6.64
N GLY G 348 59.21 2.93 5.97
CA GLY G 348 60.45 2.39 6.50
C GLY G 348 61.51 3.46 6.68
N ASP G 349 61.65 4.35 5.70
CA ASP G 349 62.65 5.40 5.79
C ASP G 349 62.38 6.32 6.98
N VAL G 350 61.12 6.72 7.17
CA VAL G 350 60.78 7.61 8.27
C VAL G 350 61.03 6.93 9.61
N ILE G 351 60.60 5.67 9.74
CA ILE G 351 60.76 4.96 10.99
C ILE G 351 62.25 4.80 11.33
N LYS G 352 63.05 4.42 10.33
CA LYS G 352 64.47 4.23 10.57
C LYS G 352 65.17 5.55 10.88
N SER G 353 64.76 6.65 10.23
CA SER G 353 65.36 7.94 10.53
C SER G 353 65.05 8.38 11.96
N ALA G 354 63.80 8.22 12.39
CA ALA G 354 63.45 8.59 13.76
C ALA G 354 64.20 7.73 14.77
N TYR G 355 64.29 6.42 14.50
CA TYR G 355 65.02 5.53 15.40
C TYR G 355 66.49 5.90 15.44
N ASP G 356 67.07 6.26 14.30
CA ASP G 356 68.47 6.67 14.28
C ASP G 356 68.69 7.94 15.08
N GLN G 357 67.75 8.89 14.99
CA GLN G 357 67.88 10.11 15.79
C GLN G 357 67.85 9.78 17.28
N VAL G 358 66.92 8.91 17.70
CA VAL G 358 66.87 8.53 19.11
C VAL G 358 68.15 7.84 19.52
N LYS G 359 68.70 6.98 18.67
CA LYS G 359 69.95 6.30 18.97
C LYS G 359 71.10 7.28 19.11
N THR G 360 71.17 8.28 18.23
CA THR G 360 72.21 9.30 18.32
C THR G 360 72.11 10.06 19.63
N ILE G 361 70.89 10.39 20.05
CA ILE G 361 70.72 11.02 21.36
C ILE G 361 71.18 10.07 22.46
N ALA G 362 70.94 8.77 22.30
CA ALA G 362 71.34 7.79 23.30
C ALA G 362 72.85 7.74 23.44
N GLN G 363 73.58 7.89 22.34
CA GLN G 363 75.04 7.83 22.37
C GLN G 363 75.67 9.05 23.05
N GLY G 364 74.89 10.08 23.36
CA GLY G 364 75.40 11.24 24.06
C GLY G 364 75.34 12.53 23.27
N ASN G 365 74.87 12.52 22.02
CA ASN G 365 74.79 13.73 21.20
C ASN G 365 73.57 14.54 21.64
N LEU G 366 73.69 15.10 22.85
CA LEU G 366 72.61 15.87 23.46
C LEU G 366 73.21 17.11 24.09
N SER G 367 72.83 18.27 23.57
CA SER G 367 73.36 19.53 24.08
C SER G 367 72.58 19.98 25.30
N ASN G 368 73.28 20.67 26.21
CA ASN G 368 72.63 21.20 27.41
C ASN G 368 71.55 22.20 27.05
N THR G 369 71.78 23.02 26.02
CA THR G 369 70.77 23.96 25.57
C THR G 369 69.49 23.25 25.16
N ASP G 370 69.62 22.13 24.45
CA ASP G 370 68.44 21.36 24.03
C ASP G 370 67.68 20.84 25.24
N VAL G 371 68.40 20.35 26.25
CA VAL G 371 67.74 19.87 27.46
C VAL G 371 67.00 20.99 28.16
N GLN G 372 67.63 22.16 28.25
CA GLN G 372 66.98 23.30 28.89
C GLN G 372 65.73 23.73 28.13
N ALA G 373 65.81 23.76 26.80
CA ALA G 373 64.64 24.09 25.99
C ALA G 373 63.53 23.07 26.19
N ALA G 374 63.87 21.78 26.26
CA ALA G 374 62.86 20.77 26.49
C ALA G 374 62.22 20.92 27.87
N LYS G 375 63.03 21.28 28.87
CA LYS G 375 62.47 21.53 30.20
C LYS G 375 61.52 22.72 30.19
N ASN G 376 61.87 23.76 29.45
CA ASN G 376 60.97 24.91 29.32
C ASN G 376 59.67 24.49 28.66
N LYS G 377 59.76 23.68 27.59
CA LYS G 377 58.56 23.19 26.93
C LYS G 377 57.71 22.38 27.87
N LEU G 378 58.34 21.52 28.68
CA LEU G 378 57.61 20.67 29.60
C LEU G 378 56.90 21.48 30.67
N LYS G 379 57.60 22.44 31.28
CA LYS G 379 56.99 23.28 32.30
C LYS G 379 55.83 24.08 31.72
N ALA G 380 56.04 24.69 30.55
CA ALA G 380 54.98 25.47 29.93
C ALA G 380 53.78 24.59 29.60
N GLY G 381 54.02 23.40 29.06
CA GLY G 381 52.92 22.51 28.72
C GLY G 381 52.14 22.07 29.95
N TYR G 382 52.84 21.74 31.03
CA TYR G 382 52.15 21.34 32.26
C TYR G 382 51.30 22.49 32.81
N LEU G 383 51.87 23.69 32.85
CA LEU G 383 51.12 24.83 33.37
C LEU G 383 49.91 25.14 32.49
N MET G 384 50.08 25.07 31.17
CA MET G 384 48.95 25.29 30.27
C MET G 384 47.89 24.21 30.44
N SER G 385 48.31 22.96 30.66
CA SER G 385 47.36 21.88 30.88
C SER G 385 46.53 22.13 32.13
N VAL G 386 47.19 22.47 33.24
CA VAL G 386 46.46 22.74 34.47
C VAL G 386 45.81 24.12 34.47
N GLU G 387 46.00 24.91 33.42
CA GLU G 387 45.43 26.25 33.38
C GLU G 387 43.91 26.22 33.33
N SER G 388 43.35 25.30 32.56
CA SER G 388 41.90 25.21 32.42
C SER G 388 41.28 24.54 33.64
N SER G 389 39.96 24.72 33.77
CA SER G 389 39.22 24.06 34.85
C SER G 389 39.22 22.55 34.66
N GLU G 390 38.96 22.08 33.43
CA GLU G 390 39.02 20.65 33.15
C GLU G 390 40.42 20.11 33.41
N GLY G 391 41.44 20.84 32.95
CA GLY G 391 42.81 20.40 33.16
C GLY G 391 43.18 20.33 34.63
N PHE G 392 42.84 21.37 35.38
CA PHE G 392 43.14 21.37 36.81
C PHE G 392 42.40 20.24 37.52
N LEU G 393 41.13 20.04 37.17
CA LEU G 393 40.35 18.99 37.81
C LEU G 393 40.95 17.61 37.54
N ASP G 394 41.30 17.33 36.28
CA ASP G 394 41.86 16.01 35.98
C ASP G 394 43.23 15.85 36.61
N GLU G 395 44.03 16.92 36.67
CA GLU G 395 45.35 16.83 37.29
C GLU G 395 45.23 16.51 38.78
N VAL G 396 44.35 17.23 39.48
CA VAL G 396 44.17 16.98 40.91
C VAL G 396 43.60 15.57 41.13
N GLY G 397 42.68 15.14 40.28
CA GLY G 397 42.13 13.81 40.40
C GLY G 397 43.18 12.72 40.19
N SER G 398 44.03 12.89 39.18
CA SER G 398 45.09 11.92 38.94
C SER G 398 46.08 11.89 40.10
N GLN G 399 46.44 13.06 40.63
CA GLN G 399 47.35 13.09 41.77
C GLN G 399 46.73 12.41 42.99
N ALA G 400 45.45 12.64 43.24
CA ALA G 400 44.78 11.99 44.36
C ALA G 400 44.65 10.50 44.16
N LEU G 401 44.48 10.05 42.91
CA LEU G 401 44.29 8.63 42.64
C LEU G 401 45.61 7.86 42.60
N VAL G 402 46.72 8.52 42.30
CA VAL G 402 48.00 7.83 42.18
C VAL G 402 48.80 7.98 43.48
N ALA G 403 49.14 9.22 43.83
CA ALA G 403 49.98 9.47 44.99
C ALA G 403 49.19 9.66 46.28
N GLY G 404 47.87 9.78 46.21
CA GLY G 404 47.09 10.01 47.39
C GLY G 404 47.28 11.37 48.03
N SER G 405 48.00 12.28 47.37
CA SER G 405 48.25 13.61 47.90
C SER G 405 48.39 14.58 46.74
N TYR G 406 48.21 15.85 47.04
CA TYR G 406 48.31 16.89 46.03
C TYR G 406 49.68 17.56 46.10
N VAL G 407 50.25 17.82 44.94
CA VAL G 407 51.56 18.45 44.81
C VAL G 407 51.39 19.77 44.09
N GLN G 408 51.90 20.84 44.68
CA GLN G 408 51.81 22.16 44.07
C GLN G 408 52.58 22.18 42.75
N PRO G 409 52.16 22.99 41.79
CA PRO G 409 52.88 23.05 40.52
C PRO G 409 54.33 23.50 40.66
N SER G 410 54.65 24.25 41.72
CA SER G 410 56.04 24.63 41.96
C SER G 410 56.91 23.40 42.20
N THR G 411 56.42 22.43 42.98
CA THR G 411 57.17 21.21 43.20
C THR G 411 57.31 20.41 41.91
N VAL G 412 56.26 20.38 41.09
CA VAL G 412 56.35 19.70 39.80
C VAL G 412 57.44 20.33 38.94
N LEU G 413 57.47 21.67 38.89
CA LEU G 413 58.50 22.35 38.10
C LEU G 413 59.89 22.05 38.65
N GLN G 414 60.04 22.05 39.98
CA GLN G 414 61.33 21.74 40.57
C GLN G 414 61.79 20.34 40.22
N GLN G 415 60.86 19.38 40.23
CA GLN G 415 61.18 18.02 39.81
C GLN G 415 61.58 18.00 38.34
N ILE G 416 60.90 18.78 37.51
CA ILE G 416 61.22 18.82 36.08
C ILE G 416 62.64 19.32 35.86
N ASP G 417 63.01 20.42 36.51
CA ASP G 417 64.33 20.98 36.29
C ASP G 417 65.44 20.18 36.98
N SER G 418 65.07 19.28 37.90
CA SER G 418 66.08 18.44 38.55
C SER G 418 66.62 17.36 37.63
N VAL G 419 66.02 17.15 36.47
CA VAL G 419 66.52 16.16 35.51
C VAL G 419 67.84 16.64 34.94
N ALA G 420 68.81 15.75 34.87
CA ALA G 420 70.10 16.04 34.26
C ALA G 420 70.13 15.52 32.82
N ASP G 421 71.12 16.02 32.07
CA ASP G 421 71.33 15.53 30.71
C ASP G 421 71.67 14.04 30.73
N ALA G 422 72.47 13.62 31.71
CA ALA G 422 72.78 12.21 31.88
C ALA G 422 71.52 11.36 31.98
N ASP G 423 70.54 11.82 32.75
CA ASP G 423 69.29 11.08 32.91
C ASP G 423 68.57 10.91 31.57
N VAL G 424 68.51 11.97 30.77
CA VAL G 424 67.88 11.88 29.46
C VAL G 424 68.63 10.91 28.55
N ILE G 425 69.96 10.97 28.58
CA ILE G 425 70.76 10.06 27.78
C ILE G 425 70.52 8.62 28.22
N ASN G 426 70.40 8.39 29.53
CA ASN G 426 70.13 7.04 30.04
C ASN G 426 68.75 6.56 29.62
N ALA G 427 67.75 7.45 29.62
CA ALA G 427 66.43 7.07 29.15
C ALA G 427 66.46 6.70 27.68
N ALA G 428 67.19 7.47 26.87
CA ALA G 428 67.33 7.13 25.45
C ALA G 428 68.05 5.79 25.29
N LYS G 429 69.09 5.54 26.09
CA LYS G 429 69.75 4.25 26.07
C LYS G 429 68.79 3.12 26.41
N LYS G 430 67.95 3.32 27.42
CA LYS G 430 66.99 2.28 27.81
C LYS G 430 66.02 2.00 26.67
N PHE G 431 65.55 3.04 25.99
CA PHE G 431 64.69 2.82 24.84
C PHE G 431 65.41 2.04 23.75
N VAL G 432 66.64 2.44 23.42
CA VAL G 432 67.36 1.82 22.31
C VAL G 432 67.73 0.39 22.64
N SER G 433 68.12 0.12 23.89
CA SER G 433 68.56 -1.21 24.32
C SER G 433 67.47 -1.95 25.07
N GLY G 434 66.22 -1.80 24.66
CA GLY G 434 65.12 -2.48 25.30
C GLY G 434 64.26 -3.21 24.29
N ARG G 435 63.50 -4.19 24.80
CA ARG G 435 62.59 -4.96 23.97
C ARG G 435 61.57 -4.04 23.31
N LYS G 436 61.39 -4.19 22.00
CA LYS G 436 60.57 -3.29 21.22
C LYS G 436 59.20 -3.91 20.95
N SER G 437 58.16 -3.08 21.05
CA SER G 437 56.81 -3.43 20.64
C SER G 437 56.32 -2.39 19.65
N MET G 438 55.78 -2.85 18.53
CA MET G 438 55.39 -1.96 17.44
C MET G 438 53.99 -2.30 16.94
N ALA G 439 53.24 -1.27 16.62
CA ALA G 439 51.92 -1.41 16.02
C ALA G 439 51.84 -0.54 14.78
N ALA G 440 51.41 -1.13 13.66
CA ALA G 440 51.35 -0.43 12.39
C ALA G 440 49.98 -0.59 11.77
N SER G 441 49.57 0.43 11.01
CA SER G 441 48.27 0.42 10.35
C SER G 441 48.39 1.24 9.07
N GLY G 442 48.06 0.61 7.94
CA GLY G 442 48.16 1.26 6.65
C GLY G 442 48.41 0.23 5.58
N ASN G 443 48.90 0.72 4.42
CA ASN G 443 49.19 -0.19 3.32
C ASN G 443 50.36 -1.11 3.63
N LEU G 444 51.21 -0.75 4.59
CA LEU G 444 52.38 -1.54 5.01
C LEU G 444 53.18 -1.89 3.76
N GLY G 445 53.63 -3.13 3.59
CA GLY G 445 54.43 -3.47 2.42
C GLY G 445 55.86 -2.99 2.48
N HIS G 446 56.07 -1.72 2.80
CA HIS G 446 57.40 -1.15 2.98
C HIS G 446 57.66 -0.78 4.43
N THR G 447 56.83 -1.25 5.35
CA THR G 447 56.99 -0.97 6.78
C THR G 447 57.79 -2.09 7.43
N PRO G 448 58.87 -1.78 8.15
CA PRO G 448 59.71 -2.83 8.72
C PRO G 448 59.04 -3.56 9.87
N PHE G 449 59.70 -4.59 10.38
CA PHE G 449 59.25 -5.35 11.53
C PHE G 449 60.14 -5.01 12.73
N VAL G 450 59.70 -5.43 13.91
CA VAL G 450 60.42 -5.10 15.14
C VAL G 450 61.85 -5.60 15.07
N ASP G 451 62.05 -6.81 14.56
CA ASP G 451 63.41 -7.36 14.44
C ASP G 451 64.25 -6.55 13.46
N GLU G 452 63.66 -6.10 12.36
CA GLU G 452 64.40 -5.32 11.37
C GLU G 452 64.83 -3.97 11.91
N LEU G 453 64.18 -3.45 12.94
CA LEU G 453 64.59 -2.19 13.55
C LEU G 453 65.82 -2.39 14.41
N MET H 1 7.98 10.65 17.61
CA MET H 1 6.85 11.16 16.83
C MET H 1 6.99 10.83 15.36
N THR H 2 5.94 11.11 14.61
CA THR H 2 5.91 10.88 13.17
C THR H 2 5.14 12.05 12.54
N ASN H 3 4.88 11.93 11.24
CA ASN H 3 4.06 12.88 10.50
C ASN H 3 2.74 12.21 10.18
N ILE H 4 1.63 12.83 10.59
CA ILE H 4 0.31 12.25 10.37
C ILE H 4 0.07 12.06 8.88
N ARG H 5 0.54 13.00 8.06
CA ARG H 5 0.34 12.90 6.61
C ARG H 5 1.04 11.67 6.04
N LYS H 6 2.22 11.32 6.56
CA LYS H 6 2.98 10.19 6.06
C LYS H 6 2.77 8.91 6.86
N SER H 7 1.93 8.93 7.90
CA SER H 7 1.73 7.76 8.74
C SER H 7 0.29 7.25 8.69
N HIS H 8 -0.69 8.11 8.85
CA HIS H 8 -2.08 7.70 8.85
C HIS H 8 -2.43 6.99 7.55
N PRO H 9 -3.13 5.85 7.60
CA PRO H 9 -3.38 5.06 6.38
C PRO H 9 -4.00 5.85 5.22
N LEU H 10 -5.16 6.45 5.46
CA LEU H 10 -5.78 7.28 4.43
C LEU H 10 -4.87 8.43 4.05
N MET H 11 -4.26 9.07 5.04
CA MET H 11 -3.31 10.14 4.75
C MET H 11 -2.10 9.60 3.99
N LYS H 12 -1.64 8.39 4.30
CA LYS H 12 -0.57 7.80 3.52
C LYS H 12 -0.95 7.66 2.06
N ILE H 13 -2.14 7.13 1.80
CA ILE H 13 -2.60 6.96 0.42
C ILE H 13 -2.66 8.30 -0.29
N ILE H 14 -3.28 9.30 0.35
CA ILE H 14 -3.47 10.60 -0.28
C ILE H 14 -2.12 11.28 -0.52
N ASN H 15 -1.23 11.21 0.47
CA ASN H 15 0.10 11.82 0.33
C ASN H 15 0.90 11.18 -0.79
N ASN H 16 0.84 9.86 -0.91
CA ASN H 16 1.56 9.18 -1.97
C ASN H 16 0.88 9.30 -3.33
N ALA H 17 -0.38 9.74 -3.35
CA ALA H 17 -1.08 9.90 -4.62
C ALA H 17 -1.01 11.31 -5.17
N PHE H 18 -1.22 12.33 -4.33
CA PHE H 18 -1.38 13.69 -4.83
C PHE H 18 -0.53 14.74 -4.13
N ILE H 19 0.25 14.38 -3.12
CA ILE H 19 1.00 15.34 -2.33
C ILE H 19 2.51 15.18 -2.53
N ASP H 20 3.02 13.96 -2.30
CA ASP H 20 4.45 13.70 -2.42
C ASP H 20 4.76 12.78 -3.60
N LEU H 21 3.83 12.65 -4.52
CA LEU H 21 4.07 11.86 -5.72
C LEU H 21 5.19 12.48 -6.55
N PRO H 22 6.28 11.76 -6.80
CA PRO H 22 7.30 12.29 -7.72
C PRO H 22 6.73 12.44 -9.12
N ALA H 23 6.78 13.66 -9.65
CA ALA H 23 6.23 13.90 -10.97
C ALA H 23 7.29 14.53 -11.85
N PRO H 24 7.28 14.23 -13.15
CA PRO H 24 8.24 14.86 -14.06
C PRO H 24 8.08 16.37 -14.04
N SER H 25 9.19 17.07 -14.14
CA SER H 25 9.17 18.52 -14.05
C SER H 25 8.79 19.19 -15.37
N ASN H 26 8.77 18.46 -16.47
CA ASN H 26 8.58 19.04 -17.79
C ASN H 26 7.26 18.66 -18.46
N ILE H 27 6.35 18.00 -17.76
CA ILE H 27 5.08 17.63 -18.40
C ILE H 27 4.32 18.89 -18.76
N SER H 28 3.88 18.96 -20.01
CA SER H 28 3.26 20.17 -20.55
C SER H 28 1.81 20.26 -20.10
N SER H 29 1.06 21.18 -20.72
CA SER H 29 -0.36 21.32 -20.40
C SER H 29 -1.17 20.10 -20.84
N TRP H 30 -0.64 19.30 -21.75
CA TRP H 30 -1.35 18.10 -22.19
C TRP H 30 -1.52 17.08 -21.08
N TRP H 31 -0.75 17.21 -20.00
CA TRP H 31 -0.91 16.34 -18.84
C TRP H 31 -1.94 16.87 -17.86
N ASN H 32 -2.52 18.04 -18.11
CA ASN H 32 -3.60 18.53 -17.25
C ASN H 32 -4.88 17.74 -17.47
N PHE H 33 -5.15 17.35 -18.72
CA PHE H 33 -6.46 16.83 -19.08
C PHE H 33 -6.85 15.62 -18.23
N GLY H 34 -5.88 14.79 -17.88
CA GLY H 34 -6.13 13.68 -16.98
C GLY H 34 -6.90 14.13 -15.75
N SER H 35 -6.33 15.06 -15.00
CA SER H 35 -7.03 15.62 -13.85
C SER H 35 -8.36 16.22 -14.28
N LEU H 36 -8.37 16.95 -15.40
CA LEU H 36 -9.60 17.51 -15.93
C LEU H 36 -10.67 16.42 -16.07
N LEU H 37 -10.28 15.28 -16.62
CA LEU H 37 -11.22 14.17 -16.75
C LEU H 37 -11.85 13.86 -15.41
N GLY H 38 -11.01 13.67 -14.39
CA GLY H 38 -11.55 13.43 -13.06
C GLY H 38 -12.52 14.52 -12.65
N ILE H 39 -12.10 15.78 -12.82
CA ILE H 39 -13.00 16.90 -12.51
C ILE H 39 -14.32 16.71 -13.24
N CYS H 40 -14.24 16.53 -14.56
CA CYS H 40 -15.46 16.32 -15.34
C CYS H 40 -16.30 15.21 -14.74
N LEU H 41 -15.66 14.08 -14.44
CA LEU H 41 -16.38 12.96 -13.87
C LEU H 41 -17.13 13.38 -12.62
N ILE H 42 -16.42 14.02 -11.68
CA ILE H 42 -17.05 14.46 -10.44
C ILE H 42 -18.22 15.37 -10.76
N LEU H 43 -18.01 16.31 -11.68
CA LEU H 43 -19.09 17.21 -12.07
C LEU H 43 -20.28 16.42 -12.57
N GLN H 44 -20.04 15.48 -13.48
CA GLN H 44 -21.14 14.68 -14.01
C GLN H 44 -21.84 13.89 -12.93
N ILE H 45 -21.09 13.49 -11.89
CA ILE H 45 -21.73 12.78 -10.79
C ILE H 45 -22.57 13.74 -9.96
N LEU H 46 -22.07 14.94 -9.70
CA LEU H 46 -22.83 15.88 -8.87
C LEU H 46 -24.03 16.40 -9.64
N THR H 47 -23.78 17.07 -10.75
CA THR H 47 -24.84 17.64 -11.57
C THR H 47 -25.89 16.60 -11.91
N GLY H 48 -25.46 15.45 -12.42
CA GLY H 48 -26.39 14.39 -12.76
C GLY H 48 -27.24 13.98 -11.58
N LEU H 49 -26.63 13.88 -10.39
CA LEU H 49 -27.39 13.52 -9.21
C LEU H 49 -28.52 14.51 -8.97
N PHE H 50 -28.23 15.80 -9.10
CA PHE H 50 -29.27 16.79 -8.90
C PHE H 50 -30.31 16.77 -10.02
N LEU H 51 -29.96 16.22 -11.18
CA LEU H 51 -30.98 15.98 -12.19
C LEU H 51 -31.83 14.78 -11.83
N ALA H 52 -31.28 13.82 -11.09
CA ALA H 52 -32.04 12.64 -10.70
C ALA H 52 -33.03 12.93 -9.59
N MET H 53 -32.92 14.09 -8.93
CA MET H 53 -33.89 14.48 -7.91
C MET H 53 -35.20 14.98 -8.51
N HIS H 54 -35.22 15.26 -9.81
CA HIS H 54 -36.42 15.74 -10.47
C HIS H 54 -36.80 14.95 -11.72
N TYR H 55 -35.93 14.07 -12.21
CA TYR H 55 -36.20 13.32 -13.43
C TYR H 55 -36.89 12.01 -13.09
N THR H 56 -37.94 11.71 -13.85
CA THR H 56 -38.66 10.43 -13.75
C THR H 56 -38.48 9.68 -15.06
N SER H 57 -38.25 8.37 -14.96
CA SER H 57 -37.85 7.56 -16.11
C SER H 57 -39.02 6.85 -16.77
N ASP H 58 -40.20 7.47 -16.77
CA ASP H 58 -41.37 6.94 -17.45
C ASP H 58 -41.60 7.72 -18.74
N THR H 59 -41.93 7.00 -19.81
CA THR H 59 -42.13 7.64 -21.11
C THR H 59 -43.23 8.69 -21.05
N THR H 60 -44.21 8.52 -20.17
CA THR H 60 -45.27 9.51 -20.01
C THR H 60 -44.83 10.72 -19.19
N THR H 61 -43.69 10.63 -18.50
CA THR H 61 -43.26 11.73 -17.64
C THR H 61 -41.76 12.03 -17.77
N ALA H 62 -41.11 11.58 -18.83
CA ALA H 62 -39.67 11.85 -18.98
C ALA H 62 -39.43 13.23 -19.58
N PHE H 63 -39.96 13.47 -20.77
CA PHE H 63 -39.79 14.77 -21.42
C PHE H 63 -40.41 15.87 -20.57
N SER H 64 -41.58 15.61 -19.98
CA SER H 64 -42.23 16.60 -19.13
C SER H 64 -41.38 16.89 -17.90
N SER H 65 -40.75 15.87 -17.31
CA SER H 65 -39.88 16.10 -16.16
C SER H 65 -38.65 16.92 -16.56
N VAL H 66 -38.10 16.66 -17.75
CA VAL H 66 -36.94 17.45 -18.19
C VAL H 66 -37.34 18.91 -18.39
N THR H 67 -38.51 19.15 -18.98
CA THR H 67 -38.98 20.52 -19.10
C THR H 67 -39.28 21.15 -17.75
N HIS H 68 -39.75 20.35 -16.79
CA HIS H 68 -39.96 20.84 -15.43
C HIS H 68 -38.64 21.26 -14.80
N ILE H 69 -37.58 20.48 -15.02
CA ILE H 69 -36.25 20.87 -14.56
C ILE H 69 -35.82 22.18 -15.22
N CYS H 70 -36.08 22.31 -16.52
CA CYS H 70 -35.59 23.47 -17.26
C CYS H 70 -36.40 24.73 -17.01
N ARG H 71 -37.64 24.61 -16.53
CA ARG H 71 -38.54 25.75 -16.38
C ARG H 71 -38.91 26.06 -14.94
N ASP H 72 -39.13 25.05 -14.10
CA ASP H 72 -39.66 25.26 -12.76
C ASP H 72 -38.62 25.11 -11.67
N VAL H 73 -37.76 24.10 -11.74
CA VAL H 73 -36.75 23.91 -10.72
C VAL H 73 -35.83 25.11 -10.67
N ASN H 74 -35.56 25.59 -9.46
CA ASN H 74 -34.68 26.74 -9.27
C ASN H 74 -33.29 26.42 -9.78
N TYR H 75 -32.80 27.24 -10.71
CA TYR H 75 -31.52 27.01 -11.39
C TYR H 75 -31.45 25.63 -12.04
N GLY H 76 -32.62 25.04 -12.31
CA GLY H 76 -32.64 23.74 -12.95
C GLY H 76 -31.99 23.75 -14.33
N TRP H 77 -32.19 24.84 -15.08
CA TRP H 77 -31.58 24.95 -16.39
C TRP H 77 -30.06 24.99 -16.27
N VAL H 78 -29.54 25.65 -15.24
CA VAL H 78 -28.09 25.68 -15.02
C VAL H 78 -27.56 24.27 -14.90
N ILE H 79 -28.19 23.47 -14.04
CA ILE H 79 -27.72 22.10 -13.81
C ILE H 79 -27.89 21.26 -15.08
N ARG H 80 -29.04 21.39 -15.75
CA ARG H 80 -29.29 20.57 -16.93
C ARG H 80 -28.26 20.85 -18.03
N TYR H 81 -28.00 22.12 -18.31
CA TYR H 81 -27.05 22.46 -19.36
C TYR H 81 -25.62 22.21 -18.91
N LEU H 82 -25.34 22.32 -17.60
CA LEU H 82 -24.04 21.89 -17.09
C LEU H 82 -23.82 20.42 -17.41
N HIS H 83 -24.82 19.58 -17.17
CA HIS H 83 -24.70 18.16 -17.49
C HIS H 83 -24.50 17.96 -18.99
N ALA H 84 -25.37 18.58 -19.79
CA ALA H 84 -25.35 18.35 -21.23
C ALA H 84 -24.03 18.76 -21.86
N ASN H 85 -23.53 19.95 -21.52
CA ASN H 85 -22.27 20.42 -22.08
C ASN H 85 -21.06 19.84 -21.35
N GLY H 86 -21.22 19.35 -20.12
CA GLY H 86 -20.12 18.71 -19.44
C GLY H 86 -19.85 17.33 -19.99
N ALA H 87 -20.86 16.66 -20.53
CA ALA H 87 -20.60 15.43 -21.28
C ALA H 87 -19.72 15.72 -22.49
N SER H 88 -20.03 16.80 -23.22
CA SER H 88 -19.23 17.17 -24.38
C SER H 88 -17.81 17.56 -23.96
N MET H 89 -17.67 18.29 -22.85
CA MET H 89 -16.35 18.63 -22.35
C MET H 89 -15.58 17.37 -21.93
N PHE H 90 -16.29 16.42 -21.31
CA PHE H 90 -15.69 15.14 -20.95
C PHE H 90 -15.13 14.45 -22.17
N PHE H 91 -15.88 14.45 -23.28
CA PHE H 91 -15.39 13.77 -24.47
C PHE H 91 -14.27 14.54 -25.17
N ILE H 92 -14.33 15.87 -25.14
CA ILE H 92 -13.21 16.66 -25.66
C ILE H 92 -11.93 16.30 -24.91
N CYS H 93 -12.01 16.29 -23.57
CA CYS H 93 -10.84 15.97 -22.76
C CYS H 93 -10.40 14.52 -22.96
N LEU H 94 -11.36 13.60 -23.14
CA LEU H 94 -11.01 12.21 -23.38
C LEU H 94 -10.25 12.05 -24.69
N PHE H 95 -10.74 12.69 -25.75
CA PHE H 95 -10.06 12.60 -27.04
C PHE H 95 -8.67 13.23 -26.97
N ILE H 96 -8.55 14.37 -26.30
CA ILE H 96 -7.23 14.99 -26.17
C ILE H 96 -6.31 14.11 -25.34
N HIS H 97 -6.85 13.44 -24.32
CA HIS H 97 -6.05 12.55 -23.49
C HIS H 97 -5.53 11.35 -24.29
N VAL H 98 -6.41 10.75 -25.10
CA VAL H 98 -5.98 9.63 -25.93
C VAL H 98 -4.97 10.09 -26.97
N GLY H 99 -5.17 11.27 -27.54
CA GLY H 99 -4.18 11.81 -28.47
C GLY H 99 -2.83 12.04 -27.81
N ARG H 100 -2.84 12.54 -26.57
CA ARG H 100 -1.60 12.72 -25.82
C ARG H 100 -0.92 11.39 -25.58
N GLY H 101 -1.71 10.37 -25.22
CA GLY H 101 -1.13 9.05 -25.02
C GLY H 101 -0.50 8.49 -26.28
N LEU H 102 -1.16 8.67 -27.42
CA LEU H 102 -0.61 8.20 -28.68
C LEU H 102 0.66 8.96 -29.05
N TYR H 103 0.62 10.29 -28.96
CA TYR H 103 1.72 11.11 -29.43
C TYR H 103 2.98 10.88 -28.61
N TYR H 104 2.85 10.85 -27.29
CA TYR H 104 4.01 10.79 -26.40
C TYR H 104 4.34 9.37 -25.97
N GLY H 105 3.78 8.38 -26.65
CA GLY H 105 4.12 6.99 -26.35
C GLY H 105 3.73 6.56 -24.95
N SER H 106 2.67 7.15 -24.39
CA SER H 106 2.23 6.78 -23.05
C SER H 106 1.57 5.40 -23.02
N TYR H 107 1.30 4.80 -24.18
CA TYR H 107 0.69 3.48 -24.19
C TYR H 107 1.67 2.38 -23.80
N MET H 108 2.95 2.69 -23.64
CA MET H 108 3.90 1.69 -23.16
C MET H 108 3.58 1.24 -21.75
N PHE H 109 2.78 2.01 -21.02
CA PHE H 109 2.20 1.56 -19.75
C PHE H 109 1.02 0.68 -20.10
N LEU H 110 1.28 -0.62 -20.26
CA LEU H 110 0.27 -1.52 -20.82
C LEU H 110 -0.97 -1.57 -19.94
N GLU H 111 -0.80 -1.76 -18.64
CA GLU H 111 -1.94 -1.87 -17.75
C GLU H 111 -2.73 -0.56 -17.68
N THR H 112 -2.02 0.55 -17.55
CA THR H 112 -2.67 1.86 -17.53
C THR H 112 -3.43 2.11 -18.83
N TRP H 113 -2.81 1.80 -19.96
CA TRP H 113 -3.45 2.01 -21.25
C TRP H 113 -4.69 1.15 -21.41
N ASN H 114 -4.62 -0.11 -20.99
CA ASN H 114 -5.78 -1.00 -21.12
C ASN H 114 -6.92 -0.55 -20.21
N ILE H 115 -6.61 -0.16 -18.98
CA ILE H 115 -7.64 0.38 -18.10
C ILE H 115 -8.23 1.64 -18.71
N GLY H 116 -7.41 2.46 -19.36
CA GLY H 116 -7.94 3.63 -20.04
C GLY H 116 -8.88 3.27 -21.17
N VAL H 117 -8.56 2.23 -21.93
CA VAL H 117 -9.45 1.80 -23.01
C VAL H 117 -10.79 1.34 -22.44
N VAL H 118 -10.75 0.57 -21.35
CA VAL H 118 -11.98 0.15 -20.69
C VAL H 118 -12.77 1.36 -20.21
N LEU H 119 -12.07 2.36 -19.67
CA LEU H 119 -12.73 3.59 -19.23
C LEU H 119 -13.40 4.29 -20.40
N LEU H 120 -12.73 4.33 -21.55
CA LEU H 120 -13.30 4.97 -22.73
C LEU H 120 -14.58 4.27 -23.16
N PHE H 121 -14.55 2.94 -23.20
CA PHE H 121 -15.76 2.19 -23.54
C PHE H 121 -16.88 2.48 -22.56
N THR H 122 -16.57 2.46 -21.27
CA THR H 122 -17.60 2.67 -20.25
C THR H 122 -18.18 4.07 -20.33
N VAL H 123 -17.34 5.08 -20.57
CA VAL H 123 -17.84 6.45 -20.65
C VAL H 123 -18.70 6.63 -21.90
N MET H 124 -18.29 6.02 -23.01
CA MET H 124 -19.11 6.10 -24.21
C MET H 124 -20.48 5.47 -23.99
N ALA H 125 -20.51 4.29 -23.35
CA ALA H 125 -21.79 3.65 -23.06
C ALA H 125 -22.64 4.52 -22.12
N THR H 126 -22.01 5.11 -21.11
CA THR H 126 -22.73 5.96 -20.17
C THR H 126 -23.37 7.14 -20.89
N ALA H 127 -22.59 7.83 -21.73
CA ALA H 127 -23.12 8.99 -22.44
C ALA H 127 -24.23 8.57 -23.41
N PHE H 128 -24.06 7.45 -24.10
CA PHE H 128 -25.09 6.99 -25.03
C PHE H 128 -26.39 6.72 -24.31
N MET H 129 -26.34 6.01 -23.18
CA MET H 129 -27.55 5.72 -22.44
C MET H 129 -28.15 6.99 -21.83
N GLY H 130 -27.30 7.92 -21.42
CA GLY H 130 -27.80 9.16 -20.85
C GLY H 130 -28.53 10.03 -21.87
N TYR H 131 -28.04 10.06 -23.10
CA TYR H 131 -28.68 10.86 -24.13
C TYR H 131 -30.10 10.40 -24.42
N VAL H 132 -30.43 9.15 -24.10
CA VAL H 132 -31.79 8.65 -24.29
C VAL H 132 -32.73 9.17 -23.22
N LEU H 133 -32.22 9.55 -22.05
CA LEU H 133 -33.07 9.94 -20.93
C LEU H 133 -34.02 11.09 -21.25
N PRO H 134 -33.63 12.17 -21.94
CA PRO H 134 -34.62 13.21 -22.26
C PRO H 134 -35.81 12.69 -23.05
N TRP H 135 -35.66 11.56 -23.74
CA TRP H 135 -36.75 10.92 -24.47
C TRP H 135 -37.33 11.85 -25.53
N GLY H 136 -36.45 12.61 -26.19
CA GLY H 136 -36.84 13.40 -27.34
C GLY H 136 -36.83 12.57 -28.61
N GLN H 137 -37.07 13.25 -29.72
CA GLN H 137 -37.03 12.59 -31.01
C GLN H 137 -35.65 12.00 -31.28
N MET H 138 -34.61 12.82 -31.12
CA MET H 138 -33.25 12.36 -31.37
C MET H 138 -32.86 11.25 -30.42
N SER H 139 -33.21 11.38 -29.14
CA SER H 139 -32.89 10.33 -28.17
C SER H 139 -33.49 9.00 -28.61
N PHE H 140 -34.80 8.99 -28.88
CA PHE H 140 -35.49 7.76 -29.22
C PHE H 140 -34.91 7.14 -30.49
N TRP H 141 -34.73 7.94 -31.54
CA TRP H 141 -34.33 7.36 -32.82
C TRP H 141 -32.85 6.99 -32.86
N GLY H 142 -31.97 7.78 -32.21
CA GLY H 142 -30.59 7.36 -32.09
C GLY H 142 -30.46 6.08 -31.28
N ALA H 143 -31.22 5.96 -30.20
CA ALA H 143 -31.24 4.70 -29.46
C ALA H 143 -31.70 3.56 -30.34
N THR H 144 -32.76 3.80 -31.12
CA THR H 144 -33.27 2.79 -32.04
C THR H 144 -32.18 2.29 -32.97
N VAL H 145 -31.50 3.22 -33.66
CA VAL H 145 -30.49 2.84 -34.64
C VAL H 145 -29.32 2.12 -33.97
N ILE H 146 -28.77 2.71 -32.90
CA ILE H 146 -27.58 2.16 -32.29
C ILE H 146 -27.86 0.78 -31.70
N THR H 147 -29.01 0.60 -31.07
CA THR H 147 -29.36 -0.72 -30.55
C THR H 147 -29.63 -1.72 -31.68
N ASN H 148 -30.30 -1.27 -32.75
CA ASN H 148 -30.55 -2.15 -33.88
C ASN H 148 -29.25 -2.64 -34.50
N LEU H 149 -28.18 -1.87 -34.33
CA LEU H 149 -26.86 -2.35 -34.75
C LEU H 149 -26.56 -3.73 -34.19
N LEU H 150 -26.94 -3.96 -32.92
CA LEU H 150 -26.65 -5.25 -32.29
C LEU H 150 -27.34 -6.41 -32.99
N SER H 151 -28.43 -6.14 -33.71
CA SER H 151 -29.11 -7.23 -34.42
C SER H 151 -28.27 -7.82 -35.54
N ALA H 152 -27.18 -7.16 -35.93
CA ALA H 152 -26.31 -7.69 -36.97
C ALA H 152 -25.46 -8.84 -36.47
N ILE H 153 -25.35 -9.03 -35.16
CA ILE H 153 -24.58 -10.15 -34.62
C ILE H 153 -25.21 -11.46 -35.08
N PRO H 154 -24.45 -12.39 -35.67
CA PRO H 154 -25.06 -13.62 -36.18
C PRO H 154 -25.64 -14.46 -35.05
N TYR H 155 -26.72 -15.17 -35.38
CA TYR H 155 -27.36 -16.16 -34.52
C TYR H 155 -28.08 -15.51 -33.33
N ILE H 156 -27.31 -14.92 -32.42
CA ILE H 156 -27.87 -14.41 -31.16
C ILE H 156 -28.16 -12.92 -31.22
N GLY H 157 -28.08 -12.30 -32.41
CA GLY H 157 -28.25 -10.86 -32.49
C GLY H 157 -29.64 -10.41 -32.11
N THR H 158 -30.66 -11.07 -32.64
CA THR H 158 -32.03 -10.66 -32.39
C THR H 158 -32.41 -10.85 -30.93
N ASP H 159 -32.08 -12.01 -30.37
CA ASP H 159 -32.39 -12.25 -28.96
C ASP H 159 -31.65 -11.28 -28.05
N LEU H 160 -30.39 -10.99 -28.37
CA LEU H 160 -29.62 -10.03 -27.57
C LEU H 160 -30.23 -8.65 -27.63
N VAL H 161 -30.56 -8.16 -28.83
CA VAL H 161 -31.09 -6.81 -28.96
C VAL H 161 -32.46 -6.71 -28.29
N GLU H 162 -33.27 -7.77 -28.40
CA GLU H 162 -34.57 -7.73 -27.74
C GLU H 162 -34.43 -7.80 -26.23
N TRP H 163 -33.44 -8.53 -25.73
CA TRP H 163 -33.17 -8.56 -24.29
C TRP H 163 -32.75 -7.19 -23.79
N ILE H 164 -31.89 -6.51 -24.53
CA ILE H 164 -31.44 -5.18 -24.13
C ILE H 164 -32.60 -4.18 -24.22
N TRP H 165 -33.43 -4.30 -25.26
CA TRP H 165 -34.58 -3.42 -25.40
C TRP H 165 -35.58 -3.60 -24.27
N GLY H 166 -35.64 -4.79 -23.69
CA GLY H 166 -36.69 -5.10 -22.75
C GLY H 166 -38.03 -5.38 -23.39
N GLY H 167 -38.08 -5.50 -24.71
CA GLY H 167 -39.30 -5.71 -25.44
C GLY H 167 -39.03 -5.96 -26.90
N PHE H 168 -39.86 -5.38 -27.78
CA PHE H 168 -39.67 -5.54 -29.22
C PHE H 168 -39.00 -4.33 -29.87
N SER H 169 -38.83 -3.24 -29.14
CA SER H 169 -38.20 -2.03 -29.65
C SER H 169 -37.90 -1.13 -28.46
N VAL H 170 -37.39 0.07 -28.75
CA VAL H 170 -37.14 1.04 -27.69
C VAL H 170 -38.47 1.53 -27.16
N ASP H 171 -38.72 1.28 -25.87
CA ASP H 171 -39.96 1.67 -25.23
C ASP H 171 -39.68 1.96 -23.77
N LYS H 172 -40.75 2.03 -22.96
CA LYS H 172 -40.61 2.40 -21.56
C LYS H 172 -39.62 1.50 -20.83
N ALA H 173 -39.63 0.20 -21.15
CA ALA H 173 -38.69 -0.72 -20.55
C ALA H 173 -37.25 -0.29 -20.83
N THR H 174 -36.97 0.04 -22.10
CA THR H 174 -35.63 0.49 -22.46
C THR H 174 -35.27 1.79 -21.75
N LEU H 175 -36.22 2.71 -21.67
CA LEU H 175 -35.95 4.00 -21.02
C LEU H 175 -35.57 3.80 -19.55
N THR H 176 -36.34 2.97 -18.83
CA THR H 176 -36.05 2.76 -17.42
C THR H 176 -34.74 2.00 -17.23
N ARG H 177 -34.49 0.97 -18.05
CA ARG H 177 -33.22 0.25 -17.98
C ARG H 177 -32.05 1.20 -18.19
N PHE H 178 -32.15 2.07 -19.20
CA PHE H 178 -31.08 3.00 -19.48
C PHE H 178 -30.90 4.01 -18.35
N PHE H 179 -32.00 4.45 -17.74
CA PHE H 179 -31.84 5.36 -16.59
C PHE H 179 -31.08 4.67 -15.46
N ALA H 180 -31.43 3.42 -15.15
CA ALA H 180 -30.74 2.72 -14.07
C ALA H 180 -29.26 2.51 -14.40
N PHE H 181 -28.98 2.03 -15.61
CA PHE H 181 -27.60 1.81 -16.01
C PHE H 181 -26.81 3.10 -16.04
N HIS H 182 -27.43 4.18 -16.50
CA HIS H 182 -26.78 5.48 -16.56
C HIS H 182 -26.46 5.99 -15.16
N PHE H 183 -27.37 5.75 -14.21
CA PHE H 183 -27.10 6.12 -12.82
C PHE H 183 -25.91 5.33 -12.27
N ILE H 184 -25.87 4.02 -12.56
CA ILE H 184 -24.90 3.19 -11.84
C ILE H 184 -23.51 3.28 -12.48
N LEU H 185 -23.42 3.38 -13.80
CA LEU H 185 -22.12 3.26 -14.47
C LEU H 185 -21.05 4.24 -14.02
N PRO H 186 -21.33 5.54 -13.81
CA PRO H 186 -20.25 6.46 -13.41
C PRO H 186 -19.53 6.06 -12.14
N PHE H 187 -20.19 5.36 -11.22
CA PHE H 187 -19.48 4.88 -10.04
C PHE H 187 -18.49 3.78 -10.40
N ILE H 188 -18.85 2.91 -11.33
CA ILE H 188 -17.89 1.96 -11.89
C ILE H 188 -16.76 2.70 -12.58
N ILE H 189 -17.08 3.82 -13.23
CA ILE H 189 -16.05 4.63 -13.87
C ILE H 189 -15.07 5.19 -12.83
N THR H 190 -15.60 5.64 -11.69
CA THR H 190 -14.74 6.12 -10.61
C THR H 190 -13.84 5.01 -10.07
N ALA H 191 -14.41 3.82 -9.87
CA ALA H 191 -13.59 2.70 -9.41
C ALA H 191 -12.50 2.35 -10.41
N LEU H 192 -12.85 2.32 -11.69
CA LEU H 192 -11.86 2.04 -12.73
C LEU H 192 -10.82 3.15 -12.82
N ALA H 193 -11.19 4.40 -12.57
CA ALA H 193 -10.22 5.49 -12.58
C ALA H 193 -9.28 5.39 -11.39
N ALA H 194 -9.79 4.96 -10.24
CA ALA H 194 -8.92 4.72 -9.09
C ALA H 194 -7.92 3.61 -9.40
N VAL H 195 -8.39 2.52 -10.01
CA VAL H 195 -7.48 1.45 -10.41
C VAL H 195 -6.50 1.95 -11.45
N HIS H 196 -6.95 2.84 -12.34
CA HIS H 196 -6.11 3.42 -13.37
C HIS H 196 -4.97 4.22 -12.76
N LEU H 197 -5.29 5.07 -11.77
CA LEU H 197 -4.24 5.81 -11.07
C LEU H 197 -3.32 4.89 -10.31
N LEU H 198 -3.88 3.83 -9.71
CA LEU H 198 -3.05 2.84 -9.02
C LEU H 198 -2.01 2.25 -9.97
N PHE H 199 -2.44 1.85 -11.16
CA PHE H 199 -1.51 1.31 -12.15
C PHE H 199 -0.51 2.35 -12.62
N LEU H 200 -0.97 3.59 -12.80
CA LEU H 200 -0.07 4.64 -13.29
C LEU H 200 1.03 4.94 -12.29
N HIS H 201 0.68 5.10 -11.02
CA HIS H 201 1.66 5.47 -10.01
C HIS H 201 2.70 4.38 -9.79
N GLU H 202 2.45 3.17 -10.29
CA GLU H 202 3.43 2.10 -10.16
C GLU H 202 4.71 2.43 -10.92
N THR H 203 4.61 3.18 -12.02
CA THR H 203 5.76 3.51 -12.84
C THR H 203 5.96 5.01 -13.01
N GLY H 204 5.22 5.83 -12.27
CA GLY H 204 5.31 7.25 -12.47
C GLY H 204 4.62 7.67 -13.76
N SER H 205 4.89 8.90 -14.15
CA SER H 205 4.27 9.50 -15.33
C SER H 205 5.32 9.76 -16.40
N ASN H 206 4.88 9.71 -17.66
CA ASN H 206 5.75 10.01 -18.78
C ASN H 206 5.88 11.52 -18.94
N ASN H 207 6.84 11.93 -19.77
CA ASN H 207 7.14 13.33 -20.02
C ASN H 207 7.22 13.57 -21.52
N PRO H 208 7.07 14.82 -21.96
CA PRO H 208 7.07 15.09 -23.41
C PRO H 208 8.30 14.58 -24.14
N THR H 209 9.47 14.58 -23.49
CA THR H 209 10.66 14.06 -24.15
C THR H 209 10.59 12.56 -24.38
N GLY H 210 9.76 11.85 -23.63
CA GLY H 210 9.73 10.40 -23.72
C GLY H 210 10.92 9.72 -23.09
N ILE H 211 11.71 10.44 -22.30
CA ILE H 211 12.89 9.91 -21.64
C ILE H 211 12.60 9.87 -20.14
N SER H 212 13.01 8.78 -19.50
CA SER H 212 12.84 8.62 -18.07
C SER H 212 13.33 9.85 -17.32
N SER H 213 12.51 10.35 -16.40
CA SER H 213 12.74 11.63 -15.75
C SER H 213 12.98 11.45 -14.25
N ASP H 214 13.54 10.31 -13.85
CA ASP H 214 13.81 10.08 -12.43
C ASP H 214 14.86 11.02 -11.87
N MET H 215 15.73 11.57 -12.73
CA MET H 215 16.73 12.52 -12.25
C MET H 215 16.12 13.89 -11.96
N ASP H 216 14.99 14.21 -12.59
CA ASP H 216 14.41 15.54 -12.52
C ASP H 216 12.94 15.46 -12.07
N LYS H 217 12.71 14.67 -11.03
CA LYS H 217 11.39 14.55 -10.43
C LYS H 217 11.19 15.65 -9.40
N ILE H 218 9.98 16.21 -9.37
CA ILE H 218 9.64 17.27 -8.43
C ILE H 218 8.45 16.81 -7.61
N PRO H 219 8.27 17.33 -6.39
CA PRO H 219 7.06 17.03 -5.64
C PRO H 219 5.81 17.42 -6.42
N PHE H 220 4.78 16.60 -6.32
CA PHE H 220 3.58 16.86 -7.10
C PHE H 220 2.79 18.05 -6.57
N HIS H 221 2.76 18.24 -5.24
CA HIS H 221 1.81 19.18 -4.67
C HIS H 221 2.07 20.62 -5.13
N PRO H 222 3.16 21.27 -4.69
CA PRO H 222 3.23 22.73 -4.81
C PRO H 222 3.15 23.23 -6.24
N TYR H 223 3.48 22.35 -7.18
CA TYR H 223 3.56 22.71 -8.59
C TYR H 223 2.35 22.22 -9.37
N TYR H 224 2.07 20.92 -9.33
CA TYR H 224 1.04 20.38 -10.20
C TYR H 224 -0.35 20.46 -9.58
N THR H 225 -0.47 20.72 -8.27
CA THR H 225 -1.81 21.02 -7.77
C THR H 225 -2.26 22.40 -8.24
N ILE H 226 -1.37 23.38 -8.22
CA ILE H 226 -1.74 24.71 -8.72
C ILE H 226 -1.87 24.69 -10.23
N LYS H 227 -1.01 23.93 -10.93
CA LYS H 227 -1.15 23.84 -12.38
C LYS H 227 -2.47 23.18 -12.78
N ASP H 228 -2.85 22.10 -12.08
CA ASP H 228 -4.13 21.47 -12.36
C ASP H 228 -5.31 22.35 -11.95
N ILE H 229 -5.16 23.15 -10.89
CA ILE H 229 -6.21 24.11 -10.55
C ILE H 229 -6.39 25.14 -11.65
N LEU H 230 -5.28 25.64 -12.20
CA LEU H 230 -5.38 26.59 -13.31
C LEU H 230 -6.02 25.94 -14.54
N GLY H 231 -5.63 24.70 -14.85
CA GLY H 231 -6.25 24.00 -15.96
C GLY H 231 -7.74 23.79 -15.76
N ALA H 232 -8.14 23.43 -14.53
CA ALA H 232 -9.55 23.26 -14.23
C ALA H 232 -10.29 24.58 -14.34
N LEU H 233 -9.64 25.68 -13.95
CA LEU H 233 -10.28 26.99 -14.09
C LEU H 233 -10.51 27.33 -15.56
N PHE H 234 -9.52 27.06 -16.42
CA PHE H 234 -9.70 27.33 -17.84
C PHE H 234 -10.79 26.45 -18.44
N MET H 235 -10.80 25.17 -18.07
CA MET H 235 -11.86 24.27 -18.53
C MET H 235 -13.23 24.74 -18.06
N MET H 236 -13.31 25.22 -16.82
CA MET H 236 -14.57 25.73 -16.30
C MET H 236 -14.98 27.00 -17.04
N LEU H 237 -14.02 27.83 -17.42
CA LEU H 237 -14.33 28.99 -18.25
C LEU H 237 -14.99 28.57 -19.56
N ILE H 238 -14.38 27.59 -20.24
CA ILE H 238 -14.94 27.14 -21.52
C ILE H 238 -16.31 26.51 -21.32
N LEU H 239 -16.45 25.69 -20.28
CA LEU H 239 -17.72 25.03 -20.02
C LEU H 239 -18.82 26.03 -19.68
N LEU H 240 -18.49 27.05 -18.89
CA LEU H 240 -19.48 28.07 -18.56
C LEU H 240 -19.81 28.94 -19.75
N ILE H 241 -18.84 29.19 -20.64
CA ILE H 241 -19.15 29.85 -21.91
C ILE H 241 -20.21 29.05 -22.65
N LEU H 242 -19.99 27.73 -22.76
CA LEU H 242 -20.97 26.89 -23.43
C LEU H 242 -22.32 26.93 -22.73
N VAL H 243 -22.32 26.86 -21.40
CA VAL H 243 -23.58 26.76 -20.66
C VAL H 243 -24.38 28.05 -20.74
N LEU H 244 -23.70 29.19 -20.68
CA LEU H 244 -24.38 30.47 -20.50
C LEU H 244 -24.51 31.29 -21.77
N PHE H 245 -23.79 30.97 -22.84
CA PHE H 245 -23.91 31.73 -24.06
C PHE H 245 -24.42 30.92 -25.25
N SER H 246 -24.03 29.66 -25.37
CA SER H 246 -24.53 28.78 -26.41
C SER H 246 -24.88 27.42 -25.82
N PRO H 247 -25.91 27.36 -24.96
CA PRO H 247 -26.26 26.08 -24.34
C PRO H 247 -26.69 25.02 -25.33
N ASP H 248 -27.28 25.41 -26.46
CA ASP H 248 -27.76 24.48 -27.47
C ASP H 248 -26.83 24.37 -28.66
N LEU H 249 -25.59 24.85 -28.54
CA LEU H 249 -24.67 24.81 -29.66
C LEU H 249 -24.35 23.39 -30.08
N LEU H 250 -24.13 22.51 -29.11
CA LEU H 250 -23.70 21.14 -29.37
C LEU H 250 -24.84 20.14 -29.38
N GLY H 251 -26.08 20.60 -29.26
CA GLY H 251 -27.23 19.71 -29.25
C GLY H 251 -28.14 19.99 -30.43
N ASP H 252 -28.61 18.91 -31.05
CA ASP H 252 -29.51 19.05 -32.19
C ASP H 252 -30.89 19.51 -31.73
N PRO H 253 -31.50 20.49 -32.39
CA PRO H 253 -32.81 20.99 -31.93
C PRO H 253 -33.91 19.93 -31.95
N ASP H 254 -33.80 18.93 -32.81
CA ASP H 254 -34.88 17.96 -32.97
C ASP H 254 -35.12 17.14 -31.71
N ASN H 255 -34.20 17.16 -30.76
CA ASN H 255 -34.38 16.48 -29.49
C ASN H 255 -35.33 17.22 -28.55
N TYR H 256 -35.78 18.41 -28.93
CA TYR H 256 -36.75 19.16 -28.13
C TYR H 256 -38.19 18.85 -28.51
N THR H 257 -38.41 17.91 -29.42
CA THR H 257 -39.76 17.42 -29.63
C THR H 257 -39.93 16.08 -28.94
N PRO H 258 -41.09 15.82 -28.34
CA PRO H 258 -41.30 14.53 -27.68
C PRO H 258 -41.17 13.38 -28.68
N ALA H 259 -40.69 12.25 -28.17
CA ALA H 259 -40.44 11.09 -29.02
C ALA H 259 -41.70 10.67 -29.75
N ASN H 260 -41.58 10.45 -31.06
CA ASN H 260 -42.68 10.04 -31.92
C ASN H 260 -42.27 8.74 -32.60
N PRO H 261 -42.65 7.59 -32.05
CA PRO H 261 -42.27 6.31 -32.68
C PRO H 261 -42.81 6.14 -34.09
N LEU H 262 -43.83 6.90 -34.48
CA LEU H 262 -44.47 6.74 -35.78
C LEU H 262 -43.94 7.69 -36.84
N ASN H 263 -42.92 8.49 -36.51
CA ASN H 263 -42.40 9.48 -37.46
C ASN H 263 -40.93 9.73 -37.16
N THR H 264 -40.08 9.58 -38.17
CA THR H 264 -38.66 9.81 -38.00
C THR H 264 -38.34 11.30 -38.16
N PRO H 265 -37.34 11.80 -37.44
CA PRO H 265 -36.91 13.18 -37.64
C PRO H 265 -36.24 13.34 -38.98
N PRO H 266 -36.10 14.57 -39.47
CA PRO H 266 -35.52 14.77 -40.82
C PRO H 266 -34.14 14.16 -40.97
N HIS H 267 -33.30 14.24 -39.93
CA HIS H 267 -31.97 13.66 -39.95
C HIS H 267 -31.73 12.96 -38.63
N ILE H 268 -31.14 11.77 -38.69
CA ILE H 268 -30.84 10.98 -37.50
C ILE H 268 -29.33 10.87 -37.39
N LYS H 269 -28.78 11.36 -36.26
CA LYS H 269 -27.37 11.27 -36.01
C LYS H 269 -27.15 11.32 -34.51
N PRO H 270 -26.15 10.62 -34.00
CA PRO H 270 -25.85 10.67 -32.57
C PRO H 270 -25.15 11.98 -32.21
N GLU H 271 -24.74 12.09 -30.95
CA GLU H 271 -23.98 13.24 -30.51
C GLU H 271 -22.62 13.25 -31.21
N TRP H 272 -22.00 14.44 -31.23
CA TRP H 272 -20.80 14.63 -32.05
C TRP H 272 -19.68 13.68 -31.64
N TYR H 273 -19.54 13.42 -30.34
CA TYR H 273 -18.44 12.56 -29.89
C TYR H 273 -18.60 11.11 -30.31
N PHE H 274 -19.69 10.75 -31.00
CA PHE H 274 -19.83 9.45 -31.62
C PHE H 274 -19.76 9.49 -33.13
N LEU H 275 -19.90 10.67 -33.73
CA LEU H 275 -20.08 10.79 -35.17
C LEU H 275 -18.97 10.05 -35.94
N PHE H 276 -17.72 10.23 -35.51
CA PHE H 276 -16.61 9.59 -36.20
C PHE H 276 -16.84 8.09 -36.30
N ALA H 277 -17.15 7.45 -35.16
CA ALA H 277 -17.45 6.02 -35.19
C ALA H 277 -18.63 5.76 -36.12
N TYR H 278 -19.68 6.56 -35.99
CA TYR H 278 -20.83 6.44 -36.87
C TYR H 278 -20.38 6.47 -38.33
N ALA H 279 -19.48 7.40 -38.65
CA ALA H 279 -18.98 7.50 -40.03
C ALA H 279 -18.40 6.17 -40.47
N ILE H 280 -17.49 5.61 -39.67
CA ILE H 280 -16.91 4.32 -40.01
C ILE H 280 -17.99 3.26 -40.15
N LEU H 281 -18.98 3.31 -39.26
CA LEU H 281 -20.07 2.35 -39.30
C LEU H 281 -20.78 2.40 -40.65
N ARG H 282 -20.91 3.58 -41.24
CA ARG H 282 -21.57 3.71 -42.52
C ARG H 282 -20.64 3.49 -43.70
N SER H 283 -19.33 3.44 -43.48
CA SER H 283 -18.41 3.19 -44.58
C SER H 283 -18.58 1.79 -45.15
N ILE H 284 -18.76 0.81 -44.28
CA ILE H 284 -18.94 -0.59 -44.71
C ILE H 284 -20.40 -0.80 -45.10
N PRO H 285 -20.69 -1.17 -46.35
CA PRO H 285 -22.09 -1.46 -46.71
C PRO H 285 -22.69 -2.61 -45.93
N ASN H 286 -21.90 -3.61 -45.55
CA ASN H 286 -22.39 -4.75 -44.81
C ASN H 286 -22.66 -4.38 -43.36
N LYS H 287 -23.78 -4.88 -42.82
CA LYS H 287 -24.15 -4.55 -41.46
C LYS H 287 -23.15 -5.11 -40.45
N LEU H 288 -22.87 -6.41 -40.54
CA LEU H 288 -21.91 -7.02 -39.61
C LEU H 288 -20.52 -6.44 -39.80
N GLY H 289 -20.10 -6.25 -41.04
CA GLY H 289 -18.82 -5.61 -41.29
C GLY H 289 -18.76 -4.22 -40.72
N GLY H 290 -19.86 -3.47 -40.84
CA GLY H 290 -19.91 -2.13 -40.25
C GLY H 290 -19.77 -2.15 -38.75
N VAL H 291 -20.48 -3.06 -38.08
CA VAL H 291 -20.39 -3.16 -36.63
C VAL H 291 -18.98 -3.56 -36.20
N LEU H 292 -18.38 -4.52 -36.93
CA LEU H 292 -17.02 -4.93 -36.61
C LEU H 292 -16.03 -3.78 -36.80
N ALA H 293 -16.20 -3.00 -37.87
CA ALA H 293 -15.34 -1.85 -38.08
C ALA H 293 -15.51 -0.82 -36.97
N LEU H 294 -16.75 -0.61 -36.53
CA LEU H 294 -17.00 0.32 -35.43
C LEU H 294 -16.30 -0.14 -34.16
N VAL H 295 -16.39 -1.43 -33.86
CA VAL H 295 -15.73 -1.95 -32.65
C VAL H 295 -14.22 -1.87 -32.78
N ALA H 296 -13.69 -2.21 -33.96
CA ALA H 296 -12.24 -2.16 -34.17
C ALA H 296 -11.70 -0.73 -34.08
N SER H 297 -12.50 0.25 -34.49
CA SER H 297 -12.06 1.63 -34.47
C SER H 297 -11.69 2.10 -33.06
N ILE H 298 -12.20 1.43 -32.03
CA ILE H 298 -11.84 1.74 -30.66
C ILE H 298 -10.96 0.65 -30.03
N LEU H 299 -11.08 -0.60 -30.47
CA LEU H 299 -10.21 -1.65 -29.98
C LEU H 299 -8.78 -1.53 -30.51
N ILE H 300 -8.57 -0.71 -31.54
CA ILE H 300 -7.23 -0.52 -32.08
C ILE H 300 -6.29 0.11 -31.05
N LEU H 301 -6.84 0.82 -30.06
CA LEU H 301 -6.01 1.35 -28.99
C LEU H 301 -5.33 0.24 -28.21
N ILE H 302 -5.97 -0.93 -28.12
CA ILE H 302 -5.32 -2.09 -27.50
C ILE H 302 -4.10 -2.51 -28.31
N LEU H 303 -4.22 -2.51 -29.63
CA LEU H 303 -3.11 -2.90 -30.48
C LEU H 303 -1.99 -1.87 -30.47
N MET H 304 -2.33 -0.60 -30.24
CA MET H 304 -1.35 0.49 -30.28
C MET H 304 -0.01 0.17 -29.64
N PRO H 305 0.08 -0.33 -28.39
CA PRO H 305 1.41 -0.62 -27.83
C PRO H 305 2.19 -1.66 -28.62
N MET H 306 1.51 -2.65 -29.19
CA MET H 306 2.21 -3.71 -29.91
C MET H 306 2.66 -3.29 -31.30
N LEU H 307 2.20 -2.15 -31.80
CA LEU H 307 2.64 -1.63 -33.09
C LEU H 307 3.80 -0.65 -32.98
N HIS H 308 4.28 -0.38 -31.77
CA HIS H 308 5.35 0.59 -31.55
C HIS H 308 6.67 -0.04 -31.97
N THR H 309 7.13 0.30 -33.18
CA THR H 309 8.38 -0.24 -33.72
C THR H 309 9.53 0.75 -33.65
N SER H 310 9.35 1.88 -32.98
CA SER H 310 10.37 2.92 -32.92
C SER H 310 11.27 2.71 -31.72
N LYS H 311 12.56 3.03 -31.89
CA LYS H 311 13.50 2.98 -30.78
C LYS H 311 13.24 4.09 -29.77
N GLN H 312 12.62 5.17 -30.18
CA GLN H 312 12.27 6.28 -29.30
C GLN H 312 10.81 6.20 -28.91
N ARG H 313 10.51 6.62 -27.68
CA ARG H 313 9.17 6.46 -27.14
C ARG H 313 8.23 7.56 -27.63
N SER H 314 8.59 8.82 -27.41
CA SER H 314 7.74 9.94 -27.78
C SER H 314 7.99 10.38 -29.21
N MET H 315 6.93 10.87 -29.85
CA MET H 315 7.04 11.42 -31.20
C MET H 315 7.68 12.79 -31.21
N MET H 316 8.21 13.26 -30.08
CA MET H 316 8.80 14.60 -30.05
C MET H 316 9.98 14.71 -31.00
N PHE H 317 10.81 13.66 -31.08
CA PHE H 317 11.96 13.64 -31.97
C PHE H 317 11.72 12.75 -33.19
N ARG H 318 10.48 12.64 -33.64
CA ARG H 318 10.12 11.79 -34.78
C ARG H 318 9.24 12.60 -35.72
N PRO H 319 9.83 13.47 -36.55
CA PRO H 319 9.02 14.37 -37.38
C PRO H 319 8.07 13.65 -38.34
N LEU H 320 8.52 12.56 -38.96
CA LEU H 320 7.64 11.83 -39.86
C LEU H 320 6.47 11.22 -39.10
N SER H 321 6.75 10.68 -37.90
CA SER H 321 5.67 10.19 -37.05
C SER H 321 4.74 11.32 -36.62
N GLN H 322 5.28 12.52 -36.42
CA GLN H 322 4.41 13.66 -36.14
C GLN H 322 3.49 13.97 -37.30
N CYS H 323 4.02 13.92 -38.53
CA CYS H 323 3.18 14.13 -39.70
C CYS H 323 2.08 13.09 -39.77
N LEU H 324 2.41 11.83 -39.52
CA LEU H 324 1.39 10.78 -39.53
C LEU H 324 0.35 10.99 -38.43
N PHE H 325 0.79 11.40 -37.24
CA PHE H 325 -0.15 11.65 -36.15
C PHE H 325 -1.12 12.77 -36.49
N TRP H 326 -0.61 13.85 -37.08
CA TRP H 326 -1.50 14.95 -37.43
C TRP H 326 -2.40 14.59 -38.61
N MET H 327 -1.92 13.74 -39.52
CA MET H 327 -2.81 13.19 -40.54
C MET H 327 -3.93 12.39 -39.90
N LEU H 328 -3.61 11.61 -38.86
CA LEU H 328 -4.63 10.85 -38.15
C LEU H 328 -5.64 11.77 -37.48
N VAL H 329 -5.17 12.86 -36.87
CA VAL H 329 -6.08 13.79 -36.21
C VAL H 329 -7.00 14.46 -37.22
N ALA H 330 -6.44 14.90 -38.35
CA ALA H 330 -7.25 15.50 -39.40
C ALA H 330 -8.24 14.49 -39.96
N ASP H 331 -7.82 13.22 -40.07
CA ASP H 331 -8.73 12.18 -40.54
C ASP H 331 -9.87 11.96 -39.57
N LEU H 332 -9.60 12.01 -38.26
CA LEU H 332 -10.68 11.88 -37.28
C LEU H 332 -11.65 13.06 -37.37
N ILE H 333 -11.11 14.27 -37.58
CA ILE H 333 -11.99 15.43 -37.77
C ILE H 333 -12.85 15.25 -39.01
N THR H 334 -12.25 14.75 -40.10
CA THR H 334 -13.01 14.49 -41.31
C THR H 334 -14.10 13.45 -41.07
N LEU H 335 -13.78 12.41 -40.30
CA LEU H 335 -14.78 11.39 -39.99
C LEU H 335 -15.93 11.98 -39.17
N THR H 336 -15.62 12.85 -38.22
CA THR H 336 -16.68 13.51 -37.45
C THR H 336 -17.57 14.34 -38.36
N TRP H 337 -16.95 15.12 -39.25
CA TRP H 337 -17.72 15.96 -40.16
C TRP H 337 -18.62 15.12 -41.07
N ILE H 338 -18.09 14.01 -41.60
CA ILE H 338 -18.86 13.16 -42.48
C ILE H 338 -19.99 12.48 -41.72
N GLY H 339 -19.72 12.03 -40.50
CA GLY H 339 -20.78 11.45 -39.69
C GLY H 339 -21.89 12.44 -39.42
N GLY H 340 -21.56 13.72 -39.28
CA GLY H 340 -22.60 14.72 -39.19
C GLY H 340 -23.41 14.85 -40.46
N GLN H 341 -22.75 14.70 -41.62
CA GLN H 341 -23.38 14.94 -42.90
C GLN H 341 -24.21 13.74 -43.35
N PRO H 342 -25.18 13.96 -44.24
CA PRO H 342 -26.00 12.85 -44.72
C PRO H 342 -25.22 11.93 -45.65
N VAL H 343 -25.89 10.84 -46.04
CA VAL H 343 -25.31 9.82 -46.92
C VAL H 343 -25.71 10.18 -48.34
N GLU H 344 -24.80 10.81 -49.08
CA GLU H 344 -25.04 11.22 -50.45
C GLU H 344 -23.77 11.00 -51.26
N HIS H 345 -23.73 11.55 -52.48
CA HIS H 345 -22.69 11.23 -53.46
C HIS H 345 -21.27 11.49 -52.93
N PRO H 346 -20.90 12.71 -52.53
CA PRO H 346 -19.49 12.93 -52.16
C PRO H 346 -19.17 12.38 -50.78
N PHE H 347 -20.15 12.43 -49.88
CA PHE H 347 -19.90 12.09 -48.49
C PHE H 347 -19.61 10.60 -48.33
N ILE H 348 -20.27 9.75 -49.11
CA ILE H 348 -20.02 8.31 -49.02
C ILE H 348 -18.57 8.00 -49.35
N ILE H 349 -18.09 8.50 -50.49
CA ILE H 349 -16.74 8.17 -50.93
C ILE H 349 -15.71 8.80 -50.00
N ILE H 350 -15.94 10.05 -49.57
CA ILE H 350 -14.99 10.68 -48.67
C ILE H 350 -14.93 9.93 -47.34
N GLY H 351 -16.08 9.47 -46.84
CA GLY H 351 -16.07 8.71 -45.59
C GLY H 351 -15.38 7.37 -45.72
N GLN H 352 -15.60 6.67 -46.83
CA GLN H 352 -14.91 5.40 -47.05
C GLN H 352 -13.40 5.61 -47.12
N LEU H 353 -12.97 6.63 -47.87
CA LEU H 353 -11.54 6.93 -47.94
C LEU H 353 -10.99 7.31 -46.59
N ALA H 354 -11.76 8.07 -45.80
CA ALA H 354 -11.30 8.48 -44.47
C ALA H 354 -11.16 7.29 -43.54
N SER H 355 -12.10 6.35 -43.58
CA SER H 355 -12.00 5.16 -42.73
C SER H 355 -10.79 4.32 -43.15
N ILE H 356 -10.62 4.12 -44.45
CA ILE H 356 -9.46 3.37 -44.94
C ILE H 356 -8.17 4.05 -44.50
N LEU H 357 -8.12 5.37 -44.60
CA LEU H 357 -6.93 6.11 -44.20
C LEU H 357 -6.67 5.98 -42.70
N TYR H 358 -7.72 6.04 -41.89
CA TYR H 358 -7.57 5.90 -40.44
C TYR H 358 -6.94 4.55 -40.10
N PHE H 359 -7.52 3.47 -40.61
CA PHE H 359 -6.99 2.15 -40.29
C PHE H 359 -5.60 1.95 -40.89
N LEU H 360 -5.36 2.48 -42.10
CA LEU H 360 -4.05 2.35 -42.73
C LEU H 360 -2.98 3.09 -41.94
N ILE H 361 -3.28 4.30 -41.47
CA ILE H 361 -2.32 5.08 -40.71
C ILE H 361 -1.99 4.37 -39.40
N ILE H 362 -3.02 3.91 -38.69
CA ILE H 362 -2.76 3.30 -37.39
C ILE H 362 -2.05 1.96 -37.53
N LEU H 363 -2.40 1.19 -38.55
CA LEU H 363 -1.92 -0.19 -38.66
C LEU H 363 -0.70 -0.37 -39.54
N VAL H 364 -0.59 0.38 -40.64
CA VAL H 364 0.45 0.15 -41.65
C VAL H 364 1.46 1.29 -41.68
N LEU H 365 1.00 2.51 -41.92
CA LEU H 365 1.91 3.62 -42.18
C LEU H 365 2.76 3.95 -40.95
N MET H 366 2.16 3.92 -39.77
CA MET H 366 2.90 4.31 -38.56
C MET H 366 4.07 3.39 -38.26
N PRO H 367 3.92 2.05 -38.20
CA PRO H 367 5.09 1.21 -37.92
C PRO H 367 6.16 1.28 -38.99
N ILE H 368 5.77 1.34 -40.27
CA ILE H 368 6.75 1.44 -41.34
C ILE H 368 7.52 2.75 -41.25
N THR H 369 6.81 3.84 -40.95
CA THR H 369 7.47 5.13 -40.77
C THR H 369 8.42 5.09 -39.59
N SER H 370 8.02 4.43 -38.49
CA SER H 370 8.91 4.32 -37.34
C SER H 370 10.17 3.54 -37.69
N ILE H 371 10.03 2.47 -38.47
CA ILE H 371 11.20 1.71 -38.90
C ILE H 371 12.10 2.56 -39.78
N ILE H 372 11.52 3.34 -40.69
CA ILE H 372 12.32 4.22 -41.54
C ILE H 372 13.07 5.24 -40.70
N GLU H 373 12.40 5.81 -39.69
CA GLU H 373 13.05 6.75 -38.80
C GLU H 373 14.20 6.09 -38.05
N ASN H 374 14.00 4.86 -37.59
CA ASN H 374 15.08 4.13 -36.93
C ASN H 374 16.27 3.94 -37.87
N ASN H 375 15.99 3.62 -39.13
CA ASN H 375 17.08 3.49 -40.11
C ASN H 375 17.80 4.82 -40.30
N LEU H 376 17.06 5.92 -40.38
CA LEU H 376 17.69 7.22 -40.62
C LEU H 376 18.58 7.64 -39.46
N LEU H 377 18.29 7.18 -38.24
CA LEU H 377 19.15 7.47 -37.10
C LEU H 377 20.22 6.40 -36.88
N LYS H 378 20.30 5.41 -37.76
CA LYS H 378 21.32 4.35 -37.67
C LYS H 378 21.24 3.59 -36.35
N TRP H 379 20.02 3.36 -35.86
CA TRP H 379 19.82 2.61 -34.64
C TRP H 379 20.29 1.17 -34.79
N LEU I 88 -35.21 20.03 -51.88
CA LEU I 88 -34.30 21.15 -51.68
C LEU I 88 -34.77 22.02 -50.52
N GLU I 89 -33.84 22.67 -49.84
CA GLU I 89 -34.13 23.49 -48.68
C GLU I 89 -33.68 24.93 -48.91
N LEU I 90 -34.31 25.84 -48.16
CA LEU I 90 -33.98 27.27 -48.20
C LEU I 90 -33.73 27.72 -46.78
N HIS I 91 -32.46 27.89 -46.41
CA HIS I 91 -32.12 28.30 -45.06
C HIS I 91 -32.59 29.73 -44.79
N ALA I 92 -33.10 29.95 -43.58
CA ALA I 92 -33.61 31.26 -43.24
C ALA I 92 -32.47 32.25 -43.04
N PRO I 93 -32.71 33.54 -43.28
CA PRO I 93 -31.66 34.55 -43.05
C PRO I 93 -31.39 34.78 -41.57
N SER I 94 -30.51 35.71 -41.26
CA SER I 94 -30.18 36.06 -39.87
C SER I 94 -30.69 37.48 -39.61
N TYR I 95 -31.94 37.58 -39.20
CA TYR I 95 -32.52 38.87 -38.86
C TYR I 95 -31.84 39.42 -37.59
N PRO I 96 -31.71 40.74 -37.48
CA PRO I 96 -31.01 41.33 -36.33
C PRO I 96 -31.90 41.41 -35.09
N TRP I 97 -32.24 40.23 -34.56
CA TRP I 97 -33.04 40.16 -33.34
C TRP I 97 -32.34 40.92 -32.21
N SER I 98 -33.14 41.67 -31.45
CA SER I 98 -32.58 42.49 -30.39
C SER I 98 -31.86 41.65 -29.34
N HIS I 99 -32.26 40.39 -29.17
CA HIS I 99 -31.65 39.49 -28.20
C HIS I 99 -30.49 38.70 -28.77
N ARG I 100 -30.08 38.98 -30.01
CA ARG I 100 -29.01 38.20 -30.64
C ARG I 100 -27.68 38.40 -29.92
N GLY I 101 -27.48 39.59 -29.34
CA GLY I 101 -26.19 39.87 -28.72
C GLY I 101 -25.91 38.95 -27.56
N LEU I 102 -24.62 38.77 -27.27
CA LEU I 102 -24.21 37.86 -26.20
C LEU I 102 -24.72 38.34 -24.85
N LEU I 103 -24.72 39.64 -24.60
CA LEU I 103 -25.23 40.20 -23.37
C LEU I 103 -26.58 40.90 -23.56
N SER I 104 -27.23 40.65 -24.68
CA SER I 104 -28.51 41.27 -24.97
C SER I 104 -29.65 40.43 -24.40
N SER I 105 -30.74 41.11 -24.05
CA SER I 105 -31.91 40.48 -23.46
C SER I 105 -33.12 40.67 -24.38
N LEU I 106 -34.13 39.84 -24.16
CA LEU I 106 -35.38 40.00 -24.89
C LEU I 106 -36.08 41.29 -24.50
N ASP I 107 -36.66 41.96 -25.48
CA ASP I 107 -37.46 43.16 -25.22
C ASP I 107 -38.81 42.75 -24.68
N HIS I 108 -39.04 43.02 -23.39
CA HIS I 108 -40.24 42.51 -22.73
C HIS I 108 -41.51 43.16 -23.27
N THR I 109 -41.41 44.38 -23.79
CA THR I 109 -42.54 44.96 -24.52
C THR I 109 -42.90 44.09 -25.72
N SER I 110 -41.88 43.65 -26.46
CA SER I 110 -42.12 42.76 -27.60
C SER I 110 -42.64 41.41 -27.13
N ILE I 111 -42.20 40.94 -25.96
CA ILE I 111 -42.72 39.69 -25.42
C ILE I 111 -44.21 39.83 -25.09
N ARG I 112 -44.61 40.95 -24.49
CA ARG I 112 -46.01 41.19 -24.18
C ARG I 112 -46.85 41.23 -25.45
N ARG I 113 -46.38 41.96 -26.46
CA ARG I 113 -47.12 42.03 -27.72
C ARG I 113 -47.18 40.67 -28.40
N GLY I 114 -46.11 39.88 -28.31
CA GLY I 114 -46.11 38.56 -28.87
C GLY I 114 -47.06 37.61 -28.16
N PHE I 115 -47.17 37.74 -26.83
CA PHE I 115 -48.16 36.95 -26.11
C PHE I 115 -49.57 37.32 -26.54
N GLN I 116 -49.82 38.62 -26.74
CA GLN I 116 -51.12 39.02 -27.26
C GLN I 116 -51.36 38.41 -28.64
N VAL I 117 -50.34 38.40 -29.49
CA VAL I 117 -50.46 37.76 -30.80
C VAL I 117 -50.81 36.29 -30.65
N TYR I 118 -50.07 35.59 -29.78
CA TYR I 118 -50.32 34.17 -29.57
C TYR I 118 -51.75 33.91 -29.15
N LYS I 119 -52.18 34.60 -28.10
CA LYS I 119 -53.52 34.39 -27.55
C LYS I 119 -54.60 34.69 -28.58
N GLN I 120 -54.44 35.78 -29.34
CA GLN I 120 -55.48 36.16 -30.28
C GLN I 120 -55.51 35.23 -31.49
N VAL I 121 -54.37 34.75 -31.96
CA VAL I 121 -54.25 34.09 -33.26
C VAL I 121 -54.09 32.58 -33.10
N CYS I 122 -52.99 32.12 -32.50
CA CYS I 122 -52.63 30.72 -32.61
C CYS I 122 -53.08 29.87 -31.43
N SER I 123 -53.66 30.46 -30.40
CA SER I 123 -54.29 29.65 -29.36
C SER I 123 -55.45 28.84 -29.92
N SER I 124 -56.00 29.25 -31.08
CA SER I 124 -57.05 28.49 -31.72
C SER I 124 -56.57 27.13 -32.20
N CYS I 125 -55.35 27.08 -32.75
CA CYS I 125 -54.79 25.84 -33.28
C CYS I 125 -53.63 25.29 -32.47
N HIS I 126 -52.78 26.13 -31.91
CA HIS I 126 -51.56 25.70 -31.24
C HIS I 126 -51.70 25.76 -29.73
N SER I 127 -50.88 24.95 -29.06
CA SER I 127 -50.91 24.84 -27.61
C SER I 127 -49.52 25.09 -27.04
N MET I 128 -49.50 25.48 -25.76
CA MET I 128 -48.28 25.56 -24.97
C MET I 128 -48.53 24.81 -23.66
N ASP I 129 -48.32 23.49 -23.69
CA ASP I 129 -48.57 22.67 -22.52
C ASP I 129 -47.57 22.93 -21.40
N TYR I 130 -46.48 23.65 -21.67
CA TYR I 130 -45.41 23.83 -20.72
C TYR I 130 -45.29 25.25 -20.19
N VAL I 131 -46.04 26.20 -20.73
CA VAL I 131 -46.04 27.58 -20.27
C VAL I 131 -47.34 27.86 -19.56
N ALA I 132 -47.25 28.30 -18.31
CA ALA I 132 -48.40 28.65 -17.50
C ALA I 132 -48.52 30.17 -17.38
N TYR I 133 -49.67 30.62 -16.88
CA TYR I 133 -49.87 32.06 -16.69
C TYR I 133 -48.91 32.61 -15.66
N ARG I 134 -48.65 31.84 -14.60
CA ARG I 134 -47.72 32.28 -13.57
C ARG I 134 -46.33 32.54 -14.13
N HIS I 135 -46.00 31.96 -15.29
CA HIS I 135 -44.69 32.18 -15.88
C HIS I 135 -44.52 33.59 -16.43
N LEU I 136 -45.60 34.33 -16.63
CA LEU I 136 -45.50 35.68 -17.16
C LEU I 136 -45.90 36.73 -16.12
N VAL I 137 -45.68 36.43 -14.84
CA VAL I 137 -45.99 37.37 -13.77
C VAL I 137 -44.86 38.37 -13.55
N GLY I 138 -43.64 38.04 -13.94
CA GLY I 138 -42.54 38.97 -13.78
C GLY I 138 -41.76 39.18 -15.06
N VAL I 139 -42.39 38.88 -16.19
CA VAL I 139 -41.75 38.95 -17.49
C VAL I 139 -42.38 40.03 -18.36
N CYS I 140 -43.68 39.95 -18.60
CA CYS I 140 -44.36 40.93 -19.42
C CYS I 140 -45.69 41.40 -18.85
N TYR I 141 -46.25 40.74 -17.84
CA TYR I 141 -47.48 41.16 -17.20
C TYR I 141 -47.29 41.18 -15.70
N THR I 142 -47.95 42.12 -15.04
CA THR I 142 -47.92 42.16 -13.58
C THR I 142 -48.79 41.02 -13.01
N GLU I 143 -48.72 40.86 -11.69
CA GLU I 143 -49.48 39.82 -11.02
C GLU I 143 -50.97 39.92 -11.33
N GLU I 144 -51.53 41.12 -11.20
CA GLU I 144 -52.96 41.30 -11.43
C GLU I 144 -53.34 41.06 -12.88
N GLU I 145 -52.51 41.51 -13.82
CA GLU I 145 -52.81 41.30 -15.23
C GLU I 145 -52.78 39.82 -15.58
N ALA I 146 -51.78 39.08 -15.07
CA ALA I 146 -51.75 37.65 -15.32
C ALA I 146 -52.93 36.95 -14.68
N LYS I 147 -53.33 37.40 -13.49
CA LYS I 147 -54.52 36.84 -12.84
C LYS I 147 -55.76 37.05 -13.70
N ALA I 148 -55.93 38.26 -14.24
CA ALA I 148 -57.09 38.53 -15.09
C ALA I 148 -57.06 37.70 -16.37
N LEU I 149 -55.89 37.59 -16.99
CA LEU I 149 -55.75 36.77 -18.19
C LEU I 149 -56.12 35.32 -17.91
N ALA I 150 -55.70 34.81 -16.76
CA ALA I 150 -56.11 33.47 -16.37
C ALA I 150 -57.62 33.38 -16.18
N GLU I 151 -58.21 34.39 -15.53
CA GLU I 151 -59.65 34.41 -15.31
C GLU I 151 -60.43 34.43 -16.62
N GLU I 152 -59.81 34.94 -17.69
CA GLU I 152 -60.55 35.12 -18.95
C GLU I 152 -61.03 33.79 -19.53
N VAL I 153 -60.19 32.76 -19.50
CA VAL I 153 -60.49 31.50 -20.17
C VAL I 153 -60.83 30.43 -19.13
N GLU I 154 -61.93 29.71 -19.36
CA GLU I 154 -62.35 28.65 -18.46
C GLU I 154 -61.49 27.41 -18.63
N VAL I 155 -61.32 26.66 -17.54
CA VAL I 155 -60.48 25.47 -17.51
C VAL I 155 -61.24 24.35 -16.81
N GLN I 156 -61.08 23.13 -17.29
CA GLN I 156 -61.68 21.98 -16.63
C GLN I 156 -61.05 21.76 -15.26
N ASP I 157 -61.88 21.42 -14.28
CA ASP I 157 -61.43 21.16 -12.93
C ASP I 157 -61.80 19.73 -12.54
N GLY I 158 -61.05 19.19 -11.58
CA GLY I 158 -61.20 17.82 -11.15
C GLY I 158 -62.60 17.50 -10.67
N PRO I 159 -62.89 16.20 -10.50
CA PRO I 159 -64.24 15.80 -10.12
C PRO I 159 -64.68 16.42 -8.80
N ASN I 160 -65.94 16.85 -8.76
CA ASN I 160 -66.56 17.40 -7.58
C ASN I 160 -67.34 16.30 -6.86
N GLU I 161 -68.18 16.70 -5.91
CA GLU I 161 -69.19 15.78 -5.40
C GLU I 161 -70.05 15.28 -6.55
N ASP I 162 -70.34 13.98 -6.54
CA ASP I 162 -70.97 13.20 -7.61
C ASP I 162 -69.96 12.85 -8.70
N GLY I 163 -68.68 13.20 -8.52
CA GLY I 163 -67.66 12.81 -9.49
C GLY I 163 -67.90 13.35 -10.89
N GLU I 164 -68.36 14.59 -11.00
CA GLU I 164 -68.69 15.20 -12.28
C GLU I 164 -67.68 16.29 -12.60
N MET I 165 -67.16 16.28 -13.81
CA MET I 165 -66.24 17.33 -14.24
C MET I 165 -67.02 18.62 -14.50
N PHE I 166 -66.29 19.74 -14.44
CA PHE I 166 -66.91 21.04 -14.62
C PHE I 166 -65.84 22.05 -15.05
N MET I 167 -66.27 23.26 -15.34
CA MET I 167 -65.41 24.34 -15.79
C MET I 167 -65.32 25.42 -14.71
N ARG I 168 -64.15 26.00 -14.55
CA ARG I 168 -63.90 27.05 -13.58
C ARG I 168 -63.18 28.21 -14.26
N PRO I 169 -63.24 29.41 -13.67
CA PRO I 169 -62.69 30.59 -14.35
C PRO I 169 -61.22 30.50 -14.69
N GLY I 170 -60.42 29.78 -13.92
CA GLY I 170 -59.03 29.67 -14.28
C GLY I 170 -58.15 30.51 -13.37
N LYS I 171 -56.90 30.09 -13.22
CA LYS I 171 -55.98 30.71 -12.28
C LYS I 171 -54.57 30.63 -12.82
N LEU I 172 -53.65 31.33 -12.13
CA LEU I 172 -52.27 31.39 -12.59
C LEU I 172 -51.64 30.00 -12.66
N SER I 173 -51.99 29.14 -11.71
CA SER I 173 -51.42 27.79 -11.69
C SER I 173 -51.73 27.00 -12.94
N ASP I 174 -52.78 27.36 -13.68
CA ASP I 174 -53.15 26.64 -14.88
C ASP I 174 -52.21 26.97 -16.04
N TYR I 175 -51.97 25.98 -16.88
CA TYR I 175 -51.21 26.17 -18.10
C TYR I 175 -52.12 26.65 -19.22
N PHE I 176 -51.50 27.09 -20.30
CA PHE I 176 -52.27 27.64 -21.42
C PHE I 176 -53.21 26.57 -21.97
N PRO I 177 -54.48 26.89 -22.19
CA PRO I 177 -55.45 25.86 -22.57
C PRO I 177 -55.11 25.20 -23.89
N LYS I 178 -55.36 23.90 -23.96
CA LYS I 178 -55.19 23.16 -25.20
C LYS I 178 -56.34 23.46 -26.16
N PRO I 179 -56.06 23.66 -27.45
CA PRO I 179 -57.14 23.91 -28.39
C PRO I 179 -57.97 22.68 -28.71
N TYR I 180 -57.40 21.49 -28.56
CA TYR I 180 -58.07 20.25 -28.90
C TYR I 180 -57.85 19.23 -27.79
N PRO I 181 -58.85 18.38 -27.53
CA PRO I 181 -58.70 17.37 -26.46
C PRO I 181 -57.57 16.39 -26.71
N ASN I 182 -57.30 16.04 -27.95
CA ASN I 182 -56.29 15.03 -28.27
C ASN I 182 -55.74 15.32 -29.66
N PRO I 183 -54.56 14.81 -29.99
CA PRO I 183 -53.97 15.10 -31.31
C PRO I 183 -54.84 14.64 -32.48
N GLU I 184 -55.63 13.58 -32.29
CA GLU I 184 -56.51 13.13 -33.37
C GLU I 184 -57.53 14.20 -33.73
N ALA I 185 -58.09 14.87 -32.72
CA ALA I 185 -59.03 15.95 -32.98
C ALA I 185 -58.36 17.09 -33.74
N ALA I 186 -57.13 17.43 -33.36
CA ALA I 186 -56.40 18.48 -34.06
C ALA I 186 -56.16 18.11 -35.53
N ARG I 187 -55.76 16.86 -35.78
CA ARG I 187 -55.56 16.42 -37.16
C ARG I 187 -56.86 16.46 -37.93
N ALA I 188 -57.97 16.04 -37.31
CA ALA I 188 -59.25 16.08 -38.00
C ALA I 188 -59.66 17.51 -38.34
N ALA I 189 -59.38 18.45 -37.43
CA ALA I 189 -59.74 19.85 -37.66
C ALA I 189 -58.75 20.57 -38.56
N ASN I 190 -57.59 19.99 -38.83
CA ASN I 190 -56.55 20.65 -39.63
C ASN I 190 -56.11 19.80 -40.80
N ASN I 191 -57.07 19.17 -41.49
CA ASN I 191 -56.81 18.41 -42.71
C ASN I 191 -55.73 17.34 -42.50
N GLY I 192 -55.80 16.65 -41.37
CA GLY I 192 -54.87 15.57 -41.09
C GLY I 192 -53.49 16.00 -40.65
N ALA I 193 -53.27 17.29 -40.43
CA ALA I 193 -51.98 17.81 -40.01
C ALA I 193 -52.08 18.25 -38.55
N LEU I 194 -51.18 17.77 -37.72
CA LEU I 194 -51.17 18.14 -36.32
C LEU I 194 -50.46 19.48 -36.14
N PRO I 195 -51.14 20.52 -35.66
CA PRO I 195 -50.44 21.77 -35.37
C PRO I 195 -49.48 21.59 -34.20
N PRO I 196 -48.19 21.78 -34.42
CA PRO I 196 -47.20 21.48 -33.38
C PRO I 196 -47.35 22.39 -32.17
N ASP I 197 -46.96 21.86 -31.01
CA ASP I 197 -46.87 22.67 -29.80
C ASP I 197 -45.83 23.77 -29.98
N LEU I 198 -46.16 24.97 -29.51
CA LEU I 198 -45.30 26.13 -29.70
C LEU I 198 -44.48 26.47 -28.46
N SER I 199 -44.50 25.61 -27.43
CA SER I 199 -43.73 25.89 -26.24
C SER I 199 -42.23 25.80 -26.50
N TYR I 200 -41.82 24.90 -27.39
CA TYR I 200 -40.41 24.71 -27.72
C TYR I 200 -40.16 24.82 -29.21
N ILE I 201 -41.06 25.49 -29.95
CA ILE I 201 -40.99 25.46 -31.40
C ILE I 201 -39.76 26.21 -31.90
N VAL I 202 -39.41 27.32 -31.25
CA VAL I 202 -38.20 28.04 -31.63
C VAL I 202 -36.97 27.21 -31.32
N ARG I 203 -37.00 26.45 -30.24
CA ARG I 203 -35.84 25.67 -29.84
C ARG I 203 -35.79 24.30 -30.49
N ALA I 204 -36.84 23.89 -31.20
CA ALA I 204 -36.90 22.58 -31.84
C ALA I 204 -36.75 22.65 -33.35
N ARG I 205 -36.48 23.83 -33.90
CA ARG I 205 -36.36 24.03 -35.33
C ARG I 205 -35.00 24.62 -35.67
N HIS I 206 -34.36 24.07 -36.70
CA HIS I 206 -33.12 24.63 -37.19
C HIS I 206 -33.37 26.04 -37.75
N GLY I 207 -32.85 27.05 -37.07
CA GLY I 207 -33.08 28.44 -37.41
C GLY I 207 -33.81 29.21 -36.31
N GLY I 208 -34.62 28.51 -35.52
CA GLY I 208 -35.29 29.16 -34.40
C GLY I 208 -36.19 30.29 -34.83
N GLU I 209 -36.05 31.43 -34.15
CA GLU I 209 -36.91 32.58 -34.43
C GLU I 209 -36.75 33.04 -35.88
N ASP I 210 -35.54 32.91 -36.44
CA ASP I 210 -35.35 33.25 -37.85
C ASP I 210 -36.22 32.39 -38.75
N TYR I 211 -36.24 31.07 -38.49
CA TYR I 211 -37.07 30.18 -39.30
C TYR I 211 -38.55 30.50 -39.12
N VAL I 212 -38.98 30.72 -37.87
CA VAL I 212 -40.39 31.01 -37.62
C VAL I 212 -40.80 32.29 -38.34
N PHE I 213 -39.97 33.34 -38.24
CA PHE I 213 -40.28 34.60 -38.88
C PHE I 213 -40.36 34.46 -40.39
N SER I 214 -39.37 33.79 -40.99
CA SER I 214 -39.39 33.58 -42.43
C SER I 214 -40.60 32.78 -42.87
N LEU I 215 -40.94 31.74 -42.09
CA LEU I 215 -42.11 30.92 -42.41
C LEU I 215 -43.39 31.73 -42.36
N LEU I 216 -43.54 32.55 -41.33
CA LEU I 216 -44.76 33.36 -41.20
C LEU I 216 -44.86 34.40 -42.30
N THR I 217 -43.76 35.06 -42.63
CA THR I 217 -43.79 36.17 -43.57
C THR I 217 -43.57 35.74 -45.01
N GLY I 218 -43.07 34.53 -45.25
CA GLY I 218 -42.88 34.06 -46.60
C GLY I 218 -43.95 33.09 -47.05
N TYR I 219 -44.92 33.56 -47.82
CA TYR I 219 -46.01 32.73 -48.32
C TYR I 219 -46.24 33.01 -49.80
N CYS I 220 -45.15 32.99 -50.56
CA CYS I 220 -45.23 33.25 -52.00
C CYS I 220 -46.12 32.22 -52.69
N GLU I 221 -46.76 32.66 -53.78
CA GLU I 221 -47.59 31.77 -54.56
C GLU I 221 -46.72 30.71 -55.24
N PRO I 222 -47.27 29.52 -55.49
CA PRO I 222 -46.45 28.43 -56.03
C PRO I 222 -45.86 28.80 -57.38
N PRO I 223 -44.60 28.44 -57.62
CA PRO I 223 -43.99 28.70 -58.93
C PRO I 223 -44.52 27.74 -59.98
N THR I 224 -44.25 28.08 -61.24
CA THR I 224 -44.71 27.26 -62.35
C THR I 224 -44.11 25.87 -62.25
N GLY I 225 -44.95 24.85 -62.40
CA GLY I 225 -44.55 23.48 -62.24
C GLY I 225 -44.85 22.88 -60.89
N VAL I 226 -45.20 23.70 -59.91
CA VAL I 226 -45.49 23.24 -58.55
C VAL I 226 -47.00 23.31 -58.35
N SER I 227 -47.64 22.15 -58.27
CA SER I 227 -49.06 22.04 -57.99
C SER I 227 -49.23 21.47 -56.59
N LEU I 228 -50.05 22.14 -55.78
CA LEU I 228 -50.25 21.78 -54.38
C LEU I 228 -51.50 20.93 -54.22
N ARG I 229 -51.40 19.90 -53.38
CA ARG I 229 -52.56 19.11 -53.01
C ARG I 229 -53.61 20.00 -52.36
N GLU I 230 -54.88 19.55 -52.36
CA GLU I 230 -55.94 20.34 -51.77
C GLU I 230 -55.69 20.55 -50.27
N GLY I 231 -55.88 21.79 -49.83
CA GLY I 231 -55.69 22.13 -48.43
C GLY I 231 -54.29 22.51 -48.03
N LEU I 232 -53.33 22.49 -48.95
CA LEU I 232 -51.96 22.87 -48.65
C LEU I 232 -51.66 24.25 -49.22
N TYR I 233 -50.72 24.94 -48.59
CA TYR I 233 -50.31 26.28 -48.99
C TYR I 233 -48.81 26.30 -49.21
N PHE I 234 -48.36 27.02 -50.24
CA PHE I 234 -46.96 27.04 -50.60
C PHE I 234 -46.20 27.95 -49.66
N ASN I 235 -45.21 27.40 -48.97
CA ASN I 235 -44.28 28.19 -48.17
C ASN I 235 -42.88 27.71 -48.46
N PRO I 236 -42.05 28.52 -49.12
CA PRO I 236 -40.71 28.06 -49.50
C PRO I 236 -39.83 27.68 -48.33
N TYR I 237 -40.04 28.28 -47.16
CA TYR I 237 -39.22 27.96 -46.00
C TYR I 237 -39.69 26.71 -45.27
N PHE I 238 -40.84 26.16 -45.63
CA PHE I 238 -41.30 24.94 -45.00
C PHE I 238 -40.76 23.73 -45.73
N PRO I 239 -40.13 22.78 -45.03
CA PRO I 239 -39.63 21.56 -45.70
C PRO I 239 -40.68 20.89 -46.57
N GLY I 240 -40.40 20.79 -47.87
CA GLY I 240 -41.36 20.31 -48.83
C GLY I 240 -42.16 21.38 -49.52
N GLN I 241 -42.11 22.62 -49.04
CA GLN I 241 -42.78 23.75 -49.67
C GLN I 241 -44.28 23.50 -49.83
N ALA I 242 -44.86 22.82 -48.84
CA ALA I 242 -46.30 22.55 -48.84
C ALA I 242 -46.72 22.41 -47.39
N ILE I 243 -47.28 23.47 -46.83
CA ILE I 243 -47.63 23.53 -45.42
C ILE I 243 -49.14 23.62 -45.29
N ALA I 244 -49.69 22.90 -44.32
CA ALA I 244 -51.12 22.86 -44.09
C ALA I 244 -51.62 24.01 -43.24
N MET I 245 -50.73 24.90 -42.80
CA MET I 245 -51.12 26.08 -42.04
C MET I 245 -51.40 27.21 -43.01
N ALA I 246 -52.66 27.65 -43.06
CA ALA I 246 -53.00 28.82 -43.84
C ALA I 246 -52.29 30.03 -43.25
N PRO I 247 -51.96 31.04 -44.07
CA PRO I 247 -51.25 32.22 -43.57
C PRO I 247 -51.96 32.80 -42.36
N PRO I 248 -51.35 32.72 -41.18
CA PRO I 248 -52.06 33.08 -39.95
C PRO I 248 -52.13 34.58 -39.70
N ILE I 249 -51.15 35.31 -40.21
CA ILE I 249 -51.05 36.74 -39.94
C ILE I 249 -51.18 37.53 -41.23
N TYR I 250 -51.54 38.80 -41.06
CA TYR I 250 -51.73 39.77 -42.13
C TYR I 250 -51.93 41.11 -41.43
N ASN I 251 -52.00 42.17 -42.24
CA ASN I 251 -52.21 43.51 -41.69
C ASN I 251 -53.51 43.58 -40.91
N GLU I 252 -53.44 44.17 -39.72
CA GLU I 252 -54.61 44.36 -38.86
C GLU I 252 -55.29 43.04 -38.51
N VAL I 253 -54.48 42.00 -38.27
CA VAL I 253 -55.00 40.74 -37.75
C VAL I 253 -55.25 40.81 -36.26
N LEU I 254 -54.96 41.94 -35.63
CA LEU I 254 -54.99 42.10 -34.18
C LEU I 254 -54.80 43.57 -33.86
N GLU I 255 -55.36 44.00 -32.73
CA GLU I 255 -55.17 45.35 -32.21
C GLU I 255 -54.28 45.25 -30.98
N PHE I 256 -53.03 45.66 -31.12
CA PHE I 256 -52.11 45.66 -29.99
C PHE I 256 -52.58 46.61 -28.91
N ASP I 257 -52.53 46.15 -27.65
CA ASP I 257 -52.82 47.04 -26.53
C ASP I 257 -51.82 48.17 -26.45
N ASP I 258 -50.57 47.92 -26.88
CA ASP I 258 -49.54 48.95 -26.86
C ASP I 258 -49.89 50.10 -27.79
N GLY I 259 -50.58 49.82 -28.90
CA GLY I 259 -50.83 50.81 -29.91
C GLY I 259 -49.91 50.75 -31.10
N THR I 260 -48.98 49.78 -31.12
CA THR I 260 -48.09 49.63 -32.26
C THR I 260 -48.90 49.26 -33.50
N PRO I 261 -48.58 49.82 -34.66
CA PRO I 261 -49.26 49.41 -35.89
C PRO I 261 -49.07 47.93 -36.16
N ALA I 262 -50.18 47.21 -36.20
CA ALA I 262 -50.15 45.75 -36.27
C ALA I 262 -50.04 45.29 -37.73
N THR I 263 -48.91 45.60 -38.32
CA THR I 263 -48.57 45.07 -39.63
C THR I 263 -48.14 43.62 -39.50
N MET I 264 -48.13 42.91 -40.63
CA MET I 264 -47.79 41.49 -40.62
C MET I 264 -46.39 41.27 -40.06
N SER I 265 -45.42 42.07 -40.50
CA SER I 265 -44.05 41.91 -40.04
C SER I 265 -43.91 42.21 -38.56
N GLN I 266 -44.57 43.26 -38.07
CA GLN I 266 -44.49 43.59 -36.65
C GLN I 266 -45.08 42.47 -35.81
N VAL I 267 -46.23 41.94 -36.24
CA VAL I 267 -46.86 40.84 -35.52
C VAL I 267 -45.96 39.62 -35.51
N ALA I 268 -45.35 39.32 -36.66
CA ALA I 268 -44.45 38.17 -36.75
C ALA I 268 -43.25 38.34 -35.83
N LYS I 269 -42.65 39.54 -35.81
CA LYS I 269 -41.51 39.77 -34.95
C LYS I 269 -41.89 39.63 -33.48
N ASP I 270 -43.04 40.18 -33.10
CA ASP I 270 -43.47 40.09 -31.70
C ASP I 270 -43.73 38.64 -31.30
N VAL I 271 -44.44 37.90 -32.14
CA VAL I 271 -44.76 36.51 -31.80
C VAL I 271 -43.49 35.67 -31.77
N CYS I 272 -42.53 35.97 -32.64
CA CYS I 272 -41.27 35.23 -32.62
C CYS I 272 -40.48 35.53 -31.35
N THR I 273 -40.48 36.78 -30.90
CA THR I 273 -39.83 37.10 -29.63
C THR I 273 -40.51 36.40 -28.46
N PHE I 274 -41.84 36.36 -28.47
CA PHE I 274 -42.57 35.65 -27.42
C PHE I 274 -42.24 34.17 -27.45
N LEU I 275 -42.17 33.58 -28.63
CA LEU I 275 -41.81 32.17 -28.75
C LEU I 275 -40.38 31.93 -28.27
N ARG I 276 -39.49 32.87 -28.54
CA ARG I 276 -38.13 32.78 -28.03
C ARG I 276 -38.13 32.75 -26.51
N TRP I 277 -38.93 33.60 -25.88
CA TRP I 277 -39.05 33.57 -24.43
C TRP I 277 -39.63 32.24 -23.96
N ALA I 278 -40.64 31.75 -24.67
CA ALA I 278 -41.29 30.50 -24.27
C ALA I 278 -40.31 29.33 -24.30
N SER I 279 -39.49 29.26 -25.36
CA SER I 279 -38.52 28.18 -25.46
C SER I 279 -37.40 28.34 -24.44
N GLU I 280 -36.98 29.58 -24.18
CA GLU I 280 -35.91 29.88 -23.23
C GLU I 280 -36.38 30.89 -22.21
N PRO I 281 -37.17 30.46 -21.22
CA PRO I 281 -37.59 31.39 -20.16
C PRO I 281 -36.44 31.89 -19.30
N GLU I 282 -35.27 31.27 -19.38
CA GLU I 282 -34.11 31.69 -18.60
C GLU I 282 -33.14 32.55 -19.41
N HIS I 283 -33.56 33.02 -20.59
CA HIS I 283 -32.67 33.73 -21.49
C HIS I 283 -31.98 34.91 -20.81
N ASP I 284 -32.75 35.84 -20.27
CA ASP I 284 -32.18 37.06 -19.70
C ASP I 284 -31.29 36.73 -18.50
N HIS I 285 -31.80 35.93 -17.57
CA HIS I 285 -30.99 35.53 -16.42
C HIS I 285 -29.74 34.79 -16.86
N ARG I 286 -29.84 33.97 -17.90
CA ARG I 286 -28.67 33.27 -18.41
C ARG I 286 -27.62 34.27 -18.90
N LYS I 287 -28.05 35.28 -19.65
CA LYS I 287 -27.11 36.30 -20.12
C LYS I 287 -26.48 37.06 -18.96
N ARG I 288 -27.28 37.38 -17.94
CA ARG I 288 -26.76 38.09 -16.77
C ARG I 288 -25.70 37.26 -16.06
N MET I 289 -26.00 35.99 -15.79
CA MET I 289 -25.03 35.11 -15.17
C MET I 289 -23.79 34.93 -16.04
N GLY I 290 -23.97 34.92 -17.36
CA GLY I 290 -22.82 34.83 -18.24
C GLY I 290 -21.92 36.06 -18.16
N LEU I 291 -22.52 37.24 -18.07
CA LEU I 291 -21.72 38.45 -17.87
C LEU I 291 -20.97 38.40 -16.55
N LYS I 292 -21.65 37.98 -15.48
CA LYS I 292 -20.99 37.90 -14.19
C LYS I 292 -19.85 36.89 -14.21
N MET I 293 -20.06 35.74 -14.85
CA MET I 293 -19.01 34.73 -14.93
C MET I 293 -17.86 35.20 -15.80
N LEU I 294 -18.15 35.97 -16.86
CA LEU I 294 -17.08 36.52 -17.68
C LEU I 294 -16.22 37.48 -16.88
N MET I 295 -16.86 38.36 -16.10
CA MET I 295 -16.10 39.27 -15.25
C MET I 295 -15.27 38.50 -14.23
N MET I 296 -15.89 37.53 -13.55
CA MET I 296 -15.17 36.76 -12.54
C MET I 296 -14.01 35.99 -13.14
N MET I 297 -14.19 35.41 -14.32
CA MET I 297 -13.12 34.64 -14.92
C MET I 297 -12.00 35.54 -15.42
N GLY I 298 -12.35 36.69 -16.02
CA GLY I 298 -11.33 37.64 -16.40
C GLY I 298 -10.56 38.18 -15.22
N LEU I 299 -11.19 38.18 -14.03
CA LEU I 299 -10.47 38.54 -12.82
C LEU I 299 -9.61 37.39 -12.30
N LEU I 300 -10.11 36.17 -12.37
CA LEU I 300 -9.50 35.03 -11.68
C LEU I 300 -8.37 34.39 -12.47
N LEU I 301 -8.58 34.17 -13.77
CA LEU I 301 -7.54 33.53 -14.59
C LEU I 301 -6.18 34.22 -14.50
N PRO I 302 -6.08 35.54 -14.63
CA PRO I 302 -4.76 36.17 -14.37
C PRO I 302 -4.27 35.96 -12.96
N LEU I 303 -5.17 35.95 -11.96
CA LEU I 303 -4.73 35.81 -10.58
C LEU I 303 -4.19 34.40 -10.30
N VAL I 304 -4.93 33.38 -10.71
CA VAL I 304 -4.45 32.01 -10.51
C VAL I 304 -3.22 31.74 -11.38
N TYR I 305 -3.18 32.34 -12.57
CA TYR I 305 -1.99 32.23 -13.40
C TYR I 305 -0.78 32.85 -12.71
N ALA I 306 -0.97 33.99 -12.06
CA ALA I 306 0.11 34.61 -11.30
C ALA I 306 0.52 33.75 -10.12
N MET I 307 -0.43 33.12 -9.45
CA MET I 307 -0.08 32.20 -8.36
C MET I 307 0.73 31.03 -8.86
N LYS I 308 0.34 30.46 -10.00
CA LYS I 308 1.11 29.37 -10.59
C LYS I 308 2.52 29.83 -10.96
N ARG I 309 2.64 31.03 -11.54
CA ARG I 309 3.95 31.55 -11.88
C ARG I 309 4.80 31.78 -10.63
N HIS I 310 4.17 32.26 -9.56
CA HIS I 310 4.88 32.45 -8.30
C HIS I 310 5.42 31.13 -7.78
N LYS I 311 4.59 30.10 -7.79
CA LYS I 311 5.05 28.79 -7.32
C LYS I 311 6.13 28.21 -8.23
N TRP I 312 5.99 28.39 -9.55
CA TRP I 312 6.88 27.75 -10.51
C TRP I 312 8.15 28.54 -10.80
N SER I 313 8.27 29.78 -10.32
CA SER I 313 9.47 30.56 -10.57
C SER I 313 10.70 29.89 -9.97
N VAL I 314 10.53 29.14 -8.89
CA VAL I 314 11.65 28.44 -8.27
C VAL I 314 12.29 27.50 -9.27
N LEU I 315 11.49 26.82 -10.08
CA LEU I 315 12.02 25.90 -11.08
C LEU I 315 12.36 26.61 -12.38
N LYS I 316 11.59 27.62 -12.76
CA LYS I 316 11.85 28.31 -14.01
C LYS I 316 13.16 29.07 -13.98
N SER I 317 13.50 29.65 -12.83
CA SER I 317 14.74 30.41 -12.71
C SER I 317 15.92 29.57 -12.24
N ARG I 318 15.69 28.31 -11.87
CA ARG I 318 16.77 27.48 -11.36
C ARG I 318 17.84 27.31 -12.43
N LYS I 319 19.09 27.20 -11.98
CA LYS I 319 20.25 27.04 -12.86
C LYS I 319 21.01 25.79 -12.45
N LEU I 320 21.07 24.82 -13.35
CA LEU I 320 21.76 23.57 -13.08
C LEU I 320 23.22 23.66 -13.50
N ALA I 321 24.07 22.90 -12.83
CA ALA I 321 25.49 22.84 -13.14
C ALA I 321 25.99 21.42 -12.98
N TYR I 322 27.00 21.07 -13.75
CA TYR I 322 27.61 19.73 -13.74
C TYR I 322 29.08 19.89 -13.40
N ARG I 323 29.49 19.35 -12.27
CA ARG I 323 30.85 19.53 -11.75
C ARG I 323 31.46 18.16 -11.44
N PRO I 324 31.85 17.40 -12.46
CA PRO I 324 32.57 16.15 -12.23
C PRO I 324 33.95 16.44 -11.70
N PRO I 325 34.36 15.77 -10.62
CA PRO I 325 35.68 16.06 -10.03
C PRO I 325 36.85 15.73 -10.94
N LYS I 326 36.64 14.90 -11.95
CA LYS I 326 37.69 14.52 -12.89
C LYS I 326 38.36 15.75 -13.52
N SER J 11 24.96 6.51 -50.64
CA SER J 11 26.25 7.16 -50.50
C SER J 11 26.12 8.52 -49.83
N LYS J 12 26.63 9.56 -50.50
CA LYS J 12 26.50 10.92 -49.97
C LYS J 12 25.05 11.37 -49.94
N TRP J 13 24.21 10.81 -50.81
CA TRP J 13 22.78 11.09 -50.76
C TRP J 13 22.18 10.58 -49.45
N LEU J 14 22.53 9.34 -49.07
CA LEU J 14 22.05 8.79 -47.81
C LEU J 14 22.58 9.60 -46.63
N GLU J 15 23.85 10.01 -46.68
CA GLU J 15 24.41 10.82 -45.61
C GLU J 15 23.67 12.16 -45.51
N GLY J 16 23.34 12.76 -46.65
CA GLY J 16 22.62 14.02 -46.62
C GLY J 16 21.25 13.89 -46.01
N ILE J 17 20.49 12.87 -46.42
CA ILE J 17 19.15 12.71 -45.86
C ILE J 17 19.24 12.35 -44.37
N ARG J 18 20.24 11.56 -43.98
CA ARG J 18 20.40 11.23 -42.57
C ARG J 18 20.73 12.47 -41.73
N LYS J 19 21.61 13.32 -42.24
CA LYS J 19 21.93 14.56 -41.53
C LYS J 19 20.73 15.48 -41.45
N TRP J 20 19.94 15.55 -42.53
CA TRP J 20 18.72 16.35 -42.51
C TRP J 20 17.76 15.83 -41.45
N TYR J 21 17.58 14.51 -41.38
CA TYR J 21 16.68 13.96 -40.37
C TYR J 21 17.21 14.21 -38.97
N TYR J 22 18.52 14.09 -38.77
CA TYR J 22 19.11 14.37 -37.47
C TYR J 22 18.82 15.81 -37.05
N ASN J 23 18.96 16.75 -37.98
CA ASN J 23 18.62 18.14 -37.67
C ASN J 23 17.13 18.30 -37.40
N ALA J 24 16.29 17.61 -38.16
CA ALA J 24 14.84 17.70 -37.98
C ALA J 24 14.43 17.15 -36.62
N ALA J 25 14.94 15.97 -36.26
CA ALA J 25 14.71 15.41 -34.94
C ALA J 25 15.51 16.23 -33.94
N GLY J 26 14.88 17.23 -33.33
CA GLY J 26 15.60 18.25 -32.61
C GLY J 26 16.10 17.89 -31.23
N PHE J 27 16.45 16.62 -30.99
CA PHE J 27 17.05 16.29 -29.71
C PHE J 27 18.46 16.86 -29.58
N ASN J 28 19.09 17.23 -30.70
CA ASN J 28 20.37 17.92 -30.61
C ASN J 28 20.17 19.36 -30.16
N LYS J 29 19.01 19.95 -30.45
CA LYS J 29 18.72 21.30 -29.97
C LYS J 29 18.69 21.35 -28.45
N LEU J 30 18.39 20.24 -27.79
CA LEU J 30 18.40 20.16 -26.34
C LEU J 30 19.73 19.70 -25.78
N GLY J 31 20.73 19.51 -26.63
CA GLY J 31 22.02 19.02 -26.20
C GLY J 31 22.11 17.53 -26.01
N LEU J 32 21.02 16.80 -26.27
CA LEU J 32 21.04 15.36 -26.10
C LEU J 32 21.82 14.68 -27.21
N MET J 33 22.16 13.44 -26.96
CA MET J 33 22.74 12.55 -27.97
C MET J 33 21.74 11.47 -28.31
N ARG J 34 21.94 10.82 -29.46
CA ARG J 34 20.97 9.87 -29.96
C ARG J 34 20.65 8.80 -28.92
N ASP J 35 21.67 8.28 -28.25
CA ASP J 35 21.46 7.21 -27.28
C ASP J 35 20.83 7.69 -25.98
N ASP J 36 20.67 9.00 -25.80
CA ASP J 36 19.96 9.52 -24.64
C ASP J 36 18.46 9.51 -24.82
N THR J 37 17.98 9.30 -26.05
CA THR J 37 16.56 9.35 -26.35
C THR J 37 15.94 7.97 -26.54
N ILE J 38 16.75 6.91 -26.46
CA ILE J 38 16.24 5.57 -26.67
C ILE J 38 15.28 5.20 -25.55
N TYR J 39 14.22 4.46 -25.89
CA TYR J 39 13.26 4.03 -24.88
C TYR J 39 13.91 3.03 -23.94
N GLU J 40 13.81 3.30 -22.64
CA GLU J 40 14.47 2.48 -21.62
C GLU J 40 13.62 1.25 -21.33
N ASP J 41 13.74 0.26 -22.21
CA ASP J 41 13.13 -1.04 -21.95
C ASP J 41 14.11 -1.86 -21.10
N ASP J 42 13.83 -3.16 -20.94
CA ASP J 42 14.68 -4.00 -20.10
C ASP J 42 16.11 -4.05 -20.63
N ASP J 43 16.27 -4.23 -21.94
CA ASP J 43 17.61 -4.30 -22.52
C ASP J 43 18.34 -2.98 -22.37
N VAL J 44 17.65 -1.87 -22.61
CA VAL J 44 18.28 -0.56 -22.46
C VAL J 44 18.61 -0.29 -21.00
N LYS J 45 17.74 -0.68 -20.08
CA LYS J 45 18.03 -0.52 -18.66
C LYS J 45 19.28 -1.30 -18.26
N GLU J 46 19.39 -2.55 -18.72
CA GLU J 46 20.58 -3.34 -18.41
C GLU J 46 21.83 -2.72 -19.03
N ALA J 47 21.71 -2.21 -20.25
CA ALA J 47 22.85 -1.55 -20.88
C ALA J 47 23.28 -0.32 -20.10
N ILE J 48 22.32 0.46 -19.61
CA ILE J 48 22.64 1.62 -18.78
C ILE J 48 23.34 1.16 -17.51
N ARG J 49 22.87 0.05 -16.92
CA ARG J 49 23.49 -0.46 -15.71
C ARG J 49 24.95 -0.84 -15.91
N ARG J 50 25.34 -1.16 -17.14
CA ARG J 50 26.71 -1.56 -17.44
C ARG J 50 27.61 -0.39 -17.87
N LEU J 51 27.07 0.81 -17.96
CA LEU J 51 27.86 1.94 -18.42
C LEU J 51 28.93 2.29 -17.39
N PRO J 52 30.09 2.76 -17.85
CA PRO J 52 31.09 3.30 -16.92
C PRO J 52 30.56 4.54 -16.24
N GLU J 53 31.12 4.84 -15.07
CA GLU J 53 30.54 5.88 -14.21
C GLU J 53 30.54 7.24 -14.90
N ASN J 54 31.61 7.58 -15.62
CA ASN J 54 31.67 8.89 -16.27
C ASN J 54 30.59 9.03 -17.34
N LEU J 55 30.41 7.98 -18.16
CA LEU J 55 29.38 8.03 -19.19
C LEU J 55 28.00 8.11 -18.58
N TYR J 56 27.77 7.35 -17.50
CA TYR J 56 26.46 7.40 -16.84
C TYR J 56 26.18 8.80 -16.30
N ASN J 57 27.18 9.43 -15.65
CA ASN J 57 26.98 10.77 -15.12
C ASN J 57 26.73 11.78 -16.24
N ASP J 58 27.48 11.68 -17.35
CA ASP J 58 27.26 12.57 -18.47
C ASP J 58 25.86 12.42 -19.03
N ARG J 59 25.40 11.17 -19.18
CA ARG J 59 24.06 10.91 -19.67
C ARG J 59 23.01 11.50 -18.73
N VAL J 60 23.20 11.31 -17.43
CA VAL J 60 22.25 11.84 -16.45
C VAL J 60 22.17 13.35 -16.55
N PHE J 61 23.32 14.02 -16.62
CA PHE J 61 23.29 15.49 -16.70
C PHE J 61 22.67 15.96 -18.01
N ARG J 62 23.01 15.33 -19.13
CA ARG J 62 22.41 15.74 -20.40
C ARG J 62 20.90 15.59 -20.37
N ILE J 63 20.41 14.48 -19.82
CA ILE J 63 18.97 14.25 -19.77
C ILE J 63 18.31 15.26 -18.85
N LYS J 64 18.91 15.52 -17.68
CA LYS J 64 18.34 16.50 -16.77
C LYS J 64 18.28 17.89 -17.39
N ARG J 65 19.35 18.28 -18.10
CA ARG J 65 19.37 19.58 -18.75
C ARG J 65 18.29 19.67 -19.83
N ALA J 66 18.13 18.60 -20.61
CA ALA J 66 17.08 18.58 -21.63
C ALA J 66 15.70 18.69 -21.00
N LEU J 67 15.47 17.99 -19.89
CA LEU J 67 14.19 18.09 -19.20
C LEU J 67 13.95 19.50 -18.69
N ASP J 68 14.99 20.15 -18.16
CA ASP J 68 14.84 21.53 -17.70
C ASP J 68 14.49 22.45 -18.86
N LEU J 69 15.16 22.27 -20.01
CA LEU J 69 14.88 23.10 -21.17
C LEU J 69 13.45 22.91 -21.65
N THR J 70 12.99 21.66 -21.71
CA THR J 70 11.61 21.40 -22.13
C THR J 70 10.61 21.93 -21.11
N MET J 71 10.98 21.95 -19.83
CA MET J 71 10.13 22.58 -18.83
C MET J 71 10.00 24.08 -19.09
N ARG J 72 11.10 24.72 -19.47
CA ARG J 72 11.07 26.14 -19.80
C ARG J 72 10.68 26.40 -21.25
N GLN J 73 10.39 25.35 -22.02
CA GLN J 73 10.02 25.47 -23.42
C GLN J 73 11.04 26.28 -24.21
N GLN J 74 12.31 25.99 -23.96
CA GLN J 74 13.40 26.72 -24.59
C GLN J 74 14.38 25.74 -25.22
N ILE J 75 15.32 26.30 -25.98
CA ILE J 75 16.25 25.51 -26.77
C ILE J 75 17.67 26.04 -26.52
N LEU J 76 18.64 25.14 -26.61
CA LEU J 76 20.02 25.51 -26.35
C LEU J 76 20.53 26.46 -27.44
N PRO J 77 21.52 27.30 -27.13
CA PRO J 77 22.07 28.19 -28.15
C PRO J 77 22.60 27.41 -29.34
N LYS J 78 22.51 28.04 -30.52
CA LYS J 78 22.81 27.38 -31.77
C LYS J 78 24.18 26.71 -31.78
N GLU J 79 25.16 27.32 -31.11
CA GLU J 79 26.51 26.77 -31.07
C GLU J 79 26.67 25.65 -30.05
N GLN J 80 25.66 25.40 -29.22
CA GLN J 80 25.72 24.32 -28.24
C GLN J 80 24.96 23.09 -28.69
N TRP J 81 24.33 23.11 -29.87
CA TRP J 81 23.64 21.94 -30.37
C TRP J 81 24.64 20.83 -30.66
N THR J 82 24.21 19.59 -30.45
CA THR J 82 25.06 18.44 -30.73
C THR J 82 25.23 18.28 -32.23
N LYS J 83 26.47 18.37 -32.71
CA LYS J 83 26.72 18.22 -34.13
C LYS J 83 26.54 16.76 -34.54
N TYR J 84 26.03 16.55 -35.75
CA TYR J 84 25.75 15.20 -36.22
C TYR J 84 27.02 14.36 -36.30
N GLU J 85 28.11 14.96 -36.79
CA GLU J 85 29.34 14.20 -36.98
C GLU J 85 30.02 13.86 -35.64
N GLU J 86 29.80 14.67 -34.61
CA GLU J 86 30.41 14.42 -33.31
C GLU J 86 29.45 13.75 -32.33
N ASP J 87 28.30 13.27 -32.81
CA ASP J 87 27.38 12.51 -31.97
C ASP J 87 27.95 11.11 -31.79
N LYS J 88 28.30 10.76 -30.55
CA LYS J 88 28.92 9.48 -30.26
C LYS J 88 27.87 8.51 -29.72
N PHE J 89 27.85 7.30 -30.27
CA PHE J 89 26.91 6.26 -29.85
C PHE J 89 27.57 5.47 -28.71
N TYR J 90 27.59 6.09 -27.53
CA TYR J 90 28.26 5.48 -26.38
C TYR J 90 27.53 4.23 -25.91
N LEU J 91 26.20 4.23 -25.97
CA LEU J 91 25.42 3.14 -25.43
C LEU J 91 25.33 1.95 -26.38
N GLU J 92 25.56 2.17 -27.68
CA GLU J 92 25.35 1.14 -28.69
C GLU J 92 26.11 -0.15 -28.42
N PRO J 93 27.42 -0.13 -28.10
CA PRO J 93 28.10 -1.40 -27.80
C PRO J 93 27.49 -2.18 -26.65
N TYR J 94 27.20 -1.50 -25.54
CA TYR J 94 26.62 -2.17 -24.37
C TYR J 94 25.25 -2.74 -24.71
N LEU J 95 24.43 -1.96 -25.41
CA LEU J 95 23.11 -2.44 -25.81
C LEU J 95 23.22 -3.65 -26.74
N LYS J 96 24.15 -3.61 -27.69
CA LYS J 96 24.36 -4.74 -28.58
C LYS J 96 24.74 -5.99 -27.81
N GLU J 97 25.67 -5.84 -26.84
CA GLU J 97 26.08 -6.98 -26.04
C GLU J 97 24.90 -7.55 -25.24
N VAL J 98 24.12 -6.68 -24.62
CA VAL J 98 22.97 -7.13 -23.84
C VAL J 98 21.98 -7.87 -24.73
N ILE J 99 21.72 -7.33 -25.92
CA ILE J 99 20.79 -7.96 -26.85
C ILE J 99 21.33 -9.31 -27.31
N ARG J 100 22.63 -9.41 -27.58
CA ARG J 100 23.21 -10.69 -27.96
C ARG J 100 23.06 -11.71 -26.85
N GLU J 101 23.30 -11.30 -25.60
CA GLU J 101 23.13 -12.20 -24.47
C GLU J 101 21.67 -12.68 -24.36
N ARG J 102 20.73 -11.75 -24.53
CA ARG J 102 19.31 -12.13 -24.48
C ARG J 102 18.96 -13.10 -25.60
N LYS J 103 19.46 -12.83 -26.82
CA LYS J 103 19.23 -13.73 -27.94
C LYS J 103 19.81 -15.11 -27.67
N GLU J 104 21.00 -15.16 -27.06
CA GLU J 104 21.59 -16.44 -26.72
C GLU J 104 20.74 -17.20 -25.72
N ARG J 105 20.24 -16.51 -24.70
CA ARG J 105 19.37 -17.16 -23.72
C ARG J 105 18.09 -17.68 -24.37
N GLU J 106 17.48 -16.87 -25.24
CA GLU J 106 16.27 -17.30 -25.92
C GLU J 106 16.53 -18.49 -26.82
N GLU J 107 17.64 -18.48 -27.55
CA GLU J 107 17.98 -19.59 -28.43
C GLU J 107 18.17 -20.86 -27.62
N TRP J 108 18.83 -20.76 -26.46
CA TRP J 108 18.96 -21.93 -25.60
C TRP J 108 17.59 -22.39 -25.11
N ALA J 109 16.70 -21.46 -24.80
CA ALA J 109 15.37 -21.83 -24.32
C ALA J 109 14.56 -22.54 -25.41
N LYS J 110 14.82 -22.24 -26.67
CA LYS J 110 14.08 -22.90 -27.76
C LYS J 110 14.37 -24.39 -27.80
N LYS J 111 15.57 -24.80 -27.38
CA LYS J 111 15.97 -26.20 -27.48
C LYS J 111 17.07 -26.52 -26.47
N THR K 35 40.82 -45.15 -28.57
CA THR K 35 39.71 -44.22 -28.44
C THR K 35 38.51 -44.90 -27.77
N ALA K 36 38.69 -45.32 -26.53
CA ALA K 36 37.61 -45.95 -25.79
C ALA K 36 36.47 -44.95 -25.57
N THR K 37 35.25 -45.39 -25.85
CA THR K 37 34.07 -44.57 -25.63
C THR K 37 33.51 -44.83 -24.24
N TYR K 38 32.44 -44.10 -23.90
CA TYR K 38 31.82 -44.25 -22.59
C TYR K 38 31.25 -45.65 -22.39
N ALA K 39 30.59 -46.18 -23.41
CA ALA K 39 30.04 -47.53 -23.31
C ALA K 39 31.15 -48.57 -23.15
N GLN K 40 32.22 -48.44 -23.92
CA GLN K 40 33.35 -49.36 -23.79
C GLN K 40 33.97 -49.26 -22.40
N ALA K 41 34.08 -48.04 -21.86
CA ALA K 41 34.59 -47.87 -20.51
C ALA K 41 33.69 -48.55 -19.49
N LEU K 42 32.37 -48.45 -19.67
CA LEU K 42 31.43 -49.13 -18.78
C LEU K 42 31.60 -50.64 -18.85
N GLN K 43 31.78 -51.18 -20.05
CA GLN K 43 31.92 -52.63 -20.20
C GLN K 43 33.21 -53.14 -19.57
N SER K 44 34.22 -52.28 -19.47
CA SER K 44 35.52 -52.68 -18.94
C SER K 44 35.59 -52.60 -17.41
N VAL K 45 34.53 -52.20 -16.74
CA VAL K 45 34.54 -52.16 -15.28
C VAL K 45 34.65 -53.58 -14.75
N PRO K 46 35.58 -53.86 -13.83
CA PRO K 46 35.72 -55.23 -13.32
C PRO K 46 34.47 -55.72 -12.62
N GLU K 47 34.20 -57.01 -12.76
CA GLU K 47 33.01 -57.60 -12.17
C GLU K 47 33.15 -57.70 -10.65
N THR K 48 32.00 -57.71 -9.98
CA THR K 48 31.94 -57.84 -8.52
C THR K 48 31.58 -59.28 -8.19
N GLN K 49 32.58 -60.06 -7.79
CA GLN K 49 32.36 -61.47 -7.52
C GLN K 49 31.70 -61.65 -6.16
N VAL K 50 30.66 -62.47 -6.12
CA VAL K 50 29.89 -62.74 -4.92
C VAL K 50 29.93 -64.24 -4.64
N SER K 51 30.26 -64.59 -3.40
CA SER K 51 30.22 -65.96 -2.92
C SER K 51 29.45 -65.97 -1.60
N GLN K 52 29.09 -67.16 -1.13
CA GLN K 52 28.29 -67.27 0.09
C GLN K 52 28.84 -68.42 0.94
N LEU K 53 29.12 -68.12 2.20
CA LEU K 53 29.51 -69.16 3.14
C LEU K 53 28.29 -69.96 3.58
N ASP K 54 28.57 -71.11 4.21
CA ASP K 54 27.48 -71.97 4.65
C ASP K 54 26.59 -71.28 5.66
N ASN K 55 27.19 -70.54 6.61
CA ASN K 55 26.40 -69.83 7.61
C ASN K 55 25.45 -68.81 7.00
N GLY K 56 25.70 -68.37 5.78
CA GLY K 56 24.87 -67.37 5.12
C GLY K 56 25.55 -66.06 4.84
N LEU K 57 26.76 -65.85 5.35
CA LEU K 57 27.50 -64.63 5.05
C LEU K 57 27.79 -64.55 3.56
N ARG K 58 27.59 -63.36 3.00
CA ARG K 58 27.87 -63.11 1.59
C ARG K 58 29.17 -62.33 1.47
N VAL K 59 30.14 -62.92 0.78
CA VAL K 59 31.47 -62.34 0.60
C VAL K 59 31.53 -61.78 -0.81
N ALA K 60 31.63 -60.46 -0.93
CA ALA K 60 31.66 -59.79 -2.23
C ALA K 60 32.95 -59.01 -2.37
N SER K 61 33.53 -59.06 -3.57
CA SER K 61 34.81 -58.42 -3.82
C SER K 61 34.83 -57.79 -5.20
N GLU K 62 35.57 -56.70 -5.31
CA GLU K 62 35.86 -56.07 -6.61
C GLU K 62 37.36 -55.79 -6.67
N GLN K 63 38.08 -56.65 -7.39
CA GLN K 63 39.52 -56.53 -7.49
C GLN K 63 39.90 -55.35 -8.40
N SER K 64 41.02 -54.72 -8.06
CA SER K 64 41.58 -53.65 -8.86
C SER K 64 43.09 -53.67 -8.70
N SER K 65 43.78 -53.01 -9.61
CA SER K 65 45.24 -52.94 -9.56
C SER K 65 45.75 -51.96 -8.52
N GLN K 66 44.87 -51.43 -7.67
CA GLN K 66 45.30 -50.45 -6.69
C GLN K 66 46.08 -51.12 -5.57
N PRO K 67 47.09 -50.44 -5.00
CA PRO K 67 47.81 -51.00 -3.85
C PRO K 67 47.05 -50.89 -2.54
N THR K 68 45.95 -50.17 -2.50
CA THR K 68 45.16 -49.97 -1.30
C THR K 68 43.82 -50.68 -1.44
N CYS K 69 43.29 -51.18 -0.32
CA CYS K 69 42.03 -51.90 -0.32
C CYS K 69 41.16 -51.39 0.82
N THR K 70 39.86 -51.55 0.66
CA THR K 70 38.89 -51.23 1.71
C THR K 70 38.01 -52.45 1.92
N VAL K 71 38.12 -53.07 3.09
CA VAL K 71 37.35 -54.26 3.44
C VAL K 71 36.46 -53.93 4.63
N GLY K 72 35.20 -54.35 4.56
CA GLY K 72 34.25 -54.00 5.59
C GLY K 72 33.12 -54.99 5.71
N VAL K 73 32.38 -54.85 6.80
CA VAL K 73 31.21 -55.68 7.10
C VAL K 73 30.01 -54.76 7.17
N TRP K 74 29.03 -55.02 6.30
CA TRP K 74 27.75 -54.32 6.31
C TRP K 74 26.68 -55.23 6.89
N ILE K 75 25.92 -54.73 7.85
CA ILE K 75 24.95 -55.51 8.60
C ILE K 75 23.57 -54.91 8.38
N ASP K 76 22.59 -55.78 8.12
CA ASP K 76 21.21 -55.37 7.91
C ASP K 76 20.52 -55.09 9.24
N ALA K 77 21.12 -54.19 10.01
CA ALA K 77 20.61 -53.77 11.30
C ALA K 77 20.59 -52.26 11.37
N GLY K 78 19.67 -51.73 12.15
CA GLY K 78 19.52 -50.29 12.25
C GLY K 78 18.40 -49.94 13.20
N SER K 79 18.14 -48.64 13.31
CA SER K 79 17.13 -48.15 14.23
C SER K 79 15.73 -48.64 13.87
N ARG K 80 15.51 -49.06 12.63
CA ARG K 80 14.20 -49.57 12.24
C ARG K 80 13.95 -50.98 12.75
N TYR K 81 14.98 -51.68 13.21
CA TYR K 81 14.82 -52.98 13.83
C TYR K 81 14.71 -52.90 15.36
N GLU K 82 14.76 -51.69 15.91
CA GLU K 82 14.70 -51.48 17.35
C GLU K 82 13.29 -51.04 17.75
N ASN K 83 12.80 -51.59 18.86
CA ASN K 83 11.49 -51.24 19.36
C ASN K 83 11.59 -50.00 20.24
N GLU K 84 10.52 -49.71 20.98
CA GLU K 84 10.49 -48.50 21.80
C GLU K 84 11.49 -48.54 22.93
N LYS K 85 11.60 -49.67 23.63
CA LYS K 85 12.38 -49.74 24.86
C LYS K 85 13.86 -50.03 24.62
N ASN K 86 14.27 -50.34 23.40
CA ASN K 86 15.68 -50.56 23.09
C ASN K 86 16.19 -49.64 22.00
N ASN K 87 15.41 -48.63 21.60
CA ASN K 87 15.84 -47.74 20.53
C ASN K 87 17.14 -47.03 20.92
N GLY K 88 18.09 -47.02 19.99
CA GLY K 88 19.41 -46.50 20.26
C GLY K 88 20.44 -47.52 20.67
N ALA K 89 20.08 -48.81 20.68
CA ALA K 89 21.04 -49.84 21.05
C ALA K 89 22.10 -50.01 19.98
N GLY K 90 21.71 -49.96 18.71
CA GLY K 90 22.68 -50.12 17.63
C GLY K 90 23.72 -49.02 17.63
N TYR K 91 23.31 -47.79 17.93
CA TYR K 91 24.26 -46.69 18.02
C TYR K 91 25.24 -46.93 19.16
N PHE K 92 24.75 -47.45 20.29
CA PHE K 92 25.62 -47.79 21.41
C PHE K 92 26.63 -48.86 21.02
N VAL K 93 26.16 -49.90 20.31
CA VAL K 93 27.05 -50.98 19.89
C VAL K 93 28.11 -50.46 18.93
N GLU K 94 27.72 -49.59 18.00
CA GLU K 94 28.70 -48.95 17.13
C GLU K 94 29.70 -48.13 17.93
N HIS K 95 29.22 -47.41 18.95
CA HIS K 95 30.09 -46.58 19.76
C HIS K 95 31.16 -47.42 20.46
N LEU K 96 30.77 -48.54 21.04
CA LEU K 96 31.71 -49.36 21.80
C LEU K 96 32.22 -50.57 21.03
N ALA K 97 32.06 -50.58 19.70
CA ALA K 97 32.57 -51.70 18.92
C ALA K 97 34.10 -51.66 18.82
N PHE K 98 34.67 -50.47 18.69
CA PHE K 98 36.11 -50.31 18.57
C PHE K 98 36.80 -50.16 19.92
N LYS K 99 36.05 -50.28 21.02
CA LYS K 99 36.59 -50.09 22.36
C LYS K 99 37.18 -51.35 22.96
N GLY K 100 37.20 -52.46 22.24
CA GLY K 100 37.86 -53.66 22.70
C GLY K 100 37.06 -54.91 22.41
N THR K 101 37.76 -56.05 22.41
CA THR K 101 37.16 -57.36 22.22
C THR K 101 37.58 -58.26 23.38
N LYS K 102 37.27 -59.56 23.30
CA LYS K 102 37.80 -60.49 24.28
C LYS K 102 39.10 -61.14 23.82
N ASN K 103 39.30 -61.27 22.51
CA ASN K 103 40.58 -61.77 22.01
C ASN K 103 41.72 -60.81 22.32
N ARG K 104 41.47 -59.51 22.22
CA ARG K 104 42.47 -58.49 22.51
C ARG K 104 41.85 -57.39 23.35
N PRO K 105 42.64 -56.76 24.23
CA PRO K 105 42.09 -55.72 25.10
C PRO K 105 41.62 -54.48 24.37
N GLY K 106 41.17 -53.48 25.13
CA GLY K 106 40.52 -52.32 24.53
C GLY K 106 41.42 -51.54 23.59
N SER K 107 42.63 -51.23 24.03
CA SER K 107 43.54 -50.44 23.20
C SER K 107 44.31 -51.28 22.20
N ALA K 108 44.26 -52.61 22.31
CA ALA K 108 45.01 -53.46 21.40
C ALA K 108 44.51 -53.33 19.97
N LEU K 109 43.19 -53.25 19.78
CA LEU K 109 42.63 -53.09 18.45
C LEU K 109 43.11 -51.79 17.80
N GLU K 110 43.03 -50.69 18.56
CA GLU K 110 43.48 -49.40 18.05
C GLU K 110 44.97 -49.45 17.72
N LYS K 111 45.77 -50.04 18.60
CA LYS K 111 47.22 -50.12 18.34
C LYS K 111 47.51 -50.92 17.08
N GLU K 112 46.83 -52.05 16.92
CA GLU K 112 47.05 -52.88 15.74
C GLU K 112 46.64 -52.15 14.47
N VAL K 113 45.48 -51.51 14.47
CA VAL K 113 45.02 -50.79 13.30
C VAL K 113 45.98 -49.66 12.94
N GLU K 114 46.36 -48.87 13.94
CA GLU K 114 47.22 -47.71 13.68
C GLU K 114 48.62 -48.12 13.27
N SER K 115 49.13 -49.22 13.83
CA SER K 115 50.51 -49.63 13.54
C SER K 115 50.71 -49.93 12.07
N MET K 116 49.73 -50.54 11.42
CA MET K 116 49.79 -50.83 10.00
C MET K 116 49.26 -49.69 9.15
N GLY K 117 49.01 -48.53 9.74
CA GLY K 117 48.55 -47.38 8.98
C GLY K 117 47.18 -47.55 8.36
N ALA K 118 46.29 -48.25 9.04
CA ALA K 118 44.94 -48.47 8.55
C ALA K 118 43.98 -47.51 9.22
N HIS K 119 42.88 -47.21 8.51
CA HIS K 119 41.81 -46.37 9.04
C HIS K 119 40.60 -47.24 9.33
N LEU K 120 40.17 -47.25 10.58
CA LEU K 120 39.03 -48.05 11.02
C LEU K 120 37.86 -47.10 11.25
N ASN K 121 36.76 -47.32 10.55
CA ASN K 121 35.63 -46.42 10.61
C ASN K 121 34.35 -47.23 10.65
N ALA K 122 33.27 -46.58 11.08
CA ALA K 122 31.98 -47.24 11.19
C ALA K 122 30.89 -46.19 11.07
N TYR K 123 29.69 -46.66 10.73
CA TYR K 123 28.52 -45.79 10.75
C TYR K 123 27.27 -46.64 10.90
N SER K 124 26.19 -45.98 11.27
CA SER K 124 24.89 -46.61 11.41
C SER K 124 23.83 -45.76 10.75
N THR K 125 22.81 -46.42 10.21
CA THR K 125 21.66 -45.76 9.64
C THR K 125 20.41 -46.49 10.13
N ARG K 126 19.25 -46.09 9.61
CA ARG K 126 18.02 -46.75 9.99
C ARG K 126 17.94 -48.19 9.49
N GLU K 127 18.80 -48.59 8.56
CA GLU K 127 18.72 -49.93 7.99
C GLU K 127 20.06 -50.66 8.00
N HIS K 128 21.17 -49.93 7.97
CA HIS K 128 22.46 -50.54 7.75
C HIS K 128 23.44 -50.11 8.85
N THR K 129 24.34 -51.01 9.20
CA THR K 129 25.43 -50.73 10.13
C THR K 129 26.72 -51.25 9.52
N ALA K 130 27.68 -50.35 9.30
CA ALA K 130 28.90 -50.72 8.58
C ALA K 130 30.12 -50.49 9.45
N TYR K 131 31.03 -51.47 9.43
CA TYR K 131 32.35 -51.36 10.03
C TYR K 131 33.37 -51.68 8.95
N TYR K 132 34.14 -50.68 8.49
CA TYR K 132 35.09 -50.91 7.42
C TYR K 132 36.48 -50.43 7.81
N ILE K 133 37.48 -51.01 7.14
CA ILE K 133 38.89 -50.70 7.34
C ILE K 133 39.50 -50.41 5.98
N LYS K 134 40.18 -49.26 5.88
CA LYS K 134 41.03 -48.95 4.74
C LYS K 134 42.46 -49.30 5.08
N ALA K 135 43.10 -50.11 4.26
CA ALA K 135 44.46 -50.57 4.56
C ALA K 135 45.19 -50.86 3.26
N LEU K 136 46.42 -51.32 3.39
CA LEU K 136 47.20 -51.75 2.23
C LEU K 136 46.76 -53.13 1.78
N SER K 137 46.95 -53.40 0.48
CA SER K 137 46.49 -54.67 -0.06
C SER K 137 47.17 -55.87 0.60
N LYS K 138 48.40 -55.68 1.09
CA LYS K 138 49.10 -56.76 1.78
C LYS K 138 48.64 -56.93 3.22
N ASP K 139 47.82 -56.03 3.74
CA ASP K 139 47.28 -56.13 5.09
C ASP K 139 45.86 -56.66 5.11
N LEU K 140 45.36 -57.18 3.99
CA LEU K 140 43.99 -57.68 3.93
C LEU K 140 43.71 -58.75 4.97
N PRO K 141 44.55 -59.78 5.17
CA PRO K 141 44.22 -60.80 6.19
C PRO K 141 43.97 -60.21 7.57
N LYS K 142 44.98 -59.50 8.09
CA LYS K 142 44.89 -58.95 9.44
C LYS K 142 43.61 -58.14 9.61
N ALA K 143 43.38 -57.19 8.70
CA ALA K 143 42.17 -56.37 8.76
C ALA K 143 40.93 -57.24 8.84
N VAL K 144 40.81 -58.22 7.94
CA VAL K 144 39.65 -59.10 7.95
C VAL K 144 39.51 -59.75 9.32
N GLU K 145 40.61 -60.26 9.86
CA GLU K 145 40.58 -60.85 11.19
C GLU K 145 39.99 -59.86 12.18
N LEU K 146 40.52 -58.63 12.21
CA LEU K 146 40.00 -57.62 13.12
C LEU K 146 38.51 -57.44 12.93
N LEU K 147 38.06 -57.36 11.68
CA LEU K 147 36.64 -57.21 11.41
C LEU K 147 35.84 -58.31 12.10
N ALA K 148 36.26 -59.56 11.91
CA ALA K 148 35.58 -60.66 12.58
C ALA K 148 35.59 -60.45 14.08
N ASP K 149 36.75 -60.11 14.63
CA ASP K 149 36.86 -59.88 16.06
C ASP K 149 35.90 -58.78 16.51
N ILE K 150 35.71 -57.77 15.67
CA ILE K 150 34.77 -56.71 16.00
C ILE K 150 33.34 -57.22 15.90
N VAL K 151 33.04 -58.01 14.87
CA VAL K 151 31.66 -58.40 14.61
C VAL K 151 31.17 -59.41 15.63
N GLN K 152 31.96 -60.44 15.92
CA GLN K 152 31.50 -61.56 16.73
C GLN K 152 31.87 -61.39 18.20
N ASN K 153 33.16 -61.17 18.48
CA ASN K 153 33.66 -61.15 19.85
C ASN K 153 33.59 -59.73 20.42
N CYS K 154 32.38 -59.20 20.51
CA CYS K 154 32.17 -57.90 21.11
C CYS K 154 32.36 -57.98 22.62
N SER K 155 33.23 -57.13 23.16
CA SER K 155 33.55 -57.20 24.58
C SER K 155 32.36 -56.75 25.44
N LEU K 156 31.78 -55.60 25.11
CA LEU K 156 30.63 -55.05 25.84
C LEU K 156 30.93 -54.93 27.33
N GLU K 157 32.12 -54.41 27.65
CA GLU K 157 32.54 -54.26 29.04
C GLU K 157 31.77 -53.16 29.73
N ASP K 158 31.31 -53.43 30.96
CA ASP K 158 30.40 -52.51 31.65
C ASP K 158 31.03 -51.14 31.87
N SER K 159 32.30 -51.11 32.26
CA SER K 159 32.98 -49.82 32.46
C SER K 159 32.97 -49.00 31.18
N GLN K 160 33.35 -49.62 30.07
CA GLN K 160 33.30 -48.93 28.79
C GLN K 160 31.86 -48.61 28.41
N ILE K 161 30.90 -49.45 28.81
CA ILE K 161 29.50 -49.15 28.55
C ILE K 161 29.10 -47.85 29.22
N GLU K 162 29.49 -47.65 30.48
CA GLU K 162 29.17 -46.41 31.17
C GLU K 162 29.88 -45.22 30.55
N LYS K 163 31.15 -45.39 30.20
CA LYS K 163 31.89 -44.31 29.56
C LYS K 163 31.21 -43.90 28.25
N GLU K 164 30.83 -44.88 27.45
CA GLU K 164 30.15 -44.58 26.19
C GLU K 164 28.76 -44.03 26.42
N ARG K 165 28.10 -44.39 27.51
CA ARG K 165 26.82 -43.78 27.83
C ARG K 165 26.98 -42.29 28.04
N ASP K 166 27.98 -41.90 28.84
CA ASP K 166 28.26 -40.48 29.05
C ASP K 166 28.62 -39.80 27.73
N VAL K 167 29.45 -40.46 26.92
CA VAL K 167 29.87 -39.89 25.63
C VAL K 167 28.68 -39.69 24.71
N ILE K 168 27.76 -40.66 24.67
CA ILE K 168 26.60 -40.56 23.79
C ILE K 168 25.65 -39.47 24.28
N LEU K 169 25.49 -39.32 25.59
CA LEU K 169 24.66 -38.23 26.10
C LEU K 169 25.23 -36.88 25.68
N GLN K 170 26.55 -36.71 25.83
CA GLN K 170 27.19 -35.47 25.40
C GLN K 170 27.04 -35.27 23.90
N GLU K 171 27.17 -36.35 23.12
CA GLU K 171 27.06 -36.23 21.67
C GLU K 171 25.65 -35.87 21.24
N LEU K 172 24.64 -36.34 21.96
CA LEU K 172 23.27 -35.94 21.67
C LEU K 172 23.07 -34.45 21.96
N GLN K 173 23.56 -34.02 23.13
CA GLN K 173 23.44 -32.60 23.46
C GLN K 173 24.18 -31.73 22.45
N GLU K 174 25.27 -32.25 21.88
CA GLU K 174 25.98 -31.52 20.83
C GLU K 174 25.20 -31.51 19.52
N ASN K 175 24.70 -32.68 19.11
CA ASN K 175 23.96 -32.80 17.84
C ASN K 175 22.67 -32.02 17.85
N ASP K 176 22.18 -31.64 19.03
CA ASP K 176 21.03 -30.73 19.09
C ASP K 176 21.20 -29.50 18.20
N SER K 177 22.43 -29.09 17.95
CA SER K 177 22.72 -27.86 17.21
C SER K 177 23.05 -28.11 15.74
N SER K 178 22.90 -29.34 15.25
CA SER K 178 23.05 -29.63 13.82
C SER K 178 21.69 -29.49 13.17
N MET K 179 21.45 -28.34 12.54
CA MET K 179 20.10 -28.03 12.06
C MET K 179 19.63 -29.01 11.00
N ARG K 180 20.51 -29.39 10.07
CA ARG K 180 20.10 -30.29 9.00
C ARG K 180 19.71 -31.67 9.55
N ASP K 181 20.54 -32.22 10.43
CA ASP K 181 20.22 -33.53 10.98
C ASP K 181 18.96 -33.47 11.85
N VAL K 182 18.77 -32.35 12.57
CA VAL K 182 17.57 -32.19 13.39
C VAL K 182 16.32 -32.15 12.50
N VAL K 183 16.38 -31.39 11.41
CA VAL K 183 15.19 -31.28 10.57
C VAL K 183 14.92 -32.59 9.85
N PHE K 184 15.96 -33.34 9.49
CA PHE K 184 15.72 -34.64 8.88
C PHE K 184 15.17 -35.65 9.89
N ASP K 185 15.62 -35.57 11.14
CA ASP K 185 15.01 -36.38 12.19
C ASP K 185 13.54 -36.05 12.37
N TYR K 186 13.21 -34.75 12.34
CA TYR K 186 11.80 -34.34 12.41
C TYR K 186 11.01 -34.90 11.24
N LEU K 187 11.58 -34.83 10.04
CA LEU K 187 10.90 -35.34 8.86
C LEU K 187 10.64 -36.83 8.97
N HIS K 188 11.63 -37.59 9.44
CA HIS K 188 11.43 -39.02 9.63
C HIS K 188 10.40 -39.29 10.71
N ALA K 189 10.43 -38.52 11.80
CA ALA K 189 9.49 -38.74 12.89
C ALA K 189 8.05 -38.49 12.44
N THR K 190 7.84 -37.43 11.65
CA THR K 190 6.47 -37.08 11.27
C THR K 190 5.98 -37.90 10.08
N ALA K 191 6.86 -38.20 9.12
CA ALA K 191 6.45 -38.94 7.93
C ALA K 191 6.08 -40.37 8.27
N PHE K 192 6.87 -41.02 9.11
CA PHE K 192 6.69 -42.42 9.45
C PHE K 192 6.24 -42.60 10.89
N GLN K 193 5.39 -41.68 11.37
CA GLN K 193 4.97 -41.71 12.77
C GLN K 193 4.24 -43.00 13.08
N GLY K 194 4.48 -43.52 14.29
CA GLY K 194 3.90 -44.79 14.70
C GLY K 194 4.56 -46.00 14.11
N THR K 195 5.71 -45.85 13.47
CA THR K 195 6.45 -46.93 12.82
C THR K 195 7.90 -46.88 13.28
N PRO K 196 8.63 -47.99 13.17
CA PRO K 196 10.04 -47.97 13.58
C PRO K 196 10.88 -46.95 12.86
N LEU K 197 10.57 -46.62 11.61
CA LEU K 197 11.36 -45.64 10.87
C LEU K 197 11.26 -44.25 11.49
N ALA K 198 10.23 -43.98 12.30
CA ALA K 198 10.14 -42.68 12.95
C ALA K 198 11.23 -42.50 14.00
N GLN K 199 11.71 -43.59 14.57
CA GLN K 199 12.74 -43.51 15.61
C GLN K 199 14.04 -42.99 15.05
N SER K 200 14.74 -42.18 15.84
CA SER K 200 16.05 -41.69 15.46
C SER K 200 17.09 -42.80 15.60
N VAL K 201 18.19 -42.65 14.87
CA VAL K 201 19.27 -43.63 14.95
C VAL K 201 19.86 -43.66 16.36
N GLU K 202 20.10 -42.48 16.93
CA GLU K 202 20.71 -42.41 18.25
C GLU K 202 19.74 -42.81 19.35
N GLY K 203 18.47 -42.47 19.18
CA GLY K 203 17.46 -42.84 20.14
C GLY K 203 17.24 -41.78 21.21
N PRO K 204 16.21 -41.97 22.03
CA PRO K 204 15.95 -41.02 23.11
C PRO K 204 17.07 -41.02 24.14
N SER K 205 17.24 -39.87 24.80
CA SER K 205 18.26 -39.76 25.84
C SER K 205 17.95 -40.68 27.01
N GLU K 206 16.67 -40.80 27.37
CA GLU K 206 16.30 -41.70 28.46
C GLU K 206 16.67 -43.14 28.14
N ASN K 207 16.44 -43.58 26.91
CA ASN K 207 16.87 -44.92 26.52
C ASN K 207 18.38 -45.05 26.62
N VAL K 208 19.12 -44.01 26.23
CA VAL K 208 20.58 -44.07 26.30
C VAL K 208 21.03 -44.24 27.74
N ARG K 209 20.42 -43.50 28.67
CA ARG K 209 20.81 -43.63 30.07
C ARG K 209 20.17 -44.81 30.78
N LYS K 210 19.28 -45.56 30.10
CA LYS K 210 18.68 -46.75 30.69
C LYS K 210 19.15 -48.05 30.07
N LEU K 211 19.89 -48.01 28.97
CA LEU K 211 20.38 -49.24 28.34
C LEU K 211 21.42 -49.92 29.22
N SER K 212 21.35 -51.24 29.27
CA SER K 212 22.25 -52.05 30.09
C SER K 212 23.05 -52.99 29.19
N ARG K 213 24.02 -53.68 29.79
CA ARG K 213 24.84 -54.62 29.04
C ARG K 213 23.98 -55.73 28.46
N ALA K 214 23.04 -56.25 29.23
CA ALA K 214 22.12 -57.29 28.77
C ALA K 214 21.44 -56.88 27.47
N ASP K 215 20.95 -55.64 27.42
CA ASP K 215 20.24 -55.18 26.23
C ASP K 215 21.15 -55.13 25.02
N LEU K 216 22.37 -54.60 25.18
CA LEU K 216 23.30 -54.53 24.06
C LEU K 216 23.71 -55.92 23.60
N THR K 217 23.97 -56.83 24.53
CA THR K 217 24.34 -58.19 24.16
C THR K 217 23.20 -58.89 23.42
N GLU K 218 21.97 -58.71 23.89
CA GLU K 218 20.82 -59.29 23.20
C GLU K 218 20.69 -58.72 21.80
N TYR K 219 20.88 -57.40 21.67
CA TYR K 219 20.79 -56.77 20.35
C TYR K 219 21.85 -57.33 19.40
N VAL K 220 23.08 -57.45 19.88
CA VAL K 220 24.15 -57.97 19.04
C VAL K 220 23.89 -59.41 18.64
N SER K 221 23.44 -60.23 19.60
CA SER K 221 23.19 -61.64 19.31
C SER K 221 22.00 -61.82 18.38
N GLN K 222 21.04 -60.91 18.42
CA GLN K 222 19.84 -61.05 17.60
C GLN K 222 19.97 -60.46 16.20
N HIS K 223 20.76 -59.39 16.05
CA HIS K 223 20.84 -58.70 14.76
C HIS K 223 22.13 -58.95 14.00
N TYR K 224 23.23 -59.25 14.69
CA TYR K 224 24.49 -59.54 14.01
C TYR K 224 24.53 -61.02 13.64
N LYS K 225 23.64 -61.40 12.74
CA LYS K 225 23.53 -62.76 12.25
C LYS K 225 24.26 -62.89 10.92
N ALA K 226 24.75 -64.10 10.64
CA ALA K 226 25.48 -64.33 9.39
C ALA K 226 24.65 -64.02 8.16
N PRO K 227 23.40 -64.46 8.02
CA PRO K 227 22.64 -64.13 6.81
C PRO K 227 22.41 -62.64 6.61
N ARG K 228 22.48 -61.85 7.67
CA ARG K 228 22.21 -60.41 7.60
C ARG K 228 23.47 -59.58 7.37
N MET K 229 24.62 -60.21 7.18
CA MET K 229 25.87 -59.49 7.05
C MET K 229 26.54 -59.81 5.71
N VAL K 230 27.27 -58.84 5.20
CA VAL K 230 28.00 -58.94 3.94
C VAL K 230 29.43 -58.48 4.19
N LEU K 231 30.39 -59.33 3.84
CA LEU K 231 31.80 -58.95 3.89
C LEU K 231 32.19 -58.46 2.51
N ALA K 232 32.24 -57.14 2.35
CA ALA K 232 32.57 -56.52 1.08
C ALA K 232 34.04 -56.10 1.08
N ALA K 233 34.64 -56.08 -0.10
CA ALA K 233 36.00 -55.61 -0.24
C ALA K 233 36.21 -55.03 -1.62
N ALA K 234 36.95 -53.94 -1.69
CA ALA K 234 37.25 -53.28 -2.96
C ALA K 234 38.73 -52.96 -3.02
N GLY K 235 39.28 -53.01 -4.23
CA GLY K 235 40.68 -52.65 -4.42
C GLY K 235 41.57 -53.83 -4.71
N GLY K 236 42.81 -53.78 -4.24
CA GLY K 236 43.76 -54.84 -4.50
C GLY K 236 43.49 -56.10 -3.70
N VAL K 237 42.29 -56.65 -3.83
CA VAL K 237 41.88 -57.85 -3.11
C VAL K 237 41.53 -58.93 -4.11
N GLU K 238 42.08 -60.12 -3.92
CA GLU K 238 41.72 -61.28 -4.72
C GLU K 238 40.54 -61.97 -4.07
N HIS K 239 39.49 -62.21 -4.85
CA HIS K 239 38.26 -62.74 -4.29
C HIS K 239 38.48 -64.09 -3.62
N ARG K 240 39.37 -64.91 -4.16
CA ARG K 240 39.67 -66.19 -3.54
C ARG K 240 40.30 -66.00 -2.16
N GLN K 241 41.26 -65.08 -2.04
CA GLN K 241 41.89 -64.83 -0.75
C GLN K 241 40.89 -64.28 0.25
N LEU K 242 40.03 -63.36 -0.19
CA LEU K 242 39.01 -62.81 0.70
C LEU K 242 38.04 -63.89 1.16
N LEU K 243 37.64 -64.79 0.25
CA LEU K 243 36.74 -65.87 0.62
C LEU K 243 37.39 -66.81 1.62
N ASP K 244 38.67 -67.13 1.41
CA ASP K 244 39.38 -67.97 2.36
C ASP K 244 39.47 -67.31 3.73
N LEU K 245 39.79 -66.03 3.76
CA LEU K 245 39.85 -65.31 5.03
C LEU K 245 38.49 -65.30 5.72
N ALA K 246 37.41 -65.13 4.96
CA ALA K 246 36.07 -65.14 5.54
C ALA K 246 35.72 -66.50 6.11
N GLN K 247 36.00 -67.56 5.34
CA GLN K 247 35.73 -68.92 5.82
C GLN K 247 36.65 -69.33 6.95
N LYS K 248 37.74 -68.60 7.17
CA LYS K 248 38.61 -68.84 8.32
C LYS K 248 38.19 -68.06 9.56
N HIS K 249 37.69 -66.84 9.39
CA HIS K 249 37.35 -65.98 10.53
C HIS K 249 35.85 -65.87 10.78
N PHE K 250 35.04 -65.74 9.75
CA PHE K 250 33.60 -65.55 9.90
C PHE K 250 32.81 -66.85 9.84
N SER K 251 33.49 -68.00 9.81
CA SER K 251 32.78 -69.28 9.76
C SER K 251 32.01 -69.53 11.03
N SER K 252 32.56 -69.13 12.18
CA SER K 252 31.93 -69.39 13.47
C SER K 252 30.56 -68.72 13.59
N LEU K 253 30.29 -67.71 12.77
CA LEU K 253 29.01 -67.01 12.80
C LEU K 253 27.84 -68.00 12.74
N SER K 254 26.88 -67.82 13.64
CA SER K 254 25.69 -68.66 13.67
C SER K 254 24.59 -68.07 12.81
N THR K 266 8.62 -55.51 8.97
CA THR K 266 7.39 -54.76 9.18
C THR K 266 7.31 -53.54 8.28
N PRO K 267 6.43 -53.58 7.29
CA PRO K 267 6.25 -52.41 6.41
C PRO K 267 5.78 -51.20 7.19
N CYS K 268 6.23 -50.03 6.78
CA CYS K 268 5.91 -48.79 7.46
C CYS K 268 4.82 -48.02 6.73
N ARG K 269 4.19 -47.10 7.45
CA ARG K 269 3.05 -46.34 6.95
C ARG K 269 3.46 -44.87 6.87
N PHE K 270 3.68 -44.38 5.66
CA PHE K 270 3.94 -42.96 5.46
C PHE K 270 2.70 -42.15 5.80
N THR K 271 2.90 -41.03 6.49
CA THR K 271 1.79 -40.17 6.89
C THR K 271 2.08 -38.74 6.48
N GLY K 272 1.17 -38.14 5.74
CA GLY K 272 1.30 -36.73 5.40
C GLY K 272 1.03 -35.86 6.61
N SER K 273 2.07 -35.20 7.12
CA SER K 273 1.94 -34.42 8.34
C SER K 273 2.97 -33.30 8.32
N GLU K 274 2.89 -32.44 9.32
CA GLU K 274 3.88 -31.40 9.52
C GLU K 274 4.32 -31.38 10.97
N ILE K 275 5.56 -30.95 11.20
CA ILE K 275 6.09 -30.78 12.54
C ILE K 275 6.90 -29.50 12.55
N ARG K 276 6.37 -28.46 13.19
CA ARG K 276 7.01 -27.16 13.23
C ARG K 276 7.63 -26.94 14.61
N HIS K 277 8.92 -26.67 14.65
CA HIS K 277 9.61 -26.28 15.87
C HIS K 277 10.06 -24.84 15.66
N ARG K 278 9.17 -23.90 15.96
CA ARG K 278 9.46 -22.49 15.74
C ARG K 278 10.38 -21.97 16.83
N ASP K 279 11.52 -21.43 16.43
CA ASP K 279 12.50 -20.85 17.34
C ASP K 279 13.07 -19.61 16.65
N ASP K 280 12.48 -18.45 16.95
CA ASP K 280 12.85 -17.22 16.27
C ASP K 280 14.27 -16.76 16.58
N ALA K 281 14.91 -17.33 17.60
CA ALA K 281 16.29 -16.98 17.89
C ALA K 281 17.27 -17.56 16.89
N LEU K 282 16.86 -18.59 16.14
CA LEU K 282 17.75 -19.17 15.15
C LEU K 282 17.90 -18.23 13.96
N PRO K 283 19.09 -18.18 13.35
CA PRO K 283 19.31 -17.22 12.25
C PRO K 283 18.57 -17.58 10.98
N LEU K 284 18.56 -18.85 10.59
CA LEU K 284 17.96 -19.28 9.34
C LEU K 284 16.94 -20.37 9.60
N ALA K 285 16.01 -20.52 8.66
CA ALA K 285 14.94 -21.49 8.75
C ALA K 285 15.24 -22.68 7.86
N HIS K 286 15.16 -23.87 8.43
CA HIS K 286 15.36 -25.12 7.70
C HIS K 286 14.00 -25.78 7.46
N VAL K 287 13.72 -26.10 6.21
CA VAL K 287 12.46 -26.75 5.86
C VAL K 287 12.78 -27.98 5.03
N ALA K 288 12.34 -29.14 5.49
CA ALA K 288 12.46 -30.39 4.74
C ALA K 288 11.07 -30.90 4.43
N ILE K 289 10.74 -30.99 3.14
CA ILE K 289 9.43 -31.43 2.70
C ILE K 289 9.61 -32.61 1.77
N ALA K 290 8.92 -33.71 2.05
CA ALA K 290 9.10 -34.93 1.29
C ALA K 290 7.79 -35.68 1.17
N VAL K 291 7.58 -36.31 0.03
CA VAL K 291 6.47 -37.20 -0.19
C VAL K 291 6.99 -38.62 -0.11
N GLU K 292 6.08 -39.59 -0.10
CA GLU K 292 6.48 -40.99 -0.04
C GLU K 292 7.02 -41.43 -1.41
N GLY K 293 8.23 -41.96 -1.42
CA GLY K 293 8.84 -42.46 -2.61
C GLY K 293 9.01 -43.96 -2.56
N PRO K 294 9.52 -44.54 -3.63
CA PRO K 294 9.58 -46.00 -3.74
C PRO K 294 10.59 -46.62 -2.80
N GLY K 295 10.71 -47.95 -2.86
CA GLY K 295 11.72 -48.66 -2.12
C GLY K 295 13.02 -48.75 -2.89
N TRP K 296 13.92 -49.60 -2.38
CA TRP K 296 15.20 -49.79 -3.05
C TRP K 296 15.04 -50.49 -4.39
N ALA K 297 14.21 -51.53 -4.45
CA ALA K 297 14.12 -52.37 -5.63
C ALA K 297 13.17 -51.84 -6.69
N ASN K 298 12.42 -50.80 -6.40
CA ASN K 298 11.46 -50.27 -7.37
C ASN K 298 12.20 -49.58 -8.51
N PRO K 299 11.90 -49.91 -9.77
CA PRO K 299 12.58 -49.24 -10.89
C PRO K 299 12.34 -47.74 -10.96
N ASP K 300 11.23 -47.25 -10.41
CA ASP K 300 10.90 -45.83 -10.47
C ASP K 300 11.94 -44.95 -9.77
N ASN K 301 12.90 -45.55 -9.08
CA ASN K 301 13.99 -44.77 -8.53
C ASN K 301 14.81 -44.10 -9.63
N VAL K 302 15.05 -44.82 -10.74
CA VAL K 302 15.89 -44.25 -11.81
C VAL K 302 15.29 -42.99 -12.40
N PRO K 303 14.02 -42.95 -12.81
CA PRO K 303 13.47 -41.67 -13.29
C PRO K 303 13.44 -40.59 -12.23
N LEU K 304 13.01 -40.92 -11.01
CA LEU K 304 12.85 -39.91 -9.97
C LEU K 304 14.15 -39.16 -9.71
N GLN K 305 15.25 -39.90 -9.56
CA GLN K 305 16.55 -39.25 -9.39
C GLN K 305 16.82 -38.30 -10.54
N VAL K 306 16.58 -38.77 -11.78
CA VAL K 306 16.73 -37.89 -12.94
C VAL K 306 15.88 -36.64 -12.74
N ALA K 307 14.62 -36.82 -12.33
CA ALA K 307 13.76 -35.68 -12.08
C ALA K 307 14.36 -34.77 -11.02
N ASN K 308 14.89 -35.36 -9.94
CA ASN K 308 15.53 -34.54 -8.91
C ASN K 308 16.71 -33.78 -9.50
N ALA K 309 17.47 -34.44 -10.38
CA ALA K 309 18.59 -33.76 -11.02
C ALA K 309 18.10 -32.57 -11.83
N ILE K 310 16.92 -32.68 -12.42
CA ILE K 310 16.33 -31.54 -13.12
C ILE K 310 16.04 -30.42 -12.14
N ILE K 311 15.48 -30.75 -10.98
CA ILE K 311 15.26 -29.74 -9.94
C ILE K 311 16.59 -29.19 -9.47
N GLY K 312 17.56 -30.07 -9.25
CA GLY K 312 18.92 -29.64 -8.98
C GLY K 312 19.15 -29.30 -7.52
N HIS K 313 20.26 -28.60 -7.30
CA HIS K 313 20.66 -28.14 -5.98
C HIS K 313 21.34 -26.79 -6.11
N TYR K 314 21.43 -26.08 -4.98
CA TYR K 314 22.02 -24.75 -4.96
C TYR K 314 22.52 -24.44 -3.56
N ASP K 315 23.64 -23.71 -3.51
CA ASP K 315 24.16 -23.15 -2.27
C ASP K 315 24.65 -21.75 -2.56
N SER K 316 24.66 -20.91 -1.53
CA SER K 316 25.04 -19.51 -1.71
C SER K 316 26.47 -19.37 -2.22
N THR K 317 27.30 -20.40 -2.08
CA THR K 317 28.68 -20.36 -2.53
C THR K 317 28.86 -20.88 -3.95
N TYR K 318 27.78 -21.26 -4.63
CA TYR K 318 27.90 -21.66 -6.03
C TYR K 318 28.29 -20.48 -6.89
N GLY K 319 29.01 -20.76 -7.97
CA GLY K 319 29.45 -19.71 -8.87
C GLY K 319 28.54 -19.52 -10.06
N GLY K 320 27.88 -20.59 -10.50
CA GLY K 320 26.99 -20.49 -11.64
C GLY K 320 25.90 -19.46 -11.43
N GLY K 321 25.28 -19.48 -10.26
CA GLY K 321 24.34 -18.43 -9.90
C GLY K 321 23.14 -18.37 -10.82
N THR K 322 22.90 -17.18 -11.36
CA THR K 322 21.70 -16.93 -12.16
C THR K 322 21.65 -17.80 -13.40
N HIS K 323 22.80 -18.11 -13.99
CA HIS K 323 22.84 -18.88 -15.23
C HIS K 323 22.68 -20.37 -15.01
N MET K 324 22.50 -20.82 -13.76
CA MET K 324 22.33 -22.24 -13.49
C MET K 324 21.10 -22.78 -14.20
N SER K 325 21.25 -23.94 -14.83
CA SER K 325 20.19 -24.49 -15.68
C SER K 325 18.92 -24.75 -14.88
N SER K 326 19.04 -25.32 -13.69
CA SER K 326 17.87 -25.58 -12.86
C SER K 326 17.14 -24.30 -12.53
N THR K 327 15.83 -24.29 -12.78
CA THR K 327 15.05 -23.07 -12.63
C THR K 327 15.03 -22.58 -11.19
N LEU K 328 14.80 -23.49 -10.24
CA LEU K 328 14.73 -23.11 -8.84
C LEU K 328 16.04 -22.50 -8.36
N ALA K 329 17.16 -23.12 -8.71
CA ALA K 329 18.47 -22.60 -8.31
C ALA K 329 18.71 -21.23 -8.94
N SER K 330 18.33 -21.07 -10.21
CA SER K 330 18.49 -19.78 -10.88
C SER K 330 17.69 -18.68 -10.17
N VAL K 331 16.43 -18.97 -9.84
CA VAL K 331 15.60 -17.98 -9.17
C VAL K 331 16.16 -17.66 -7.79
N ALA K 332 16.60 -18.69 -7.05
CA ALA K 332 17.16 -18.46 -5.73
C ALA K 332 18.42 -17.60 -5.81
N ALA K 333 19.28 -17.84 -6.80
CA ALA K 333 20.48 -17.02 -6.95
C ALA K 333 20.13 -15.59 -7.35
N THR K 334 19.14 -15.42 -8.23
CA THR K 334 18.78 -14.08 -8.68
C THR K 334 18.17 -13.26 -7.56
N ARG K 335 17.29 -13.87 -6.75
CA ARG K 335 16.55 -13.14 -5.73
C ARG K 335 17.05 -13.38 -4.31
N LYS K 336 18.08 -14.20 -4.13
CA LYS K 336 18.61 -14.53 -2.80
C LYS K 336 17.53 -15.11 -1.90
N LEU K 337 16.67 -15.97 -2.49
CA LEU K 337 15.56 -16.55 -1.74
C LEU K 337 16.07 -17.43 -0.60
N CYS K 338 16.96 -18.37 -0.90
CA CYS K 338 17.42 -19.33 0.09
C CYS K 338 18.94 -19.37 0.10
N GLN K 339 19.50 -19.60 1.29
CA GLN K 339 20.93 -19.84 1.40
C GLN K 339 21.32 -21.17 0.76
N SER K 340 20.54 -22.21 1.01
CA SER K 340 20.86 -23.53 0.49
C SER K 340 19.58 -24.26 0.13
N PHE K 341 19.70 -25.23 -0.77
CA PHE K 341 18.57 -26.05 -1.17
C PHE K 341 19.09 -27.27 -1.90
N GLN K 342 18.63 -28.46 -1.50
CA GLN K 342 19.05 -29.69 -2.17
C GLN K 342 17.90 -30.69 -2.14
N THR K 343 17.71 -31.37 -3.27
CA THR K 343 16.71 -32.42 -3.38
C THR K 343 17.30 -33.75 -2.92
N PHE K 344 16.48 -34.54 -2.24
CA PHE K 344 16.90 -35.83 -1.72
C PHE K 344 15.92 -36.91 -2.14
N ASN K 345 16.43 -38.13 -2.23
CA ASN K 345 15.67 -39.29 -2.66
C ASN K 345 15.95 -40.47 -1.72
N ILE K 346 15.84 -40.21 -0.42
CA ILE K 346 16.05 -41.27 0.57
C ILE K 346 15.12 -42.44 0.31
N CYS K 347 15.67 -43.64 0.38
CA CYS K 347 14.91 -44.86 0.09
C CYS K 347 15.18 -45.91 1.16
N TYR K 348 14.15 -46.73 1.43
CA TYR K 348 14.29 -47.87 2.33
C TYR K 348 13.74 -49.12 1.65
N ALA K 349 13.52 -50.19 2.43
CA ALA K 349 13.14 -51.46 1.84
C ALA K 349 11.80 -51.38 1.10
N GLU K 350 10.81 -50.78 1.73
CA GLU K 350 9.46 -50.74 1.17
C GLU K 350 8.91 -49.33 0.99
N THR K 351 9.62 -48.30 1.43
CA THR K 351 9.16 -46.93 1.29
C THR K 351 10.38 -46.02 1.37
N GLY K 352 10.19 -44.76 0.97
CA GLY K 352 11.28 -43.81 1.06
C GLY K 352 10.75 -42.40 1.19
N LEU K 353 11.67 -41.46 1.38
CA LEU K 353 11.37 -40.05 1.40
C LEU K 353 11.93 -39.39 0.15
N LEU K 354 11.07 -38.73 -0.61
CA LEU K 354 11.47 -38.08 -1.85
C LEU K 354 11.04 -36.63 -1.78
N GLY K 355 12.01 -35.71 -1.78
CA GLY K 355 11.65 -34.32 -1.64
C GLY K 355 12.81 -33.35 -1.66
N ALA K 356 12.72 -32.29 -0.88
CA ALA K 356 13.75 -31.25 -0.89
C ALA K 356 13.91 -30.65 0.49
N HIS K 357 15.14 -30.31 0.85
CA HIS K 357 15.47 -29.61 2.07
C HIS K 357 16.15 -28.30 1.72
N PHE K 358 15.64 -27.19 2.25
CA PHE K 358 16.23 -25.90 1.97
C PHE K 358 16.35 -25.06 3.23
N VAL K 359 17.43 -24.29 3.28
CA VAL K 359 17.70 -23.34 4.35
C VAL K 359 17.56 -21.95 3.74
N CYS K 360 16.72 -21.12 4.37
CA CYS K 360 16.39 -19.82 3.81
C CYS K 360 16.13 -18.83 4.93
N ASP K 361 16.12 -17.55 4.55
CA ASP K 361 15.80 -16.49 5.49
C ASP K 361 14.33 -16.57 5.92
N ASN K 362 14.04 -15.98 7.07
CA ASN K 362 12.69 -16.07 7.62
C ASN K 362 11.65 -15.45 6.70
N MET K 363 12.04 -14.46 5.90
CA MET K 363 11.10 -13.73 5.07
C MET K 363 11.04 -14.23 3.63
N SER K 364 11.67 -15.35 3.32
CA SER K 364 11.63 -15.92 1.99
C SER K 364 11.23 -17.39 1.98
N ILE K 365 10.67 -17.89 3.07
CA ILE K 365 10.22 -19.28 3.11
C ILE K 365 9.07 -19.51 2.15
N ASP K 366 8.12 -18.57 2.11
CA ASP K 366 6.94 -18.73 1.27
C ASP K 366 7.33 -18.80 -0.21
N ASP K 367 8.19 -17.88 -0.65
CA ASP K 367 8.58 -17.85 -2.06
C ASP K 367 9.36 -19.11 -2.43
N MET K 368 10.27 -19.55 -1.56
CA MET K 368 11.05 -20.74 -1.86
C MET K 368 10.16 -21.97 -1.94
N MET K 369 9.21 -22.10 -1.01
CA MET K 369 8.27 -23.22 -1.08
C MET K 369 7.43 -23.16 -2.35
N PHE K 370 6.97 -21.96 -2.72
CA PHE K 370 6.17 -21.80 -3.92
C PHE K 370 6.95 -22.21 -5.17
N PHE K 371 8.20 -21.78 -5.26
CA PHE K 371 9.00 -22.12 -6.45
C PHE K 371 9.35 -23.60 -6.48
N LEU K 372 9.63 -24.18 -5.31
CA LEU K 372 9.90 -25.63 -5.26
C LEU K 372 8.70 -26.42 -5.73
N GLN K 373 7.52 -26.08 -5.21
CA GLN K 373 6.31 -26.78 -5.63
C GLN K 373 5.98 -26.51 -7.08
N GLY K 374 6.28 -25.31 -7.57
CA GLY K 374 6.09 -25.03 -8.98
C GLY K 374 6.96 -25.88 -9.87
N GLN K 375 8.23 -26.06 -9.48
CA GLN K 375 9.12 -26.94 -10.23
C GLN K 375 8.63 -28.38 -10.20
N TRP K 376 8.18 -28.85 -9.02
CA TRP K 376 7.63 -30.20 -8.93
C TRP K 376 6.44 -30.37 -9.86
N MET K 377 5.50 -29.41 -9.84
CA MET K 377 4.31 -29.53 -10.67
C MET K 377 4.63 -29.41 -12.15
N ARG K 378 5.61 -28.56 -12.50
CA ARG K 378 6.03 -28.46 -13.89
C ARG K 378 6.59 -29.78 -14.38
N LEU K 379 7.43 -30.42 -13.57
CA LEU K 379 7.95 -31.73 -13.96
C LEU K 379 6.83 -32.76 -14.05
N CYS K 380 5.84 -32.67 -13.16
CA CYS K 380 4.72 -33.62 -13.21
C CYS K 380 3.91 -33.44 -14.49
N THR K 381 3.66 -32.20 -14.89
CA THR K 381 2.74 -31.92 -15.99
C THR K 381 3.45 -31.79 -17.33
N SER K 382 4.45 -30.90 -17.41
CA SER K 382 5.13 -30.61 -18.68
C SER K 382 6.64 -30.65 -18.47
N ALA K 383 7.24 -31.80 -18.75
CA ALA K 383 8.69 -31.97 -18.72
C ALA K 383 9.17 -32.16 -20.15
N THR K 384 10.16 -31.37 -20.55
CA THR K 384 10.67 -31.39 -21.91
C THR K 384 11.85 -32.35 -22.02
N GLU K 385 12.27 -32.59 -23.28
CA GLU K 385 13.32 -33.58 -23.51
C GLU K 385 14.71 -33.06 -23.18
N SER K 386 14.97 -31.76 -23.40
CA SER K 386 16.31 -31.23 -23.14
C SER K 386 16.67 -31.32 -21.67
N GLU K 387 15.74 -30.94 -20.79
CA GLU K 387 16.02 -31.01 -19.36
C GLU K 387 16.13 -32.45 -18.89
N VAL K 388 15.39 -33.37 -19.52
CA VAL K 388 15.54 -34.79 -19.17
C VAL K 388 16.90 -35.31 -19.59
N VAL K 389 17.40 -34.86 -20.75
CA VAL K 389 18.74 -35.24 -21.17
C VAL K 389 19.77 -34.70 -20.18
N ARG K 390 19.60 -33.45 -19.75
CA ARG K 390 20.50 -32.88 -18.75
C ARG K 390 20.46 -33.68 -17.45
N GLY K 391 19.26 -34.03 -17.00
CA GLY K 391 19.14 -34.84 -15.80
C GLY K 391 19.79 -36.20 -15.92
N LYS K 392 19.64 -36.83 -17.09
CA LYS K 392 20.28 -38.14 -17.29
C LYS K 392 21.80 -38.00 -17.27
N ASN K 393 22.34 -36.95 -17.89
CA ASN K 393 23.77 -36.71 -17.83
C ASN K 393 24.23 -36.50 -16.40
N ILE K 394 23.46 -35.72 -15.63
CA ILE K 394 23.82 -35.47 -14.24
C ILE K 394 23.81 -36.76 -13.43
N LEU K 395 22.81 -37.60 -13.64
CA LEU K 395 22.74 -38.87 -12.93
C LEU K 395 23.90 -39.79 -13.31
N ARG K 396 24.24 -39.84 -14.60
CA ARG K 396 25.38 -40.64 -15.04
C ARG K 396 26.66 -40.15 -14.35
N ASN K 397 26.87 -38.84 -14.34
CA ASN K 397 28.07 -38.29 -13.73
C ASN K 397 28.10 -38.58 -12.24
N ALA K 398 26.96 -38.46 -11.56
CA ALA K 398 26.92 -38.76 -10.13
C ALA K 398 27.26 -40.23 -9.87
N LEU K 399 26.69 -41.14 -10.67
CA LEU K 399 26.95 -42.56 -10.48
C LEU K 399 28.42 -42.87 -10.69
N VAL K 400 29.02 -42.35 -11.76
CA VAL K 400 30.41 -42.69 -12.05
C VAL K 400 31.34 -42.01 -11.06
N SER K 401 31.03 -40.78 -10.64
CA SER K 401 31.92 -40.05 -9.74
C SER K 401 31.88 -40.63 -8.33
N HIS K 402 30.72 -41.11 -7.89
CA HIS K 402 30.64 -41.71 -6.56
C HIS K 402 31.53 -42.93 -6.46
N LEU K 403 31.53 -43.78 -7.48
CA LEU K 403 32.30 -45.03 -7.46
C LEU K 403 33.74 -44.78 -7.87
N ASP K 404 34.38 -43.85 -7.16
CA ASP K 404 35.78 -43.49 -7.39
C ASP K 404 36.53 -43.66 -6.07
N GLY K 405 37.26 -44.77 -5.95
CA GLY K 405 38.00 -45.06 -4.74
C GLY K 405 37.60 -46.38 -4.12
N THR K 406 38.51 -47.00 -3.35
CA THR K 406 38.21 -48.29 -2.75
C THR K 406 37.06 -48.18 -1.75
N THR K 407 37.09 -47.15 -0.90
CA THR K 407 36.05 -47.01 0.12
C THR K 407 34.65 -46.82 -0.47
N PRO K 408 34.42 -45.87 -1.40
CA PRO K 408 33.07 -45.76 -1.97
C PRO K 408 32.63 -47.02 -2.70
N VAL K 409 33.53 -47.69 -3.41
CA VAL K 409 33.17 -48.92 -4.12
C VAL K 409 32.75 -50.00 -3.13
N CYS K 410 33.51 -50.16 -2.05
CA CYS K 410 33.15 -51.15 -1.03
C CYS K 410 31.83 -50.81 -0.37
N GLU K 411 31.59 -49.54 -0.08
CA GLU K 411 30.32 -49.12 0.49
C GLU K 411 29.17 -49.45 -0.45
N ASP K 412 29.36 -49.17 -1.74
CA ASP K 412 28.32 -49.48 -2.73
C ASP K 412 28.08 -50.97 -2.81
N ILE K 413 29.15 -51.77 -2.77
CA ILE K 413 29.00 -53.22 -2.84
C ILE K 413 28.18 -53.73 -1.66
N GLY K 414 28.56 -53.31 -0.45
CA GLY K 414 27.84 -53.78 0.73
C GLY K 414 26.39 -53.33 0.75
N ARG K 415 26.16 -52.04 0.46
CA ARG K 415 24.80 -51.53 0.46
C ARG K 415 23.94 -52.22 -0.60
N SER K 416 24.51 -52.46 -1.78
CA SER K 416 23.77 -53.11 -2.85
C SER K 416 23.43 -54.55 -2.48
N LEU K 417 24.39 -55.28 -1.91
CA LEU K 417 24.09 -56.64 -1.50
C LEU K 417 23.05 -56.69 -0.40
N LEU K 418 23.02 -55.67 0.47
CA LEU K 418 21.98 -55.64 1.50
C LEU K 418 20.62 -55.31 0.92
N THR K 419 20.56 -54.31 0.02
CA THR K 419 19.28 -53.84 -0.50
C THR K 419 18.81 -54.69 -1.68
N TYR K 420 19.59 -54.73 -2.75
CA TYR K 420 19.17 -55.46 -3.94
C TYR K 420 19.52 -56.94 -3.90
N GLY K 421 20.30 -57.38 -2.92
CA GLY K 421 20.81 -58.74 -2.96
C GLY K 421 21.71 -59.01 -4.13
N ARG K 422 22.24 -57.95 -4.75
CA ARG K 422 23.01 -58.01 -5.98
C ARG K 422 23.58 -56.62 -6.23
N ARG K 423 24.77 -56.56 -6.81
CA ARG K 423 25.37 -55.29 -7.16
C ARG K 423 25.06 -54.99 -8.61
N ILE K 424 24.40 -53.86 -8.86
CA ILE K 424 24.00 -53.46 -10.20
C ILE K 424 25.19 -52.82 -10.90
N PRO K 425 25.69 -53.41 -11.97
CA PRO K 425 26.84 -52.82 -12.67
C PRO K 425 26.48 -51.50 -13.32
N LEU K 426 27.50 -50.67 -13.52
CA LEU K 426 27.28 -49.38 -14.16
C LEU K 426 26.66 -49.52 -15.55
N ALA K 427 26.94 -50.63 -16.24
CA ALA K 427 26.31 -50.86 -17.54
C ALA K 427 24.80 -50.99 -17.40
N GLU K 428 24.34 -51.72 -16.39
CA GLU K 428 22.90 -51.84 -16.16
C GLU K 428 22.28 -50.52 -15.76
N TRP K 429 22.98 -49.75 -14.91
CA TRP K 429 22.47 -48.44 -14.54
C TRP K 429 22.33 -47.54 -15.76
N GLU K 430 23.33 -47.56 -16.65
CA GLU K 430 23.26 -46.75 -17.86
C GLU K 430 22.15 -47.21 -18.78
N SER K 431 21.95 -48.53 -18.87
CA SER K 431 20.86 -49.05 -19.69
C SER K 431 19.51 -48.58 -19.17
N ARG K 432 19.34 -48.59 -17.84
CA ARG K 432 18.11 -48.08 -17.25
C ARG K 432 17.95 -46.58 -17.47
N ILE K 433 19.04 -45.83 -17.35
CA ILE K 433 18.97 -44.38 -17.53
C ILE K 433 18.60 -44.04 -18.97
N ALA K 434 19.15 -44.78 -19.94
CA ALA K 434 18.88 -44.53 -21.34
C ALA K 434 17.42 -44.76 -21.72
N GLU K 435 16.65 -45.43 -20.87
CA GLU K 435 15.24 -45.67 -21.12
C GLU K 435 14.36 -44.55 -20.58
N VAL K 436 14.94 -43.50 -20.01
CA VAL K 436 14.18 -42.43 -19.39
C VAL K 436 13.96 -41.33 -20.43
N ASP K 437 12.70 -41.02 -20.69
CA ASP K 437 12.31 -39.94 -21.60
C ASP K 437 11.58 -38.86 -20.80
N ALA K 438 11.11 -37.85 -21.51
CA ALA K 438 10.26 -36.85 -20.88
C ALA K 438 8.94 -37.46 -20.41
N SER K 439 8.39 -38.36 -21.22
CA SER K 439 7.12 -39.00 -20.85
C SER K 439 7.26 -39.83 -19.58
N VAL K 440 8.36 -40.59 -19.46
CA VAL K 440 8.57 -41.40 -18.28
C VAL K 440 8.72 -40.52 -17.05
N VAL K 441 9.47 -39.42 -17.17
CA VAL K 441 9.64 -38.52 -16.05
C VAL K 441 8.29 -37.92 -15.63
N ARG K 442 7.49 -37.51 -16.61
CA ARG K 442 6.18 -36.95 -16.29
C ARG K 442 5.30 -37.97 -15.59
N GLU K 443 5.29 -39.21 -16.08
CA GLU K 443 4.45 -40.25 -15.48
C GLU K 443 4.88 -40.53 -14.05
N VAL K 444 6.18 -40.72 -13.82
CA VAL K 444 6.63 -41.06 -12.49
C VAL K 444 6.43 -39.90 -11.52
N CYS K 445 6.71 -38.68 -11.96
CA CYS K 445 6.49 -37.52 -11.11
C CYS K 445 5.02 -37.36 -10.76
N SER K 446 4.13 -37.57 -11.73
CA SER K 446 2.70 -37.50 -11.44
C SER K 446 2.30 -38.58 -10.45
N LYS K 447 2.87 -39.78 -10.58
CA LYS K 447 2.53 -40.85 -9.65
C LYS K 447 2.98 -40.53 -8.24
N TYR K 448 4.18 -39.97 -8.08
CA TYR K 448 4.76 -39.82 -6.75
C TYR K 448 4.63 -38.42 -6.17
N PHE K 449 4.44 -37.39 -6.98
CA PHE K 449 4.34 -36.02 -6.49
C PHE K 449 2.93 -35.45 -6.58
N TYR K 450 2.32 -35.52 -7.75
CA TYR K 450 1.11 -34.75 -8.03
C TYR K 450 -0.03 -35.15 -7.11
N ASP K 451 -0.63 -34.15 -6.46
CA ASP K 451 -1.80 -34.34 -5.60
C ASP K 451 -1.55 -35.40 -4.53
N GLN K 452 -0.37 -35.35 -3.92
CA GLN K 452 0.00 -36.25 -2.86
C GLN K 452 0.22 -35.47 -1.57
N CYS K 453 -0.28 -36.01 -0.46
CA CYS K 453 -0.12 -35.35 0.83
C CYS K 453 1.34 -35.42 1.25
N PRO K 454 2.01 -34.30 1.45
CA PRO K 454 3.43 -34.32 1.80
C PRO K 454 3.65 -34.32 3.31
N ALA K 455 4.90 -34.55 3.69
CA ALA K 455 5.34 -34.48 5.08
C ALA K 455 6.34 -33.34 5.19
N VAL K 456 6.11 -32.44 6.13
CA VAL K 456 6.90 -31.22 6.25
C VAL K 456 7.55 -31.18 7.62
N ALA K 457 8.73 -30.57 7.69
CA ALA K 457 9.42 -30.37 8.96
C ALA K 457 10.12 -29.02 8.90
N GLY K 458 9.71 -28.10 9.75
CA GLY K 458 10.28 -26.77 9.80
C GLY K 458 11.01 -26.54 11.11
N LEU K 459 12.08 -25.75 11.05
CA LEU K 459 12.87 -25.48 12.24
C LEU K 459 13.44 -24.06 12.13
N GLY K 460 13.24 -23.26 13.17
CA GLY K 460 13.76 -21.92 13.22
C GLY K 460 12.68 -20.88 13.07
N PRO K 461 13.02 -19.73 12.53
CA PRO K 461 12.01 -18.69 12.29
C PRO K 461 11.10 -19.07 11.13
N ILE K 462 10.19 -20.01 11.37
CA ILE K 462 9.36 -20.58 10.31
C ILE K 462 7.96 -20.03 10.39
N GLU K 463 7.83 -18.81 10.92
CA GLU K 463 6.50 -18.20 11.01
C GLU K 463 5.89 -17.97 9.63
N GLN K 464 6.72 -17.78 8.61
CA GLN K 464 6.22 -17.57 7.26
C GLN K 464 6.05 -18.88 6.49
N LEU K 465 6.42 -20.02 7.07
CA LEU K 465 6.21 -21.29 6.41
C LEU K 465 4.72 -21.49 6.17
N PRO K 466 4.30 -21.77 4.93
CA PRO K 466 2.86 -21.81 4.63
C PRO K 466 2.15 -22.89 5.43
N ASP K 467 0.89 -22.61 5.75
CA ASP K 467 0.05 -23.56 6.47
C ASP K 467 -0.06 -24.85 5.67
N TYR K 468 -0.21 -25.97 6.38
CA TYR K 468 -0.19 -27.26 5.71
C TYR K 468 -1.26 -27.35 4.63
N ASN K 469 -2.41 -26.72 4.83
CA ASN K 469 -3.42 -26.69 3.79
C ASN K 469 -2.92 -25.95 2.56
N ARG K 470 -2.17 -24.86 2.76
CA ARG K 470 -1.59 -24.15 1.63
C ARG K 470 -0.61 -25.01 0.87
N ILE K 471 0.24 -25.76 1.59
CA ILE K 471 1.19 -26.67 0.95
C ILE K 471 0.45 -27.75 0.17
N ARG K 472 -0.55 -28.36 0.80
CA ARG K 472 -1.30 -29.43 0.15
C ARG K 472 -1.99 -28.93 -1.10
N SER K 473 -2.60 -27.74 -1.04
CA SER K 473 -3.20 -27.17 -2.23
C SER K 473 -2.16 -26.80 -3.27
N GLY K 474 -0.94 -26.48 -2.83
CA GLY K 474 0.14 -26.25 -3.78
C GLY K 474 0.66 -27.51 -4.43
N MET K 475 0.36 -28.68 -3.85
CA MET K 475 0.75 -29.95 -4.44
C MET K 475 -0.08 -30.34 -5.66
N PHE K 476 -0.90 -29.45 -6.18
CA PHE K 476 -1.62 -29.70 -7.42
C PHE K 476 -1.87 -28.39 -8.14
N TRP K 477 -2.20 -28.48 -9.42
CA TRP K 477 -2.42 -27.32 -10.27
C TRP K 477 -3.86 -27.26 -10.72
N LEU K 478 -4.50 -26.09 -10.55
CA LEU K 478 -5.83 -25.90 -11.10
C LEU K 478 -5.81 -25.83 -12.62
N ARG K 479 -4.73 -25.32 -13.20
CA ARG K 479 -4.64 -25.20 -14.64
C ARG K 479 -4.59 -26.57 -15.31
N PHE K 480 -3.96 -27.54 -14.68
CA PHE K 480 -3.74 -28.85 -15.28
C PHE K 480 -5.03 -29.63 -15.43
N GLN L 36 47.26 -47.65 -18.70
CA GLN L 36 48.64 -48.14 -18.79
C GLN L 36 49.56 -47.40 -17.81
N ASP L 37 50.48 -46.62 -18.35
CA ASP L 37 51.43 -45.87 -17.56
C ASP L 37 51.30 -44.39 -17.85
N LEU L 38 51.51 -43.56 -16.83
CA LEU L 38 51.41 -42.12 -16.98
C LEU L 38 52.43 -41.62 -17.99
N GLU L 39 51.98 -40.80 -18.94
CA GLU L 39 52.82 -40.25 -19.98
C GLU L 39 53.10 -38.79 -19.69
N PHE L 40 54.38 -38.41 -19.78
CA PHE L 40 54.85 -37.08 -19.41
C PHE L 40 55.47 -36.40 -20.62
N THR L 41 55.33 -35.08 -20.67
CA THR L 41 55.86 -34.31 -21.79
C THR L 41 56.11 -32.88 -21.33
N ARG L 42 57.15 -32.26 -21.87
CA ARG L 42 57.46 -30.86 -21.64
C ARG L 42 57.49 -30.15 -22.98
N LEU L 43 56.51 -29.29 -23.22
CA LEU L 43 56.43 -28.58 -24.48
C LEU L 43 57.57 -27.55 -24.58
N PRO L 44 57.91 -27.11 -25.79
CA PRO L 44 59.00 -26.15 -25.94
C PRO L 44 58.81 -24.87 -25.15
N ASN L 45 57.58 -24.36 -25.05
CA ASN L 45 57.35 -23.13 -24.29
C ASN L 45 57.52 -23.32 -22.79
N GLY L 46 57.63 -24.56 -22.32
CA GLY L 46 57.76 -24.84 -20.91
C GLY L 46 56.55 -25.50 -20.30
N LEU L 47 55.44 -25.60 -21.03
CA LEU L 47 54.23 -26.20 -20.51
C LEU L 47 54.41 -27.70 -20.31
N VAL L 48 53.98 -28.20 -19.17
CA VAL L 48 54.02 -29.62 -18.86
C VAL L 48 52.68 -30.24 -19.24
N ILE L 49 52.72 -31.45 -19.78
CA ILE L 49 51.51 -32.20 -20.11
C ILE L 49 51.67 -33.62 -19.58
N ALA L 50 50.71 -34.08 -18.80
CA ALA L 50 50.70 -35.44 -18.28
C ALA L 50 49.35 -36.07 -18.57
N SER L 51 49.37 -37.30 -19.08
CA SER L 51 48.13 -37.99 -19.43
C SER L 51 48.19 -39.45 -18.99
N LEU L 52 47.14 -39.89 -18.31
CA LEU L 52 46.99 -41.28 -17.91
C LEU L 52 45.68 -41.81 -18.46
N GLU L 53 45.73 -42.97 -19.11
CA GLU L 53 44.55 -43.59 -19.71
C GLU L 53 44.19 -44.82 -18.87
N ASN L 54 43.35 -44.60 -17.88
CA ASN L 54 42.84 -45.68 -17.04
C ASN L 54 41.56 -46.29 -17.58
N TYR L 55 41.06 -45.79 -18.72
CA TYR L 55 39.84 -46.29 -19.36
C TYR L 55 38.64 -46.21 -18.41
N ALA L 56 38.64 -45.23 -17.53
CA ALA L 56 37.51 -45.04 -16.63
C ALA L 56 36.36 -44.38 -17.38
N PRO L 57 35.12 -44.62 -16.93
CA PRO L 57 33.98 -43.96 -17.58
C PRO L 57 34.05 -42.43 -17.51
N ALA L 58 34.62 -41.88 -16.45
CA ALA L 58 34.68 -40.44 -16.25
C ALA L 58 36.11 -39.95 -16.44
N SER L 59 36.27 -38.91 -17.24
CA SER L 59 37.54 -38.25 -17.46
C SER L 59 37.61 -36.96 -16.65
N ARG L 60 38.78 -36.72 -16.07
CA ARG L 60 39.02 -35.55 -15.23
C ARG L 60 40.31 -34.88 -15.69
N ILE L 61 40.22 -33.61 -16.06
CA ILE L 61 41.36 -32.87 -16.59
C ILE L 61 41.61 -31.66 -15.72
N GLY L 62 42.83 -31.50 -15.26
CA GLY L 62 43.21 -30.38 -14.42
C GLY L 62 44.27 -29.52 -15.08
N LEU L 63 44.25 -28.24 -14.74
CA LEU L 63 45.25 -27.27 -15.17
C LEU L 63 45.79 -26.63 -13.90
N PHE L 64 46.99 -27.05 -13.51
CA PHE L 64 47.64 -26.56 -12.30
C PHE L 64 48.57 -25.42 -12.68
N ILE L 65 48.27 -24.22 -12.20
CA ILE L 65 49.04 -23.02 -12.49
C ILE L 65 49.76 -22.60 -11.22
N LYS L 66 51.01 -22.18 -11.37
CA LYS L 66 51.84 -21.77 -10.24
C LYS L 66 51.51 -20.33 -9.83
N ALA L 67 50.23 -20.09 -9.60
CA ALA L 67 49.68 -18.88 -9.03
C ALA L 67 49.32 -19.15 -7.57
N GLY L 68 48.67 -18.19 -6.92
CA GLY L 68 48.23 -18.35 -5.56
C GLY L 68 48.47 -17.10 -4.74
N SER L 69 48.18 -17.22 -3.44
CA SER L 69 48.23 -16.06 -2.57
C SER L 69 49.66 -15.53 -2.43
N ARG L 70 50.65 -16.42 -2.40
CA ARG L 70 52.02 -15.98 -2.21
C ARG L 70 52.54 -15.09 -3.33
N TYR L 71 51.85 -15.07 -4.48
CA TYR L 71 52.26 -14.25 -5.60
C TYR L 71 51.50 -12.92 -5.67
N GLU L 72 50.76 -12.59 -4.62
CA GLU L 72 50.17 -11.27 -4.47
C GLU L 72 51.11 -10.39 -3.67
N ASP L 73 51.01 -9.08 -3.89
CA ASP L 73 51.74 -8.11 -3.11
C ASP L 73 50.76 -7.28 -2.28
N SER L 74 51.31 -6.35 -1.51
CA SER L 74 50.49 -5.55 -0.59
C SER L 74 49.40 -4.78 -1.33
N ASN L 75 49.63 -4.43 -2.59
CA ASN L 75 48.71 -3.57 -3.33
C ASN L 75 47.57 -4.32 -3.98
N ASN L 76 47.62 -5.65 -4.06
CA ASN L 76 46.58 -6.40 -4.76
C ASN L 76 46.16 -7.64 -3.98
N LEU L 77 46.16 -7.53 -2.66
CA LEU L 77 45.76 -8.67 -1.83
C LEU L 77 44.32 -9.07 -2.12
N GLY L 78 44.07 -10.37 -2.14
CA GLY L 78 42.76 -10.90 -2.44
C GLY L 78 42.47 -11.10 -3.91
N THR L 79 43.41 -10.75 -4.80
CA THR L 79 43.18 -10.95 -6.22
C THR L 79 43.02 -12.42 -6.56
N SER L 80 43.84 -13.28 -5.95
CA SER L 80 43.73 -14.71 -6.21
C SER L 80 42.39 -15.27 -5.74
N HIS L 81 41.84 -14.73 -4.66
CA HIS L 81 40.53 -15.17 -4.19
C HIS L 81 39.45 -14.88 -5.23
N LEU L 82 39.44 -13.65 -5.76
CA LEU L 82 38.45 -13.32 -6.78
C LEU L 82 38.69 -14.11 -8.05
N LEU L 83 39.94 -14.36 -8.40
CA LEU L 83 40.24 -15.19 -9.56
C LEU L 83 39.69 -16.60 -9.37
N ARG L 84 39.86 -17.15 -8.17
CA ARG L 84 39.30 -18.46 -7.85
C ARG L 84 37.78 -18.46 -7.96
N LEU L 85 37.15 -17.38 -7.49
CA LEU L 85 35.69 -17.28 -7.55
C LEU L 85 35.17 -16.96 -8.95
N ALA L 86 36.04 -16.54 -9.87
CA ALA L 86 35.61 -16.00 -11.16
C ALA L 86 35.82 -16.97 -12.31
N SER L 87 35.76 -18.28 -12.03
CA SER L 87 35.96 -19.26 -13.10
C SER L 87 34.81 -19.27 -14.09
N SER L 88 33.61 -18.90 -13.66
CA SER L 88 32.42 -18.98 -14.50
C SER L 88 32.11 -17.68 -15.21
N LEU L 89 32.95 -16.66 -15.09
CA LEU L 89 32.69 -15.39 -15.75
C LEU L 89 32.90 -15.50 -17.25
N THR L 90 32.47 -14.46 -17.96
CA THR L 90 32.56 -14.44 -19.42
C THR L 90 34.01 -14.47 -19.88
N THR L 91 34.25 -15.22 -20.96
CA THR L 91 35.55 -15.31 -21.60
C THR L 91 35.39 -14.95 -23.07
N LYS L 92 36.52 -14.65 -23.72
CA LYS L 92 36.49 -14.25 -25.12
C LYS L 92 35.90 -15.35 -26.00
N GLY L 93 36.03 -16.60 -25.60
CA GLY L 93 35.51 -17.70 -26.39
C GLY L 93 34.06 -18.03 -26.10
N ALA L 94 33.70 -18.09 -24.81
CA ALA L 94 32.36 -18.43 -24.39
C ALA L 94 31.90 -17.47 -23.31
N SER L 95 30.59 -17.21 -23.29
CA SER L 95 30.00 -16.32 -22.31
C SER L 95 29.71 -17.08 -21.01
N SER L 96 29.47 -16.32 -19.94
CA SER L 96 29.19 -16.91 -18.65
C SER L 96 27.98 -17.84 -18.73
N PHE L 97 26.91 -17.37 -19.35
CA PHE L 97 25.73 -18.21 -19.56
C PHE L 97 26.09 -19.45 -20.35
N LYS L 98 26.84 -19.28 -21.45
CA LYS L 98 27.21 -20.42 -22.26
C LYS L 98 28.07 -21.40 -21.47
N ILE L 99 29.05 -20.90 -20.71
CA ILE L 99 29.92 -21.79 -19.94
C ILE L 99 29.10 -22.59 -18.94
N THR L 100 28.27 -21.90 -18.15
CA THR L 100 27.49 -22.58 -17.12
C THR L 100 26.55 -23.61 -17.74
N ARG L 101 25.74 -23.19 -18.71
CA ARG L 101 24.77 -24.08 -19.31
C ARG L 101 25.43 -25.26 -20.01
N GLY L 102 26.50 -25.01 -20.77
CA GLY L 102 27.18 -26.09 -21.47
C GLY L 102 27.79 -27.09 -20.52
N ILE L 103 28.42 -26.62 -19.45
CA ILE L 103 29.01 -27.53 -18.48
C ILE L 103 27.92 -28.35 -17.79
N GLU L 104 26.81 -27.70 -17.41
CA GLU L 104 25.76 -28.42 -16.70
C GLU L 104 25.03 -29.40 -17.61
N ALA L 105 24.93 -29.10 -18.91
CA ALA L 105 24.17 -29.95 -19.81
C ALA L 105 24.73 -31.36 -19.87
N VAL L 106 26.05 -31.49 -19.85
CA VAL L 106 26.70 -32.80 -19.92
C VAL L 106 26.97 -33.30 -18.52
N GLY L 107 26.45 -32.60 -17.51
CA GLY L 107 26.66 -32.99 -16.14
C GLY L 107 28.06 -32.82 -15.62
N GLY L 108 28.93 -32.14 -16.36
CA GLY L 108 30.29 -31.94 -15.91
C GLY L 108 30.39 -30.93 -14.79
N LYS L 109 31.55 -30.91 -14.15
CA LYS L 109 31.84 -29.99 -13.06
C LYS L 109 33.13 -29.25 -13.35
N LEU L 110 33.13 -27.95 -13.06
CA LEU L 110 34.31 -27.11 -13.14
C LEU L 110 34.60 -26.57 -11.75
N SER L 111 35.80 -26.84 -11.24
CA SER L 111 36.18 -26.50 -9.88
C SER L 111 37.54 -25.83 -9.88
N VAL L 112 37.77 -24.98 -8.88
CA VAL L 112 39.05 -24.31 -8.68
C VAL L 112 39.51 -24.56 -7.26
N THR L 113 40.69 -25.14 -7.10
CA THR L 113 41.28 -25.39 -5.79
C THR L 113 42.57 -24.61 -5.68
N SER L 114 42.66 -23.71 -4.72
CA SER L 114 43.80 -22.82 -4.60
C SER L 114 44.45 -22.99 -3.24
N THR L 115 45.74 -23.30 -3.25
CA THR L 115 46.58 -23.25 -2.07
C THR L 115 47.39 -21.96 -2.12
N ARG L 116 48.32 -21.81 -1.19
CA ARG L 116 49.14 -20.61 -1.17
C ARG L 116 50.23 -20.62 -2.24
N GLU L 117 50.36 -21.71 -3.01
CA GLU L 117 51.37 -21.78 -4.05
C GLU L 117 50.85 -22.40 -5.35
N SER L 118 49.55 -22.62 -5.49
CA SER L 118 49.05 -23.31 -6.66
C SER L 118 47.55 -23.06 -6.83
N MET L 119 47.11 -22.95 -8.08
CA MET L 119 45.69 -22.87 -8.41
C MET L 119 45.38 -23.92 -9.46
N ALA L 120 44.44 -24.81 -9.17
CA ALA L 120 44.11 -25.92 -10.05
C ALA L 120 42.69 -25.74 -10.55
N TYR L 121 42.54 -25.70 -11.87
CA TYR L 121 41.22 -25.65 -12.53
C TYR L 121 40.93 -27.05 -13.07
N THR L 122 39.93 -27.72 -12.52
CA THR L 122 39.64 -29.10 -12.88
C THR L 122 38.24 -29.22 -13.46
N VAL L 123 38.13 -29.96 -14.57
CA VAL L 123 36.86 -30.24 -15.22
C VAL L 123 36.67 -31.75 -15.24
N GLU L 124 35.50 -32.20 -14.79
CA GLU L 124 35.18 -33.62 -14.71
C GLU L 124 33.90 -33.91 -15.45
N CYS L 125 33.92 -34.95 -16.28
CA CYS L 125 32.72 -35.32 -17.03
C CYS L 125 32.94 -36.68 -17.68
N LEU L 126 31.87 -37.23 -18.25
CA LEU L 126 31.99 -38.48 -18.98
C LEU L 126 32.92 -38.32 -20.17
N ARG L 127 33.68 -39.37 -20.48
CA ARG L 127 34.73 -39.28 -21.48
C ARG L 127 34.21 -38.93 -22.86
N ASP L 128 32.94 -39.22 -23.16
CA ASP L 128 32.42 -38.91 -24.49
C ASP L 128 32.32 -37.41 -24.72
N ASP L 129 32.19 -36.62 -23.66
CA ASP L 129 31.99 -35.19 -23.80
C ASP L 129 33.05 -34.40 -23.03
N ILE L 130 34.31 -34.78 -23.15
CA ILE L 130 35.37 -34.07 -22.44
C ILE L 130 35.88 -32.88 -23.24
N GLU L 131 35.98 -33.02 -24.57
CA GLU L 131 36.57 -31.96 -25.40
C GLU L 131 35.88 -30.63 -25.14
N ILE L 132 34.54 -30.62 -25.17
CA ILE L 132 33.78 -29.41 -24.90
C ILE L 132 34.29 -28.75 -23.62
N LEU L 133 34.31 -29.51 -22.52
CA LEU L 133 34.74 -28.95 -21.25
C LEU L 133 36.14 -28.39 -21.35
N MET L 134 37.04 -29.12 -22.03
CA MET L 134 38.41 -28.64 -22.21
C MET L 134 38.40 -27.24 -22.77
N GLU L 135 37.62 -27.00 -23.82
CA GLU L 135 37.55 -25.67 -24.40
C GLU L 135 37.19 -24.65 -23.34
N PHE L 136 36.09 -24.90 -22.61
CA PHE L 136 35.71 -24.02 -21.53
C PHE L 136 36.88 -23.81 -20.58
N LEU L 137 37.48 -24.91 -20.13
CA LEU L 137 38.63 -24.80 -19.24
C LEU L 137 39.70 -23.92 -19.86
N LEU L 138 40.07 -24.22 -21.10
CA LEU L 138 41.16 -23.47 -21.72
C LEU L 138 40.73 -22.07 -22.12
N ASN L 139 39.42 -21.79 -22.13
CA ASN L 139 39.01 -20.39 -22.21
C ASN L 139 39.21 -19.71 -20.86
N VAL L 140 38.78 -20.37 -19.78
CA VAL L 140 38.72 -19.72 -18.47
C VAL L 140 40.10 -19.24 -18.04
N THR L 141 41.13 -20.02 -18.36
CA THR L 141 42.49 -19.70 -17.96
C THR L 141 43.29 -19.02 -19.05
N ALA L 142 42.72 -18.77 -20.23
CA ALA L 142 43.59 -18.21 -21.25
C ALA L 142 43.06 -16.94 -21.88
N ALA L 143 41.74 -16.81 -22.05
CA ALA L 143 41.14 -15.60 -22.61
C ALA L 143 39.99 -15.11 -21.73
N PRO L 144 40.28 -14.71 -20.49
CA PRO L 144 39.24 -14.09 -19.67
C PRO L 144 39.04 -12.63 -20.08
N GLU L 145 37.92 -12.08 -19.67
CA GLU L 145 37.62 -10.68 -19.92
C GLU L 145 37.50 -9.83 -18.67
N PHE L 146 37.00 -10.40 -17.57
CA PHE L 146 36.81 -9.68 -16.32
C PHE L 146 36.03 -8.39 -16.56
N ARG L 147 34.83 -8.55 -17.09
CA ARG L 147 33.97 -7.41 -17.36
C ARG L 147 33.62 -6.70 -16.06
N ARG L 148 33.64 -5.35 -16.10
CA ARG L 148 33.50 -4.56 -14.89
C ARG L 148 32.25 -4.93 -14.12
N TRP L 149 31.11 -5.03 -14.80
CA TRP L 149 29.86 -5.33 -14.11
C TRP L 149 29.87 -6.72 -13.50
N GLU L 150 30.43 -7.71 -14.22
CA GLU L 150 30.49 -9.07 -13.70
C GLU L 150 31.36 -9.14 -12.44
N VAL L 151 32.52 -8.49 -12.47
CA VAL L 151 33.40 -8.49 -11.31
C VAL L 151 32.75 -7.76 -10.13
N ALA L 152 32.10 -6.63 -10.41
CA ALA L 152 31.42 -5.88 -9.36
C ALA L 152 30.33 -6.71 -8.72
N ALA L 153 29.57 -7.45 -9.53
CA ALA L 153 28.57 -8.36 -8.98
C ALA L 153 29.23 -9.47 -8.16
N LEU L 154 30.38 -9.96 -8.61
CA LEU L 154 31.06 -11.05 -7.92
C LEU L 154 31.69 -10.63 -6.61
N GLN L 155 31.90 -9.33 -6.40
CA GLN L 155 32.62 -8.87 -5.21
C GLN L 155 32.05 -9.44 -3.92
N SER L 156 30.72 -9.41 -3.76
CA SER L 156 30.13 -9.85 -2.50
C SER L 156 30.35 -11.35 -2.26
N GLN L 157 30.54 -12.11 -3.34
CA GLN L 157 30.84 -13.52 -3.18
C GLN L 157 32.13 -13.75 -2.41
N LEU L 158 33.06 -12.79 -2.47
CA LEU L 158 34.27 -12.88 -1.66
C LEU L 158 33.93 -12.93 -0.19
N ARG L 159 33.10 -11.99 0.28
CA ARG L 159 32.71 -11.97 1.69
C ARG L 159 31.92 -13.21 2.05
N ILE L 160 31.01 -13.64 1.17
CA ILE L 160 30.21 -14.83 1.47
C ILE L 160 31.10 -16.05 1.64
N ASP L 161 32.03 -16.26 0.70
CA ASP L 161 32.93 -17.41 0.78
C ASP L 161 33.84 -17.32 2.00
N LYS L 162 34.34 -16.13 2.30
CA LYS L 162 35.21 -15.98 3.46
C LYS L 162 34.47 -16.32 4.75
N ALA L 163 33.23 -15.85 4.88
CA ALA L 163 32.44 -16.16 6.08
C ALA L 163 32.17 -17.66 6.18
N VAL L 164 31.81 -18.29 5.06
CA VAL L 164 31.54 -19.73 5.08
C VAL L 164 32.79 -20.50 5.48
N ALA L 165 33.94 -20.12 4.94
CA ALA L 165 35.19 -20.80 5.27
C ALA L 165 35.57 -20.58 6.73
N PHE L 166 35.42 -19.36 7.22
CA PHE L 166 35.78 -19.04 8.60
C PHE L 166 34.74 -19.50 9.60
N GLN L 167 33.63 -20.09 9.14
CA GLN L 167 32.67 -20.69 10.07
C GLN L 167 33.30 -21.78 10.92
N ASN L 168 34.42 -22.36 10.48
CA ASN L 168 35.17 -23.30 11.30
C ASN L 168 36.49 -22.66 11.72
N PRO L 169 36.86 -22.74 13.00
CA PRO L 169 37.99 -21.93 13.50
C PRO L 169 39.33 -22.26 12.86
N GLN L 170 39.50 -23.48 12.34
CA GLN L 170 40.81 -23.89 11.84
C GLN L 170 41.27 -22.99 10.71
N ALA L 171 40.34 -22.56 9.84
CA ALA L 171 40.72 -21.71 8.72
C ALA L 171 41.33 -20.40 9.21
N GLN L 172 40.66 -19.70 10.13
CA GLN L 172 41.18 -18.44 10.61
C GLN L 172 42.45 -18.62 11.42
N VAL L 173 42.53 -19.70 12.21
CA VAL L 173 43.73 -19.94 13.00
C VAL L 173 44.93 -20.16 12.08
N LEU L 174 44.74 -20.94 11.02
CA LEU L 174 45.87 -21.20 10.11
C LEU L 174 46.22 -19.97 9.29
N GLU L 175 45.23 -19.16 8.93
CA GLU L 175 45.52 -17.89 8.27
C GLU L 175 46.37 -16.99 9.15
N ASN L 176 46.00 -16.87 10.42
CA ASN L 176 46.80 -16.09 11.36
C ASN L 176 48.17 -16.71 11.57
N LEU L 177 48.25 -18.04 11.57
CA LEU L 177 49.53 -18.71 11.74
C LEU L 177 50.47 -18.39 10.58
N HIS L 178 49.96 -18.42 9.36
CA HIS L 178 50.79 -18.05 8.21
C HIS L 178 51.16 -16.58 8.25
N ALA L 179 50.23 -15.72 8.67
CA ALA L 179 50.54 -14.30 8.79
C ALA L 179 51.66 -14.06 9.81
N ALA L 180 51.63 -14.78 10.92
CA ALA L 180 52.64 -14.60 11.96
C ALA L 180 53.97 -15.23 11.59
N ALA L 181 53.94 -16.43 11.02
CA ALA L 181 55.19 -17.16 10.76
C ALA L 181 56.01 -16.51 9.66
N TYR L 182 55.37 -16.19 8.54
CA TYR L 182 56.04 -15.57 7.42
C TYR L 182 55.71 -14.09 7.36
N ARG L 183 56.50 -13.34 6.61
CA ARG L 183 56.31 -11.90 6.52
C ARG L 183 56.10 -11.38 5.10
N ASN L 184 56.68 -12.02 4.09
CA ASN L 184 56.64 -11.44 2.74
C ASN L 184 55.62 -12.15 1.89
N ALA L 185 55.79 -13.43 1.57
CA ALA L 185 54.97 -14.10 0.56
C ALA L 185 53.89 -15.00 1.15
N LEU L 186 54.31 -16.07 1.83
CA LEU L 186 53.36 -17.05 2.35
C LEU L 186 52.48 -16.49 3.45
N ALA L 187 52.82 -15.33 4.00
CA ALA L 187 51.94 -14.68 4.97
C ALA L 187 50.60 -14.31 4.35
N ASN L 188 50.57 -14.09 3.04
CA ASN L 188 49.32 -13.76 2.36
C ASN L 188 48.29 -14.87 2.58
N SER L 189 47.06 -14.45 2.86
CA SER L 189 45.98 -15.37 3.19
C SER L 189 45.32 -15.88 1.92
N LEU L 190 44.69 -17.05 2.04
CA LEU L 190 43.92 -17.61 0.94
C LEU L 190 42.65 -16.83 0.63
N TYR L 191 42.25 -15.92 1.52
CA TYR L 191 41.00 -15.20 1.38
C TYR L 191 41.24 -13.70 1.36
N CYS L 192 40.38 -13.00 0.65
CA CYS L 192 40.56 -11.57 0.47
C CYS L 192 40.41 -10.84 1.80
N PRO L 193 41.30 -9.90 2.11
CA PRO L 193 41.15 -9.10 3.32
C PRO L 193 39.86 -8.29 3.29
N ASP L 194 39.33 -8.00 4.48
CA ASP L 194 38.03 -7.34 4.58
C ASP L 194 38.02 -5.99 3.86
N TYR L 195 39.09 -5.21 4.00
CA TYR L 195 39.13 -3.91 3.36
C TYR L 195 39.26 -4.00 1.85
N ARG L 196 39.57 -5.18 1.31
CA ARG L 196 39.76 -5.37 -0.13
C ARG L 196 38.57 -6.01 -0.81
N ILE L 197 37.44 -6.19 -0.11
CA ILE L 197 36.33 -6.96 -0.65
C ILE L 197 35.79 -6.30 -1.91
N GLY L 198 35.51 -5.01 -1.84
CA GLY L 198 34.98 -4.28 -2.97
C GLY L 198 36.00 -3.53 -3.81
N LYS L 199 37.29 -3.80 -3.61
CA LYS L 199 38.34 -3.01 -4.24
C LYS L 199 39.14 -3.77 -5.28
N VAL L 200 38.88 -5.06 -5.48
CA VAL L 200 39.64 -5.85 -6.44
C VAL L 200 39.12 -5.48 -7.84
N THR L 201 39.89 -4.65 -8.54
CA THR L 201 39.47 -4.15 -9.83
C THR L 201 39.71 -5.19 -10.93
N PRO L 202 38.99 -5.08 -12.05
CA PRO L 202 39.29 -5.97 -13.18
C PRO L 202 40.70 -5.84 -13.71
N ASP L 203 41.29 -4.65 -13.60
CA ASP L 203 42.66 -4.46 -14.05
C ASP L 203 43.63 -5.32 -13.24
N GLN L 204 43.41 -5.42 -11.92
CA GLN L 204 44.26 -6.26 -11.10
C GLN L 204 44.12 -7.73 -11.49
N LEU L 205 42.90 -8.18 -11.77
CA LEU L 205 42.71 -9.56 -12.22
C LEU L 205 43.43 -9.80 -13.54
N HIS L 206 43.31 -8.87 -14.48
CA HIS L 206 43.99 -9.02 -15.76
C HIS L 206 45.49 -9.08 -15.58
N TYR L 207 46.05 -8.19 -14.75
CA TYR L 207 47.49 -8.19 -14.52
C TYR L 207 47.95 -9.48 -13.87
N TYR L 208 47.19 -9.97 -12.87
CA TYR L 208 47.56 -11.21 -12.20
C TYR L 208 47.55 -12.38 -13.18
N VAL L 209 46.52 -12.47 -14.02
CA VAL L 209 46.44 -13.55 -14.99
C VAL L 209 47.59 -13.44 -15.99
N GLN L 210 47.86 -12.24 -16.50
CA GLN L 210 48.88 -12.09 -17.53
C GLN L 210 50.28 -12.32 -16.97
N ASN L 211 50.49 -12.08 -15.68
CA ASN L 211 51.82 -12.22 -15.10
C ASN L 211 52.07 -13.56 -14.43
N HIS L 212 51.01 -14.32 -14.11
CA HIS L 212 51.18 -15.58 -13.41
C HIS L 212 50.60 -16.77 -14.15
N PHE L 213 49.56 -16.59 -14.96
CA PHE L 213 49.02 -17.68 -15.77
C PHE L 213 49.82 -17.80 -17.06
N THR L 214 51.07 -18.21 -16.91
CA THR L 214 52.01 -18.32 -18.02
C THR L 214 52.26 -19.78 -18.34
N SER L 215 52.81 -20.02 -19.54
CA SER L 215 53.02 -21.38 -20.03
C SER L 215 53.96 -22.16 -19.12
N ALA L 216 55.07 -21.54 -18.71
CA ALA L 216 56.03 -22.24 -17.87
C ALA L 216 55.47 -22.50 -16.48
N ARG L 217 54.54 -21.67 -16.01
CA ARG L 217 53.93 -21.82 -14.70
C ARG L 217 52.74 -22.76 -14.71
N MET L 218 52.48 -23.45 -15.82
CA MET L 218 51.29 -24.27 -15.97
C MET L 218 51.65 -25.73 -16.19
N ALA L 219 50.68 -26.58 -15.87
CA ALA L 219 50.78 -28.01 -16.15
C ALA L 219 49.39 -28.55 -16.42
N LEU L 220 49.24 -29.26 -17.53
CA LEU L 220 47.96 -29.80 -17.97
C LEU L 220 47.95 -31.31 -17.71
N ILE L 221 47.21 -31.74 -16.70
CA ILE L 221 47.11 -33.15 -16.33
C ILE L 221 45.77 -33.67 -16.79
N GLY L 222 45.73 -34.94 -17.16
CA GLY L 222 44.46 -35.53 -17.58
C GLY L 222 44.34 -37.02 -17.34
N LEU L 223 43.28 -37.42 -16.65
CA LEU L 223 42.96 -38.82 -16.43
C LEU L 223 41.78 -39.20 -17.32
N GLY L 224 41.94 -40.30 -18.05
CA GLY L 224 40.94 -40.73 -19.01
C GLY L 224 41.04 -40.07 -20.35
N VAL L 225 42.20 -39.51 -20.70
CA VAL L 225 42.40 -38.81 -21.96
C VAL L 225 43.67 -39.32 -22.61
N SER L 226 43.73 -39.18 -23.93
CA SER L 226 44.90 -39.58 -24.70
C SER L 226 45.86 -38.41 -24.81
N HIS L 227 47.16 -38.71 -24.76
CA HIS L 227 48.18 -37.67 -24.83
C HIS L 227 48.09 -36.79 -26.08
N PRO L 228 47.87 -37.31 -27.29
CA PRO L 228 47.80 -36.42 -28.46
C PRO L 228 46.72 -35.36 -28.35
N VAL L 229 45.53 -35.70 -27.83
CA VAL L 229 44.46 -34.72 -27.74
C VAL L 229 44.81 -33.63 -26.74
N LEU L 230 45.39 -34.02 -25.60
CA LEU L 230 45.82 -33.04 -24.61
C LEU L 230 46.88 -32.11 -25.19
N LYS L 231 47.84 -32.68 -25.93
CA LYS L 231 48.88 -31.86 -26.56
C LYS L 231 48.28 -30.91 -27.58
N GLN L 232 47.33 -31.38 -28.39
CA GLN L 232 46.71 -30.51 -29.39
C GLN L 232 45.96 -29.36 -28.75
N VAL L 233 45.20 -29.64 -27.69
CA VAL L 233 44.44 -28.58 -27.05
C VAL L 233 45.37 -27.59 -26.36
N ALA L 234 46.46 -28.09 -25.78
CA ALA L 234 47.45 -27.20 -25.17
C ALA L 234 48.08 -26.28 -26.20
N GLU L 235 48.43 -26.83 -27.37
CA GLU L 235 48.95 -25.99 -28.44
C GLU L 235 47.90 -24.99 -28.91
N ARG L 236 46.64 -25.41 -28.95
CA ARG L 236 45.58 -24.53 -29.41
C ARG L 236 45.41 -23.31 -28.51
N PHE L 237 45.42 -23.51 -27.20
CA PHE L 237 45.14 -22.43 -26.27
C PHE L 237 46.38 -21.92 -25.55
N LEU L 238 47.11 -22.81 -24.88
CA LEU L 238 48.20 -22.39 -24.01
C LEU L 238 49.47 -22.00 -24.77
N ASN L 239 49.37 -21.79 -26.08
CA ASN L 239 50.52 -21.32 -26.85
C ASN L 239 50.97 -19.94 -26.39
N MET L 240 50.03 -19.05 -26.12
CA MET L 240 50.33 -17.68 -25.74
C MET L 240 50.71 -17.60 -24.26
N ARG L 241 51.19 -16.43 -23.86
CA ARG L 241 51.64 -16.15 -22.49
C ARG L 241 52.72 -17.15 -22.06
N GLY L 242 53.84 -17.10 -22.76
CA GLY L 242 55.00 -17.90 -22.42
C GLY L 242 55.88 -17.22 -21.38
N GLY L 243 56.89 -17.95 -20.94
CA GLY L 243 57.84 -17.43 -19.97
C GLY L 243 57.50 -17.84 -18.55
N LEU L 244 58.46 -17.60 -17.65
CA LEU L 244 58.27 -17.91 -16.24
C LEU L 244 57.32 -16.93 -15.55
N GLY L 245 56.99 -15.81 -16.20
CA GLY L 245 56.09 -14.85 -15.61
C GLY L 245 56.76 -14.04 -14.51
N LEU L 246 55.93 -13.31 -13.78
CA LEU L 246 56.44 -12.51 -12.66
C LEU L 246 56.92 -13.42 -11.55
N SER L 247 58.16 -13.21 -11.12
CA SER L 247 58.77 -14.04 -10.09
C SER L 247 58.29 -13.63 -8.71
N GLY L 248 57.96 -14.61 -7.88
CA GLY L 248 57.58 -14.34 -6.51
C GLY L 248 58.77 -14.14 -5.61
N ALA L 249 58.60 -13.27 -4.61
CA ALA L 249 59.66 -12.99 -3.65
C ALA L 249 59.85 -14.18 -2.71
N LYS L 250 61.12 -14.44 -2.37
CA LYS L 250 61.44 -15.53 -1.45
C LYS L 250 60.75 -15.31 -0.10
N ALA L 251 60.13 -16.37 0.41
CA ALA L 251 59.44 -16.27 1.70
C ALA L 251 60.45 -16.06 2.81
N LYS L 252 60.17 -15.10 3.69
CA LYS L 252 61.01 -14.78 4.84
C LYS L 252 60.26 -15.14 6.11
N TYR L 253 60.98 -15.76 7.04
CA TYR L 253 60.37 -16.21 8.29
C TYR L 253 60.32 -15.07 9.29
N ARG L 254 59.13 -14.78 9.81
CA ARG L 254 58.95 -13.68 10.75
C ARG L 254 59.07 -14.13 12.20
N GLY L 255 58.49 -15.27 12.53
CA GLY L 255 58.54 -15.76 13.91
C GLY L 255 57.78 -14.90 14.90
N GLY L 256 56.66 -14.30 14.47
CA GLY L 256 55.83 -13.52 15.35
C GLY L 256 54.72 -14.33 15.97
N GLU L 257 53.73 -13.63 16.52
CA GLU L 257 52.56 -14.28 17.07
C GLU L 257 51.34 -13.41 16.88
N ILE L 258 50.20 -14.06 16.67
CA ILE L 258 48.91 -13.40 16.50
C ILE L 258 47.91 -14.07 17.43
N ARG L 259 47.21 -13.27 18.23
CA ARG L 259 46.19 -13.78 19.14
C ARG L 259 44.84 -13.17 18.75
N ASP L 260 43.82 -14.03 18.63
CA ASP L 260 42.56 -13.62 18.05
C ASP L 260 41.55 -13.11 19.09
N GLN L 261 41.35 -13.88 20.17
CA GLN L 261 40.42 -13.51 21.24
C GLN L 261 39.00 -13.34 20.70
N ASN L 262 38.43 -14.44 20.25
CA ASN L 262 37.04 -14.46 19.77
C ASN L 262 36.05 -14.90 20.84
N GLY L 263 36.52 -15.21 22.04
CA GLY L 263 35.62 -15.52 23.14
C GLY L 263 34.99 -16.89 23.11
N ASP L 264 35.43 -17.77 22.22
CA ASP L 264 34.88 -19.12 22.21
C ASP L 264 35.37 -19.93 23.41
N SER L 265 34.58 -20.93 23.80
CA SER L 265 34.99 -21.82 24.88
C SER L 265 36.24 -22.61 24.50
N LEU L 266 36.31 -23.07 23.25
CA LEU L 266 37.44 -23.86 22.78
C LEU L 266 38.50 -22.95 22.20
N VAL L 267 39.75 -23.15 22.62
CA VAL L 267 40.90 -22.41 22.12
C VAL L 267 41.64 -23.28 21.12
N HIS L 268 41.86 -22.74 19.93
CA HIS L 268 42.68 -23.36 18.91
C HIS L 268 44.03 -22.63 18.88
N ALA L 269 45.11 -23.36 19.15
CA ALA L 269 46.43 -22.76 19.23
C ALA L 269 47.40 -23.56 18.36
N ALA L 270 48.08 -22.88 17.45
CA ALA L 270 49.09 -23.49 16.61
C ALA L 270 50.45 -22.89 16.96
N LEU L 271 51.43 -23.75 17.19
CA LEU L 271 52.80 -23.33 17.51
C LEU L 271 53.73 -24.07 16.57
N VAL L 272 54.33 -23.35 15.62
CA VAL L 272 55.17 -23.96 14.60
C VAL L 272 56.52 -23.27 14.57
N ALA L 273 57.43 -23.85 13.80
CA ALA L 273 58.75 -23.30 13.54
C ALA L 273 59.15 -23.68 12.13
N GLU L 274 60.05 -22.89 11.56
CA GLU L 274 60.49 -23.12 10.18
C GLU L 274 61.09 -24.52 10.05
N SER L 275 60.45 -25.37 9.26
CA SER L 275 60.83 -26.77 9.17
C SER L 275 61.78 -27.04 8.01
N ALA L 276 61.28 -26.94 6.78
CA ALA L 276 62.05 -27.32 5.60
C ALA L 276 61.25 -26.97 4.36
N ALA L 277 61.87 -27.14 3.20
CA ALA L 277 61.21 -26.99 1.92
C ALA L 277 60.77 -28.34 1.40
N THR L 278 59.70 -28.36 0.63
CA THR L 278 59.14 -29.60 0.13
C THR L 278 60.14 -30.30 -0.79
N GLY L 279 60.10 -31.62 -0.78
CA GLY L 279 60.98 -32.43 -1.61
C GLY L 279 62.27 -32.88 -0.98
N SER L 280 62.96 -31.98 -0.28
CA SER L 280 64.24 -32.32 0.32
C SER L 280 64.07 -33.40 1.39
N ALA L 281 65.20 -33.98 1.80
CA ALA L 281 65.17 -35.05 2.79
C ALA L 281 64.62 -34.57 4.13
N GLU L 282 64.88 -33.30 4.47
CA GLU L 282 64.32 -32.74 5.69
C GLU L 282 62.80 -32.80 5.69
N ALA L 283 62.18 -32.63 4.51
CA ALA L 283 60.73 -32.72 4.43
C ALA L 283 60.24 -34.12 4.79
N ASN L 284 60.92 -35.16 4.28
CA ASN L 284 60.55 -36.52 4.66
C ASN L 284 60.78 -36.76 6.15
N ALA L 285 61.87 -36.22 6.68
CA ALA L 285 62.13 -36.37 8.12
C ALA L 285 61.01 -35.73 8.93
N PHE L 286 60.56 -34.55 8.53
CA PHE L 286 59.49 -33.87 9.27
C PHE L 286 58.16 -34.60 9.12
N SER L 287 57.91 -35.18 7.94
CA SER L 287 56.69 -35.98 7.77
C SER L 287 56.69 -37.20 8.69
N VAL L 288 57.82 -37.90 8.75
CA VAL L 288 57.92 -39.05 9.65
C VAL L 288 57.80 -38.61 11.10
N LEU L 289 58.36 -37.45 11.44
CA LEU L 289 58.23 -36.93 12.79
C LEU L 289 56.76 -36.62 13.12
N GLN L 290 56.05 -36.02 12.17
CA GLN L 290 54.64 -35.71 12.38
C GLN L 290 53.85 -36.98 12.64
N HIS L 291 54.10 -38.03 11.84
CA HIS L 291 53.40 -39.28 12.06
C HIS L 291 53.89 -40.02 13.30
N VAL L 292 55.09 -39.68 13.81
CA VAL L 292 55.51 -40.17 15.12
C VAL L 292 54.65 -39.53 16.21
N LEU L 293 54.50 -38.21 16.15
CA LEU L 293 53.69 -37.52 17.15
C LEU L 293 52.22 -37.88 17.01
N GLY L 294 51.76 -38.11 15.78
CA GLY L 294 50.38 -38.48 15.56
C GLY L 294 49.55 -37.36 14.96
N ALA L 295 49.22 -37.48 13.68
CA ALA L 295 48.41 -36.47 13.01
C ALA L 295 46.95 -36.89 12.87
N GLY L 296 46.69 -38.04 12.23
CA GLY L 296 45.34 -38.44 11.93
C GLY L 296 44.66 -39.10 13.10
N PRO L 297 43.33 -39.22 13.01
CA PRO L 297 42.56 -39.86 14.09
C PRO L 297 42.55 -41.38 13.98
N HIS L 298 42.62 -41.89 12.76
CA HIS L 298 42.60 -43.34 12.48
C HIS L 298 41.33 -43.92 13.06
N VAL L 299 41.39 -44.81 14.05
CA VAL L 299 40.22 -45.46 14.62
C VAL L 299 39.21 -44.43 15.10
N LYS L 300 38.00 -44.48 14.56
CA LYS L 300 36.96 -43.52 14.93
C LYS L 300 36.63 -43.62 16.42
N ARG L 301 36.49 -42.46 17.06
CA ARG L 301 36.24 -42.37 18.50
C ARG L 301 37.29 -43.15 19.29
N GLY L 302 38.53 -43.07 18.83
CA GLY L 302 39.63 -43.78 19.46
C GLY L 302 40.40 -42.90 20.41
N SER L 303 41.17 -43.54 21.29
CA SER L 303 41.97 -42.82 22.27
C SER L 303 43.30 -42.35 21.70
N ASN L 304 43.51 -42.50 20.39
CA ASN L 304 44.75 -42.10 19.73
C ASN L 304 45.97 -42.62 20.47
N ALA L 305 45.98 -43.95 20.67
CA ALA L 305 47.04 -44.58 21.46
C ALA L 305 48.40 -44.39 20.81
N THR L 306 48.49 -44.60 19.50
CA THR L 306 49.75 -44.45 18.79
C THR L 306 50.20 -42.99 18.79
N SER L 307 49.25 -42.06 18.80
CA SER L 307 49.58 -40.63 18.77
C SER L 307 50.31 -40.24 20.05
N SER L 308 51.61 -39.97 19.93
CA SER L 308 52.41 -39.64 21.10
C SER L 308 51.91 -38.36 21.78
N LEU L 309 51.59 -37.34 20.99
CA LEU L 309 51.13 -36.09 21.54
C LEU L 309 49.83 -36.26 22.34
N TYR L 310 48.89 -37.02 21.77
CA TYR L 310 47.59 -37.18 22.42
C TYR L 310 47.73 -37.88 23.77
N GLN L 311 48.53 -38.95 23.82
CA GLN L 311 48.70 -39.65 25.09
C GLN L 311 49.54 -38.84 26.07
N ALA L 312 50.51 -38.08 25.58
CA ALA L 312 51.29 -37.23 26.47
C ALA L 312 50.42 -36.17 27.13
N VAL L 313 49.55 -35.53 26.35
CA VAL L 313 48.66 -34.51 26.91
C VAL L 313 47.61 -35.15 27.81
N ALA L 314 47.15 -36.35 27.43
CA ALA L 314 46.02 -36.97 28.13
C ALA L 314 46.33 -37.24 29.60
N LYS L 315 47.55 -37.70 29.89
CA LYS L 315 47.90 -38.02 31.28
C LYS L 315 47.87 -36.79 32.18
N GLY L 316 47.95 -35.59 31.61
CA GLY L 316 47.93 -34.38 32.41
C GLY L 316 46.60 -33.67 32.40
N VAL L 317 45.96 -33.60 31.24
CA VAL L 317 44.69 -32.90 31.06
C VAL L 317 43.59 -33.94 30.89
N HIS L 318 42.51 -33.79 31.66
CA HIS L 318 41.39 -34.71 31.59
C HIS L 318 40.19 -34.15 30.84
N GLN L 319 40.17 -32.85 30.57
CA GLN L 319 39.11 -32.26 29.79
C GLN L 319 39.27 -32.60 28.31
N PRO L 320 38.20 -32.50 27.53
CA PRO L 320 38.28 -32.81 26.09
C PRO L 320 39.17 -31.81 25.37
N PHE L 321 40.31 -32.28 24.85
CA PHE L 321 41.25 -31.41 24.17
C PHE L 321 41.43 -31.74 22.70
N ASP L 322 41.93 -32.94 22.36
CA ASP L 322 42.40 -33.28 21.03
C ASP L 322 43.58 -32.40 20.59
N VAL L 323 44.69 -33.02 20.18
CA VAL L 323 45.87 -32.33 19.66
C VAL L 323 46.40 -33.11 18.46
N SER L 324 47.28 -32.46 17.69
CA SER L 324 47.94 -33.12 16.57
C SER L 324 49.16 -32.30 16.15
N ALA L 325 49.88 -32.84 15.17
CA ALA L 325 51.08 -32.20 14.64
C ALA L 325 50.79 -31.55 13.30
N PHE L 326 51.16 -30.28 13.18
CA PHE L 326 51.00 -29.49 11.97
C PHE L 326 52.28 -29.59 11.14
N ASN L 327 52.12 -29.86 9.84
CA ASN L 327 53.26 -29.94 8.94
C ASN L 327 52.89 -29.35 7.59
N ALA L 328 53.51 -28.23 7.24
CA ALA L 328 53.29 -27.54 5.98
C ALA L 328 54.61 -27.49 5.22
N SER L 329 54.58 -27.95 3.98
CA SER L 329 55.75 -27.92 3.11
C SER L 329 55.46 -27.04 1.91
N TYR L 330 56.35 -26.10 1.63
CA TYR L 330 56.26 -25.23 0.48
C TYR L 330 57.61 -25.23 -0.24
N SER L 331 57.63 -24.61 -1.42
CA SER L 331 58.86 -24.56 -2.20
C SER L 331 59.94 -23.75 -1.48
N ASP L 332 59.58 -22.55 -1.01
CA ASP L 332 60.56 -21.70 -0.36
C ASP L 332 60.93 -22.22 1.03
N SER L 333 59.93 -22.60 1.82
CA SER L 333 60.16 -22.92 3.22
C SER L 333 59.01 -23.81 3.71
N GLY L 334 58.91 -23.99 5.01
CA GLY L 334 57.86 -24.81 5.58
C GLY L 334 57.79 -24.61 7.08
N LEU L 335 56.66 -25.08 7.65
CA LEU L 335 56.37 -24.88 9.06
C LEU L 335 55.95 -26.20 9.69
N PHE L 336 56.64 -26.61 10.75
CA PHE L 336 56.26 -27.79 11.50
C PHE L 336 56.02 -27.41 12.95
N GLY L 337 54.98 -27.98 13.56
CA GLY L 337 54.66 -27.64 14.92
C GLY L 337 53.53 -28.48 15.45
N ILE L 338 52.83 -27.93 16.45
CA ILE L 338 51.74 -28.60 17.13
C ILE L 338 50.50 -27.72 17.03
N TYR L 339 49.39 -28.33 16.62
CA TYR L 339 48.09 -27.67 16.63
C TYR L 339 47.23 -28.33 17.69
N THR L 340 46.73 -27.53 18.63
CA THR L 340 45.97 -28.04 19.75
C THR L 340 44.62 -27.34 19.81
N ILE L 341 43.61 -28.09 20.24
CA ILE L 341 42.33 -27.54 20.66
C ILE L 341 42.19 -27.89 22.12
N SER L 342 41.65 -26.96 22.91
CA SER L 342 41.57 -27.21 24.35
C SER L 342 40.47 -26.36 24.96
N GLN L 343 40.10 -26.70 26.18
CA GLN L 343 39.24 -25.83 26.96
C GLN L 343 39.98 -24.55 27.32
N ALA L 344 39.24 -23.45 27.42
CA ALA L 344 39.87 -22.15 27.64
C ALA L 344 40.71 -22.14 28.92
N ALA L 345 40.19 -22.74 29.99
CA ALA L 345 40.90 -22.70 31.26
C ALA L 345 42.19 -23.49 31.23
N SER L 346 42.16 -24.69 30.65
CA SER L 346 43.30 -25.59 30.67
C SER L 346 44.17 -25.51 29.44
N ALA L 347 43.83 -24.62 28.49
CA ALA L 347 44.49 -24.60 27.18
C ALA L 347 46.00 -24.57 27.32
N GLY L 348 46.51 -23.63 28.12
CA GLY L 348 47.94 -23.51 28.30
C GLY L 348 48.58 -24.84 28.67
N ASP L 349 48.02 -25.51 29.69
CA ASP L 349 48.56 -26.79 30.11
C ASP L 349 48.71 -27.72 28.91
N VAL L 350 47.64 -27.86 28.13
CA VAL L 350 47.66 -28.72 26.95
C VAL L 350 48.89 -28.41 26.11
N ILE L 351 49.04 -27.13 25.74
CA ILE L 351 50.16 -26.74 24.88
C ILE L 351 51.46 -27.18 25.50
N LYS L 352 51.65 -26.86 26.78
CA LYS L 352 52.89 -27.22 27.45
C LYS L 352 53.16 -28.71 27.30
N SER L 353 52.17 -29.52 27.65
CA SER L 353 52.34 -30.97 27.55
C SER L 353 52.76 -31.34 26.15
N ALA L 354 52.01 -30.87 25.14
CA ALA L 354 52.33 -31.19 23.77
C ALA L 354 53.76 -30.80 23.46
N TYR L 355 54.13 -29.55 23.80
CA TYR L 355 55.48 -29.09 23.51
C TYR L 355 56.49 -30.00 24.18
N ASP L 356 56.27 -30.33 25.46
CA ASP L 356 57.21 -31.18 26.17
C ASP L 356 57.43 -32.49 25.44
N GLN L 357 56.35 -33.06 24.90
CA GLN L 357 56.46 -34.34 24.21
C GLN L 357 57.47 -34.23 23.07
N VAL L 358 57.38 -33.17 22.27
CA VAL L 358 58.32 -33.00 21.18
C VAL L 358 59.73 -32.85 21.73
N LYS L 359 59.88 -32.09 22.82
CA LYS L 359 61.18 -32.01 23.47
C LYS L 359 61.68 -33.39 23.85
N THR L 360 60.78 -34.26 24.33
CA THR L 360 61.15 -35.62 24.65
C THR L 360 61.71 -36.34 23.44
N ILE L 361 61.09 -36.14 22.28
CA ILE L 361 61.62 -36.72 21.05
C ILE L 361 62.95 -36.06 20.70
N ALA L 362 63.09 -34.76 20.94
CA ALA L 362 64.29 -34.04 20.55
C ALA L 362 65.51 -34.50 21.35
N GLN L 363 65.30 -34.98 22.58
CA GLN L 363 66.39 -35.41 23.44
C GLN L 363 66.86 -36.83 23.15
N GLY L 364 66.41 -37.42 22.04
CA GLY L 364 66.83 -38.76 21.68
C GLY L 364 65.97 -39.88 22.22
N ASN L 365 64.82 -39.57 22.83
CA ASN L 365 63.93 -40.59 23.36
C ASN L 365 62.89 -40.92 22.29
N LEU L 366 63.31 -41.73 21.32
CA LEU L 366 62.47 -42.12 20.20
C LEU L 366 62.71 -43.59 19.90
N SER L 367 61.75 -44.44 20.25
CA SER L 367 61.88 -45.87 20.00
C SER L 367 61.85 -46.17 18.50
N ASN L 368 62.60 -47.20 18.11
CA ASN L 368 62.65 -47.58 16.71
C ASN L 368 61.30 -48.08 16.20
N THR L 369 60.57 -48.80 17.06
CA THR L 369 59.25 -49.28 16.68
C THR L 369 58.30 -48.12 16.41
N ASP L 370 58.44 -47.03 17.17
CA ASP L 370 57.65 -45.83 16.91
C ASP L 370 57.95 -45.27 15.53
N VAL L 371 59.23 -45.22 15.16
CA VAL L 371 59.60 -44.71 13.85
C VAL L 371 59.05 -45.61 12.75
N GLN L 372 59.15 -46.92 12.93
CA GLN L 372 58.64 -47.84 11.92
C GLN L 372 57.13 -47.72 11.77
N ALA L 373 56.41 -47.60 12.88
CA ALA L 373 54.96 -47.43 12.81
C ALA L 373 54.59 -46.12 12.12
N ALA L 374 55.33 -45.04 12.42
CA ALA L 374 55.08 -43.77 11.76
C ALA L 374 55.34 -43.86 10.26
N LYS L 375 56.41 -44.55 9.87
CA LYS L 375 56.70 -44.73 8.44
C LYS L 375 55.59 -45.52 7.76
N ASN L 376 55.11 -46.57 8.42
CA ASN L 376 54.00 -47.34 7.85
C ASN L 376 52.76 -46.47 7.70
N LYS L 377 52.44 -45.66 8.71
CA LYS L 377 51.27 -44.80 8.62
C LYS L 377 51.43 -43.77 7.50
N LEU L 378 52.62 -43.19 7.37
CA LEU L 378 52.86 -42.20 6.32
C LEU L 378 52.72 -42.83 4.93
N LYS L 379 53.32 -44.01 4.74
CA LYS L 379 53.23 -44.68 3.45
C LYS L 379 51.80 -45.06 3.11
N ALA L 380 51.07 -45.62 4.07
CA ALA L 380 49.68 -45.98 3.83
C ALA L 380 48.83 -44.75 3.52
N GLY L 381 49.04 -43.66 4.27
CA GLY L 381 48.28 -42.45 4.01
C GLY L 381 48.56 -41.87 2.64
N TYR L 382 49.83 -41.86 2.22
CA TYR L 382 50.14 -41.40 0.88
C TYR L 382 49.51 -42.28 -0.18
N LEU L 383 49.57 -43.60 -0.01
CA LEU L 383 48.98 -44.49 -0.99
C LEU L 383 47.47 -44.32 -1.08
N MET L 384 46.81 -44.11 0.07
CA MET L 384 45.37 -43.89 0.06
C MET L 384 45.01 -42.50 -0.47
N SER L 385 45.93 -41.54 -0.40
CA SER L 385 45.65 -40.21 -0.93
C SER L 385 45.49 -40.24 -2.45
N VAL L 386 46.33 -41.00 -3.15
CA VAL L 386 46.31 -41.05 -4.61
C VAL L 386 45.33 -42.12 -5.07
N GLU L 387 44.56 -42.68 -4.13
CA GLU L 387 43.57 -43.68 -4.50
C GLU L 387 42.43 -43.06 -5.29
N SER L 388 41.93 -41.91 -4.85
CA SER L 388 40.85 -41.22 -5.54
C SER L 388 41.41 -40.48 -6.76
N SER L 389 40.60 -40.41 -7.82
CA SER L 389 41.01 -39.66 -9.01
C SER L 389 41.35 -38.22 -8.66
N GLU L 390 40.58 -37.61 -7.76
CA GLU L 390 40.91 -36.27 -7.29
C GLU L 390 42.30 -36.23 -6.67
N GLY L 391 42.59 -37.17 -5.77
CA GLY L 391 43.88 -37.19 -5.11
C GLY L 391 45.02 -37.46 -6.07
N PHE L 392 44.85 -38.41 -6.98
CA PHE L 392 45.91 -38.71 -7.94
C PHE L 392 46.16 -37.53 -8.86
N LEU L 393 45.10 -36.89 -9.35
CA LEU L 393 45.27 -35.74 -10.22
C LEU L 393 45.98 -34.60 -9.50
N ASP L 394 45.58 -34.32 -8.26
CA ASP L 394 46.23 -33.26 -7.50
C ASP L 394 47.69 -33.58 -7.22
N GLU L 395 47.98 -34.85 -6.91
CA GLU L 395 49.36 -35.26 -6.66
C GLU L 395 50.21 -35.07 -7.91
N VAL L 396 49.70 -35.53 -9.06
CA VAL L 396 50.47 -35.39 -10.30
C VAL L 396 50.67 -33.94 -10.66
N GLY L 397 49.63 -33.12 -10.49
CA GLY L 397 49.77 -31.70 -10.79
C GLY L 397 50.78 -31.01 -9.89
N SER L 398 50.75 -31.32 -8.59
CA SER L 398 51.72 -30.73 -7.68
C SER L 398 53.14 -31.18 -8.01
N GLN L 399 53.31 -32.46 -8.34
CA GLN L 399 54.64 -32.93 -8.71
C GLN L 399 55.13 -32.26 -9.98
N ALA L 400 54.26 -32.10 -10.99
CA ALA L 400 54.66 -31.45 -12.23
C ALA L 400 54.97 -29.98 -12.02
N LEU L 401 54.30 -29.33 -11.07
CA LEU L 401 54.50 -27.91 -10.86
C LEU L 401 55.74 -27.63 -10.02
N VAL L 402 55.88 -28.33 -8.88
CA VAL L 402 57.03 -28.13 -8.01
C VAL L 402 58.26 -28.77 -8.62
N ALA L 403 58.22 -30.08 -8.81
CA ALA L 403 59.31 -30.80 -9.45
C ALA L 403 59.17 -30.66 -10.96
N GLY L 404 59.97 -31.41 -11.71
CA GLY L 404 59.91 -31.36 -13.16
C GLY L 404 59.14 -32.49 -13.78
N SER L 405 59.31 -33.70 -13.24
CA SER L 405 58.67 -34.90 -13.78
C SER L 405 57.80 -35.54 -12.70
N TYR L 406 57.23 -36.70 -13.04
CA TYR L 406 56.37 -37.46 -12.15
C TYR L 406 57.16 -38.63 -11.58
N VAL L 407 57.09 -38.81 -10.27
CA VAL L 407 57.79 -39.89 -9.59
C VAL L 407 56.78 -40.95 -9.19
N GLN L 408 57.12 -42.21 -9.45
CA GLN L 408 56.21 -43.31 -9.14
C GLN L 408 56.05 -43.45 -7.63
N PRO L 409 54.92 -43.99 -7.17
CA PRO L 409 54.73 -44.16 -5.72
C PRO L 409 55.77 -45.04 -5.07
N SER L 410 56.31 -46.02 -5.80
CA SER L 410 57.33 -46.90 -5.22
C SER L 410 58.56 -46.11 -4.79
N THR L 411 58.99 -45.16 -5.62
CA THR L 411 60.15 -44.35 -5.26
C THR L 411 59.85 -43.47 -4.05
N VAL L 412 58.62 -42.95 -3.95
CA VAL L 412 58.23 -42.16 -2.77
C VAL L 412 58.29 -43.02 -1.52
N LEU L 413 57.80 -44.27 -1.61
CA LEU L 413 57.88 -45.17 -0.47
C LEU L 413 59.33 -45.48 -0.12
N GLN L 414 60.18 -45.62 -1.12
CA GLN L 414 61.61 -45.84 -0.85
C GLN L 414 62.23 -44.64 -0.15
N GLN L 415 61.85 -43.42 -0.57
CA GLN L 415 62.34 -42.23 0.11
C GLN L 415 61.88 -42.20 1.56
N ILE L 416 60.63 -42.57 1.81
CA ILE L 416 60.13 -42.62 3.18
C ILE L 416 60.91 -43.66 3.99
N ASP L 417 61.18 -44.82 3.39
CA ASP L 417 61.92 -45.87 4.09
C ASP L 417 63.34 -45.43 4.41
N SER L 418 63.97 -44.66 3.51
CA SER L 418 65.35 -44.23 3.73
C SER L 418 65.48 -43.32 4.94
N VAL L 419 64.39 -42.74 5.43
CA VAL L 419 64.45 -41.89 6.61
C VAL L 419 64.84 -42.71 7.82
N ALA L 420 65.83 -42.23 8.57
CA ALA L 420 66.34 -42.90 9.76
C ALA L 420 65.85 -42.21 11.02
N ASP L 421 66.03 -42.91 12.14
CA ASP L 421 65.61 -42.37 13.43
C ASP L 421 66.40 -41.11 13.78
N ALA L 422 67.69 -41.10 13.47
CA ALA L 422 68.52 -39.93 13.75
C ALA L 422 68.00 -38.70 13.01
N ASP L 423 67.52 -38.89 11.77
CA ASP L 423 66.98 -37.76 11.01
C ASP L 423 65.72 -37.21 11.67
N VAL L 424 64.86 -38.08 12.18
CA VAL L 424 63.65 -37.63 12.87
C VAL L 424 64.02 -36.89 14.14
N ILE L 425 64.99 -37.40 14.89
CA ILE L 425 65.44 -36.71 16.10
C ILE L 425 66.02 -35.34 15.76
N ASN L 426 66.76 -35.26 14.66
CA ASN L 426 67.31 -33.97 14.23
C ASN L 426 66.20 -33.00 13.86
N ALA L 427 65.15 -33.50 13.19
CA ALA L 427 64.01 -32.64 12.87
C ALA L 427 63.34 -32.12 14.13
N ALA L 428 63.16 -32.99 15.13
CA ALA L 428 62.58 -32.55 16.39
C ALA L 428 63.45 -31.52 17.07
N LYS L 429 64.77 -31.72 17.05
CA LYS L 429 65.70 -30.74 17.61
C LYS L 429 65.58 -29.41 16.89
N LYS L 430 65.48 -29.44 15.56
CA LYS L 430 65.35 -28.21 14.80
C LYS L 430 64.07 -27.46 15.16
N PHE L 431 62.96 -28.20 15.32
CA PHE L 431 61.73 -27.55 15.75
C PHE L 431 61.88 -26.94 17.13
N VAL L 432 62.49 -27.67 18.06
CA VAL L 432 62.61 -27.16 19.43
C VAL L 432 63.48 -25.92 19.47
N SER L 433 64.63 -25.94 18.78
CA SER L 433 65.57 -24.84 18.86
C SER L 433 65.10 -23.62 18.06
N GLY L 434 64.49 -23.83 16.91
CA GLY L 434 64.16 -22.73 16.02
C GLY L 434 63.16 -21.78 16.64
N ARG L 435 63.26 -20.51 16.23
CA ARG L 435 62.29 -19.50 16.67
C ARG L 435 60.90 -19.90 16.24
N LYS L 436 59.94 -19.73 17.15
CA LYS L 436 58.60 -20.30 16.98
C LYS L 436 57.58 -19.20 16.76
N SER L 437 56.62 -19.50 15.88
CA SER L 437 55.49 -18.64 15.59
C SER L 437 54.22 -19.28 16.14
N MET L 438 53.36 -18.47 16.74
CA MET L 438 52.15 -18.98 17.37
C MET L 438 50.94 -18.18 16.91
N ALA L 439 49.82 -18.87 16.81
CA ALA L 439 48.54 -18.23 16.48
C ALA L 439 47.44 -18.91 17.27
N ALA L 440 46.69 -18.14 18.04
CA ALA L 440 45.66 -18.68 18.91
C ALA L 440 44.35 -17.95 18.69
N SER L 441 43.25 -18.68 18.92
CA SER L 441 41.91 -18.13 18.78
C SER L 441 41.03 -18.79 19.83
N GLY L 442 40.47 -17.98 20.71
CA GLY L 442 39.67 -18.51 21.82
C GLY L 442 39.57 -17.47 22.91
N ASN L 443 39.25 -17.95 24.12
CA ASN L 443 39.15 -17.04 25.26
C ASN L 443 40.52 -16.45 25.59
N LEU L 444 41.58 -17.24 25.47
CA LEU L 444 42.96 -16.81 25.60
C LEU L 444 43.31 -16.29 26.99
N GLY L 445 42.44 -16.53 27.98
CA GLY L 445 42.76 -16.10 29.33
C GLY L 445 43.97 -16.82 29.91
N HIS L 446 44.11 -18.11 29.60
CA HIS L 446 45.20 -18.92 30.13
C HIS L 446 46.11 -19.47 29.04
N THR L 447 46.01 -18.95 27.82
CA THR L 447 46.87 -19.41 26.73
C THR L 447 48.23 -18.72 26.82
N PRO L 448 49.33 -19.46 26.84
CA PRO L 448 50.64 -18.84 26.99
C PRO L 448 51.07 -18.11 25.73
N PHE L 449 52.00 -17.18 25.93
CA PHE L 449 52.66 -16.51 24.82
C PHE L 449 53.83 -17.34 24.33
N VAL L 450 54.41 -16.91 23.21
CA VAL L 450 55.54 -17.63 22.63
C VAL L 450 56.72 -17.65 23.60
N ASP L 451 56.97 -16.53 24.27
CA ASP L 451 58.10 -16.45 25.19
C ASP L 451 57.94 -17.42 26.35
N GLU L 452 56.73 -17.57 26.86
CA GLU L 452 56.47 -18.50 27.96
C GLU L 452 56.63 -19.96 27.55
N LEU L 453 56.71 -20.25 26.26
CA LEU L 453 56.88 -21.61 25.78
C LEU L 453 58.36 -21.94 25.59
N MET M 1 12.09 -14.84 -11.64
CA MET M 1 10.64 -14.97 -11.60
C MET M 1 10.07 -14.56 -10.24
N THR M 2 8.76 -14.32 -10.21
CA THR M 2 8.07 -13.92 -9.00
C THR M 2 6.69 -14.57 -9.01
N ASN M 3 5.93 -14.34 -7.94
CA ASN M 3 4.56 -14.81 -7.83
C ASN M 3 3.62 -13.66 -8.13
N ILE M 4 2.72 -13.85 -9.10
CA ILE M 4 1.82 -12.79 -9.50
C ILE M 4 0.94 -12.36 -8.34
N ARG M 5 0.45 -13.32 -7.56
CA ARG M 5 -0.41 -13.01 -6.43
C ARG M 5 0.28 -12.13 -5.39
N LYS M 6 1.60 -12.14 -5.34
CA LYS M 6 2.33 -11.33 -4.37
C LYS M 6 2.95 -10.06 -4.95
N SER M 7 3.04 -9.95 -6.28
CA SER M 7 3.73 -8.82 -6.90
C SER M 7 2.81 -7.87 -7.67
N HIS M 8 1.81 -8.39 -8.36
CA HIS M 8 0.92 -7.53 -9.14
C HIS M 8 0.16 -6.60 -8.21
N PRO M 9 0.00 -5.32 -8.56
CA PRO M 9 -0.59 -4.34 -7.64
C PRO M 9 -1.98 -4.70 -7.14
N LEU M 10 -2.93 -4.89 -8.07
CA LEU M 10 -4.27 -5.32 -7.67
C LEU M 10 -4.21 -6.67 -6.97
N MET M 11 -3.40 -7.59 -7.49
CA MET M 11 -3.24 -8.88 -6.84
C MET M 11 -2.60 -8.71 -5.47
N LYS M 12 -1.67 -7.76 -5.32
CA LYS M 12 -1.12 -7.49 -4.00
C LYS M 12 -2.21 -7.07 -3.02
N ILE M 13 -3.06 -6.13 -3.44
CA ILE M 13 -4.12 -5.65 -2.56
C ILE M 13 -5.06 -6.79 -2.18
N ILE M 14 -5.48 -7.56 -3.18
CA ILE M 14 -6.43 -8.65 -2.93
C ILE M 14 -5.81 -9.72 -2.03
N ASN M 15 -4.55 -10.06 -2.28
CA ASN M 15 -3.87 -11.08 -1.48
C ASN M 15 -3.71 -10.61 -0.03
N ASN M 16 -3.29 -9.36 0.17
CA ASN M 16 -3.12 -8.86 1.53
C ASN M 16 -4.44 -8.63 2.23
N ALA M 17 -5.54 -8.52 1.48
CA ALA M 17 -6.83 -8.28 2.12
C ALA M 17 -7.61 -9.56 2.41
N PHE M 18 -7.55 -10.56 1.53
CA PHE M 18 -8.43 -11.72 1.64
C PHE M 18 -7.76 -13.07 1.51
N ILE M 19 -6.50 -13.15 1.08
CA ILE M 19 -5.83 -14.42 0.82
C ILE M 19 -4.78 -14.73 1.88
N ASP M 20 -3.75 -13.88 1.99
CA ASP M 20 -2.67 -14.10 2.93
C ASP M 20 -2.84 -13.30 4.21
N LEU M 21 -4.01 -12.71 4.43
CA LEU M 21 -4.26 -11.92 5.62
C LEU M 21 -4.10 -12.78 6.87
N PRO M 22 -3.21 -12.42 7.80
CA PRO M 22 -3.12 -13.17 9.06
C PRO M 22 -4.38 -12.98 9.87
N ALA M 23 -5.06 -14.10 10.16
CA ALA M 23 -6.30 -14.00 10.90
C ALA M 23 -6.21 -14.84 12.17
N PRO M 24 -6.79 -14.37 13.26
CA PRO M 24 -6.80 -15.17 14.49
C PRO M 24 -7.52 -16.50 14.25
N SER M 25 -7.01 -17.54 14.87
CA SER M 25 -7.53 -18.88 14.66
C SER M 25 -8.76 -19.20 15.52
N ASN M 26 -9.01 -18.41 16.56
CA ASN M 26 -10.07 -18.71 17.51
C ASN M 26 -11.32 -17.87 17.31
N ILE M 27 -11.37 -17.01 16.29
CA ILE M 27 -12.56 -16.18 16.11
C ILE M 27 -13.76 -17.07 15.81
N SER M 28 -14.87 -16.81 16.48
CA SER M 28 -16.04 -17.68 16.44
C SER M 28 -16.91 -17.33 15.23
N SER M 29 -18.13 -17.87 15.20
CA SER M 29 -19.07 -17.57 14.13
C SER M 29 -19.53 -16.12 14.17
N TRP M 30 -19.42 -15.46 15.32
CA TRP M 30 -19.81 -14.05 15.41
C TRP M 30 -18.95 -13.16 14.54
N TRP M 31 -17.80 -13.65 14.07
CA TRP M 31 -16.97 -12.89 13.15
C TRP M 31 -17.39 -13.07 11.70
N ASN M 32 -18.33 -13.97 11.41
CA ASN M 32 -18.80 -14.14 10.04
C ASN M 32 -19.63 -12.95 9.58
N PHE M 33 -20.38 -12.35 10.49
CA PHE M 33 -21.41 -11.39 10.10
C PHE M 33 -20.84 -10.21 9.33
N GLY M 34 -19.62 -9.79 9.67
CA GLY M 34 -18.93 -8.78 8.90
C GLY M 34 -18.96 -9.09 7.42
N SER M 35 -18.41 -10.25 7.05
CA SER M 35 -18.48 -10.68 5.66
C SER M 35 -19.93 -10.77 5.20
N LEU M 36 -20.81 -11.32 6.05
CA LEU M 36 -22.22 -11.37 5.73
C LEU M 36 -22.73 -9.99 5.36
N LEU M 37 -22.38 -8.97 6.15
CA LEU M 37 -22.78 -7.60 5.82
C LEU M 37 -22.39 -7.26 4.40
N GLY M 38 -21.12 -7.50 4.05
CA GLY M 38 -20.68 -7.27 2.69
C GLY M 38 -21.57 -7.95 1.68
N ILE M 39 -21.84 -9.24 1.90
CA ILE M 39 -22.70 -9.98 0.99
C ILE M 39 -24.05 -9.27 0.88
N CYS M 40 -24.65 -8.96 2.02
CA CYS M 40 -25.93 -8.24 1.99
C CYS M 40 -25.81 -6.99 1.15
N LEU M 41 -24.76 -6.20 1.40
CA LEU M 41 -24.55 -4.98 0.62
C LEU M 41 -24.53 -5.30 -0.86
N ILE M 42 -23.70 -6.26 -1.27
CA ILE M 42 -23.63 -6.62 -2.68
C ILE M 42 -25.01 -7.00 -3.17
N LEU M 43 -25.71 -7.87 -2.42
CA LEU M 43 -27.05 -8.25 -2.81
C LEU M 43 -27.94 -7.02 -2.93
N GLN M 44 -27.92 -6.17 -1.90
CA GLN M 44 -28.78 -4.99 -1.89
C GLN M 44 -28.49 -4.09 -3.07
N ILE M 45 -27.29 -4.18 -3.64
CA ILE M 45 -27.01 -3.45 -4.87
C ILE M 45 -27.60 -4.19 -6.06
N LEU M 46 -27.19 -5.44 -6.26
CA LEU M 46 -27.60 -6.19 -7.44
C LEU M 46 -29.12 -6.20 -7.56
N THR M 47 -29.77 -6.77 -6.55
CA THR M 47 -31.22 -6.76 -6.49
C THR M 47 -31.76 -5.35 -6.70
N GLY M 48 -31.21 -4.38 -5.96
CA GLY M 48 -31.67 -3.01 -6.09
C GLY M 48 -31.58 -2.51 -7.52
N LEU M 49 -30.47 -2.81 -8.20
CA LEU M 49 -30.32 -2.37 -9.58
C LEU M 49 -31.43 -2.94 -10.45
N PHE M 50 -31.74 -4.23 -10.27
CA PHE M 50 -32.78 -4.83 -11.08
C PHE M 50 -34.17 -4.39 -10.68
N LEU M 51 -34.30 -3.68 -9.56
CA LEU M 51 -35.55 -2.99 -9.28
C LEU M 51 -35.62 -1.63 -9.93
N ALA M 52 -34.46 -0.99 -10.15
CA ALA M 52 -34.46 0.32 -10.78
C ALA M 52 -34.72 0.24 -12.29
N MET M 53 -34.56 -0.94 -12.89
CA MET M 53 -34.86 -1.10 -14.30
C MET M 53 -36.34 -1.04 -14.60
N HIS M 54 -37.20 -1.10 -13.58
CA HIS M 54 -38.64 -1.04 -13.76
C HIS M 54 -39.34 -0.02 -12.88
N TYR M 55 -38.72 0.42 -11.80
CA TYR M 55 -39.34 1.39 -10.90
C TYR M 55 -39.24 2.79 -11.47
N THR M 56 -40.32 3.56 -11.35
CA THR M 56 -40.36 4.96 -11.76
C THR M 56 -40.77 5.79 -10.55
N SER M 57 -39.94 6.76 -10.20
CA SER M 57 -40.13 7.55 -8.98
C SER M 57 -41.06 8.75 -9.24
N ASP M 58 -42.30 8.42 -9.59
CA ASP M 58 -43.34 9.42 -9.76
C ASP M 58 -44.55 8.99 -8.96
N THR M 59 -45.18 9.94 -8.27
CA THR M 59 -46.31 9.61 -7.40
C THR M 59 -47.45 8.97 -8.18
N THR M 60 -47.59 9.30 -9.46
CA THR M 60 -48.64 8.70 -10.28
C THR M 60 -48.26 7.32 -10.80
N THR M 61 -47.00 6.90 -10.66
CA THR M 61 -46.58 5.63 -11.21
C THR M 61 -45.72 4.79 -10.29
N ALA M 62 -45.32 5.29 -9.12
CA ALA M 62 -44.43 4.53 -8.25
C ALA M 62 -45.08 3.25 -7.75
N PHE M 63 -46.28 3.37 -7.17
CA PHE M 63 -46.99 2.18 -6.69
C PHE M 63 -47.35 1.26 -7.84
N SER M 64 -47.80 1.82 -8.96
CA SER M 64 -48.13 0.99 -10.12
C SER M 64 -46.90 0.31 -10.67
N SER M 65 -45.75 0.99 -10.65
CA SER M 65 -44.51 0.37 -11.11
C SER M 65 -44.11 -0.78 -10.19
N VAL M 66 -44.28 -0.61 -8.87
CA VAL M 66 -43.97 -1.70 -7.95
C VAL M 66 -44.89 -2.89 -8.19
N THR M 67 -46.19 -2.64 -8.41
CA THR M 67 -47.11 -3.71 -8.72
C THR M 67 -46.74 -4.38 -10.04
N HIS M 68 -46.26 -3.59 -11.00
CA HIS M 68 -45.78 -4.15 -12.27
C HIS M 68 -44.58 -5.07 -12.05
N ILE M 69 -43.66 -4.65 -11.18
CA ILE M 69 -42.52 -5.49 -10.83
C ILE M 69 -42.99 -6.80 -10.22
N CYS M 70 -43.95 -6.73 -9.31
CA CYS M 70 -44.40 -7.90 -8.57
C CYS M 70 -45.51 -8.66 -9.28
N ARG M 71 -45.89 -8.22 -10.49
CA ARG M 71 -47.03 -8.79 -11.19
C ARG M 71 -46.68 -9.24 -12.60
N ASP M 72 -45.83 -8.48 -13.27
CA ASP M 72 -45.54 -8.67 -14.70
C ASP M 72 -44.09 -9.03 -14.99
N VAL M 73 -43.14 -8.38 -14.33
CA VAL M 73 -41.74 -8.68 -14.57
C VAL M 73 -41.43 -10.13 -14.24
N ASN M 74 -40.69 -10.78 -15.14
CA ASN M 74 -40.31 -12.18 -14.93
C ASN M 74 -39.46 -12.30 -13.67
N TYR M 75 -39.93 -13.12 -12.73
CA TYR M 75 -39.28 -13.28 -11.42
C TYR M 75 -39.13 -11.93 -10.72
N GLY M 76 -40.00 -10.98 -11.04
CA GLY M 76 -39.95 -9.69 -10.39
C GLY M 76 -40.28 -9.78 -8.91
N TRP M 77 -41.21 -10.67 -8.55
CA TRP M 77 -41.54 -10.86 -7.14
C TRP M 77 -40.33 -11.38 -6.37
N VAL M 78 -39.58 -12.30 -6.96
CA VAL M 78 -38.37 -12.80 -6.30
C VAL M 78 -37.43 -11.66 -5.98
N ILE M 79 -37.16 -10.81 -6.97
CA ILE M 79 -36.22 -9.71 -6.78
C ILE M 79 -36.75 -8.73 -5.73
N ARG M 80 -38.03 -8.38 -5.84
CA ARG M 80 -38.61 -7.39 -4.93
C ARG M 80 -38.56 -7.86 -3.49
N TYR M 81 -39.00 -9.09 -3.24
CA TYR M 81 -39.01 -9.58 -1.86
C TYR M 81 -37.62 -9.95 -1.37
N LEU M 82 -36.72 -10.33 -2.27
CA LEU M 82 -35.33 -10.46 -1.88
C LEU M 82 -34.78 -9.14 -1.39
N HIS M 83 -35.13 -8.04 -2.07
CA HIS M 83 -34.70 -6.72 -1.63
C HIS M 83 -35.30 -6.37 -0.26
N ALA M 84 -36.61 -6.54 -0.14
CA ALA M 84 -37.32 -6.14 1.07
C ALA M 84 -36.81 -6.91 2.28
N ASN M 85 -36.69 -8.24 2.16
CA ASN M 85 -36.22 -9.05 3.28
C ASN M 85 -34.71 -8.97 3.45
N GLY M 86 -33.98 -8.68 2.38
CA GLY M 86 -32.55 -8.50 2.50
C GLY M 86 -32.19 -7.26 3.28
N ALA M 87 -33.02 -6.23 3.20
CA ALA M 87 -32.83 -5.08 4.09
C ALA M 87 -32.94 -5.48 5.55
N SER M 88 -33.96 -6.29 5.88
CA SER M 88 -34.10 -6.76 7.26
C SER M 88 -32.93 -7.64 7.67
N MET M 89 -32.46 -8.50 6.75
CA MET M 89 -31.30 -9.33 7.06
C MET M 89 -30.05 -8.48 7.25
N PHE M 90 -29.92 -7.43 6.45
CA PHE M 90 -28.82 -6.47 6.60
C PHE M 90 -28.84 -5.87 8.00
N PHE M 91 -30.02 -5.47 8.48
CA PHE M 91 -30.07 -4.86 9.80
C PHE M 91 -29.90 -5.89 10.91
N ILE M 92 -30.35 -7.13 10.70
CA ILE M 92 -30.07 -8.19 11.67
C ILE M 92 -28.57 -8.37 11.81
N CYS M 93 -27.87 -8.47 10.69
CA CYS M 93 -26.42 -8.65 10.72
C CYS M 93 -25.73 -7.42 11.30
N LEU M 94 -26.25 -6.22 11.01
CA LEU M 94 -25.67 -5.02 11.59
C LEU M 94 -25.79 -5.02 13.10
N PHE M 95 -26.98 -5.35 13.62
CA PHE M 95 -27.16 -5.39 15.06
C PHE M 95 -26.27 -6.44 15.70
N ILE M 96 -26.17 -7.63 15.08
CA ILE M 96 -25.33 -8.68 15.63
C ILE M 96 -23.87 -8.26 15.58
N HIS M 97 -23.45 -7.57 14.53
CA HIS M 97 -22.07 -7.12 14.41
C HIS M 97 -21.74 -6.08 15.48
N VAL M 98 -22.64 -5.12 15.70
CA VAL M 98 -22.41 -4.14 16.75
C VAL M 98 -22.39 -4.80 18.12
N GLY M 99 -23.26 -5.79 18.33
CA GLY M 99 -23.23 -6.53 19.58
C GLY M 99 -21.93 -7.28 19.79
N ARG M 100 -21.41 -7.89 18.73
CA ARG M 100 -20.11 -8.55 18.80
C ARG M 100 -19.01 -7.55 19.14
N GLY M 101 -19.05 -6.37 18.52
CA GLY M 101 -18.05 -5.36 18.83
C GLY M 101 -18.12 -4.90 20.28
N LEU M 102 -19.34 -4.71 20.79
CA LEU M 102 -19.50 -4.30 22.18
C LEU M 102 -19.03 -5.39 23.13
N TYR M 103 -19.36 -6.64 22.85
CA TYR M 103 -19.09 -7.73 23.79
C TYR M 103 -17.60 -8.01 23.89
N TYR M 104 -16.93 -8.15 22.75
CA TYR M 104 -15.53 -8.56 22.73
C TYR M 104 -14.57 -7.38 22.68
N GLY M 105 -15.03 -6.18 23.04
CA GLY M 105 -14.17 -5.02 23.09
C GLY M 105 -13.52 -4.66 21.77
N SER M 106 -14.20 -4.96 20.66
CA SER M 106 -13.67 -4.61 19.34
C SER M 106 -13.66 -3.11 19.10
N TYR M 107 -14.33 -2.33 19.95
CA TYR M 107 -14.35 -0.88 19.77
C TYR M 107 -13.02 -0.23 20.11
N MET M 108 -12.07 -0.98 20.67
CA MET M 108 -10.75 -0.42 20.92
C MET M 108 -10.03 -0.07 19.62
N PHE M 109 -10.47 -0.62 18.49
CA PHE M 109 -10.04 -0.16 17.18
C PHE M 109 -10.82 1.11 16.87
N LEU M 110 -10.27 2.24 17.35
CA LEU M 110 -11.02 3.50 17.35
C LEU M 110 -11.47 3.89 15.96
N GLU M 111 -10.55 3.91 14.99
CA GLU M 111 -10.90 4.35 13.65
C GLU M 111 -11.89 3.39 12.99
N THR M 112 -11.67 2.09 13.17
CA THR M 112 -12.61 1.09 12.64
C THR M 112 -13.98 1.27 13.26
N TRP M 113 -14.05 1.49 14.57
CA TRP M 113 -15.33 1.67 15.24
C TRP M 113 -16.05 2.93 14.76
N ASN M 114 -15.31 4.03 14.58
CA ASN M 114 -15.94 5.26 14.11
C ASN M 114 -16.45 5.13 12.68
N ILE M 115 -15.66 4.52 11.80
CA ILE M 115 -16.13 4.28 10.44
C ILE M 115 -17.34 3.35 10.46
N GLY M 116 -17.38 2.41 11.41
CA GLY M 116 -18.55 1.56 11.53
C GLY M 116 -19.79 2.33 11.95
N VAL M 117 -19.63 3.28 12.87
CA VAL M 117 -20.76 4.12 13.27
C VAL M 117 -21.27 4.92 12.07
N VAL M 118 -20.35 5.48 11.28
CA VAL M 118 -20.75 6.21 10.08
C VAL M 118 -21.48 5.28 9.12
N LEU M 119 -20.99 4.05 8.96
CA LEU M 119 -21.66 3.08 8.10
C LEU M 119 -23.07 2.79 8.60
N LEU M 120 -23.23 2.64 9.92
CA LEU M 120 -24.54 2.37 10.49
C LEU M 120 -25.51 3.50 10.17
N PHE M 121 -25.08 4.74 10.37
CA PHE M 121 -25.95 5.88 10.04
C PHE M 121 -26.31 5.89 8.56
N THR M 122 -25.33 5.65 7.69
CA THR M 122 -25.60 5.69 6.25
C THR M 122 -26.57 4.60 5.85
N VAL M 123 -26.41 3.39 6.41
CA VAL M 123 -27.32 2.29 6.08
C VAL M 123 -28.72 2.59 6.58
N MET M 124 -28.84 3.18 7.77
CA MET M 124 -30.16 3.54 8.28
C MET M 124 -30.86 4.55 7.37
N ALA M 125 -30.12 5.57 6.93
CA ALA M 125 -30.72 6.54 6.01
C ALA M 125 -31.13 5.88 4.69
N THR M 126 -30.27 5.01 4.16
CA THR M 126 -30.57 4.34 2.90
C THR M 126 -31.84 3.50 3.04
N ALA M 127 -31.95 2.74 4.14
CA ALA M 127 -33.13 1.90 4.33
C ALA M 127 -34.38 2.74 4.51
N PHE M 128 -34.27 3.87 5.23
CA PHE M 128 -35.43 4.74 5.40
C PHE M 128 -35.95 5.24 4.06
N MET M 129 -35.06 5.79 3.24
CA MET M 129 -35.50 6.31 1.94
C MET M 129 -35.99 5.19 1.02
N GLY M 130 -35.32 4.03 1.05
CA GLY M 130 -35.79 2.92 0.26
C GLY M 130 -37.18 2.46 0.65
N TYR M 131 -37.47 2.47 1.95
CA TYR M 131 -38.81 2.14 2.41
C TYR M 131 -39.81 3.21 1.97
N VAL M 132 -39.40 4.46 1.90
CA VAL M 132 -40.28 5.50 1.38
C VAL M 132 -40.58 5.29 -0.09
N LEU M 133 -39.67 4.63 -0.81
CA LEU M 133 -39.80 4.51 -2.27
C LEU M 133 -41.12 3.90 -2.75
N PRO M 134 -41.62 2.78 -2.19
CA PRO M 134 -42.84 2.19 -2.77
C PRO M 134 -44.05 3.10 -2.79
N TRP M 135 -44.07 4.13 -1.94
CA TRP M 135 -45.14 5.12 -1.91
C TRP M 135 -46.48 4.51 -1.51
N GLY M 136 -46.46 3.52 -0.63
CA GLY M 136 -47.67 3.06 0.01
C GLY M 136 -48.07 3.96 1.15
N GLN M 137 -49.14 3.56 1.83
CA GLN M 137 -49.59 4.31 3.00
C GLN M 137 -48.52 4.34 4.07
N MET M 138 -47.94 3.18 4.38
CA MET M 138 -46.88 3.10 5.37
C MET M 138 -45.68 3.95 4.96
N SER M 139 -45.26 3.85 3.70
CA SER M 139 -44.11 4.61 3.25
C SER M 139 -44.35 6.10 3.41
N PHE M 140 -45.48 6.59 2.89
CA PHE M 140 -45.77 8.02 2.94
C PHE M 140 -45.83 8.52 4.37
N TRP M 141 -46.57 7.82 5.24
CA TRP M 141 -46.78 8.36 6.58
C TRP M 141 -45.56 8.18 7.48
N GLY M 142 -44.82 7.08 7.33
CA GLY M 142 -43.56 6.97 8.03
C GLY M 142 -42.58 8.05 7.62
N ALA M 143 -42.49 8.33 6.31
CA ALA M 143 -41.65 9.43 5.86
C ALA M 143 -42.12 10.75 6.46
N THR M 144 -43.43 10.98 6.47
CA THR M 144 -43.97 12.20 7.06
C THR M 144 -43.52 12.37 8.50
N VAL M 145 -43.71 11.34 9.32
CA VAL M 145 -43.38 11.44 10.74
C VAL M 145 -41.88 11.62 10.94
N ILE M 146 -41.07 10.79 10.27
CA ILE M 146 -39.63 10.83 10.49
C ILE M 146 -39.05 12.18 10.04
N THR M 147 -39.48 12.67 8.88
CA THR M 147 -39.00 13.96 8.42
C THR M 147 -39.51 15.10 9.30
N ASN M 148 -40.76 15.01 9.76
CA ASN M 148 -41.30 16.02 10.66
C ASN M 148 -40.54 16.07 11.98
N LEU M 149 -39.89 14.97 12.36
CA LEU M 149 -39.01 15.00 13.53
C LEU M 149 -37.97 16.11 13.42
N LEU M 150 -37.46 16.37 12.23
CA LEU M 150 -36.43 17.40 12.05
C LEU M 150 -36.96 18.80 12.35
N SER M 151 -38.28 18.99 12.30
CA SER M 151 -38.84 20.31 12.60
C SER M 151 -38.59 20.72 14.04
N ALA M 152 -38.25 19.78 14.92
CA ALA M 152 -37.97 20.11 16.31
C ALA M 152 -36.66 20.86 16.48
N ILE M 153 -35.80 20.86 15.47
CA ILE M 153 -34.53 21.59 15.56
C ILE M 153 -34.82 23.08 15.72
N PRO M 154 -34.21 23.77 16.68
CA PRO M 154 -34.58 25.16 16.94
C PRO M 154 -34.00 26.11 15.90
N TYR M 155 -34.83 27.01 15.40
CA TYR M 155 -34.54 28.17 14.57
C TYR M 155 -34.20 27.80 13.12
N ILE M 156 -33.98 26.53 12.81
CA ILE M 156 -33.73 26.13 11.42
C ILE M 156 -34.57 24.90 11.07
N GLY M 157 -35.35 24.42 12.03
CA GLY M 157 -36.09 23.18 11.82
C GLY M 157 -37.05 23.25 10.65
N THR M 158 -37.86 24.31 10.60
CA THR M 158 -38.85 24.42 9.53
C THR M 158 -38.18 24.57 8.17
N ASP M 159 -37.17 25.43 8.09
CA ASP M 159 -36.48 25.64 6.82
C ASP M 159 -35.78 24.37 6.35
N LEU M 160 -35.11 23.67 7.27
CA LEU M 160 -34.44 22.43 6.92
C LEU M 160 -35.43 21.37 6.46
N VAL M 161 -36.56 21.25 7.16
CA VAL M 161 -37.57 20.27 6.79
C VAL M 161 -38.14 20.57 5.42
N GLU M 162 -38.46 21.84 5.16
CA GLU M 162 -39.02 22.19 3.86
C GLU M 162 -37.99 22.11 2.75
N TRP M 163 -36.71 22.24 3.07
CA TRP M 163 -35.68 22.04 2.05
C TRP M 163 -35.52 20.57 1.70
N ILE M 164 -35.51 19.69 2.72
CA ILE M 164 -35.44 18.26 2.46
C ILE M 164 -36.69 17.78 1.72
N TRP M 165 -37.86 18.26 2.15
CA TRP M 165 -39.11 17.88 1.50
C TRP M 165 -39.17 18.34 0.05
N GLY M 166 -38.47 19.42 -0.28
CA GLY M 166 -38.65 20.01 -1.59
C GLY M 166 -39.97 20.69 -1.78
N GLY M 167 -40.64 21.05 -0.69
CA GLY M 167 -41.95 21.67 -0.75
C GLY M 167 -42.52 21.91 0.64
N PHE M 168 -43.85 21.85 0.76
CA PHE M 168 -44.49 22.08 2.05
C PHE M 168 -44.77 20.81 2.82
N SER M 169 -44.67 19.65 2.18
CA SER M 169 -44.89 18.36 2.84
C SER M 169 -44.26 17.28 1.98
N VAL M 170 -44.45 16.02 2.38
CA VAL M 170 -43.96 14.90 1.60
C VAL M 170 -44.80 14.77 0.34
N ASP M 171 -44.16 14.91 -0.82
CA ASP M 171 -44.89 14.87 -2.08
C ASP M 171 -43.96 14.31 -3.15
N LYS M 172 -44.31 14.53 -4.42
CA LYS M 172 -43.56 13.95 -5.53
C LYS M 172 -42.09 14.37 -5.48
N ALA M 173 -41.83 15.63 -5.13
CA ALA M 173 -40.46 16.10 -5.01
C ALA M 173 -39.68 15.26 -4.00
N THR M 174 -40.27 15.04 -2.83
CA THR M 174 -39.61 14.25 -1.80
C THR M 174 -39.39 12.82 -2.26
N LEU M 175 -40.37 12.25 -2.96
CA LEU M 175 -40.23 10.89 -3.46
C LEU M 175 -39.05 10.77 -4.42
N THR M 176 -38.91 11.72 -5.35
CA THR M 176 -37.82 11.64 -6.30
C THR M 176 -36.46 11.90 -5.62
N ARG M 177 -36.42 12.85 -4.68
CA ARG M 177 -35.20 13.04 -3.90
C ARG M 177 -34.78 11.75 -3.22
N PHE M 178 -35.75 11.07 -2.58
CA PHE M 178 -35.43 9.85 -1.86
C PHE M 178 -34.99 8.75 -2.81
N PHE M 179 -35.59 8.67 -4.00
CA PHE M 179 -35.14 7.67 -4.95
C PHE M 179 -33.69 7.91 -5.36
N ALA M 180 -33.34 9.16 -5.66
CA ALA M 180 -31.97 9.46 -6.07
C ALA M 180 -30.99 9.17 -4.94
N PHE M 181 -31.30 9.64 -3.74
CA PHE M 181 -30.41 9.43 -2.60
C PHE M 181 -30.28 7.95 -2.26
N HIS M 182 -31.39 7.22 -2.32
CA HIS M 182 -31.36 5.79 -2.04
C HIS M 182 -30.55 5.04 -3.09
N PHE M 183 -30.62 5.47 -4.35
CA PHE M 183 -29.77 4.87 -5.37
C PHE M 183 -28.30 5.13 -5.09
N ILE M 184 -27.95 6.36 -4.70
CA ILE M 184 -26.54 6.73 -4.67
C ILE M 184 -25.87 6.28 -3.38
N LEU M 185 -26.57 6.30 -2.25
CA LEU M 185 -25.93 6.06 -0.97
C LEU M 185 -25.21 4.73 -0.84
N PRO M 186 -25.73 3.58 -1.30
CA PRO M 186 -25.01 2.32 -1.11
C PRO M 186 -23.61 2.30 -1.70
N PHE M 187 -23.34 3.07 -2.75
CA PHE M 187 -21.97 3.12 -3.27
C PHE M 187 -21.05 3.88 -2.32
N ILE M 188 -21.56 4.95 -1.70
CA ILE M 188 -20.83 5.61 -0.63
C ILE M 188 -20.60 4.64 0.52
N ILE M 189 -21.59 3.78 0.78
CA ILE M 189 -21.43 2.76 1.81
C ILE M 189 -20.32 1.78 1.44
N THR M 190 -20.23 1.41 0.17
CA THR M 190 -19.15 0.52 -0.26
C THR M 190 -17.79 1.19 -0.10
N ALA M 191 -17.69 2.47 -0.43
CA ALA M 191 -16.42 3.19 -0.23
C ALA M 191 -16.06 3.24 1.25
N LEU M 192 -17.05 3.53 2.10
CA LEU M 192 -16.81 3.57 3.54
C LEU M 192 -16.42 2.20 4.06
N ALA M 193 -16.98 1.13 3.50
CA ALA M 193 -16.62 -0.22 3.91
C ALA M 193 -15.19 -0.55 3.49
N ALA M 194 -14.79 -0.08 2.31
CA ALA M 194 -13.40 -0.26 1.89
C ALA M 194 -12.44 0.44 2.86
N VAL M 195 -12.79 1.67 3.24
CA VAL M 195 -11.98 2.39 4.23
C VAL M 195 -12.01 1.64 5.57
N HIS M 196 -13.15 1.05 5.89
CA HIS M 196 -13.29 0.30 7.14
C HIS M 196 -12.35 -0.89 7.19
N LEU M 197 -12.32 -1.66 6.10
CA LEU M 197 -11.40 -2.80 6.04
C LEU M 197 -9.95 -2.33 6.02
N LEU M 198 -9.69 -1.19 5.37
CA LEU M 198 -8.34 -0.63 5.40
C LEU M 198 -7.90 -0.34 6.83
N PHE M 199 -8.78 0.28 7.62
CA PHE M 199 -8.44 0.56 9.01
C PHE M 199 -8.31 -0.72 9.83
N LEU M 200 -9.18 -1.70 9.58
CA LEU M 200 -9.13 -2.93 10.34
C LEU M 200 -7.82 -3.69 10.08
N HIS M 201 -7.40 -3.77 8.83
CA HIS M 201 -6.18 -4.51 8.50
C HIS M 201 -4.92 -3.84 9.03
N GLU M 202 -5.02 -2.60 9.51
CA GLU M 202 -3.86 -1.95 10.10
C GLU M 202 -3.42 -2.64 11.39
N THR M 203 -4.34 -3.27 12.10
CA THR M 203 -4.03 -3.94 13.36
C THR M 203 -4.50 -5.39 13.40
N GLY M 204 -5.11 -5.90 12.33
CA GLY M 204 -5.65 -7.22 12.35
C GLY M 204 -6.98 -7.27 13.09
N SER M 205 -7.52 -8.48 13.18
CA SER M 205 -8.81 -8.69 13.81
C SER M 205 -8.63 -9.11 15.27
N ASN M 206 -9.68 -8.88 16.05
CA ASN M 206 -9.69 -9.28 17.46
C ASN M 206 -10.07 -10.76 17.54
N ASN M 207 -10.31 -11.25 18.76
CA ASN M 207 -10.66 -12.64 18.98
C ASN M 207 -11.47 -12.73 20.26
N PRO M 208 -12.21 -13.83 20.45
CA PRO M 208 -13.07 -13.95 21.64
C PRO M 208 -12.35 -13.75 22.96
N THR M 209 -11.10 -14.20 23.07
CA THR M 209 -10.37 -14.05 24.33
C THR M 209 -10.02 -12.59 24.63
N GLY M 210 -10.01 -11.74 23.62
CA GLY M 210 -9.57 -10.38 23.82
C GLY M 210 -8.09 -10.21 24.01
N ILE M 211 -7.31 -11.25 23.74
CA ILE M 211 -5.86 -11.24 23.88
C ILE M 211 -5.26 -11.25 22.49
N SER M 212 -4.17 -10.49 22.31
CA SER M 212 -3.46 -10.47 21.04
C SER M 212 -3.13 -11.88 20.59
N SER M 213 -3.40 -12.16 19.31
CA SER M 213 -3.31 -13.51 18.77
C SER M 213 -2.21 -13.62 17.73
N ASP M 214 -1.17 -12.79 17.85
CA ASP M 214 -0.09 -12.84 16.87
C ASP M 214 0.69 -14.15 16.97
N MET M 215 0.67 -14.81 18.12
CA MET M 215 1.36 -16.09 18.24
C MET M 215 0.58 -17.19 17.52
N ASP M 216 -0.73 -17.05 17.38
CA ASP M 216 -1.58 -18.03 16.71
C ASP M 216 -2.36 -17.32 15.60
N LYS M 217 -1.73 -17.21 14.44
CA LYS M 217 -2.37 -16.64 13.25
C LYS M 217 -2.40 -17.69 12.15
N ILE M 218 -3.46 -17.70 11.36
CA ILE M 218 -3.57 -18.62 10.25
C ILE M 218 -3.83 -17.83 8.98
N PRO M 219 -3.47 -18.36 7.80
CA PRO M 219 -3.86 -17.68 6.55
C PRO M 219 -5.37 -17.55 6.47
N PHE M 220 -5.84 -16.38 6.04
CA PHE M 220 -7.27 -16.16 5.95
C PHE M 220 -7.91 -17.08 4.93
N HIS M 221 -7.22 -17.36 3.83
CA HIS M 221 -7.88 -18.00 2.69
C HIS M 221 -8.39 -19.40 3.05
N PRO M 222 -7.53 -20.41 3.24
CA PRO M 222 -8.03 -21.79 3.25
C PRO M 222 -9.09 -22.04 4.28
N TYR M 223 -9.02 -21.36 5.42
CA TYR M 223 -9.91 -21.60 6.55
C TYR M 223 -11.10 -20.64 6.53
N TYR M 224 -10.83 -19.34 6.54
CA TYR M 224 -11.93 -18.42 6.71
C TYR M 224 -12.66 -18.10 5.41
N THR M 225 -12.08 -18.45 4.27
CA THR M 225 -12.84 -18.30 3.01
C THR M 225 -13.99 -19.32 3.04
N ILE M 226 -13.69 -20.58 3.36
CA ILE M 226 -14.72 -21.61 3.42
C ILE M 226 -15.65 -21.38 4.60
N LYS M 227 -15.12 -20.88 5.73
CA LYS M 227 -15.98 -20.58 6.87
C LYS M 227 -16.98 -19.48 6.53
N ASP M 228 -16.53 -18.43 5.84
CA ASP M 228 -17.43 -17.36 5.43
C ASP M 228 -18.39 -17.81 4.34
N ILE M 229 -17.96 -18.72 3.47
CA ILE M 229 -18.88 -19.29 2.48
C ILE M 229 -20.00 -20.06 3.17
N LEU M 230 -19.65 -20.85 4.19
CA LEU M 230 -20.68 -21.56 4.94
C LEU M 230 -21.61 -20.60 5.67
N GLY M 231 -21.05 -19.54 6.27
CA GLY M 231 -21.90 -18.55 6.91
C GLY M 231 -22.82 -17.86 5.94
N ALA M 232 -22.32 -17.53 4.75
CA ALA M 232 -23.15 -16.91 3.72
C ALA M 232 -24.23 -17.87 3.25
N LEU M 233 -23.91 -19.16 3.18
CA LEU M 233 -24.92 -20.14 2.81
C LEU M 233 -26.03 -20.20 3.85
N PHE M 234 -25.67 -20.16 5.14
CA PHE M 234 -26.69 -20.18 6.18
C PHE M 234 -27.55 -18.91 6.14
N MET M 235 -26.91 -17.76 5.94
CA MET M 235 -27.65 -16.51 5.82
C MET M 235 -28.59 -16.56 4.63
N MET M 236 -28.11 -17.11 3.52
CA MET M 236 -28.94 -17.23 2.33
C MET M 236 -30.11 -18.19 2.58
N LEU M 237 -29.88 -19.24 3.36
CA LEU M 237 -30.98 -20.13 3.74
C LEU M 237 -32.05 -19.36 4.50
N ILE M 238 -31.65 -18.58 5.49
CA ILE M 238 -32.63 -17.83 6.28
C ILE M 238 -33.36 -16.82 5.40
N LEU M 239 -32.61 -16.11 4.56
CA LEU M 239 -33.21 -15.10 3.69
C LEU M 239 -34.18 -15.73 2.69
N LEU M 240 -33.81 -16.87 2.11
CA LEU M 240 -34.68 -17.53 1.15
C LEU M 240 -35.90 -18.13 1.82
N ILE M 241 -35.77 -18.58 3.07
CA ILE M 241 -36.95 -18.97 3.84
C ILE M 241 -37.90 -17.78 3.95
N LEU M 242 -37.35 -16.62 4.31
CA LEU M 242 -38.19 -15.44 4.47
C LEU M 242 -38.79 -14.96 3.16
N VAL M 243 -38.12 -15.21 2.04
CA VAL M 243 -38.59 -14.71 0.74
C VAL M 243 -39.49 -15.70 0.03
N LEU M 244 -39.46 -16.98 0.39
CA LEU M 244 -40.25 -17.98 -0.30
C LEU M 244 -41.33 -18.63 0.57
N PHE M 245 -41.36 -18.35 1.87
CA PHE M 245 -42.43 -18.88 2.70
C PHE M 245 -43.20 -17.82 3.46
N SER M 246 -42.55 -16.76 3.91
CA SER M 246 -43.22 -15.64 4.57
C SER M 246 -42.70 -14.31 4.01
N PRO M 247 -42.96 -14.03 2.73
CA PRO M 247 -42.42 -12.80 2.13
C PRO M 247 -42.94 -11.53 2.77
N ASP M 248 -44.09 -11.57 3.43
CA ASP M 248 -44.69 -10.40 4.06
C ASP M 248 -44.62 -10.46 5.58
N LEU M 249 -43.77 -11.32 6.13
CA LEU M 249 -43.70 -11.49 7.58
C LEU M 249 -43.24 -10.21 8.26
N LEU M 250 -42.13 -9.66 7.80
CA LEU M 250 -41.54 -8.49 8.45
C LEU M 250 -42.10 -7.17 7.94
N GLY M 251 -42.92 -7.18 6.90
CA GLY M 251 -43.55 -5.98 6.41
C GLY M 251 -44.84 -5.69 7.14
N ASP M 252 -45.55 -4.67 6.64
CA ASP M 252 -46.84 -4.29 7.20
C ASP M 252 -47.88 -4.28 6.09
N PRO M 253 -49.05 -4.86 6.32
CA PRO M 253 -50.07 -4.91 5.25
C PRO M 253 -50.51 -3.54 4.77
N ASP M 254 -50.55 -2.54 5.65
CA ASP M 254 -51.06 -1.22 5.28
C ASP M 254 -50.19 -0.53 4.24
N ASN M 255 -49.05 -1.10 3.87
CA ASN M 255 -48.22 -0.55 2.81
C ASN M 255 -48.62 -1.08 1.44
N TYR M 256 -49.70 -1.86 1.36
CA TYR M 256 -50.22 -2.33 0.08
C TYR M 256 -51.40 -1.50 -0.40
N THR M 257 -51.69 -0.39 0.27
CA THR M 257 -52.67 0.58 -0.20
C THR M 257 -51.95 1.82 -0.69
N PRO M 258 -52.35 2.37 -1.83
CA PRO M 258 -51.67 3.57 -2.34
C PRO M 258 -51.72 4.70 -1.33
N ALA M 259 -50.66 5.50 -1.32
CA ALA M 259 -50.52 6.56 -0.32
C ALA M 259 -51.71 7.51 -0.36
N ASN M 260 -52.26 7.78 0.82
CA ASN M 260 -53.43 8.66 0.97
C ASN M 260 -53.05 9.82 1.86
N PRO M 261 -52.71 10.99 1.31
CA PRO M 261 -52.33 12.12 2.16
C PRO M 261 -53.46 12.62 3.05
N LEU M 262 -54.71 12.29 2.75
CA LEU M 262 -55.86 12.77 3.51
C LEU M 262 -56.40 11.74 4.48
N ASN M 263 -55.72 10.62 4.69
CA ASN M 263 -56.23 9.57 5.55
C ASN M 263 -55.06 8.78 6.13
N THR M 264 -54.79 8.99 7.41
CA THR M 264 -53.76 8.23 8.09
C THR M 264 -54.17 6.77 8.24
N PRO M 265 -53.22 5.84 8.18
CA PRO M 265 -53.52 4.44 8.44
C PRO M 265 -53.86 4.23 9.91
N PRO M 266 -54.42 3.07 10.27
CA PRO M 266 -54.80 2.86 11.68
C PRO M 266 -53.64 3.02 12.65
N HIS M 267 -52.44 2.61 12.26
CA HIS M 267 -51.26 2.72 13.10
C HIS M 267 -50.10 3.17 12.23
N ILE M 268 -49.27 4.07 12.75
CA ILE M 268 -48.11 4.59 12.04
C ILE M 268 -46.87 4.19 12.83
N LYS M 269 -46.17 3.18 12.35
CA LYS M 269 -44.90 2.77 12.93
C LYS M 269 -43.90 2.51 11.82
N PRO M 270 -42.61 2.75 12.08
CA PRO M 270 -41.59 2.49 11.06
C PRO M 270 -41.26 1.01 10.97
N GLU M 271 -40.29 0.66 10.13
CA GLU M 271 -39.85 -0.72 10.02
C GLU M 271 -39.23 -1.17 11.35
N TRP M 272 -39.23 -2.48 11.56
CA TRP M 272 -38.87 -3.02 12.87
C TRP M 272 -37.48 -2.58 13.31
N TYR M 273 -36.53 -2.51 12.37
CA TYR M 273 -35.15 -2.18 12.74
C TYR M 273 -35.00 -0.75 13.22
N PHE M 274 -36.02 0.10 13.06
CA PHE M 274 -36.00 1.43 13.64
C PHE M 274 -36.79 1.53 14.94
N LEU M 275 -37.63 0.53 15.24
CA LEU M 275 -38.62 0.67 16.30
C LEU M 275 -37.98 1.09 17.62
N PHE M 276 -36.85 0.46 17.98
CA PHE M 276 -36.19 0.79 19.24
C PHE M 276 -35.93 2.28 19.34
N ALA M 277 -35.31 2.86 18.31
CA ALA M 277 -35.08 4.30 18.31
C ALA M 277 -36.39 5.05 18.42
N TYR M 278 -37.37 4.63 17.61
CA TYR M 278 -38.72 5.21 17.71
C TYR M 278 -39.21 5.16 19.14
N ALA M 279 -39.05 4.02 19.80
CA ALA M 279 -39.49 3.89 21.18
C ALA M 279 -38.83 4.94 22.06
N ILE M 280 -37.51 5.09 21.94
CA ILE M 280 -36.80 6.11 22.71
C ILE M 280 -37.36 7.48 22.38
N LEU M 281 -37.60 7.74 21.10
CA LEU M 281 -38.17 9.01 20.69
C LEU M 281 -39.50 9.27 21.38
N ARG M 282 -40.30 8.22 21.59
CA ARG M 282 -41.60 8.42 22.21
C ARG M 282 -41.51 8.50 23.73
N SER M 283 -40.37 8.14 24.33
CA SER M 283 -40.26 8.24 25.77
C SER M 283 -40.25 9.70 26.22
N ILE M 284 -39.54 10.55 25.50
CA ILE M 284 -39.44 11.98 25.85
C ILE M 284 -40.67 12.71 25.34
N PRO M 285 -41.46 13.32 26.22
CA PRO M 285 -42.60 14.12 25.73
C PRO M 285 -42.18 15.30 24.85
N ASN M 286 -41.04 15.92 25.16
CA ASN M 286 -40.57 17.04 24.37
C ASN M 286 -40.06 16.57 23.01
N LYS M 287 -40.42 17.31 21.96
CA LYS M 287 -40.01 16.92 20.61
C LYS M 287 -38.50 17.03 20.43
N LEU M 288 -37.93 18.18 20.80
CA LEU M 288 -36.48 18.34 20.66
C LEU M 288 -35.73 17.37 21.53
N GLY M 289 -36.19 17.17 22.77
CA GLY M 289 -35.57 16.18 23.63
C GLY M 289 -35.67 14.78 23.06
N GLY M 290 -36.81 14.45 22.46
CA GLY M 290 -36.94 13.14 21.83
C GLY M 290 -35.98 12.95 20.68
N VAL M 291 -35.83 13.98 19.83
CA VAL M 291 -34.90 13.88 18.72
C VAL M 291 -33.47 13.74 19.22
N LEU M 292 -33.11 14.52 20.24
CA LEU M 292 -31.77 14.42 20.80
C LEU M 292 -31.51 13.04 21.39
N ALA M 293 -32.50 12.49 22.09
CA ALA M 293 -32.35 11.14 22.64
C ALA M 293 -32.21 10.11 21.52
N LEU M 294 -32.97 10.27 20.44
CA LEU M 294 -32.85 9.35 19.31
C LEU M 294 -31.46 9.41 18.70
N VAL M 295 -30.90 10.61 18.53
CA VAL M 295 -29.56 10.73 17.98
C VAL M 295 -28.53 10.14 18.93
N ALA M 296 -28.65 10.43 20.23
CA ALA M 296 -27.71 9.91 21.21
C ALA M 296 -27.77 8.39 21.30
N SER M 297 -28.93 7.81 21.02
CA SER M 297 -29.09 6.36 21.07
C SER M 297 -28.09 5.66 20.15
N ILE M 298 -27.67 6.32 19.08
CA ILE M 298 -26.72 5.73 18.15
C ILE M 298 -25.35 6.34 18.37
N LEU M 299 -25.31 7.62 18.79
CA LEU M 299 -24.02 8.25 19.05
C LEU M 299 -23.32 7.71 20.28
N ILE M 300 -24.03 6.95 21.12
CA ILE M 300 -23.40 6.38 22.31
C ILE M 300 -22.31 5.38 21.92
N LEU M 301 -22.40 4.81 20.72
CA LEU M 301 -21.34 3.92 20.25
C LEU M 301 -20.01 4.66 20.14
N ILE M 302 -20.05 5.96 19.83
CA ILE M 302 -18.84 6.76 19.81
C ILE M 302 -18.23 6.84 21.20
N LEU M 303 -19.06 7.03 22.23
CA LEU M 303 -18.55 7.12 23.59
C LEU M 303 -18.11 5.77 24.13
N MET M 304 -18.58 4.67 23.53
CA MET M 304 -18.26 3.33 24.05
C MET M 304 -16.77 3.10 24.26
N PRO M 305 -15.87 3.41 23.33
CA PRO M 305 -14.44 3.17 23.61
C PRO M 305 -13.92 3.93 24.82
N MET M 306 -14.40 5.16 25.03
CA MET M 306 -13.91 5.95 26.16
C MET M 306 -14.46 5.45 27.48
N LEU M 307 -15.63 4.82 27.48
CA LEU M 307 -16.23 4.32 28.71
C LEU M 307 -15.57 3.04 29.19
N HIS M 308 -14.75 2.39 28.36
CA HIS M 308 -14.10 1.14 28.75
C HIS M 308 -13.14 1.36 29.91
N THR M 309 -13.46 0.81 31.07
CA THR M 309 -12.64 0.98 32.26
C THR M 309 -12.00 -0.31 32.73
N SER M 310 -12.41 -1.46 32.21
CA SER M 310 -11.85 -2.73 32.66
C SER M 310 -10.43 -2.91 32.16
N LYS M 311 -9.63 -3.68 32.92
CA LYS M 311 -8.29 -3.99 32.50
C LYS M 311 -8.26 -5.03 31.38
N GLN M 312 -9.32 -5.82 31.25
CA GLN M 312 -9.42 -6.83 30.21
C GLN M 312 -10.28 -6.30 29.07
N ARG M 313 -9.97 -6.75 27.85
CA ARG M 313 -10.65 -6.22 26.67
C ARG M 313 -12.00 -6.89 26.47
N SER M 314 -12.00 -8.20 26.27
CA SER M 314 -13.24 -8.92 25.99
C SER M 314 -14.04 -9.14 27.27
N MET M 315 -15.34 -9.38 27.09
CA MET M 315 -16.22 -9.75 28.18
C MET M 315 -16.19 -11.24 28.47
N MET M 316 -15.38 -12.00 27.74
CA MET M 316 -15.33 -13.45 27.92
C MET M 316 -14.95 -13.83 29.34
N PHE M 317 -14.21 -12.97 30.03
CA PHE M 317 -13.72 -13.26 31.38
C PHE M 317 -14.34 -12.32 32.42
N ARG M 318 -15.48 -11.71 32.12
CA ARG M 318 -16.13 -10.75 33.02
C ARG M 318 -17.60 -11.13 33.16
N PRO M 319 -17.93 -12.06 34.04
CA PRO M 319 -19.33 -12.52 34.14
C PRO M 319 -20.33 -11.42 34.46
N LEU M 320 -19.97 -10.49 35.35
CA LEU M 320 -20.89 -9.40 35.66
C LEU M 320 -21.12 -8.51 34.45
N SER M 321 -20.06 -8.23 33.69
CA SER M 321 -20.21 -7.48 32.46
C SER M 321 -21.04 -8.25 31.44
N GLN M 322 -20.92 -9.57 31.42
CA GLN M 322 -21.78 -10.37 30.56
C GLN M 322 -23.24 -10.23 30.95
N CYS M 323 -23.53 -10.26 32.25
CA CYS M 323 -24.90 -10.06 32.70
C CYS M 323 -25.43 -8.69 32.28
N LEU M 324 -24.60 -7.65 32.43
CA LEU M 324 -25.01 -6.32 32.00
C LEU M 324 -25.26 -6.28 30.50
N PHE M 325 -24.41 -6.94 29.71
CA PHE M 325 -24.59 -6.95 28.26
C PHE M 325 -25.89 -7.63 27.86
N TRP M 326 -26.21 -8.75 28.50
CA TRP M 326 -27.44 -9.45 28.16
C TRP M 326 -28.66 -8.69 28.66
N MET M 327 -28.55 -7.98 29.78
CA MET M 327 -29.61 -7.06 30.18
C MET M 327 -29.82 -5.99 29.14
N LEU M 328 -28.73 -5.45 28.58
CA LEU M 328 -28.84 -4.45 27.53
C LEU M 328 -29.51 -5.01 26.28
N VAL M 329 -29.18 -6.24 25.90
CA VAL M 329 -29.79 -6.85 24.73
C VAL M 329 -31.28 -7.06 24.96
N ALA M 330 -31.66 -7.58 26.13
CA ALA M 330 -33.07 -7.73 26.46
C ALA M 330 -33.78 -6.38 26.47
N ASP M 331 -33.09 -5.34 26.92
CA ASP M 331 -33.66 -3.99 26.92
C ASP M 331 -33.91 -3.51 25.49
N LEU M 332 -32.97 -3.76 24.58
CA LEU M 332 -33.18 -3.39 23.19
C LEU M 332 -34.36 -4.14 22.59
N ILE M 333 -34.49 -5.43 22.92
CA ILE M 333 -35.65 -6.19 22.46
C ILE M 333 -36.94 -5.58 23.00
N THR M 334 -36.92 -5.16 24.28
CA THR M 334 -38.08 -4.51 24.87
C THR M 334 -38.43 -3.22 24.14
N LEU M 335 -37.41 -2.43 23.81
CA LEU M 335 -37.64 -1.18 23.09
C LEU M 335 -38.24 -1.43 21.71
N THR M 336 -37.73 -2.46 21.01
CA THR M 336 -38.31 -2.81 19.72
C THR M 336 -39.78 -3.21 19.86
N TRP M 337 -40.07 -4.08 20.84
CA TRP M 337 -41.44 -4.53 21.05
C TRP M 337 -42.37 -3.36 21.35
N ILE M 338 -41.92 -2.42 22.19
CA ILE M 338 -42.75 -1.28 22.54
C ILE M 338 -42.92 -0.34 21.36
N GLY M 339 -41.85 -0.10 20.60
CA GLY M 339 -41.99 0.67 19.38
C GLY M 339 -43.01 0.09 18.44
N GLY M 340 -43.14 -1.24 18.44
CA GLY M 340 -44.25 -1.84 17.71
C GLY M 340 -45.61 -1.51 18.31
N GLN M 341 -45.69 -1.48 19.64
CA GLN M 341 -46.96 -1.33 20.33
C GLN M 341 -47.44 0.12 20.34
N PRO M 342 -48.74 0.35 20.54
CA PRO M 342 -49.26 1.73 20.58
C PRO M 342 -48.83 2.51 21.80
N VAL M 343 -49.22 3.77 21.86
CA VAL M 343 -48.86 4.67 22.96
C VAL M 343 -50.04 4.66 23.93
N GLU M 344 -50.02 3.71 24.87
CA GLU M 344 -51.10 3.56 25.83
C GLU M 344 -50.48 3.36 27.22
N HIS M 345 -51.33 3.02 28.20
CA HIS M 345 -50.97 3.09 29.61
C HIS M 345 -49.70 2.32 29.97
N PRO M 346 -49.64 0.99 29.79
CA PRO M 346 -48.43 0.29 30.24
C PRO M 346 -47.24 0.54 29.34
N PHE M 347 -47.48 0.70 28.04
CA PHE M 347 -46.39 0.79 27.08
C PHE M 347 -45.59 2.08 27.27
N ILE M 348 -46.25 3.18 27.63
CA ILE M 348 -45.53 4.44 27.84
C ILE M 348 -44.53 4.29 28.97
N ILE M 349 -44.99 3.78 30.12
CA ILE M 349 -44.11 3.71 31.28
C ILE M 349 -43.02 2.67 31.06
N ILE M 350 -43.35 1.54 30.44
CA ILE M 350 -42.33 0.54 30.20
C ILE M 350 -41.28 1.07 29.21
N GLY M 351 -41.71 1.85 28.22
CA GLY M 351 -40.76 2.43 27.29
C GLY M 351 -39.86 3.47 27.93
N GLN M 352 -40.43 4.31 28.79
CA GLN M 352 -39.61 5.28 29.51
C GLN M 352 -38.57 4.56 30.38
N LEU M 353 -39.00 3.55 31.12
CA LEU M 353 -38.07 2.80 31.96
C LEU M 353 -37.02 2.09 31.10
N ALA M 354 -37.42 1.56 29.95
CA ALA M 354 -36.48 0.85 29.09
C ALA M 354 -35.43 1.79 28.52
N SER M 355 -35.84 2.98 28.08
CA SER M 355 -34.87 3.96 27.58
C SER M 355 -33.91 4.39 28.68
N ILE M 356 -34.46 4.68 29.87
CA ILE M 356 -33.62 5.05 31.00
C ILE M 356 -32.63 3.94 31.30
N LEU M 357 -33.08 2.68 31.29
CA LEU M 357 -32.22 1.56 31.58
C LEU M 357 -31.15 1.40 30.51
N TYR M 358 -31.50 1.61 29.24
CA TYR M 358 -30.52 1.52 28.17
C TYR M 358 -29.39 2.52 28.38
N PHE M 359 -29.73 3.78 28.59
CA PHE M 359 -28.70 4.79 28.78
C PHE M 359 -27.94 4.57 30.08
N LEU M 360 -28.62 4.11 31.14
CA LEU M 360 -27.95 3.85 32.41
C LEU M 360 -26.94 2.72 32.29
N ILE M 361 -27.34 1.63 31.62
CA ILE M 361 -26.44 0.48 31.46
C ILE M 361 -25.24 0.87 30.64
N ILE M 362 -25.46 1.56 29.53
CA ILE M 362 -24.34 1.88 28.65
C ILE M 362 -23.41 2.90 29.31
N LEU M 363 -23.97 3.87 30.02
CA LEU M 363 -23.16 4.96 30.56
C LEU M 363 -22.66 4.69 31.98
N VAL M 364 -23.55 4.29 32.89
CA VAL M 364 -23.21 4.24 34.31
C VAL M 364 -22.83 2.83 34.74
N LEU M 365 -23.74 1.88 34.54
CA LEU M 365 -23.59 0.56 35.15
C LEU M 365 -22.36 -0.18 34.64
N MET M 366 -22.11 -0.14 33.34
CA MET M 366 -21.00 -0.92 32.78
C MET M 366 -19.63 -0.45 33.27
N PRO M 367 -19.28 0.84 33.23
CA PRO M 367 -17.97 1.23 33.79
C PRO M 367 -17.81 0.91 35.26
N ILE M 368 -18.85 1.12 36.06
CA ILE M 368 -18.77 0.83 37.48
C ILE M 368 -18.57 -0.66 37.72
N THR M 369 -19.29 -1.49 36.97
CA THR M 369 -19.14 -2.93 37.10
C THR M 369 -17.75 -3.38 36.67
N SER M 370 -17.21 -2.77 35.62
CA SER M 370 -15.85 -3.10 35.19
C SER M 370 -14.84 -2.73 36.27
N ILE M 371 -15.03 -1.59 36.92
CA ILE M 371 -14.14 -1.19 38.01
C ILE M 371 -14.25 -2.17 39.18
N ILE M 372 -15.47 -2.62 39.47
CA ILE M 372 -15.67 -3.61 40.53
C ILE M 372 -14.95 -4.90 40.19
N GLU M 373 -15.03 -5.34 38.94
CA GLU M 373 -14.31 -6.54 38.52
C GLU M 373 -12.81 -6.35 38.63
N ASN M 374 -12.32 -5.17 38.26
CA ASN M 374 -10.88 -4.89 38.40
C ASN M 374 -10.45 -4.99 39.86
N ASN M 375 -11.25 -4.44 40.77
CA ASN M 375 -10.92 -4.55 42.18
C ASN M 375 -11.00 -6.00 42.67
N LEU M 376 -11.91 -6.78 42.09
CA LEU M 376 -12.01 -8.19 42.48
C LEU M 376 -10.82 -9.00 41.98
N LEU M 377 -10.22 -8.60 40.86
CA LEU M 377 -9.06 -9.28 40.32
C LEU M 377 -7.75 -8.74 40.87
N LYS M 378 -7.80 -7.79 41.80
CA LYS M 378 -6.61 -7.23 42.45
C LYS M 378 -5.73 -6.46 41.46
N TRP M 379 -6.37 -5.65 40.61
CA TRP M 379 -5.62 -4.75 39.73
C TRP M 379 -6.49 -3.61 39.24
N LEU N 88 -62.31 -1.19 21.26
CA LEU N 88 -62.09 -2.63 21.22
C LEU N 88 -62.33 -3.17 19.82
N GLU N 89 -61.54 -4.17 19.42
CA GLU N 89 -61.65 -4.77 18.09
C GLU N 89 -61.59 -6.28 18.21
N LEU N 90 -62.18 -6.95 17.22
CA LEU N 90 -62.26 -8.41 17.19
C LEU N 90 -61.32 -8.94 16.11
N HIS N 91 -60.47 -9.89 16.48
CA HIS N 91 -59.52 -10.47 15.54
C HIS N 91 -60.11 -11.70 14.88
N ALA N 92 -59.86 -11.84 13.58
CA ALA N 92 -60.45 -12.93 12.82
C ALA N 92 -59.86 -14.27 13.23
N PRO N 93 -60.64 -15.33 13.20
CA PRO N 93 -60.10 -16.68 13.47
C PRO N 93 -59.22 -17.15 12.34
N SER N 94 -58.44 -18.18 12.63
CA SER N 94 -57.53 -18.80 11.66
C SER N 94 -58.24 -19.99 11.04
N TYR N 95 -58.90 -19.75 9.90
CA TYR N 95 -59.59 -20.81 9.20
C TYR N 95 -58.58 -21.71 8.49
N PRO N 96 -58.86 -23.01 8.38
CA PRO N 96 -57.93 -23.96 7.75
C PRO N 96 -57.97 -23.89 6.22
N TRP N 97 -57.45 -22.79 5.68
CA TRP N 97 -57.39 -22.65 4.24
C TRP N 97 -56.50 -23.72 3.62
N SER N 98 -56.86 -24.15 2.43
CA SER N 98 -56.10 -25.21 1.76
C SER N 98 -54.74 -24.71 1.27
N HIS N 99 -54.48 -23.42 1.34
CA HIS N 99 -53.20 -22.86 0.93
C HIS N 99 -52.35 -22.41 2.11
N ARG N 100 -52.83 -22.57 3.34
CA ARG N 100 -52.03 -22.20 4.51
C ARG N 100 -50.94 -23.20 4.82
N GLY N 101 -50.91 -24.34 4.14
CA GLY N 101 -49.83 -25.29 4.34
C GLY N 101 -48.49 -24.72 3.93
N LEU N 102 -47.43 -25.34 4.44
CA LEU N 102 -46.08 -24.87 4.16
C LEU N 102 -45.78 -24.94 2.66
N LEU N 103 -46.17 -26.02 2.01
CA LEU N 103 -45.97 -26.19 0.57
C LEU N 103 -47.29 -26.34 -0.18
N SER N 104 -48.40 -25.96 0.45
CA SER N 104 -49.71 -26.10 -0.16
C SER N 104 -49.97 -24.97 -1.14
N SER N 105 -50.57 -25.31 -2.28
CA SER N 105 -50.91 -24.34 -3.30
C SER N 105 -52.38 -23.93 -3.15
N LEU N 106 -52.88 -23.19 -4.11
CA LEU N 106 -54.28 -22.78 -4.13
C LEU N 106 -55.11 -23.79 -4.91
N ASP N 107 -56.40 -23.84 -4.58
CA ASP N 107 -57.37 -24.64 -5.35
C ASP N 107 -57.83 -23.79 -6.52
N HIS N 108 -57.32 -24.10 -7.72
CA HIS N 108 -57.67 -23.30 -8.88
C HIS N 108 -59.14 -23.42 -9.25
N THR N 109 -59.80 -24.50 -8.85
CA THR N 109 -61.26 -24.55 -8.96
C THR N 109 -61.90 -23.50 -8.06
N SER N 110 -61.40 -23.37 -6.83
CA SER N 110 -61.85 -22.31 -5.95
C SER N 110 -61.53 -20.94 -6.52
N ILE N 111 -60.40 -20.81 -7.21
CA ILE N 111 -60.05 -19.54 -7.84
C ILE N 111 -61.05 -19.21 -8.94
N ARG N 112 -61.43 -20.20 -9.74
CA ARG N 112 -62.42 -19.97 -10.80
C ARG N 112 -63.77 -19.57 -10.21
N ARG N 113 -64.21 -20.27 -9.16
CA ARG N 113 -65.48 -19.93 -8.52
C ARG N 113 -65.41 -18.54 -7.91
N GLY N 114 -64.30 -18.19 -7.29
CA GLY N 114 -64.15 -16.86 -6.72
C GLY N 114 -64.14 -15.77 -7.78
N PHE N 115 -63.56 -16.05 -8.94
CA PHE N 115 -63.62 -15.09 -10.02
C PHE N 115 -65.05 -14.92 -10.52
N GLN N 116 -65.81 -16.00 -10.59
CA GLN N 116 -67.23 -15.87 -10.93
C GLN N 116 -67.94 -14.99 -9.92
N VAL N 117 -67.66 -15.21 -8.64
CA VAL N 117 -68.24 -14.37 -7.58
C VAL N 117 -67.84 -12.92 -7.80
N TYR N 118 -66.58 -12.67 -8.12
CA TYR N 118 -66.12 -11.30 -8.30
C TYR N 118 -66.83 -10.62 -9.47
N LYS N 119 -66.85 -11.28 -10.62
CA LYS N 119 -67.45 -10.68 -11.80
C LYS N 119 -68.96 -10.55 -11.67
N GLN N 120 -69.60 -11.33 -10.79
CA GLN N 120 -71.05 -11.27 -10.67
C GLN N 120 -71.55 -10.56 -9.42
N VAL N 121 -70.69 -10.28 -8.44
CA VAL N 121 -71.16 -9.68 -7.20
C VAL N 121 -70.47 -8.36 -6.92
N CYS N 122 -69.15 -8.39 -6.70
CA CYS N 122 -68.43 -7.21 -6.26
C CYS N 122 -67.92 -6.34 -7.39
N SER N 123 -67.92 -6.83 -8.64
CA SER N 123 -67.49 -6.00 -9.75
C SER N 123 -68.38 -4.78 -9.93
N SER N 124 -69.61 -4.83 -9.41
CA SER N 124 -70.51 -3.69 -9.56
C SER N 124 -70.04 -2.48 -8.77
N CYS N 125 -69.28 -2.70 -7.70
CA CYS N 125 -68.81 -1.58 -6.88
C CYS N 125 -67.31 -1.62 -6.61
N HIS N 126 -66.73 -2.80 -6.45
CA HIS N 126 -65.30 -2.92 -6.22
C HIS N 126 -64.55 -3.05 -7.54
N SER N 127 -63.25 -2.75 -7.49
CA SER N 127 -62.40 -2.80 -8.66
C SER N 127 -61.13 -3.58 -8.36
N MET N 128 -60.54 -4.16 -9.41
CA MET N 128 -59.23 -4.81 -9.34
C MET N 128 -58.41 -4.26 -10.50
N ASP N 129 -57.73 -3.13 -10.26
CA ASP N 129 -57.02 -2.45 -11.33
C ASP N 129 -55.83 -3.26 -11.82
N TYR N 130 -55.16 -3.96 -10.92
CA TYR N 130 -53.88 -4.60 -11.23
C TYR N 130 -54.03 -6.05 -11.69
N VAL N 131 -55.25 -6.49 -11.98
CA VAL N 131 -55.49 -7.83 -12.50
C VAL N 131 -56.13 -7.71 -13.87
N ALA N 132 -55.54 -8.35 -14.86
CA ALA N 132 -56.04 -8.38 -16.23
C ALA N 132 -56.58 -9.75 -16.56
N TYR N 133 -57.36 -9.82 -17.64
CA TYR N 133 -57.90 -11.10 -18.08
C TYR N 133 -56.80 -12.06 -18.48
N ARG N 134 -55.71 -11.54 -19.06
CA ARG N 134 -54.58 -12.39 -19.42
C ARG N 134 -53.99 -13.10 -18.22
N HIS N 135 -54.20 -12.57 -17.01
CA HIS N 135 -53.70 -13.23 -15.80
C HIS N 135 -54.48 -14.48 -15.46
N LEU N 136 -55.63 -14.71 -16.09
CA LEU N 136 -56.42 -15.91 -15.83
C LEU N 136 -56.08 -17.06 -16.75
N VAL N 137 -55.21 -16.85 -17.74
CA VAL N 137 -54.98 -17.85 -18.79
C VAL N 137 -54.37 -19.12 -18.20
N GLY N 138 -53.39 -18.96 -17.32
CA GLY N 138 -52.71 -20.10 -16.73
C GLY N 138 -53.13 -20.45 -15.32
N VAL N 139 -54.23 -19.89 -14.82
CA VAL N 139 -54.63 -20.07 -13.43
C VAL N 139 -55.94 -20.84 -13.33
N CYS N 140 -57.03 -20.28 -13.87
CA CYS N 140 -58.33 -20.92 -13.74
C CYS N 140 -59.15 -20.96 -15.02
N TYR N 141 -58.78 -20.22 -16.06
CA TYR N 141 -59.50 -20.25 -17.34
C TYR N 141 -58.51 -20.47 -18.47
N THR N 142 -58.91 -21.27 -19.45
CA THR N 142 -58.07 -21.43 -20.63
C THR N 142 -58.10 -20.14 -21.45
N GLU N 143 -57.19 -20.08 -22.44
CA GLU N 143 -57.03 -18.84 -23.20
C GLU N 143 -58.30 -18.44 -23.92
N GLU N 144 -58.98 -19.40 -24.55
CA GLU N 144 -60.25 -19.09 -25.22
C GLU N 144 -61.32 -18.65 -24.23
N GLU N 145 -61.39 -19.31 -23.07
CA GLU N 145 -62.34 -18.90 -22.05
C GLU N 145 -62.03 -17.50 -21.53
N ALA N 146 -60.75 -17.18 -21.35
CA ALA N 146 -60.38 -15.85 -20.92
C ALA N 146 -60.75 -14.81 -21.98
N LYS N 147 -60.55 -15.13 -23.25
CA LYS N 147 -60.97 -14.24 -24.33
C LYS N 147 -62.48 -14.03 -24.31
N ALA N 148 -63.24 -15.10 -24.08
CA ALA N 148 -64.70 -14.97 -24.01
C ALA N 148 -65.10 -14.08 -22.84
N LEU N 149 -64.44 -14.23 -21.70
CA LEU N 149 -64.72 -13.37 -20.55
C LEU N 149 -64.41 -11.93 -20.86
N ALA N 150 -63.27 -11.68 -21.52
CA ALA N 150 -62.90 -10.30 -21.85
C ALA N 150 -63.88 -9.68 -22.84
N GLU N 151 -64.29 -10.44 -23.86
CA GLU N 151 -65.22 -9.94 -24.86
C GLU N 151 -66.62 -9.70 -24.31
N GLU N 152 -66.91 -10.19 -23.11
CA GLU N 152 -68.24 -10.05 -22.53
C GLU N 152 -68.47 -8.67 -21.91
N VAL N 153 -67.44 -7.84 -21.79
CA VAL N 153 -67.57 -6.51 -21.18
C VAL N 153 -66.96 -5.48 -22.12
N GLU N 154 -67.67 -4.39 -22.34
CA GLU N 154 -67.19 -3.32 -23.20
C GLU N 154 -66.16 -2.46 -22.49
N VAL N 155 -65.17 -1.99 -23.24
CA VAL N 155 -64.08 -1.18 -22.71
C VAL N 155 -63.91 0.03 -23.61
N GLN N 156 -63.70 1.20 -22.99
CA GLN N 156 -63.47 2.41 -23.76
C GLN N 156 -62.08 2.35 -24.39
N ASP N 157 -62.00 2.67 -25.68
CA ASP N 157 -60.76 2.62 -26.43
C ASP N 157 -60.28 4.03 -26.73
N GLY N 158 -59.08 4.12 -27.28
CA GLY N 158 -58.45 5.39 -27.57
C GLY N 158 -59.17 6.16 -28.65
N PRO N 159 -58.75 7.40 -28.88
CA PRO N 159 -59.45 8.24 -29.86
C PRO N 159 -59.39 7.63 -31.25
N ASN N 160 -60.48 7.78 -31.98
CA ASN N 160 -60.56 7.32 -33.36
C ASN N 160 -60.14 8.45 -34.29
N GLU N 161 -60.41 8.29 -35.58
CA GLU N 161 -60.03 9.32 -36.55
C GLU N 161 -60.70 10.66 -36.23
N ASP N 162 -61.98 10.62 -35.86
CA ASP N 162 -62.68 11.84 -35.49
C ASP N 162 -62.12 12.46 -34.22
N GLY N 163 -61.43 11.70 -33.39
CA GLY N 163 -60.85 12.21 -32.17
C GLY N 163 -61.67 12.02 -30.92
N GLU N 164 -62.74 11.24 -30.99
CA GLU N 164 -63.61 10.99 -29.84
C GLU N 164 -63.55 9.52 -29.44
N MET N 165 -63.62 9.28 -28.14
CA MET N 165 -63.51 7.92 -27.62
C MET N 165 -64.72 7.09 -28.03
N PHE N 166 -64.51 5.77 -28.13
CA PHE N 166 -65.56 4.84 -28.49
C PHE N 166 -65.44 3.61 -27.59
N MET N 167 -66.30 2.63 -27.83
CA MET N 167 -66.34 1.40 -27.03
C MET N 167 -65.96 0.21 -27.90
N ARG N 168 -65.30 -0.76 -27.28
CA ARG N 168 -64.74 -1.93 -27.92
C ARG N 168 -65.13 -3.17 -27.14
N PRO N 169 -65.31 -4.31 -27.82
CA PRO N 169 -65.73 -5.53 -27.11
C PRO N 169 -64.79 -5.97 -26.01
N GLY N 170 -63.52 -5.62 -26.09
CA GLY N 170 -62.62 -5.99 -25.01
C GLY N 170 -61.74 -7.17 -25.38
N LYS N 171 -60.56 -7.22 -24.76
CA LYS N 171 -59.57 -8.25 -25.04
C LYS N 171 -58.83 -8.58 -23.76
N LEU N 172 -58.13 -9.72 -23.78
CA LEU N 172 -57.45 -10.19 -22.57
C LEU N 172 -56.29 -9.30 -22.16
N SER N 173 -55.88 -8.35 -22.99
CA SER N 173 -54.87 -7.38 -22.58
C SER N 173 -55.43 -6.32 -21.67
N ASP N 174 -56.75 -6.19 -21.61
CA ASP N 174 -57.39 -5.19 -20.76
C ASP N 174 -57.45 -5.66 -19.31
N TYR N 175 -57.51 -4.70 -18.40
CA TYR N 175 -57.67 -4.99 -16.99
C TYR N 175 -59.15 -4.98 -16.63
N PHE N 176 -59.46 -5.50 -15.45
CA PHE N 176 -60.85 -5.62 -15.03
C PHE N 176 -61.49 -4.24 -14.98
N PRO N 177 -62.71 -4.09 -15.51
CA PRO N 177 -63.30 -2.76 -15.65
C PRO N 177 -63.52 -2.07 -14.33
N LYS N 178 -63.33 -0.75 -14.32
CA LYS N 178 -63.63 0.04 -13.15
C LYS N 178 -65.14 0.28 -13.06
N PRO N 179 -65.77 -0.08 -11.95
CA PRO N 179 -67.22 0.17 -11.82
C PRO N 179 -67.57 1.64 -11.90
N TYR N 180 -66.70 2.53 -11.43
CA TYR N 180 -66.93 3.96 -11.44
C TYR N 180 -65.75 4.66 -12.09
N PRO N 181 -65.98 5.81 -12.73
CA PRO N 181 -64.86 6.50 -13.40
C PRO N 181 -63.81 7.03 -12.43
N ASN N 182 -64.23 7.72 -11.37
CA ASN N 182 -63.33 8.32 -10.41
C ASN N 182 -63.82 8.02 -9.01
N PRO N 183 -62.95 8.09 -8.00
CA PRO N 183 -63.37 7.76 -6.63
C PRO N 183 -64.51 8.62 -6.11
N GLU N 184 -64.63 9.86 -6.56
CA GLU N 184 -65.74 10.70 -6.11
C GLU N 184 -67.08 10.11 -6.55
N ALA N 185 -67.15 9.58 -7.76
CA ALA N 185 -68.37 8.92 -8.21
C ALA N 185 -68.69 7.70 -7.36
N ALA N 186 -67.66 6.93 -7.00
CA ALA N 186 -67.86 5.77 -6.14
C ALA N 186 -68.39 6.18 -4.78
N ARG N 187 -67.82 7.22 -4.20
CA ARG N 187 -68.29 7.71 -2.91
C ARG N 187 -69.73 8.20 -3.00
N ALA N 188 -70.07 8.91 -4.09
CA ALA N 188 -71.43 9.38 -4.28
C ALA N 188 -72.40 8.20 -4.39
N ALA N 189 -72.00 7.14 -5.08
CA ALA N 189 -72.87 5.99 -5.26
C ALA N 189 -72.92 5.08 -4.05
N ASN N 190 -71.98 5.20 -3.12
CA ASN N 190 -71.94 4.34 -1.93
C ASN N 190 -71.97 5.17 -0.64
N ASN N 191 -72.78 6.23 -0.63
CA ASN N 191 -73.01 7.03 0.57
C ASN N 191 -71.72 7.54 1.18
N GLY N 192 -70.82 8.05 0.33
CA GLY N 192 -69.60 8.66 0.81
C GLY N 192 -68.53 7.69 1.23
N ALA N 193 -68.71 6.39 1.00
CA ALA N 193 -67.72 5.38 1.33
C ALA N 193 -67.13 4.83 0.04
N LEU N 194 -65.80 4.79 -0.05
CA LEU N 194 -65.13 4.33 -1.24
C LEU N 194 -64.91 2.82 -1.16
N PRO N 195 -65.55 2.02 -1.99
CA PRO N 195 -65.27 0.59 -2.01
C PRO N 195 -63.83 0.33 -2.42
N PRO N 196 -63.02 -0.25 -1.53
CA PRO N 196 -61.59 -0.40 -1.81
C PRO N 196 -61.33 -1.32 -2.99
N ASP N 197 -60.17 -1.12 -3.61
CA ASP N 197 -59.72 -1.99 -4.67
C ASP N 197 -59.32 -3.35 -4.11
N LEU N 198 -59.76 -4.41 -4.77
CA LEU N 198 -59.62 -5.76 -4.25
C LEU N 198 -58.40 -6.49 -4.83
N SER N 199 -57.53 -5.80 -5.57
CA SER N 199 -56.36 -6.46 -6.12
C SER N 199 -55.37 -6.85 -5.03
N TYR N 200 -55.26 -6.05 -3.98
CA TYR N 200 -54.33 -6.32 -2.89
C TYR N 200 -55.03 -6.37 -1.53
N ILE N 201 -56.34 -6.58 -1.54
CA ILE N 201 -57.10 -6.45 -0.30
C ILE N 201 -56.64 -7.47 0.74
N VAL N 202 -56.48 -8.72 0.33
CA VAL N 202 -56.00 -9.75 1.24
C VAL N 202 -54.60 -9.44 1.72
N ARG N 203 -53.80 -8.74 0.92
CA ARG N 203 -52.47 -8.34 1.34
C ARG N 203 -52.46 -6.98 2.02
N ALA N 204 -53.58 -6.26 2.02
CA ALA N 204 -53.62 -4.92 2.62
C ALA N 204 -54.27 -4.90 3.99
N ARG N 205 -54.95 -5.97 4.39
CA ARG N 205 -55.64 -6.03 5.67
C ARG N 205 -54.97 -7.03 6.59
N HIS N 206 -54.84 -6.68 7.86
CA HIS N 206 -54.35 -7.63 8.86
C HIS N 206 -55.32 -8.80 8.97
N GLY N 207 -54.77 -10.01 8.86
CA GLY N 207 -55.56 -11.21 8.83
C GLY N 207 -55.85 -11.73 7.43
N GLY N 208 -55.75 -10.89 6.42
CA GLY N 208 -55.86 -11.35 5.05
C GLY N 208 -57.19 -12.02 4.75
N GLU N 209 -57.10 -13.19 4.11
CA GLU N 209 -58.31 -13.91 3.74
C GLU N 209 -59.12 -14.31 4.95
N ASP N 210 -58.47 -14.55 6.10
CA ASP N 210 -59.21 -14.80 7.32
C ASP N 210 -60.10 -13.61 7.68
N TYR N 211 -59.53 -12.40 7.64
CA TYR N 211 -60.32 -11.22 7.94
C TYR N 211 -61.44 -11.02 6.92
N VAL N 212 -61.14 -11.22 5.64
CA VAL N 212 -62.18 -11.03 4.62
C VAL N 212 -63.31 -12.02 4.80
N PHE N 213 -62.98 -13.30 5.05
CA PHE N 213 -64.01 -14.31 5.24
C PHE N 213 -64.83 -14.03 6.49
N SER N 214 -64.18 -13.63 7.58
CA SER N 214 -64.92 -13.30 8.79
C SER N 214 -65.80 -12.08 8.60
N LEU N 215 -65.35 -11.12 7.78
CA LEU N 215 -66.13 -9.92 7.52
C LEU N 215 -67.36 -10.24 6.69
N LEU N 216 -67.18 -11.01 5.61
CA LEU N 216 -68.29 -11.27 4.70
C LEU N 216 -69.39 -12.07 5.37
N THR N 217 -69.03 -13.08 6.15
CA THR N 217 -69.99 -13.94 6.82
C THR N 217 -70.33 -13.48 8.23
N GLY N 218 -69.70 -12.42 8.72
CA GLY N 218 -69.87 -11.98 10.08
C GLY N 218 -70.93 -10.94 10.33
N TYR N 219 -71.71 -10.56 9.33
CA TYR N 219 -72.73 -9.55 9.53
C TYR N 219 -73.74 -10.02 10.57
N CYS N 220 -74.06 -9.13 11.51
CA CYS N 220 -74.89 -9.49 12.65
C CYS N 220 -75.76 -8.30 13.03
N GLU N 221 -76.85 -8.60 13.73
CA GLU N 221 -77.72 -7.55 14.24
C GLU N 221 -76.99 -6.78 15.34
N PRO N 222 -77.00 -5.45 15.33
CA PRO N 222 -76.21 -4.69 16.29
C PRO N 222 -76.66 -4.96 17.71
N PRO N 223 -75.72 -5.10 18.65
CA PRO N 223 -76.10 -5.36 20.04
C PRO N 223 -76.74 -4.14 20.68
N THR N 224 -77.43 -4.39 21.80
CA THR N 224 -78.10 -3.32 22.53
C THR N 224 -77.10 -2.24 22.92
N GLY N 225 -77.45 -1.00 22.63
CA GLY N 225 -76.59 0.13 22.87
C GLY N 225 -75.90 0.67 21.63
N VAL N 226 -75.86 -0.10 20.55
CA VAL N 226 -75.26 0.33 19.31
C VAL N 226 -76.31 1.08 18.50
N SER N 227 -75.98 2.30 18.11
CA SER N 227 -76.84 3.12 17.24
C SER N 227 -76.06 3.43 15.97
N LEU N 228 -76.49 2.85 14.86
CA LEU N 228 -75.83 3.00 13.57
C LEU N 228 -76.49 4.13 12.78
N ARG N 229 -75.66 4.98 12.17
CA ARG N 229 -76.18 6.01 11.30
C ARG N 229 -76.91 5.39 10.10
N GLU N 230 -77.61 6.22 9.36
CA GLU N 230 -78.34 5.74 8.19
C GLU N 230 -77.35 5.21 7.15
N GLY N 231 -77.71 4.09 6.54
CA GLY N 231 -76.86 3.51 5.52
C GLY N 231 -75.63 2.80 6.04
N LEU N 232 -75.58 2.48 7.33
CA LEU N 232 -74.48 1.73 7.90
C LEU N 232 -74.99 0.40 8.45
N TYR N 233 -74.13 -0.61 8.39
CA TYR N 233 -74.46 -1.95 8.83
C TYR N 233 -73.44 -2.41 9.86
N PHE N 234 -73.90 -3.21 10.82
CA PHE N 234 -73.05 -3.67 11.92
C PHE N 234 -72.30 -4.92 11.48
N ASN N 235 -70.98 -4.82 11.36
CA ASN N 235 -70.12 -5.98 11.16
C ASN N 235 -69.08 -5.98 12.27
N PRO N 236 -69.11 -6.96 13.18
CA PRO N 236 -68.19 -6.92 14.32
C PRO N 236 -66.73 -6.94 13.94
N TYR N 237 -66.37 -7.47 12.78
CA TYR N 237 -64.96 -7.56 12.40
C TYR N 237 -64.45 -6.30 11.73
N PHE N 238 -65.32 -5.52 11.11
CA PHE N 238 -64.89 -4.25 10.54
C PHE N 238 -64.51 -3.28 11.66
N PRO N 239 -63.36 -2.59 11.55
CA PRO N 239 -63.00 -1.61 12.58
C PRO N 239 -64.08 -0.56 12.75
N GLY N 240 -64.44 -0.29 14.00
CA GLY N 240 -65.55 0.57 14.32
C GLY N 240 -66.90 -0.12 14.29
N GLN N 241 -66.98 -1.34 13.78
CA GLN N 241 -68.17 -2.18 13.75
C GLN N 241 -69.32 -1.57 12.96
N ALA N 242 -69.08 -0.47 12.25
CA ALA N 242 -70.10 0.17 11.41
C ALA N 242 -69.53 0.26 10.00
N ILE N 243 -69.94 -0.66 9.13
CA ILE N 243 -69.43 -0.73 7.77
C ILE N 243 -70.53 -0.27 6.81
N ALA N 244 -70.12 0.46 5.78
CA ALA N 244 -71.06 0.98 4.80
C ALA N 244 -71.39 -0.02 3.70
N MET N 245 -70.81 -1.20 3.73
CA MET N 245 -71.08 -2.25 2.75
C MET N 245 -72.24 -3.11 3.25
N ALA N 246 -73.35 -3.10 2.52
CA ALA N 246 -74.43 -4.02 2.81
C ALA N 246 -73.95 -5.44 2.57
N PRO N 247 -74.52 -6.42 3.29
CA PRO N 247 -74.08 -7.82 3.12
C PRO N 247 -74.15 -8.23 1.66
N PRO N 248 -72.99 -8.43 1.02
CA PRO N 248 -72.98 -8.63 -0.43
C PRO N 248 -73.39 -10.03 -0.83
N ILE N 249 -73.08 -11.03 0.00
CA ILE N 249 -73.31 -12.42 -0.35
C ILE N 249 -74.36 -13.01 0.57
N TYR N 250 -75.07 -14.00 0.03
CA TYR N 250 -76.11 -14.73 0.72
C TYR N 250 -76.34 -16.02 -0.05
N ASN N 251 -77.23 -16.86 0.45
CA ASN N 251 -77.52 -18.11 -0.22
C ASN N 251 -78.06 -17.85 -1.63
N GLU N 252 -77.48 -18.56 -2.61
CA GLU N 252 -77.90 -18.46 -4.01
C GLU N 252 -77.75 -17.05 -4.56
N VAL N 253 -76.72 -16.32 -4.12
CA VAL N 253 -76.46 -15.00 -4.69
C VAL N 253 -76.08 -15.12 -6.16
N LEU N 254 -75.27 -16.12 -6.50
CA LEU N 254 -74.90 -16.42 -7.88
C LEU N 254 -74.99 -17.92 -8.08
N GLU N 255 -75.17 -18.34 -9.33
CA GLU N 255 -75.23 -19.76 -9.68
C GLU N 255 -73.88 -20.15 -10.27
N PHE N 256 -73.14 -20.99 -9.55
CA PHE N 256 -71.82 -21.41 -10.00
C PHE N 256 -71.91 -22.22 -11.29
N ASP N 257 -70.97 -21.97 -12.19
CA ASP N 257 -70.86 -22.80 -13.39
C ASP N 257 -70.48 -24.22 -13.05
N ASP N 258 -69.60 -24.39 -12.06
CA ASP N 258 -69.15 -25.71 -11.65
C ASP N 258 -70.27 -26.55 -11.06
N GLY N 259 -71.38 -25.95 -10.67
CA GLY N 259 -72.48 -26.67 -10.05
C GLY N 259 -72.40 -26.77 -8.54
N THR N 260 -71.39 -26.20 -7.92
CA THR N 260 -71.27 -26.25 -6.46
C THR N 260 -72.43 -25.51 -5.83
N PRO N 261 -73.00 -26.02 -4.74
CA PRO N 261 -74.06 -25.28 -4.04
C PRO N 261 -73.58 -23.90 -3.61
N ALA N 262 -74.41 -22.90 -3.85
CA ALA N 262 -74.03 -21.50 -3.65
C ALA N 262 -74.45 -21.02 -2.26
N THR N 263 -73.96 -21.71 -1.24
CA THR N 263 -74.18 -21.26 0.12
C THR N 263 -73.31 -20.04 0.41
N MET N 264 -73.74 -19.23 1.38
CA MET N 264 -72.98 -18.03 1.74
C MET N 264 -71.55 -18.38 2.10
N SER N 265 -71.36 -19.45 2.89
CA SER N 265 -70.01 -19.85 3.26
C SER N 265 -69.19 -20.27 2.05
N GLN N 266 -69.80 -21.03 1.13
CA GLN N 266 -69.06 -21.46 -0.05
C GLN N 266 -68.65 -20.28 -0.91
N VAL N 267 -69.57 -19.34 -1.12
CA VAL N 267 -69.25 -18.16 -1.91
C VAL N 267 -68.16 -17.35 -1.24
N ALA N 268 -68.24 -17.17 0.07
CA ALA N 268 -67.22 -16.41 0.79
C ALA N 268 -65.87 -17.09 0.70
N LYS N 269 -65.82 -18.41 0.87
CA LYS N 269 -64.55 -19.12 0.79
C LYS N 269 -63.94 -19.01 -0.61
N ASP N 270 -64.77 -19.18 -1.64
CA ASP N 270 -64.26 -19.10 -3.00
C ASP N 270 -63.76 -17.70 -3.33
N VAL N 271 -64.52 -16.67 -2.95
CA VAL N 271 -64.10 -15.31 -3.26
C VAL N 271 -62.84 -14.94 -2.48
N CYS N 272 -62.71 -15.42 -1.24
CA CYS N 272 -61.50 -15.15 -0.48
C CYS N 272 -60.30 -15.86 -1.08
N THR N 273 -60.49 -17.08 -1.58
CA THR N 273 -59.40 -17.76 -2.28
C THR N 273 -58.99 -17.00 -3.53
N PHE N 274 -59.97 -16.51 -4.29
CA PHE N 274 -59.66 -15.72 -5.48
C PHE N 274 -58.94 -14.44 -5.12
N LEU N 275 -59.34 -13.77 -4.04
CA LEU N 275 -58.69 -12.54 -3.62
C LEU N 275 -57.28 -12.80 -3.13
N ARG N 276 -57.05 -13.94 -2.48
CA ARG N 276 -55.69 -14.33 -2.11
C ARG N 276 -54.84 -14.55 -3.36
N TRP N 277 -55.42 -15.17 -4.39
CA TRP N 277 -54.69 -15.31 -5.65
C TRP N 277 -54.36 -13.95 -6.25
N ALA N 278 -55.33 -13.04 -6.22
CA ALA N 278 -55.11 -11.71 -6.78
C ALA N 278 -54.00 -10.98 -6.04
N SER N 279 -53.99 -11.06 -4.71
CA SER N 279 -52.94 -10.41 -3.94
C SER N 279 -51.58 -11.04 -4.21
N GLU N 280 -51.52 -12.37 -4.32
CA GLU N 280 -50.28 -13.10 -4.53
C GLU N 280 -50.42 -14.01 -5.74
N PRO N 281 -50.32 -13.46 -6.95
CA PRO N 281 -50.41 -14.29 -8.15
C PRO N 281 -49.24 -15.25 -8.33
N GLU N 282 -48.20 -15.15 -7.50
CA GLU N 282 -47.06 -16.04 -7.56
C GLU N 282 -47.07 -17.07 -6.44
N HIS N 283 -48.24 -17.31 -5.84
CA HIS N 283 -48.31 -18.16 -4.66
C HIS N 283 -47.81 -19.58 -4.94
N ASP N 284 -48.35 -20.21 -6.00
CA ASP N 284 -47.97 -21.59 -6.29
C ASP N 284 -46.52 -21.69 -6.74
N HIS N 285 -46.08 -20.77 -7.60
CA HIS N 285 -44.70 -20.77 -8.04
C HIS N 285 -43.75 -20.51 -6.88
N ARG N 286 -44.14 -19.60 -5.98
CA ARG N 286 -43.31 -19.34 -4.80
C ARG N 286 -43.20 -20.58 -3.93
N LYS N 287 -44.31 -21.30 -3.73
CA LYS N 287 -44.25 -22.53 -2.94
C LYS N 287 -43.37 -23.57 -3.60
N ARG N 288 -43.47 -23.72 -4.92
CA ARG N 288 -42.65 -24.70 -5.62
C ARG N 288 -41.17 -24.34 -5.52
N MET N 289 -40.84 -23.06 -5.71
CA MET N 289 -39.45 -22.63 -5.56
C MET N 289 -38.97 -22.80 -4.14
N GLY N 290 -39.84 -22.59 -3.15
CA GLY N 290 -39.46 -22.82 -1.77
C GLY N 290 -39.15 -24.27 -1.49
N LEU N 291 -39.95 -25.18 -2.04
CA LEU N 291 -39.64 -26.60 -1.91
C LEU N 291 -38.31 -26.94 -2.56
N LYS N 292 -38.08 -26.42 -3.77
CA LYS N 292 -36.82 -26.69 -4.46
C LYS N 292 -35.63 -26.16 -3.66
N MET N 293 -35.76 -24.95 -3.11
CA MET N 293 -34.66 -24.37 -2.36
C MET N 293 -34.46 -25.08 -1.03
N LEU N 294 -35.52 -25.59 -0.41
CA LEU N 294 -35.36 -26.40 0.80
C LEU N 294 -34.58 -27.67 0.49
N MET N 295 -34.94 -28.34 -0.60
CA MET N 295 -34.19 -29.54 -0.98
C MET N 295 -32.73 -29.21 -1.27
N MET N 296 -32.49 -28.13 -2.02
CA MET N 296 -31.12 -27.76 -2.37
C MET N 296 -30.31 -27.39 -1.15
N MET N 297 -30.92 -26.66 -0.20
CA MET N 297 -30.20 -26.28 1.00
C MET N 297 -29.93 -27.49 1.89
N GLY N 298 -30.90 -28.39 2.01
CA GLY N 298 -30.65 -29.62 2.73
C GLY N 298 -29.55 -30.46 2.10
N LEU N 299 -29.39 -30.34 0.78
CA LEU N 299 -28.28 -31.02 0.13
C LEU N 299 -26.95 -30.30 0.34
N LEU N 300 -26.95 -28.97 0.32
CA LEU N 300 -25.73 -28.18 0.26
C LEU N 300 -25.12 -27.92 1.64
N LEU N 301 -25.94 -27.47 2.60
CA LEU N 301 -25.42 -27.11 3.92
C LEU N 301 -24.59 -28.22 4.55
N PRO N 302 -25.03 -29.48 4.61
CA PRO N 302 -24.12 -30.52 5.10
C PRO N 302 -22.87 -30.68 4.27
N LEU N 303 -22.97 -30.48 2.95
CA LEU N 303 -21.80 -30.67 2.09
C LEU N 303 -20.77 -29.56 2.31
N VAL N 304 -21.21 -28.30 2.33
CA VAL N 304 -20.29 -27.21 2.60
C VAL N 304 -19.75 -27.29 4.02
N TYR N 305 -20.58 -27.74 4.95
CA TYR N 305 -20.10 -27.96 6.32
C TYR N 305 -19.01 -29.03 6.36
N ALA N 306 -19.19 -30.10 5.59
CA ALA N 306 -18.16 -31.14 5.51
C ALA N 306 -16.89 -30.61 4.88
N MET N 307 -17.02 -29.76 3.86
CA MET N 307 -15.83 -29.15 3.26
C MET N 307 -15.09 -28.29 4.28
N LYS N 308 -15.84 -27.49 5.06
CA LYS N 308 -15.21 -26.67 6.09
C LYS N 308 -14.52 -27.53 7.13
N ARG N 309 -15.17 -28.62 7.56
CA ARG N 309 -14.56 -29.52 8.53
C ARG N 309 -13.30 -30.17 7.96
N HIS N 310 -13.34 -30.54 6.68
CA HIS N 310 -12.18 -31.12 6.02
C HIS N 310 -11.00 -30.16 6.03
N LYS N 311 -11.27 -28.88 5.70
CA LYS N 311 -10.20 -27.90 5.72
C LYS N 311 -9.69 -27.64 7.13
N TRP N 312 -10.59 -27.55 8.10
CA TRP N 312 -10.22 -27.19 9.47
C TRP N 312 -9.72 -28.36 10.30
N SER N 313 -9.77 -29.58 9.79
CA SER N 313 -9.27 -30.73 10.53
C SER N 313 -7.80 -30.57 10.90
N VAL N 314 -7.03 -29.90 10.04
CA VAL N 314 -5.62 -29.67 10.33
C VAL N 314 -5.46 -28.92 11.64
N LEU N 315 -6.24 -27.85 11.84
CA LEU N 315 -6.11 -27.07 13.05
C LEU N 315 -6.79 -27.74 14.24
N LYS N 316 -7.91 -28.42 14.01
CA LYS N 316 -8.66 -28.98 15.13
C LYS N 316 -8.01 -30.23 15.70
N SER N 317 -7.14 -30.90 14.95
CA SER N 317 -6.35 -32.00 15.47
C SER N 317 -4.95 -31.57 15.89
N ARG N 318 -4.61 -30.30 15.70
CA ARG N 318 -3.26 -29.82 15.95
C ARG N 318 -2.89 -29.97 17.41
N LYS N 319 -1.78 -30.67 17.66
CA LYS N 319 -1.23 -30.84 19.00
C LYS N 319 0.00 -29.97 19.12
N LEU N 320 0.01 -29.08 20.11
CA LEU N 320 1.12 -28.15 20.32
C LEU N 320 1.82 -28.48 21.63
N ALA N 321 3.14 -28.51 21.59
CA ALA N 321 3.97 -28.80 22.75
C ALA N 321 4.97 -27.67 22.97
N TYR N 322 5.28 -27.43 24.24
CA TYR N 322 6.22 -26.40 24.64
C TYR N 322 7.45 -27.07 25.23
N ARG N 323 8.62 -26.82 24.64
CA ARG N 323 9.86 -27.51 24.99
C ARG N 323 10.96 -26.50 25.27
N PRO N 324 10.88 -25.78 26.39
CA PRO N 324 11.97 -24.88 26.76
C PRO N 324 13.21 -25.68 27.12
N PRO N 325 14.40 -25.11 26.89
CA PRO N 325 15.65 -25.82 27.18
C PRO N 325 15.95 -25.92 28.67
N SER O 11 -12.44 -9.42 56.00
CA SER O 11 -11.57 -9.68 54.86
C SER O 11 -11.76 -11.10 54.34
N LYS O 12 -12.11 -12.01 55.25
CA LYS O 12 -12.34 -13.40 54.86
C LYS O 12 -13.47 -13.51 53.84
N TRP O 13 -14.54 -12.75 54.04
CA TRP O 13 -15.61 -12.68 53.05
C TRP O 13 -15.08 -12.07 51.74
N LEU O 14 -14.22 -11.06 51.84
CA LEU O 14 -13.62 -10.49 50.64
C LEU O 14 -12.76 -11.52 49.92
N GLU O 15 -11.98 -12.30 50.67
CA GLU O 15 -11.19 -13.36 50.06
C GLU O 15 -12.08 -14.38 49.37
N GLY O 16 -13.19 -14.74 50.02
CA GLY O 16 -14.11 -15.71 49.42
C GLY O 16 -14.74 -15.21 48.14
N ILE O 17 -15.19 -13.95 48.13
CA ILE O 17 -15.81 -13.42 46.92
C ILE O 17 -14.77 -13.25 45.81
N ARG O 18 -13.54 -12.89 46.18
CA ARG O 18 -12.49 -12.80 45.17
C ARG O 18 -12.21 -14.16 44.55
N LYS O 19 -12.15 -15.21 45.38
CA LYS O 19 -11.94 -16.56 44.84
C LYS O 19 -13.11 -16.98 43.97
N TRP O 20 -14.34 -16.66 44.39
CA TRP O 20 -15.50 -17.00 43.59
C TRP O 20 -15.46 -16.31 42.24
N TYR O 21 -15.09 -15.02 42.21
CA TYR O 21 -15.03 -14.31 40.94
C TYR O 21 -13.90 -14.85 40.07
N TYR O 22 -12.77 -15.21 40.68
CA TYR O 22 -11.69 -15.83 39.92
C TYR O 22 -12.15 -17.12 39.25
N ASN O 23 -12.90 -17.94 39.99
CA ASN O 23 -13.44 -19.15 39.39
C ASN O 23 -14.47 -18.83 38.31
N ALA O 24 -15.30 -17.79 38.54
CA ALA O 24 -16.32 -17.41 37.57
C ALA O 24 -15.68 -16.90 36.28
N ALA O 25 -14.70 -16.02 36.40
CA ALA O 25 -13.91 -15.61 35.25
C ALA O 25 -13.12 -16.80 34.75
N GLY O 26 -13.54 -17.38 33.64
CA GLY O 26 -13.09 -18.71 33.27
C GLY O 26 -11.73 -18.80 32.61
N PHE O 27 -10.91 -17.75 32.71
CA PHE O 27 -9.59 -17.83 32.07
C PHE O 27 -8.72 -18.90 32.70
N ASN O 28 -8.89 -19.15 34.00
CA ASN O 28 -8.16 -20.26 34.61
C ASN O 28 -8.54 -21.59 33.98
N LYS O 29 -9.78 -21.71 33.50
CA LYS O 29 -10.20 -22.91 32.81
C LYS O 29 -9.41 -23.13 31.52
N LEU O 30 -8.79 -22.08 30.99
CA LEU O 30 -7.97 -22.20 29.79
C LEU O 30 -6.49 -22.37 30.10
N GLY O 31 -6.14 -22.50 31.38
CA GLY O 31 -4.75 -22.56 31.79
C GLY O 31 -4.07 -21.21 31.88
N LEU O 32 -4.78 -20.13 31.60
CA LEU O 32 -4.19 -18.80 31.62
C LEU O 32 -3.96 -18.31 33.04
N MET O 33 -3.16 -17.26 33.15
CA MET O 33 -2.98 -16.51 34.37
C MET O 33 -3.63 -15.15 34.21
N ARG O 34 -3.76 -14.43 35.32
CA ARG O 34 -4.49 -13.16 35.30
C ARG O 34 -3.83 -12.16 34.35
N ASP O 35 -2.51 -12.07 34.39
CA ASP O 35 -1.80 -11.10 33.57
C ASP O 35 -1.80 -11.45 32.08
N ASP O 36 -2.19 -12.67 31.72
CA ASP O 36 -2.32 -13.00 30.30
C ASP O 36 -3.53 -12.30 29.69
N THR O 37 -4.59 -12.10 30.46
CA THR O 37 -5.82 -11.54 29.95
C THR O 37 -5.80 -10.01 29.87
N ILE O 38 -4.74 -9.37 30.36
CA ILE O 38 -4.70 -7.92 30.40
C ILE O 38 -4.70 -7.36 28.99
N TYR O 39 -5.43 -6.27 28.79
CA TYR O 39 -5.48 -5.62 27.48
C TYR O 39 -4.14 -4.98 27.17
N GLU O 40 -3.57 -5.32 26.02
CA GLU O 40 -2.24 -4.86 25.64
C GLU O 40 -2.33 -3.44 25.09
N ASP O 41 -2.31 -2.46 26.00
CA ASP O 41 -2.15 -1.07 25.61
C ASP O 41 -0.66 -0.75 25.57
N ASP O 42 -0.32 0.53 25.43
CA ASP O 42 1.08 0.91 25.30
C ASP O 42 1.90 0.51 26.52
N ASP O 43 1.36 0.75 27.72
CA ASP O 43 2.06 0.37 28.94
C ASP O 43 2.24 -1.13 29.04
N VAL O 44 1.18 -1.89 28.71
CA VAL O 44 1.28 -3.34 28.76
C VAL O 44 2.25 -3.85 27.70
N LYS O 45 2.23 -3.25 26.50
CA LYS O 45 3.18 -3.65 25.47
C LYS O 45 4.62 -3.44 25.95
N GLU O 46 4.90 -2.28 26.55
CA GLU O 46 6.24 -2.03 27.07
C GLU O 46 6.59 -3.02 28.17
N ALA O 47 5.65 -3.30 29.07
CA ALA O 47 5.91 -4.25 30.15
C ALA O 47 6.23 -5.63 29.61
N ILE O 48 5.49 -6.07 28.58
CA ILE O 48 5.78 -7.35 27.93
C ILE O 48 7.17 -7.31 27.31
N ARG O 49 7.53 -6.19 26.70
CA ARG O 49 8.85 -6.07 26.09
C ARG O 49 9.95 -6.04 27.14
N ARG O 50 9.62 -5.73 28.40
CA ARG O 50 10.60 -5.75 29.47
C ARG O 50 10.65 -7.07 30.22
N LEU O 51 9.78 -8.03 29.89
CA LEU O 51 9.75 -9.28 30.62
C LEU O 51 10.99 -10.11 30.30
N PRO O 52 11.53 -10.84 31.28
CA PRO O 52 12.64 -11.76 31.00
C PRO O 52 12.20 -12.84 30.03
N GLU O 53 13.19 -13.44 29.37
CA GLU O 53 12.90 -14.32 28.25
C GLU O 53 12.05 -15.51 28.67
N ASN O 54 12.35 -16.13 29.81
CA ASN O 54 11.60 -17.29 30.23
C ASN O 54 10.13 -16.94 30.50
N LEU O 55 9.89 -15.82 31.18
CA LEU O 55 8.51 -15.40 31.44
C LEU O 55 7.78 -15.07 30.15
N TYR O 56 8.46 -14.41 29.21
CA TYR O 56 7.83 -14.08 27.94
C TYR O 56 7.47 -15.34 27.17
N ASN O 57 8.37 -16.32 27.13
CA ASN O 57 8.08 -17.56 26.41
C ASN O 57 6.94 -18.32 27.07
N ASP O 58 6.93 -18.38 28.41
CA ASP O 58 5.82 -19.03 29.10
C ASP O 58 4.50 -18.35 28.80
N ARG O 59 4.48 -17.01 28.81
CA ARG O 59 3.27 -16.27 28.52
C ARG O 59 2.79 -16.54 27.10
N VAL O 60 3.72 -16.53 26.14
CA VAL O 60 3.36 -16.76 24.75
C VAL O 60 2.77 -18.16 24.57
N PHE O 61 3.39 -19.16 25.17
CA PHE O 61 2.85 -20.51 25.04
C PHE O 61 1.49 -20.63 25.71
N ARG O 62 1.32 -20.04 26.89
CA ARG O 62 0.03 -20.11 27.57
C ARG O 62 -1.06 -19.46 26.74
N ILE O 63 -0.76 -18.30 26.15
CA ILE O 63 -1.74 -17.61 25.32
C ILE O 63 -2.07 -18.43 24.07
N LYS O 64 -1.04 -19.02 23.44
CA LYS O 64 -1.29 -19.83 22.26
C LYS O 64 -2.14 -21.05 22.60
N ARG O 65 -1.86 -21.69 23.73
CA ARG O 65 -2.66 -22.84 24.16
C ARG O 65 -4.11 -22.43 24.44
N ALA O 66 -4.29 -21.26 25.06
CA ALA O 66 -5.65 -20.78 25.31
C ALA O 66 -6.39 -20.50 24.01
N LEU O 67 -5.70 -19.90 23.03
CA LEU O 67 -6.32 -19.65 21.74
C LEU O 67 -6.69 -20.97 21.05
N ASP O 68 -5.81 -21.97 21.14
CA ASP O 68 -6.11 -23.26 20.57
C ASP O 68 -7.32 -23.90 21.23
N LEU O 69 -7.41 -23.79 22.56
CA LEU O 69 -8.56 -24.33 23.28
C LEU O 69 -9.85 -23.63 22.86
N THR O 70 -9.81 -22.30 22.77
CA THR O 70 -11.01 -21.55 22.40
C THR O 70 -11.40 -21.80 20.95
N MET O 71 -10.43 -22.12 20.09
CA MET O 71 -10.75 -22.46 18.72
C MET O 71 -11.64 -23.69 18.64
N ARG O 72 -11.36 -24.71 19.46
CA ARG O 72 -12.13 -25.94 19.47
C ARG O 72 -13.29 -25.90 20.44
N GLN O 73 -13.51 -24.77 21.11
CA GLN O 73 -14.60 -24.61 22.07
C GLN O 73 -14.49 -25.61 23.22
N GLN O 74 -13.27 -26.01 23.53
CA GLN O 74 -13.02 -26.98 24.60
C GLN O 74 -12.35 -26.29 25.77
N ILE O 75 -12.15 -27.06 26.85
CA ILE O 75 -11.62 -26.53 28.09
C ILE O 75 -10.52 -27.47 28.58
N LEU O 76 -9.64 -26.93 29.42
CA LEU O 76 -8.57 -27.73 30.00
C LEU O 76 -9.15 -28.67 31.06
N PRO O 77 -8.51 -29.82 31.27
CA PRO O 77 -9.01 -30.76 32.29
C PRO O 77 -9.09 -30.11 33.66
N LYS O 78 -10.00 -30.64 34.48
CA LYS O 78 -10.37 -30.00 35.75
C LYS O 78 -9.15 -29.75 36.64
N GLU O 79 -8.20 -30.67 36.65
CA GLU O 79 -7.03 -30.53 37.52
C GLU O 79 -5.94 -29.67 36.91
N GLN O 80 -6.07 -29.25 35.65
CA GLN O 80 -5.07 -28.38 35.04
C GLN O 80 -5.44 -26.91 35.09
N TRP O 81 -6.62 -26.57 35.59
CA TRP O 81 -6.98 -25.15 35.72
C TRP O 81 -6.02 -24.46 36.67
N THR O 82 -5.68 -23.22 36.34
CA THR O 82 -4.82 -22.42 37.22
C THR O 82 -5.51 -22.22 38.57
N LYS O 83 -4.84 -22.62 39.64
CA LYS O 83 -5.39 -22.46 40.97
C LYS O 83 -5.27 -20.99 41.39
N TYR O 84 -6.31 -20.51 42.08
CA TYR O 84 -6.34 -19.11 42.48
C TYR O 84 -5.17 -18.77 43.39
N GLU O 85 -4.84 -19.65 44.33
CA GLU O 85 -3.78 -19.38 45.29
C GLU O 85 -2.39 -19.49 44.69
N GLU O 86 -2.23 -20.20 43.58
CA GLU O 86 -0.92 -20.32 42.94
C GLU O 86 -0.82 -19.50 41.66
N ASP O 87 -1.71 -18.52 41.48
CA ASP O 87 -1.65 -17.62 40.35
C ASP O 87 -0.60 -16.55 40.63
N LYS O 88 0.35 -16.39 39.71
CA LYS O 88 1.46 -15.47 39.88
C LYS O 88 1.24 -14.23 39.05
N PHE O 89 1.39 -13.06 39.68
CA PHE O 89 1.26 -11.78 38.99
C PHE O 89 2.63 -11.36 38.46
N TYR O 90 3.09 -12.13 37.46
CA TYR O 90 4.44 -11.92 36.94
C TYR O 90 4.58 -10.55 36.28
N LEU O 91 3.57 -10.11 35.55
CA LEU O 91 3.67 -8.87 34.80
C LEU O 91 3.48 -7.63 35.65
N GLU O 92 2.86 -7.77 36.82
CA GLU O 92 2.45 -6.63 37.63
C GLU O 92 3.59 -5.69 37.99
N PRO O 93 4.74 -6.17 38.50
CA PRO O 93 5.84 -5.23 38.81
C PRO O 93 6.34 -4.44 37.61
N TYR O 94 6.52 -5.10 36.47
CA TYR O 94 7.01 -4.42 35.27
C TYR O 94 6.00 -3.37 34.81
N LEU O 95 4.72 -3.72 34.81
CA LEU O 95 3.68 -2.76 34.43
C LEU O 95 3.62 -1.60 35.40
N LYS O 96 3.78 -1.87 36.69
CA LYS O 96 3.80 -0.80 37.68
C LYS O 96 4.94 0.16 37.43
N GLU O 97 6.12 -0.38 37.12
CA GLU O 97 7.27 0.49 36.82
C GLU O 97 7.03 1.31 35.57
N VAL O 98 6.48 0.69 34.53
CA VAL O 98 6.22 1.41 33.29
C VAL O 98 5.23 2.54 33.52
N ILE O 99 4.17 2.26 34.27
CA ILE O 99 3.15 3.28 34.56
C ILE O 99 3.75 4.39 35.43
N ARG O 100 4.60 4.03 36.39
CA ARG O 100 5.27 5.04 37.20
C ARG O 100 6.12 5.95 36.33
N GLU O 101 6.87 5.37 35.39
CA GLU O 101 7.69 6.18 34.50
C GLU O 101 6.85 7.10 33.63
N ARG O 102 5.73 6.58 33.10
CA ARG O 102 4.83 7.40 32.30
C ARG O 102 4.26 8.55 33.13
N LYS O 103 3.86 8.26 34.37
CA LYS O 103 3.36 9.30 35.25
C LYS O 103 4.41 10.36 35.52
N GLU O 104 5.66 9.94 35.73
CA GLU O 104 6.73 10.91 35.95
C GLU O 104 6.92 11.79 34.73
N ARG O 105 6.92 11.20 33.53
CA ARG O 105 7.07 12.00 32.32
C ARG O 105 5.91 12.97 32.14
N GLU O 106 4.68 12.53 32.42
CA GLU O 106 3.53 13.43 32.31
C GLU O 106 3.60 14.56 33.33
N GLU O 107 4.02 14.24 34.57
CA GLU O 107 4.14 15.27 35.59
C GLU O 107 5.20 16.29 35.21
N TRP O 108 6.31 15.84 34.62
CA TRP O 108 7.32 16.78 34.12
C TRP O 108 6.73 17.65 33.02
N ALA O 109 5.95 17.04 32.11
CA ALA O 109 5.34 17.82 31.04
C ALA O 109 4.35 18.85 31.57
N LYS O 110 3.72 18.57 32.72
CA LYS O 110 2.76 19.51 33.29
C LYS O 110 3.42 20.82 33.70
N LYS O 111 4.63 20.75 34.25
CA LYS O 111 5.33 21.95 34.71
C LYS O 111 5.54 22.96 33.60
N GLY P 2 3.76 -4.02 6.18
CA GLY P 2 3.03 -3.94 7.42
C GLY P 2 3.02 -5.26 8.19
N ARG P 3 1.84 -5.65 8.64
CA ARG P 3 1.69 -6.91 9.37
C ARG P 3 1.65 -8.06 8.37
N GLU P 4 2.71 -8.86 8.38
CA GLU P 4 2.85 -9.96 7.44
C GLU P 4 3.33 -11.19 8.21
N PHE P 5 3.06 -12.36 7.64
CA PHE P 5 3.41 -13.61 8.31
C PHE P 5 4.89 -13.71 8.61
N GLY P 6 5.73 -13.00 7.85
CA GLY P 6 7.16 -13.04 8.13
C GLY P 6 7.50 -12.52 9.52
N HIS P 7 6.87 -11.42 9.93
CA HIS P 7 7.22 -10.75 11.19
C HIS P 7 5.95 -10.27 11.89
N LEU P 8 5.42 -11.09 12.78
CA LEU P 8 4.31 -10.67 13.64
C LEU P 8 4.68 -10.68 15.11
N THR P 9 5.37 -11.72 15.58
CA THR P 9 5.74 -11.82 16.98
C THR P 9 6.94 -12.75 17.09
N ARG P 10 7.59 -12.70 18.25
CA ARG P 10 8.71 -13.58 18.55
C ARG P 10 8.21 -14.73 19.42
N MET P 11 8.38 -15.95 18.93
CA MET P 11 7.99 -17.14 19.67
C MET P 11 9.12 -18.16 19.61
N ARG P 12 9.35 -18.85 20.70
CA ARG P 12 10.46 -19.80 20.79
C ARG P 12 10.00 -21.10 21.43
N HIS P 13 10.54 -22.21 20.93
CA HIS P 13 10.40 -23.52 21.57
C HIS P 13 8.95 -23.96 21.69
N VAL P 14 8.17 -23.74 20.63
CA VAL P 14 6.80 -24.22 20.54
C VAL P 14 6.73 -25.16 19.34
N ILE P 15 6.27 -26.38 19.57
CA ILE P 15 6.21 -27.41 18.55
C ILE P 15 4.74 -27.74 18.28
N THR P 16 4.35 -27.70 17.01
CA THR P 16 2.98 -28.00 16.60
C THR P 16 3.00 -29.21 15.68
N TYR P 17 2.33 -30.28 16.08
CA TYR P 17 2.15 -31.46 15.26
C TYR P 17 0.77 -31.40 14.61
N SER P 18 0.71 -31.72 13.32
CA SER P 18 -0.54 -31.66 12.58
C SER P 18 -0.68 -32.88 11.70
N LEU P 19 -1.85 -32.99 11.06
CA LEU P 19 -2.17 -34.11 10.18
C LEU P 19 -2.76 -33.58 8.89
N SER P 20 -2.54 -34.32 7.81
CA SER P 20 -3.15 -33.98 6.54
C SER P 20 -4.66 -34.15 6.64
N PRO P 21 -5.45 -33.30 5.96
CA PRO P 21 -6.90 -33.49 5.98
C PRO P 21 -7.34 -34.82 5.39
N PHE P 22 -6.55 -35.41 4.49
CA PHE P 22 -6.87 -36.68 3.87
C PHE P 22 -6.42 -37.87 4.71
N GLU P 23 -5.76 -37.62 5.84
CA GLU P 23 -5.36 -38.68 6.75
C GLU P 23 -6.20 -38.72 8.00
N GLN P 24 -7.15 -37.80 8.16
CA GLN P 24 -7.96 -37.69 9.36
C GLN P 24 -9.42 -37.50 9.01
N ARG P 25 -10.29 -37.86 9.95
CA ARG P 25 -11.73 -37.79 9.73
C ARG P 25 -12.23 -36.37 9.99
N ALA P 26 -13.15 -35.92 9.13
CA ALA P 26 -13.70 -34.58 9.27
C ALA P 26 -14.56 -34.45 10.52
N PHE P 27 -15.35 -35.48 10.81
CA PHE P 27 -16.22 -35.47 11.99
C PHE P 27 -15.82 -36.59 12.94
N PRO P 28 -14.70 -36.46 13.65
CA PRO P 28 -14.30 -37.52 14.58
C PRO P 28 -15.01 -37.37 15.92
N HIS P 29 -15.73 -38.43 16.32
CA HIS P 29 -16.51 -38.43 17.56
C HIS P 29 -17.43 -37.22 17.62
N TYR P 30 -18.13 -36.97 16.50
CA TYR P 30 -18.91 -35.74 16.39
C TYR P 30 -19.96 -35.65 17.49
N PHE P 31 -20.79 -36.68 17.62
CA PHE P 31 -21.86 -36.62 18.61
C PHE P 31 -21.36 -36.93 20.01
N THR P 32 -20.65 -38.06 20.17
CA THR P 32 -20.24 -38.52 21.49
C THR P 32 -19.37 -37.52 22.22
N LYS P 33 -18.72 -36.61 21.51
CA LYS P 33 -17.96 -35.53 22.12
C LYS P 33 -18.63 -34.18 22.03
N GLY P 34 -19.35 -33.90 20.95
CA GLY P 34 -20.01 -32.62 20.84
C GLY P 34 -21.12 -32.44 21.86
N ILE P 35 -21.95 -33.46 22.03
CA ILE P 35 -23.10 -33.34 22.94
C ILE P 35 -22.67 -33.04 24.38
N PRO P 36 -21.71 -33.76 24.97
CA PRO P 36 -21.22 -33.32 26.29
C PRO P 36 -20.62 -31.93 26.27
N ASN P 37 -19.91 -31.57 25.19
CA ASN P 37 -19.32 -30.25 25.10
C ASN P 37 -20.39 -29.17 24.95
N VAL P 38 -21.42 -29.45 24.15
CA VAL P 38 -22.53 -28.51 24.01
C VAL P 38 -23.24 -28.33 25.35
N LEU P 39 -23.45 -29.43 26.08
CA LEU P 39 -24.07 -29.32 27.39
C LEU P 39 -23.22 -28.52 28.35
N ARG P 40 -21.90 -28.71 28.33
CA ARG P 40 -21.01 -27.95 29.19
C ARG P 40 -21.09 -26.46 28.89
N ARG P 41 -21.05 -26.11 27.60
CA ARG P 41 -21.13 -24.70 27.22
C ARG P 41 -22.47 -24.10 27.60
N THR P 42 -23.55 -24.84 27.41
CA THR P 42 -24.88 -24.35 27.78
C THR P 42 -24.98 -24.14 29.28
N ARG P 43 -24.47 -25.08 30.07
CA ARG P 43 -24.49 -24.92 31.53
C ARG P 43 -23.68 -23.71 31.95
N ALA P 44 -22.53 -23.49 31.31
CA ALA P 44 -21.71 -22.33 31.64
C ALA P 44 -22.42 -21.03 31.32
N CYS P 45 -23.09 -20.95 30.17
CA CYS P 45 -23.62 -19.68 29.69
C CYS P 45 -25.07 -19.41 30.05
N ILE P 46 -25.80 -20.39 30.59
CA ILE P 46 -27.24 -20.22 30.77
C ILE P 46 -27.52 -19.20 31.87
N LEU P 47 -26.83 -19.31 33.01
CA LEU P 47 -27.08 -18.38 34.10
C LEU P 47 -26.72 -16.95 33.73
N ARG P 48 -25.84 -16.76 32.75
CA ARG P 48 -25.48 -15.42 32.29
C ARG P 48 -26.43 -14.88 31.23
N VAL P 49 -26.98 -15.75 30.37
CA VAL P 49 -27.78 -15.27 29.25
C VAL P 49 -29.27 -15.26 29.57
N ALA P 50 -29.79 -16.35 30.12
CA ALA P 50 -31.24 -16.51 30.24
C ALA P 50 -31.94 -15.46 31.12
N PRO P 51 -31.46 -15.12 32.31
CA PRO P 51 -32.29 -14.32 33.25
C PRO P 51 -32.78 -13.02 32.65
N PRO P 52 -31.96 -12.26 31.89
CA PRO P 52 -32.52 -11.05 31.26
C PRO P 52 -33.68 -11.34 30.33
N PHE P 53 -33.61 -12.44 29.56
CA PHE P 53 -34.70 -12.76 28.65
C PHE P 53 -35.91 -13.29 29.39
N VAL P 54 -35.71 -13.99 30.50
CA VAL P 54 -36.84 -14.39 31.34
C VAL P 54 -37.55 -13.15 31.88
N VAL P 55 -36.78 -12.17 32.35
CA VAL P 55 -37.36 -10.93 32.84
C VAL P 55 -38.10 -10.22 31.72
N PHE P 56 -37.52 -10.19 30.52
CA PHE P 56 -38.20 -9.57 29.39
C PHE P 56 -39.52 -10.27 29.08
N TYR P 57 -39.54 -11.61 29.11
CA TYR P 57 -40.77 -12.32 28.84
C TYR P 57 -41.83 -12.04 29.90
N LEU P 58 -41.42 -11.98 31.17
CA LEU P 58 -42.37 -11.62 32.21
C LEU P 58 -42.94 -10.23 32.00
N VAL P 59 -42.08 -9.27 31.65
CA VAL P 59 -42.55 -7.91 31.40
C VAL P 59 -43.48 -7.87 30.20
N TYR P 60 -43.16 -8.64 29.16
CA TYR P 60 -44.00 -8.68 27.95
C TYR P 60 -45.38 -9.23 28.27
N THR P 61 -45.43 -10.35 29.01
CA THR P 61 -46.72 -10.92 29.36
C THR P 61 -47.53 -9.98 30.25
N TRP P 62 -46.88 -9.37 31.23
CA TRP P 62 -47.60 -8.45 32.11
C TRP P 62 -48.11 -7.24 31.34
N GLY P 63 -47.29 -6.70 30.44
CA GLY P 63 -47.73 -5.54 29.67
C GLY P 63 -48.88 -5.88 28.74
N THR P 64 -48.83 -7.02 28.08
CA THR P 64 -49.93 -7.43 27.22
C THR P 64 -51.21 -7.62 28.03
N GLN P 65 -51.11 -8.29 29.17
CA GLN P 65 -52.28 -8.50 30.02
C GLN P 65 -52.85 -7.18 30.51
N GLU P 66 -51.98 -6.27 30.94
CA GLU P 66 -52.44 -4.97 31.45
C GLU P 66 -53.11 -4.15 30.36
N PHE P 67 -52.54 -4.16 29.15
CA PHE P 67 -53.16 -3.44 28.04
C PHE P 67 -54.52 -4.02 27.69
N GLU P 68 -54.61 -5.36 27.66
CA GLU P 68 -55.89 -5.99 27.35
C GLU P 68 -56.93 -5.67 28.42
N LYS P 69 -56.52 -5.68 29.69
CA LYS P 69 -57.43 -5.30 30.77
C LYS P 69 -57.86 -3.84 30.64
N SER P 70 -56.92 -2.96 30.28
CA SER P 70 -57.26 -1.55 30.14
C SER P 70 -58.26 -1.32 29.02
N LYS P 71 -58.14 -2.08 27.93
CA LYS P 71 -59.11 -1.98 26.84
C LYS P 71 -60.48 -2.48 27.25
N ARG P 72 -60.57 -3.29 28.30
CA ARG P 72 -61.83 -3.88 28.73
C ARG P 72 -62.72 -2.82 29.39
N LYS P 73 -64.02 -3.09 29.38
CA LYS P 73 -64.99 -2.17 29.96
C LYS P 73 -64.90 -2.16 31.49
N ASN P 74 -65.15 -0.99 32.07
CA ASN P 74 -65.16 -0.85 33.52
C ASN P 74 -66.61 -0.77 34.00
N PRO P 75 -67.13 -1.79 34.69
CA PRO P 75 -68.53 -1.74 35.12
C PRO P 75 -68.88 -0.55 36.01
N ALA P 76 -67.95 -0.14 36.88
CA ALA P 76 -68.23 0.91 37.84
C ALA P 76 -68.59 2.24 37.18
N ALA P 77 -68.21 2.43 35.92
CA ALA P 77 -68.56 3.66 35.22
C ALA P 77 -70.04 3.75 34.87
N TYR P 78 -70.79 2.67 34.99
CA TYR P 78 -72.20 2.64 34.60
C TYR P 78 -73.09 2.19 35.76
N GLU P 79 -72.76 2.61 36.98
CA GLU P 79 -73.57 2.22 38.14
C GLU P 79 -74.97 2.83 38.07
N ASN P 80 -75.06 4.10 37.69
CA ASN P 80 -76.34 4.79 37.61
C ASN P 80 -77.12 4.39 36.36
N ARG Q 38 56.13 -36.68 -4.00
CA ARG Q 38 55.11 -36.05 -3.17
C ARG Q 38 55.44 -34.60 -2.90
N HIS Q 39 54.62 -33.68 -3.42
CA HIS Q 39 54.90 -32.27 -3.29
C HIS Q 39 53.66 -31.43 -2.96
N VAL Q 40 52.49 -32.05 -2.80
CA VAL Q 40 51.29 -31.29 -2.45
C VAL Q 40 51.42 -30.76 -1.02
N VAL Q 41 50.57 -29.78 -0.69
CA VAL Q 41 50.44 -29.37 0.70
C VAL Q 41 49.77 -30.45 1.54
N CYS Q 42 49.31 -31.53 0.90
CA CYS Q 42 48.73 -32.66 1.61
C CYS Q 42 49.82 -33.60 2.11
N ARG Q 43 50.75 -33.07 2.92
CA ARG Q 43 51.77 -33.92 3.52
C ARG Q 43 51.15 -34.94 4.46
N PHE Q 44 50.16 -34.52 5.25
CA PHE Q 44 49.34 -35.41 6.05
C PHE Q 44 47.88 -35.23 5.64
N PRO Q 45 47.14 -36.32 5.40
CA PRO Q 45 45.79 -36.16 4.83
C PRO Q 45 44.87 -35.27 5.65
N LEU Q 46 44.88 -35.40 6.97
CA LEU Q 46 44.13 -34.49 7.82
C LEU Q 46 44.75 -33.09 7.76
N GLY Q 47 43.89 -32.08 7.80
CA GLY Q 47 44.30 -30.70 7.66
C GLY Q 47 44.06 -30.06 6.32
N PRO Q 48 44.70 -30.55 5.23
CA PRO Q 48 44.37 -30.06 3.90
C PRO Q 48 42.89 -30.20 3.59
N PHE Q 49 42.42 -29.48 2.57
CA PHE Q 49 40.99 -29.30 2.34
C PHE Q 49 40.32 -28.75 3.59
N CYS Q 50 41.04 -27.86 4.30
CA CYS Q 50 40.53 -27.31 5.55
C CYS Q 50 39.27 -26.48 5.35
N ALA Q 51 39.03 -26.00 4.13
CA ALA Q 51 37.84 -25.22 3.84
C ALA Q 51 37.57 -25.28 2.35
N GLY Q 52 36.40 -25.78 1.97
CA GLY Q 52 36.04 -25.89 0.58
C GLY Q 52 34.53 -25.91 0.39
N VAL Q 53 34.03 -25.05 -0.47
CA VAL Q 53 32.59 -24.89 -0.64
C VAL Q 53 32.10 -25.88 -1.70
N VAL Q 54 30.83 -26.29 -1.54
CA VAL Q 54 30.19 -27.19 -2.49
C VAL Q 54 29.88 -26.42 -3.76
N GLY Q 55 29.57 -27.13 -4.84
CA GLY Q 55 29.18 -26.45 -6.07
C GLY Q 55 29.00 -27.42 -7.20
N HIS Q 56 28.39 -26.88 -8.27
CA HIS Q 56 28.26 -27.57 -9.55
C HIS Q 56 28.47 -26.53 -10.64
N ALA Q 57 29.35 -26.85 -11.60
CA ALA Q 57 29.72 -26.01 -12.73
C ALA Q 57 30.55 -24.81 -12.29
N ALA Q 58 30.62 -24.60 -10.98
CA ALA Q 58 31.57 -23.67 -10.37
C ALA Q 58 31.67 -23.96 -8.89
N LEU Q 59 32.84 -24.38 -8.42
CA LEU Q 59 32.98 -24.73 -7.02
C LEU Q 59 34.39 -24.49 -6.54
N PRO Q 60 34.68 -23.32 -6.00
CA PRO Q 60 36.01 -23.05 -5.47
C PRO Q 60 36.31 -23.88 -4.23
N ALA Q 61 37.59 -24.11 -4.00
CA ALA Q 61 38.05 -24.79 -2.80
C ALA Q 61 39.40 -24.23 -2.40
N THR Q 62 39.72 -24.38 -1.13
CA THR Q 62 41.01 -23.95 -0.59
C THR Q 62 41.60 -25.08 0.21
N SER Q 63 42.92 -25.06 0.35
CA SER Q 63 43.63 -26.13 1.05
C SER Q 63 44.68 -25.50 1.95
N GLU Q 64 44.43 -25.54 3.25
CA GLU Q 64 45.46 -25.21 4.23
C GLU Q 64 46.34 -26.44 4.45
N SER Q 65 47.09 -26.46 5.52
CA SER Q 65 48.06 -27.51 5.80
C SER Q 65 47.55 -28.44 6.90
N PRO Q 66 48.19 -29.58 7.08
CA PRO Q 66 47.76 -30.53 8.11
C PRO Q 66 47.55 -29.90 9.48
N VAL Q 67 46.34 -30.09 10.00
CA VAL Q 67 45.83 -29.38 11.17
C VAL Q 67 45.12 -30.40 12.06
N LEU Q 68 44.46 -29.93 13.12
CA LEU Q 68 43.71 -30.73 14.07
C LEU Q 68 42.22 -30.56 13.83
N ASP Q 69 41.41 -30.97 14.81
CA ASP Q 69 39.95 -31.08 14.76
C ASP Q 69 39.52 -32.33 14.01
N ALA Q 70 40.33 -33.39 14.10
CA ALA Q 70 39.91 -34.69 13.62
C ALA Q 70 39.13 -35.46 14.69
N LYS Q 71 39.69 -35.53 15.90
CA LYS Q 71 39.04 -36.20 17.01
C LYS Q 71 38.30 -35.24 17.93
N ARG Q 72 38.16 -33.98 17.52
CA ARG Q 72 37.47 -33.00 18.35
C ARG Q 72 36.01 -33.37 18.55
N SER Q 73 35.36 -33.87 17.49
CA SER Q 73 33.94 -34.20 17.58
C SER Q 73 33.69 -35.32 18.58
N PHE Q 74 34.60 -36.31 18.65
CA PHE Q 74 34.40 -37.45 19.52
C PHE Q 74 34.30 -37.03 20.99
N LEU Q 75 35.27 -36.25 21.47
CA LEU Q 75 35.31 -35.88 22.88
C LEU Q 75 34.08 -35.06 23.27
N CYS Q 76 33.81 -33.99 22.54
CA CYS Q 76 32.64 -33.14 22.79
C CYS Q 76 32.48 -32.10 21.68
N ARG R 38 53.02 15.57 38.36
CA ARG R 38 51.79 15.16 37.69
C ARG R 38 51.71 13.63 37.57
N HIS R 39 50.49 13.10 37.62
CA HIS R 39 50.27 11.67 37.55
C HIS R 39 49.13 11.35 36.59
N VAL R 40 49.00 12.14 35.53
CA VAL R 40 47.94 11.96 34.53
C VAL R 40 48.58 11.49 33.23
N VAL R 41 47.78 10.78 32.43
CA VAL R 41 48.25 10.28 31.13
C VAL R 41 48.36 11.42 30.14
N CYS R 42 47.93 12.62 30.55
CA CYS R 42 48.05 13.82 29.72
C CYS R 42 49.50 14.29 29.77
N ARG R 43 50.33 13.69 28.91
CA ARG R 43 51.75 14.01 28.85
C ARG R 43 52.05 15.12 27.86
N PHE R 44 51.36 15.14 26.73
CA PHE R 44 51.51 16.16 25.71
C PHE R 44 50.13 16.56 25.20
N PRO R 45 49.98 17.77 24.66
CA PRO R 45 48.65 18.21 24.21
C PRO R 45 48.02 17.27 23.20
N LEU R 46 48.82 16.67 22.34
CA LEU R 46 48.34 15.66 21.40
C LEU R 46 48.39 14.28 22.06
N GLY R 47 47.51 13.40 21.58
CA GLY R 47 47.36 12.07 22.13
C GLY R 47 46.24 11.89 23.14
N PRO R 48 46.41 12.40 24.35
CA PRO R 48 45.30 12.37 25.31
C PRO R 48 44.09 13.13 24.78
N PHE R 49 42.91 12.68 25.21
CA PHE R 49 41.65 13.12 24.63
C PHE R 49 41.63 12.89 23.12
N CYS R 50 42.20 11.75 22.69
CA CYS R 50 42.22 11.44 21.27
C CYS R 50 40.82 11.27 20.72
N ALA R 51 39.95 10.56 21.44
CA ALA R 51 38.59 10.26 20.99
C ALA R 51 37.62 10.66 22.11
N GLY R 52 37.23 11.93 22.11
CA GLY R 52 36.23 12.39 23.05
C GLY R 52 35.00 12.89 22.33
N VAL R 53 33.87 12.22 22.53
CA VAL R 53 32.65 12.57 21.82
C VAL R 53 31.94 13.69 22.57
N VAL R 54 31.29 14.58 21.81
CA VAL R 54 30.53 15.68 22.38
C VAL R 54 29.28 15.13 23.06
N GLY R 55 28.66 15.94 23.91
CA GLY R 55 27.43 15.50 24.55
C GLY R 55 26.92 16.53 25.52
N HIS R 56 25.77 16.22 26.10
CA HIS R 56 25.16 17.02 27.15
C HIS R 56 24.33 16.08 28.02
N ALA R 57 24.60 16.13 29.33
CA ALA R 57 23.97 15.29 30.35
C ALA R 57 24.47 13.85 30.27
N ALA R 58 25.23 13.55 29.23
CA ALA R 58 25.99 12.31 29.13
C ALA R 58 26.94 12.44 27.96
N LEU R 59 28.24 12.46 28.22
CA LEU R 59 29.20 12.58 27.14
C LEU R 59 30.48 11.84 27.48
N PRO R 60 30.53 10.54 27.19
CA PRO R 60 31.74 9.77 27.50
C PRO R 60 32.91 10.22 26.67
N ALA R 61 34.10 10.05 27.25
CA ALA R 61 35.35 10.35 26.55
C ALA R 61 36.39 9.34 26.95
N THR R 62 37.39 9.17 26.08
CA THR R 62 38.49 8.27 26.35
C THR R 62 39.80 9.02 26.12
N SER R 63 40.85 8.57 26.81
CA SER R 63 42.14 9.25 26.78
C SER R 63 43.24 8.22 26.62
N GLU R 64 43.88 8.21 25.46
CA GLU R 64 45.11 7.47 25.25
C GLU R 64 46.30 8.40 25.49
N SER R 65 47.46 8.04 24.97
CA SER R 65 48.69 8.77 25.21
C SER R 65 49.16 9.49 23.95
N PRO R 66 50.17 10.41 24.07
CA PRO R 66 50.57 11.25 22.92
C PRO R 66 50.82 10.52 21.61
N VAL R 67 49.99 10.77 20.61
CA VAL R 67 49.91 9.94 19.42
C VAL R 67 50.13 10.75 18.14
N LEU R 68 50.81 11.89 18.24
CA LEU R 68 51.24 12.61 17.04
C LEU R 68 49.99 13.10 16.28
N ASP R 69 50.10 13.20 14.95
CA ASP R 69 49.04 13.65 14.04
C ASP R 69 48.83 15.16 14.12
N ALA R 70 49.46 15.82 15.09
CA ALA R 70 49.46 17.27 15.14
C ALA R 70 50.58 17.79 14.24
N LYS R 71 50.25 18.73 13.35
CA LYS R 71 51.07 19.27 12.26
C LYS R 71 51.12 18.31 11.07
N ARG R 72 50.46 17.15 11.14
CA ARG R 72 50.38 16.26 9.99
C ARG R 72 49.60 16.88 8.85
N SER R 73 48.56 17.66 9.17
CA SER R 73 47.68 18.24 8.16
C SER R 73 48.38 19.26 7.27
N PHE R 74 49.67 19.55 7.50
CA PHE R 74 50.37 20.55 6.71
C PHE R 74 50.32 20.22 5.22
N LEU R 75 50.48 18.95 4.86
CA LEU R 75 50.47 18.52 3.48
C LEU R 75 49.54 17.32 3.33
N CYS R 76 48.92 17.23 2.16
CA CYS R 76 47.96 16.16 1.90
C CYS R 76 48.63 14.79 1.85
N GLY S 2 8.92 2.18 -2.57
CA GLY S 2 8.98 1.83 -3.98
C GLY S 2 9.34 3.01 -4.86
N ARG S 3 8.38 3.90 -5.07
CA ARG S 3 8.58 5.10 -5.88
C ARG S 3 8.44 6.32 -4.97
N GLU S 4 9.53 6.68 -4.31
CA GLU S 4 9.57 7.80 -3.38
C GLU S 4 10.86 8.56 -3.57
N PHE S 5 10.85 9.83 -3.20
CA PHE S 5 12.08 10.61 -3.20
C PHE S 5 13.08 10.01 -2.23
N GLY S 6 14.25 9.63 -2.73
CA GLY S 6 15.27 9.02 -1.91
C GLY S 6 15.93 7.82 -2.58
N HIS S 7 15.17 7.10 -3.40
CA HIS S 7 15.75 5.95 -4.09
C HIS S 7 15.30 5.85 -5.55
N LEU S 8 14.85 6.95 -6.17
CA LEU S 8 14.39 6.86 -7.55
C LEU S 8 15.54 6.61 -8.51
N THR S 9 16.65 7.33 -8.35
CA THR S 9 17.76 7.22 -9.28
C THR S 9 19.04 7.63 -8.58
N ARG S 10 20.16 7.37 -9.25
CA ARG S 10 21.49 7.75 -8.77
C ARG S 10 22.02 8.87 -9.65
N MET S 11 22.30 10.02 -9.03
CA MET S 11 22.83 11.18 -9.74
C MET S 11 23.98 11.75 -8.93
N ARG S 12 25.07 12.10 -9.60
CA ARG S 12 26.26 12.62 -8.93
C ARG S 12 26.75 13.89 -9.61
N HIS S 13 27.34 14.76 -8.81
CA HIS S 13 28.09 15.93 -9.30
C HIS S 13 27.20 16.87 -10.10
N VAL S 14 25.95 17.03 -9.68
CA VAL S 14 25.02 17.95 -10.29
C VAL S 14 24.62 18.97 -9.23
N ILE S 15 25.03 20.23 -9.43
CA ILE S 15 24.74 21.31 -8.51
C ILE S 15 23.60 22.15 -9.08
N THR S 16 22.56 22.38 -8.27
CA THR S 16 21.41 23.17 -8.68
C THR S 16 21.32 24.41 -7.81
N TYR S 17 21.14 25.56 -8.47
CA TYR S 17 20.98 26.84 -7.79
C TYR S 17 19.56 27.34 -8.02
N SER S 18 18.88 27.74 -6.94
CA SER S 18 17.52 28.21 -7.06
C SER S 18 17.34 29.57 -6.38
N LEU S 19 16.10 30.04 -6.32
CA LEU S 19 15.79 31.33 -5.71
C LEU S 19 14.43 31.25 -5.05
N SER S 20 14.24 32.05 -4.00
CA SER S 20 12.95 32.09 -3.35
C SER S 20 11.91 32.70 -4.28
N PRO S 21 10.67 32.20 -4.27
CA PRO S 21 9.63 32.82 -5.11
C PRO S 21 9.30 34.24 -4.68
N PHE S 22 9.67 34.64 -3.46
CA PHE S 22 9.46 35.99 -2.97
C PHE S 22 10.65 36.90 -3.25
N GLU S 23 11.69 36.38 -3.91
CA GLU S 23 12.85 37.18 -4.29
C GLU S 23 12.93 37.41 -5.79
N GLN S 24 12.00 36.83 -6.56
CA GLN S 24 12.05 36.89 -8.01
C GLN S 24 10.68 37.28 -8.56
N ARG S 25 10.68 37.73 -9.80
CA ARG S 25 9.46 38.19 -10.46
C ARG S 25 8.74 37.02 -11.11
N ALA S 26 7.42 36.99 -10.94
CA ALA S 26 6.63 35.88 -11.46
C ALA S 26 6.53 35.92 -12.98
N PHE S 27 6.69 37.09 -13.59
CA PHE S 27 6.62 37.27 -15.03
C PHE S 27 7.88 37.99 -15.52
N PRO S 28 9.04 37.32 -15.45
CA PRO S 28 10.28 37.98 -15.88
C PRO S 28 10.40 37.97 -17.40
N HIS S 29 10.40 39.16 -17.99
CA HIS S 29 10.50 39.31 -19.44
C HIS S 29 9.42 38.50 -20.15
N TYR S 30 8.16 38.71 -19.73
CA TYR S 30 7.06 37.90 -20.23
C TYR S 30 6.86 38.10 -21.74
N PHE S 31 6.95 39.34 -22.20
CA PHE S 31 6.75 39.64 -23.61
C PHE S 31 8.05 39.84 -24.38
N THR S 32 9.08 40.40 -23.74
CA THR S 32 10.33 40.65 -24.43
C THR S 32 10.97 39.35 -24.91
N LYS S 33 10.88 38.30 -24.10
CA LYS S 33 11.41 36.99 -24.47
C LYS S 33 10.33 35.96 -24.77
N GLY S 34 9.13 36.12 -24.21
CA GLY S 34 8.08 35.15 -24.49
C GLY S 34 7.61 35.19 -25.94
N ILE S 35 7.40 36.40 -26.48
CA ILE S 35 6.90 36.51 -27.84
C ILE S 35 7.87 35.93 -28.86
N PRO S 36 9.17 36.25 -28.85
CA PRO S 36 10.09 35.57 -29.77
C PRO S 36 10.10 34.05 -29.59
N ASN S 37 10.01 33.59 -28.35
CA ASN S 37 10.00 32.14 -28.10
C ASN S 37 8.75 31.49 -28.70
N VAL S 38 7.60 32.14 -28.57
CA VAL S 38 6.38 31.60 -29.16
C VAL S 38 6.52 31.50 -30.68
N LEU S 39 7.11 32.51 -31.31
CA LEU S 39 7.31 32.47 -32.75
C LEU S 39 8.23 31.32 -33.15
N ARG S 40 9.29 31.10 -32.38
CA ARG S 40 10.19 29.98 -32.67
C ARG S 40 9.45 28.65 -32.59
N ARG S 41 8.66 28.46 -31.52
CA ARG S 41 7.91 27.23 -31.36
C ARG S 41 6.87 27.06 -32.47
N THR S 42 6.19 28.15 -32.82
CA THR S 42 5.20 28.09 -33.90
C THR S 42 5.86 27.73 -35.23
N ARG S 43 7.01 28.35 -35.52
CA ARG S 43 7.70 28.09 -36.78
C ARG S 43 8.15 26.64 -36.88
N ALA S 44 8.61 26.06 -35.76
CA ALA S 44 9.10 24.69 -35.79
C ALA S 44 7.97 23.69 -36.02
N CYS S 45 6.75 24.05 -35.64
CA CYS S 45 5.63 23.12 -35.70
C CYS S 45 4.64 23.41 -36.82
N ILE S 46 4.64 24.62 -37.39
CA ILE S 46 3.63 24.99 -38.37
C ILE S 46 3.67 24.10 -39.60
N LEU S 47 4.85 23.57 -39.95
CA LEU S 47 5.00 22.74 -41.13
C LEU S 47 4.79 21.26 -40.85
N ARG S 48 4.46 20.91 -39.61
CA ARG S 48 4.12 19.54 -39.25
C ARG S 48 2.70 19.37 -38.74
N VAL S 49 2.06 20.44 -38.29
CA VAL S 49 0.69 20.39 -37.78
C VAL S 49 -0.30 20.93 -38.79
N ALA S 50 -0.01 22.10 -39.36
CA ALA S 50 -0.97 22.75 -40.27
C ALA S 50 -1.23 21.94 -41.55
N PRO S 51 -0.23 21.44 -42.27
CA PRO S 51 -0.50 20.86 -43.61
C PRO S 51 -1.59 19.80 -43.59
N PRO S 52 -1.61 18.87 -42.62
CA PRO S 52 -2.75 17.94 -42.57
C PRO S 52 -4.10 18.63 -42.44
N PHE S 53 -4.19 19.66 -41.60
CA PHE S 53 -5.47 20.34 -41.42
C PHE S 53 -5.85 21.18 -42.63
N VAL S 54 -4.88 21.69 -43.36
CA VAL S 54 -5.17 22.42 -44.59
C VAL S 54 -5.83 21.49 -45.59
N VAL S 55 -5.37 20.24 -45.67
CA VAL S 55 -5.98 19.27 -46.57
C VAL S 55 -7.44 19.05 -46.21
N PHE S 56 -7.75 18.96 -44.91
CA PHE S 56 -9.13 18.81 -44.48
C PHE S 56 -9.99 19.96 -44.97
N TYR S 57 -9.49 21.19 -44.84
CA TYR S 57 -10.25 22.36 -45.28
C TYR S 57 -10.56 22.28 -46.77
N LEU S 58 -9.56 21.89 -47.58
CA LEU S 58 -9.79 21.73 -49.00
C LEU S 58 -10.83 20.66 -49.29
N VAL S 59 -10.72 19.52 -48.60
CA VAL S 59 -11.70 18.44 -48.78
C VAL S 59 -13.08 18.90 -48.32
N TYR S 60 -13.13 19.60 -47.18
CA TYR S 60 -14.41 20.08 -46.67
C TYR S 60 -15.08 21.03 -47.65
N THR S 61 -14.31 21.96 -48.21
CA THR S 61 -14.88 22.90 -49.17
C THR S 61 -15.39 22.19 -50.42
N TRP S 62 -14.57 21.28 -50.98
CA TRP S 62 -14.99 20.57 -52.18
C TRP S 62 -16.24 19.72 -51.92
N GLY S 63 -16.26 19.02 -50.78
CA GLY S 63 -17.42 18.21 -50.45
C GLY S 63 -18.68 19.04 -50.32
N THR S 64 -18.59 20.18 -49.63
CA THR S 64 -19.74 21.06 -49.49
C THR S 64 -20.19 21.59 -50.85
N GLN S 65 -19.24 22.03 -51.67
CA GLN S 65 -19.58 22.51 -53.01
C GLN S 65 -20.17 21.40 -53.86
N GLU S 66 -19.53 20.22 -53.84
CA GLU S 66 -20.00 19.12 -54.67
C GLU S 66 -21.41 18.68 -54.25
N PHE S 67 -21.67 18.64 -52.95
CA PHE S 67 -23.01 18.31 -52.48
C PHE S 67 -24.03 19.33 -52.95
N GLU S 68 -23.67 20.62 -52.92
CA GLU S 68 -24.56 21.65 -53.43
C GLU S 68 -24.83 21.46 -54.91
N LYS S 69 -23.76 21.27 -55.69
CA LYS S 69 -23.91 21.09 -57.14
C LYS S 69 -24.79 19.90 -57.48
N SER S 70 -24.67 18.82 -56.70
CA SER S 70 -25.47 17.63 -56.94
C SER S 70 -26.96 17.93 -56.82
N LYS S 71 -27.35 18.72 -55.83
CA LYS S 71 -28.76 19.04 -55.63
C LYS S 71 -29.27 20.03 -56.67
N ARG S 72 -28.38 20.72 -57.38
CA ARG S 72 -28.81 21.71 -58.35
C ARG S 72 -29.52 21.05 -59.52
N LYS S 73 -30.42 21.80 -60.15
CA LYS S 73 -31.20 21.29 -61.27
C LYS S 73 -30.29 21.01 -62.46
N ASN S 74 -30.57 19.91 -63.16
CA ASN S 74 -29.84 19.56 -64.37
C ASN S 74 -30.69 19.91 -65.57
N PRO S 75 -30.37 20.97 -66.32
CA PRO S 75 -31.23 21.35 -67.46
C PRO S 75 -31.39 20.27 -68.50
N ALA S 76 -30.33 19.47 -68.74
CA ALA S 76 -30.41 18.44 -69.77
C ALA S 76 -31.44 17.37 -69.43
N ALA S 77 -31.64 17.09 -68.13
CA ALA S 77 -32.60 16.07 -67.75
C ALA S 77 -34.03 16.46 -68.13
N TYR S 78 -34.34 17.75 -68.11
CA TYR S 78 -35.66 18.23 -68.48
C TYR S 78 -35.76 18.69 -69.92
N GLU S 79 -34.71 18.50 -70.71
CA GLU S 79 -34.77 18.81 -72.13
C GLU S 79 -35.74 17.86 -72.83
N ASN S 80 -36.27 18.32 -73.97
CA ASN S 80 -37.24 17.55 -74.75
C ASN S 80 -38.52 17.31 -73.96
N GLU T 24 -55.44 55.63 -45.17
CA GLU T 24 -54.38 54.83 -44.57
C GLU T 24 -54.75 53.36 -44.58
N GLU T 25 -53.87 52.53 -45.16
CA GLU T 25 -54.11 51.10 -45.27
C GLU T 25 -53.04 50.27 -44.59
N LEU T 26 -52.29 50.87 -43.66
CA LEU T 26 -51.27 50.17 -42.87
C LEU T 26 -50.30 49.41 -43.76
N VAL T 27 -49.56 50.16 -44.57
CA VAL T 27 -48.57 49.56 -45.45
C VAL T 27 -47.48 48.92 -44.60
N ASP T 28 -47.30 47.62 -44.78
CA ASP T 28 -46.27 46.90 -44.03
C ASP T 28 -44.89 47.31 -44.51
N PRO T 29 -43.95 47.54 -43.59
CA PRO T 29 -42.57 47.83 -44.01
C PRO T 29 -41.96 46.73 -44.86
N LEU T 30 -42.42 45.49 -44.70
CA LEU T 30 -41.88 44.36 -45.44
C LEU T 30 -42.01 44.57 -46.94
N THR T 31 -43.17 45.05 -47.39
CA THR T 31 -43.39 45.25 -48.82
C THR T 31 -42.39 46.26 -49.39
N THR T 32 -42.16 47.36 -48.67
CA THR T 32 -41.18 48.34 -49.12
C THR T 32 -39.78 47.72 -49.17
N VAL T 33 -39.39 47.03 -48.09
CA VAL T 33 -38.06 46.42 -48.02
C VAL T 33 -37.91 45.32 -49.07
N ARG T 34 -38.95 44.50 -49.24
CA ARG T 34 -38.92 43.46 -50.28
C ARG T 34 -38.68 44.07 -51.66
N GLU T 35 -39.39 45.15 -51.98
CA GLU T 35 -39.23 45.81 -53.27
C GLU T 35 -37.81 46.32 -53.45
N GLN T 36 -37.16 46.75 -52.36
CA GLN T 36 -35.85 47.37 -52.46
C GLN T 36 -34.80 46.42 -53.03
N CYS T 37 -34.80 45.16 -52.58
CA CYS T 37 -33.88 44.20 -53.20
C CYS T 37 -34.23 43.96 -54.65
N GLU T 38 -35.52 43.85 -54.96
CA GLU T 38 -35.94 43.55 -56.32
C GLU T 38 -35.33 44.49 -57.35
N GLN T 39 -34.70 45.57 -56.90
CA GLN T 39 -33.88 46.43 -57.76
C GLN T 39 -32.38 46.25 -57.50
N ILE T 40 -31.98 45.10 -56.96
CA ILE T 40 -30.57 44.77 -56.71
C ILE T 40 -30.15 43.71 -57.71
N GLU T 41 -28.92 43.82 -58.21
CA GLU T 41 -28.43 42.92 -59.25
C GLU T 41 -28.67 41.46 -58.91
N LYS T 42 -28.33 41.06 -57.68
CA LYS T 42 -28.57 39.68 -57.27
C LYS T 42 -30.05 39.32 -57.35
N CYS T 43 -30.92 40.20 -56.84
CA CYS T 43 -32.36 39.98 -56.97
C CYS T 43 -32.78 40.03 -58.43
N ILE T 44 -32.26 41.00 -59.19
CA ILE T 44 -32.67 41.16 -60.58
C ILE T 44 -32.23 39.98 -61.42
N LYS T 45 -30.96 39.58 -61.30
CA LYS T 45 -30.46 38.46 -62.08
C LYS T 45 -31.20 37.17 -61.76
N ALA T 46 -31.49 36.94 -60.48
CA ALA T 46 -32.25 35.77 -60.10
C ALA T 46 -33.68 35.86 -60.62
N ARG T 47 -34.28 37.05 -60.60
CA ARG T 47 -35.65 37.21 -61.08
C ARG T 47 -35.78 36.87 -62.56
N GLU T 48 -34.89 37.42 -63.39
CA GLU T 48 -34.99 37.18 -64.83
C GLU T 48 -34.76 35.70 -65.14
N ARG T 49 -33.81 35.07 -64.46
CA ARG T 49 -33.61 33.64 -64.63
C ARG T 49 -34.85 32.86 -64.21
N LEU T 50 -35.55 33.34 -63.17
CA LEU T 50 -36.81 32.74 -62.79
C LEU T 50 -37.85 32.89 -63.90
N GLU T 51 -37.90 34.06 -64.53
CA GLU T 51 -38.84 34.28 -65.63
C GLU T 51 -38.58 33.32 -66.78
N LEU T 52 -37.31 33.10 -67.11
CA LEU T 52 -36.98 32.14 -68.16
C LEU T 52 -37.46 30.75 -67.81
N CYS T 53 -37.28 30.34 -66.56
CA CYS T 53 -37.78 29.03 -66.12
C CYS T 53 -39.30 28.96 -66.24
N ASP T 54 -39.98 30.06 -65.90
CA ASP T 54 -41.44 30.10 -66.03
C ASP T 54 -41.86 29.85 -67.47
N GLN T 55 -41.18 30.48 -68.42
CA GLN T 55 -41.52 30.31 -69.83
C GLN T 55 -41.36 28.85 -70.26
N ARG T 56 -40.25 28.21 -69.86
CA ARG T 56 -40.00 26.83 -70.27
C ARG T 56 -41.06 25.89 -69.74
N VAL T 57 -41.36 25.98 -68.44
CA VAL T 57 -42.36 25.10 -67.82
C VAL T 57 -43.72 25.33 -68.46
N SER T 58 -44.09 26.59 -68.67
CA SER T 58 -45.36 26.89 -69.32
C SER T 58 -45.39 26.37 -70.76
N SER T 59 -44.28 26.54 -71.49
CA SER T 59 -44.24 26.16 -72.90
C SER T 59 -44.45 24.66 -73.08
N ARG T 60 -43.66 23.85 -72.38
CA ARG T 60 -43.80 22.40 -72.50
C ARG T 60 -45.13 21.96 -71.91
N SER T 61 -45.89 21.18 -72.68
CA SER T 61 -47.22 20.78 -72.23
C SER T 61 -47.16 19.82 -71.06
N GLN T 62 -46.21 18.90 -71.06
CA GLN T 62 -46.14 17.82 -70.07
C GLN T 62 -44.76 17.77 -69.43
N THR T 63 -44.15 18.92 -69.17
CA THR T 63 -42.86 18.96 -68.51
C THR T 63 -42.98 18.50 -67.06
N GLU T 64 -41.88 17.99 -66.53
CA GLU T 64 -41.82 17.55 -65.14
C GLU T 64 -41.01 18.49 -64.25
N GLU T 65 -40.29 19.44 -64.83
CA GLU T 65 -39.49 20.36 -64.03
C GLU T 65 -40.38 21.42 -63.39
N ASP T 66 -39.81 22.11 -62.41
CA ASP T 66 -40.48 23.21 -61.74
C ASP T 66 -39.46 24.34 -61.54
N CYS T 67 -39.97 25.47 -61.08
CA CYS T 67 -39.14 26.66 -60.85
C CYS T 67 -38.77 26.83 -59.38
N THR T 68 -38.98 25.80 -58.56
CA THR T 68 -38.68 25.89 -57.14
C THR T 68 -37.23 26.31 -56.91
N GLU T 69 -36.29 25.60 -57.55
CA GLU T 69 -34.88 25.90 -57.37
C GLU T 69 -34.56 27.34 -57.72
N GLU T 70 -35.03 27.79 -58.88
CA GLU T 70 -34.76 29.17 -59.29
C GLU T 70 -35.52 30.17 -58.43
N LEU T 71 -36.71 29.81 -57.96
CA LEU T 71 -37.43 30.65 -57.01
C LEU T 71 -36.61 30.83 -55.74
N PHE T 72 -36.00 29.75 -55.26
CA PHE T 72 -35.19 29.82 -54.04
C PHE T 72 -34.02 30.78 -54.22
N ASP T 73 -33.41 30.78 -55.41
CA ASP T 73 -32.30 31.70 -55.66
C ASP T 73 -32.74 33.14 -55.50
N PHE T 74 -33.90 33.49 -56.04
CA PHE T 74 -34.42 34.85 -55.86
C PHE T 74 -34.74 35.12 -54.40
N LEU T 75 -35.44 34.19 -53.75
CA LEU T 75 -35.81 34.37 -52.34
C LEU T 75 -34.57 34.50 -51.47
N HIS T 76 -33.56 33.66 -51.72
CA HIS T 76 -32.33 33.72 -50.94
C HIS T 76 -31.71 35.11 -51.00
N ALA T 77 -31.58 35.66 -52.21
CA ALA T 77 -31.02 37.00 -52.35
C ALA T 77 -31.89 38.05 -51.68
N ARG T 78 -33.20 38.01 -51.93
CA ARG T 78 -34.08 39.04 -51.39
C ARG T 78 -34.14 39.00 -49.87
N ASP T 79 -34.39 37.82 -49.31
CA ASP T 79 -34.55 37.72 -47.87
C ASP T 79 -33.25 38.04 -47.14
N HIS T 80 -32.10 37.81 -47.79
CA HIS T 80 -30.83 38.24 -47.21
C HIS T 80 -30.78 39.75 -47.08
N CYS T 81 -31.14 40.47 -48.15
CA CYS T 81 -31.17 41.93 -48.10
C CYS T 81 -32.22 42.42 -47.11
N VAL T 82 -33.39 41.79 -47.11
CA VAL T 82 -34.45 42.18 -46.19
C VAL T 82 -34.00 42.00 -44.75
N ALA T 83 -33.23 40.95 -44.49
CA ALA T 83 -32.74 40.68 -43.15
C ALA T 83 -31.84 41.79 -42.61
N HIS T 84 -31.32 42.65 -43.48
CA HIS T 84 -30.47 43.75 -43.04
C HIS T 84 -31.23 45.07 -42.91
N LYS T 85 -32.48 45.14 -43.35
CA LYS T 85 -33.17 46.42 -43.39
C LYS T 85 -34.52 46.39 -42.70
N LEU T 86 -35.14 45.22 -42.62
CA LEU T 86 -36.53 45.14 -42.18
C LEU T 86 -36.69 45.60 -40.74
N PHE T 87 -35.87 45.07 -39.82
CA PHE T 87 -36.04 45.39 -38.41
C PHE T 87 -35.71 46.84 -38.09
N ASN T 88 -35.05 47.55 -39.01
CA ASN T 88 -34.82 48.98 -38.81
C ASN T 88 -36.14 49.74 -38.76
N SER T 89 -37.11 49.31 -39.56
CA SER T 89 -38.42 49.95 -39.59
C SER T 89 -39.43 49.31 -38.65
N LEU T 90 -39.23 48.06 -38.27
CA LEU T 90 -40.12 47.38 -37.34
C LEU T 90 -39.83 47.85 -35.92
N LYS T 91 -40.81 48.44 -35.26
CA LYS T 91 -40.68 48.86 -33.88
C LYS T 91 -40.43 47.67 -32.96
N ALA U 3 9.92 54.55 5.41
CA ALA U 3 8.48 54.42 5.57
C ALA U 3 7.95 53.17 4.85
N PRO U 4 7.25 52.32 5.59
CA PRO U 4 6.70 51.10 4.99
C PRO U 4 5.67 51.42 3.92
N THR U 5 5.65 50.60 2.87
CA THR U 5 4.68 50.74 1.81
C THR U 5 3.33 50.19 2.26
N LEU U 6 2.30 50.47 1.45
CA LEU U 6 0.97 49.94 1.75
C LEU U 6 0.96 48.43 1.78
N THR U 7 1.64 47.78 0.83
CA THR U 7 1.70 46.32 0.83
C THR U 7 2.40 45.80 2.06
N ALA U 8 3.44 46.49 2.52
CA ALA U 8 4.11 46.10 3.75
C ALA U 8 3.16 46.19 4.94
N ARG U 9 2.36 47.25 5.00
CA ARG U 9 1.37 47.37 6.06
C ARG U 9 0.36 46.24 6.01
N LEU U 10 -0.10 45.88 4.81
CA LEU U 10 -1.09 44.82 4.68
C LEU U 10 -0.55 43.50 5.21
N TYR U 11 0.68 43.14 4.86
CA TYR U 11 1.25 41.88 5.33
C TYR U 11 1.41 41.89 6.84
N SER U 12 1.98 42.97 7.39
CA SER U 12 2.26 43.01 8.82
C SER U 12 0.99 42.96 9.65
N LEU U 13 -0.06 43.61 9.18
CA LEU U 13 -1.30 43.70 9.96
C LEU U 13 -2.28 42.59 9.68
N LEU U 14 -2.32 42.07 8.46
CA LEU U 14 -3.40 41.14 8.09
C LEU U 14 -2.89 39.82 7.53
N PHE U 15 -1.80 39.84 6.77
CA PHE U 15 -1.36 38.65 6.06
C PHE U 15 -0.32 37.84 6.83
N ARG U 16 0.27 38.39 7.89
CA ARG U 16 1.32 37.68 8.60
C ARG U 16 0.78 36.42 9.28
N ARG U 17 -0.36 36.53 9.96
CA ARG U 17 -0.97 35.40 10.65
C ARG U 17 -2.10 34.86 9.81
N THR U 18 -2.15 33.54 9.65
CA THR U 18 -3.14 32.92 8.75
C THR U 18 -4.55 33.18 9.24
N SER U 19 -4.77 33.19 10.55
CA SER U 19 -6.10 33.45 11.09
C SER U 19 -6.59 34.83 10.68
N THR U 20 -5.73 35.84 10.80
CA THR U 20 -6.09 37.17 10.30
C THR U 20 -6.17 37.17 8.78
N PHE U 21 -5.34 36.37 8.12
CA PHE U 21 -5.43 36.23 6.67
C PHE U 21 -6.79 35.70 6.25
N ALA U 22 -7.29 34.69 6.97
CA ALA U 22 -8.60 34.14 6.66
C ALA U 22 -9.70 35.16 6.90
N LEU U 23 -9.61 35.93 7.99
CA LEU U 23 -10.64 36.92 8.30
C LEU U 23 -10.70 38.00 7.24
N THR U 24 -9.55 38.42 6.73
CA THR U 24 -9.52 39.41 5.66
C THR U 24 -10.24 38.89 4.42
N ILE U 25 -10.00 37.63 4.07
CA ILE U 25 -10.68 37.03 2.92
C ILE U 25 -12.18 36.95 3.16
N ALA U 26 -12.57 36.51 4.36
CA ALA U 26 -13.99 36.35 4.67
C ALA U 26 -14.70 37.69 4.64
N VAL U 27 -14.14 38.72 5.29
CA VAL U 27 -14.73 40.04 5.25
C VAL U 27 -14.68 40.60 3.83
N GLY U 28 -13.57 40.37 3.13
CA GLY U 28 -13.46 40.83 1.76
C GLY U 28 -14.49 40.20 0.85
N ALA U 29 -14.74 38.89 1.02
CA ALA U 29 -15.72 38.20 0.20
C ALA U 29 -17.11 38.78 0.42
N LEU U 30 -17.45 39.13 1.66
CA LEU U 30 -18.74 39.73 1.95
C LEU U 30 -18.93 41.03 1.18
N PHE U 31 -17.96 41.94 1.27
CA PHE U 31 -18.08 43.22 0.58
C PHE U 31 -17.93 43.08 -0.92
N PHE U 32 -17.04 42.18 -1.37
CA PHE U 32 -16.84 41.99 -2.80
C PHE U 32 -18.12 41.53 -3.48
N GLU U 33 -18.82 40.57 -2.86
CA GLU U 33 -20.04 40.04 -3.46
C GLU U 33 -21.08 41.14 -3.69
N ARG U 34 -21.33 41.95 -2.67
CA ARG U 34 -22.29 43.04 -2.81
C ARG U 34 -21.85 44.03 -3.88
N ALA U 35 -20.59 44.45 -3.83
CA ALA U 35 -20.08 45.42 -4.80
C ALA U 35 -20.07 44.85 -6.21
N PHE U 36 -19.55 43.63 -6.37
CA PHE U 36 -19.47 43.03 -7.69
C PHE U 36 -20.84 42.83 -8.30
N ASP U 37 -21.78 42.28 -7.51
CA ASP U 37 -23.13 42.08 -8.00
C ASP U 37 -23.78 43.40 -8.38
N GLN U 38 -23.63 44.41 -7.53
CA GLN U 38 -24.20 45.72 -7.82
C GLN U 38 -23.62 46.30 -9.10
N GLY U 39 -22.30 46.22 -9.26
CA GLY U 39 -21.68 46.70 -10.49
C GLY U 39 -22.10 45.89 -11.71
N ALA U 40 -22.07 44.56 -11.59
CA ALA U 40 -22.43 43.71 -12.73
C ALA U 40 -23.88 43.91 -13.13
N ASP U 41 -24.78 44.03 -12.15
CA ASP U 41 -26.18 44.30 -12.47
C ASP U 41 -26.33 45.64 -13.18
N ALA U 42 -25.60 46.66 -12.72
CA ALA U 42 -25.66 47.96 -13.37
C ALA U 42 -25.22 47.88 -14.83
N ILE U 43 -24.14 47.14 -15.09
CA ILE U 43 -23.67 46.97 -16.46
C ILE U 43 -24.73 46.29 -17.32
N TYR U 44 -25.28 45.19 -16.83
CA TYR U 44 -26.28 44.44 -17.60
C TYR U 44 -27.52 45.28 -17.84
N GLU U 45 -27.99 45.99 -16.81
CA GLU U 45 -29.19 46.81 -16.96
C GLU U 45 -28.94 48.00 -17.88
N HIS U 46 -27.74 48.57 -17.84
CA HIS U 46 -27.41 49.67 -18.75
C HIS U 46 -27.40 49.19 -20.19
N ILE U 47 -26.79 48.04 -20.46
CA ILE U 47 -26.78 47.50 -21.81
C ILE U 47 -28.19 47.26 -22.30
N ASN U 48 -29.01 46.58 -21.50
CA ASN U 48 -30.39 46.32 -21.85
C ASN U 48 -31.31 47.34 -21.17
N GLN U 49 -31.15 48.62 -21.52
CA GLN U 49 -31.99 49.65 -20.93
C GLN U 49 -33.30 49.74 -21.71
N GLY U 50 -34.41 49.69 -20.98
CA GLY U 50 -35.73 49.74 -21.57
C GLY U 50 -36.23 48.42 -22.12
N LYS U 51 -35.46 47.34 -22.00
CA LYS U 51 -35.86 46.04 -22.49
C LYS U 51 -36.20 45.06 -21.39
N LEU U 52 -36.10 45.47 -20.12
CA LEU U 52 -36.37 44.61 -18.98
C LEU U 52 -37.70 45.02 -18.34
N TRP U 53 -38.31 44.07 -17.64
CA TRP U 53 -39.57 44.35 -16.97
C TRP U 53 -39.40 45.47 -15.94
N LYS U 54 -38.31 45.44 -15.17
CA LYS U 54 -38.05 46.47 -14.18
C LYS U 54 -37.95 47.86 -14.82
N HIS U 55 -37.68 47.94 -16.11
CA HIS U 55 -37.65 49.23 -16.81
C HIS U 55 -38.98 49.61 -17.43
N ILE U 56 -39.89 48.65 -17.60
CA ILE U 56 -41.18 48.92 -18.23
C ILE U 56 -42.36 48.62 -17.33
N LYS U 57 -42.13 48.13 -16.11
CA LYS U 57 -43.23 47.78 -15.22
C LYS U 57 -44.06 49.00 -14.85
N HIS U 58 -43.40 50.15 -14.65
CA HIS U 58 -44.09 51.35 -14.20
C HIS U 58 -45.32 51.68 -15.06
N LYS U 59 -45.20 51.49 -16.38
CA LYS U 59 -46.32 51.78 -17.26
C LYS U 59 -47.51 50.88 -16.97
N TYR U 60 -47.25 49.60 -16.70
CA TYR U 60 -48.32 48.63 -16.47
C TYR U 60 -48.64 48.41 -15.00
N GLU U 61 -47.66 48.57 -14.11
CA GLU U 61 -47.94 48.48 -12.69
C GLU U 61 -48.87 49.60 -12.25
N ASN U 62 -49.72 49.30 -11.28
CA ASN U 62 -50.69 50.26 -10.74
C ASN U 62 -51.59 50.81 -11.83
N LEU V 2 -8.29 13.11 32.33
CA LEU V 2 -7.45 14.01 31.54
C LEU V 2 -6.63 14.92 32.42
N SER V 3 -6.27 14.42 33.61
CA SER V 3 -5.41 15.19 34.51
C SER V 3 -4.02 15.41 33.92
N ARG V 4 -3.65 14.66 32.88
CA ARG V 4 -2.39 14.90 32.20
C ARG V 4 -2.27 16.34 31.70
N PHE V 5 -3.40 16.95 31.32
CA PHE V 5 -3.41 18.31 30.78
C PHE V 5 -3.76 19.35 31.83
N LEU V 6 -3.88 18.97 33.09
CA LEU V 6 -4.21 19.91 34.16
C LEU V 6 -2.93 20.45 34.80
N GLY V 7 -2.12 21.13 34.00
CA GLY V 7 -0.86 21.65 34.46
C GLY V 7 -0.65 23.10 34.11
N PRO V 8 0.33 23.74 34.77
CA PRO V 8 0.62 25.15 34.45
C PRO V 8 1.01 25.36 32.99
N ARG V 9 1.77 24.43 32.40
CA ARG V 9 2.20 24.60 31.02
C ARG V 9 1.02 24.64 30.07
N TYR V 10 0.03 23.76 30.28
CA TYR V 10 -1.15 23.75 29.42
C TYR V 10 -1.98 25.01 29.60
N ARG V 11 -2.00 25.56 30.81
CA ARG V 11 -2.63 26.85 31.03
C ARG V 11 -1.92 27.93 30.22
N GLU V 12 -0.58 27.92 30.25
CA GLU V 12 0.18 28.83 29.40
C GLU V 12 -0.05 28.52 27.92
N LEU V 13 -0.10 27.23 27.58
CA LEU V 13 -0.32 26.83 26.20
C LEU V 13 -1.65 27.36 25.69
N ALA V 14 -2.70 27.29 26.52
CA ALA V 14 -4.00 27.81 26.12
C ALA V 14 -3.93 29.32 25.86
N ARG V 15 -3.36 30.07 26.81
CA ARG V 15 -3.29 31.52 26.66
C ARG V 15 -2.56 31.93 25.39
N ASN V 16 -1.56 31.14 24.97
CA ASN V 16 -0.85 31.45 23.73
C ASN V 16 -1.73 31.23 22.51
N TRP V 17 -2.64 30.27 22.57
CA TRP V 17 -3.47 29.91 21.42
C TRP V 17 -4.89 30.44 21.50
N ILE V 18 -5.29 31.04 22.62
CA ILE V 18 -6.63 31.62 22.70
C ILE V 18 -6.86 32.71 21.67
N PRO V 19 -5.97 33.71 21.51
CA PRO V 19 -6.19 34.70 20.44
C PRO V 19 -6.33 34.09 19.06
N THR V 20 -5.52 33.08 18.74
CA THR V 20 -5.63 32.43 17.43
C THR V 20 -6.96 31.72 17.28
N ALA V 21 -7.38 30.97 18.30
CA ALA V 21 -8.66 30.27 18.24
C ALA V 21 -9.81 31.26 18.12
N SER V 22 -9.73 32.37 18.83
CA SER V 22 -10.76 33.40 18.72
C SER V 22 -10.82 33.96 17.30
N MET V 23 -9.66 34.19 16.67
CA MET V 23 -9.64 34.70 15.31
C MET V 23 -10.27 33.71 14.34
N TRP V 24 -9.96 32.42 14.49
CA TRP V 24 -10.57 31.42 13.62
C TRP V 24 -12.06 31.32 13.86
N GLY V 25 -12.49 31.50 15.11
CA GLY V 25 -13.91 31.52 15.39
C GLY V 25 -14.62 32.66 14.68
N ALA V 26 -13.98 33.83 14.64
CA ALA V 26 -14.56 34.96 13.91
C ALA V 26 -14.66 34.66 12.42
N VAL V 27 -13.64 34.01 11.86
CA VAL V 27 -13.69 33.59 10.45
C VAL V 27 -14.89 32.67 10.22
N GLY V 28 -15.10 31.72 11.13
CA GLY V 28 -16.26 30.85 11.00
C GLY V 28 -17.56 31.62 11.12
N ALA V 29 -17.62 32.56 12.06
CA ALA V 29 -18.83 33.36 12.24
C ALA V 29 -19.12 34.21 11.01
N VAL V 30 -18.10 34.93 10.52
CA VAL V 30 -18.28 35.75 9.32
C VAL V 30 -18.61 34.86 8.12
N GLY V 31 -17.94 33.71 8.02
CA GLY V 31 -18.22 32.81 6.92
C GLY V 31 -19.65 32.30 6.93
N LEU V 32 -20.13 31.90 8.11
CA LEU V 32 -21.49 31.38 8.22
C LEU V 32 -22.52 32.45 7.86
N VAL V 33 -22.33 33.67 8.38
CA VAL V 33 -23.23 34.77 8.06
C VAL V 33 -23.20 35.06 6.56
N TRP V 34 -22.00 35.09 5.97
CA TRP V 34 -21.87 35.39 4.55
C TRP V 34 -22.49 34.29 3.70
N ALA V 35 -22.17 33.02 4.01
CA ALA V 35 -22.65 31.91 3.20
C ALA V 35 -24.17 31.79 3.27
N THR V 36 -24.74 31.93 4.47
CA THR V 36 -26.17 31.71 4.65
C THR V 36 -27.00 32.96 4.43
N ASP V 37 -26.37 34.14 4.33
CA ASP V 37 -27.08 35.41 4.26
C ASP V 37 -28.10 35.52 5.39
N TRP V 38 -27.56 35.50 6.62
CA TRP V 38 -28.40 35.44 7.81
C TRP V 38 -29.39 36.59 7.86
N ARG V 39 -28.93 37.82 7.62
CA ARG V 39 -29.76 39.02 7.49
C ARG V 39 -30.33 39.42 8.84
N LEU V 40 -30.20 38.55 9.85
CA LEU V 40 -30.32 39.02 11.23
C LEU V 40 -29.08 39.80 11.62
N ILE V 41 -27.92 39.40 11.10
CA ILE V 41 -26.66 40.07 11.36
C ILE V 41 -26.30 41.02 10.22
N LEU V 42 -26.64 40.65 8.98
CA LEU V 42 -26.28 41.48 7.84
C LEU V 42 -27.08 42.79 7.79
N ASP V 43 -28.20 42.88 8.50
CA ASP V 43 -28.92 44.14 8.57
C ASP V 43 -28.08 45.21 9.27
N TRP V 44 -27.24 44.81 10.22
CA TRP V 44 -26.42 45.79 10.93
C TRP V 44 -25.26 46.27 10.07
N VAL V 45 -24.71 45.40 9.23
CA VAL V 45 -23.56 45.72 8.40
C VAL V 45 -23.89 46.91 7.50
N PRO V 46 -23.08 47.96 7.50
CA PRO V 46 -23.50 49.22 6.85
C PRO V 46 -23.78 49.09 5.36
N TYR V 47 -22.85 48.52 4.60
CA TYR V 47 -23.00 48.48 3.15
C TYR V 47 -23.73 47.22 2.67
N ILE V 48 -23.56 46.10 3.37
CA ILE V 48 -24.21 44.86 2.96
C ILE V 48 -25.72 44.95 3.14
N ASN V 49 -26.20 45.73 4.11
CA ASN V 49 -27.63 45.80 4.37
C ASN V 49 -28.41 46.42 3.21
N GLY V 50 -27.71 47.06 2.27
CA GLY V 50 -28.39 47.56 1.08
C GLY V 50 -29.13 46.46 0.34
N LYS V 51 -28.48 45.32 0.17
CA LYS V 51 -29.18 44.13 -0.28
C LYS V 51 -30.23 43.74 0.76
N PHE V 52 -31.38 43.26 0.27
CA PHE V 52 -32.55 42.97 1.11
C PHE V 52 -32.78 44.01 2.20
#